data_7K4A
#
_entry.id   7K4A
#
_cell.length_a   1.00
_cell.length_b   1.00
_cell.length_c   1.00
_cell.angle_alpha   90.00
_cell.angle_beta   90.00
_cell.angle_gamma   90.00
#
_symmetry.space_group_name_H-M   'P 1'
#
loop_
_entity.id
_entity.type
_entity.pdbx_description
1 polymer 'Transient receptor potential cation channel subfamily V member 6'
2 non-polymer 'CHOLESTEROL HEMISUCCINATE'
3 non-polymer 1,2-DIOLEOYL-SN-GLYCERO-3-PHOSPHOCHOLINE
4 non-polymer 'CALCIUM ION'
#
_entity_poly.entity_id   1
_entity_poly.type   'polypeptide(L)'
_entity_poly.pdbx_seq_one_letter_code
;MGLSLPKEKGLILCLWSKFCRWFQRRESWAQSRDEQNLLQQKRIWESPLLLAAKDNDVQALNKLLKYEDCKVHQRGAMGE
TALHIAALYDNLEAAMVLMEAAPELVFEPMTSELYEGQTALHIAVVNQNMNLVRALLARRASVSARATGTAFRRSPCNLI
YFGEHPLSFAACVNSEEIVRLLIEHGADIRAQDSLGNTVLHILILQPNKTFACQMYNLLLSYDRHGDHLQPLDLVPNHQG
LTPFKLAGVEGNTVMFQHLMQKRKHTQWTYGPLTSTLYDLTEIDSSGDEQSLLELIITTKKREARQILDQTPVKELVSLK
WKRYGRPYFCMLGAIYLLYIICFTMCCIYRPLKPRTNNRTSPRDNTLLQQKLLQEAYMTPKDDIRLVGELVTVIGAIIIL
LVEVPDIFRMGVTRFFGQTILGGPFHVLIITYAFMVLVTMVMRLISASGEVVPMSFALVLGWCNVMYFARGFQMLGPFTI
MIQKMIFGDLMRFCWLMAVVILGFASAFYIIFQTEDPEELGHFYDYPMALFSTFELFLTIIDGPANYNVDLPFMYSITYA
AFAIIATLLMLNLLIAMMGDTHWRVAHERDELWRAQIVATTVMLERKLPRCLWPRSGICGREYGLGDRWFLRVEDRQDLN
RQRIQRYAQAFHTRGSEDLDKDSVEKLVPR
;
_entity_poly.pdbx_strand_id   A,B,C,D
#
loop_
_chem_comp.id
_chem_comp.type
_chem_comp.name
_chem_comp.formula
CA non-polymer 'CALCIUM ION' 'Ca 2'
PCW non-polymer 1,2-DIOLEOYL-SN-GLYCERO-3-PHOSPHOCHOLINE 'C44 H85 N O8 P 1'
Y01 non-polymer 'CHOLESTEROL HEMISUCCINATE' 'C31 H50 O4'
#
# COMPACT_ATOMS: atom_id res chain seq x y z
N ARG A 25 -2.23 6.89 44.57
CA ARG A 25 -3.27 7.85 44.27
C ARG A 25 -4.38 7.20 43.46
N ARG A 26 -5.47 6.83 44.15
CA ARG A 26 -6.71 6.30 43.58
C ARG A 26 -6.43 5.03 42.78
N GLU A 27 -5.62 4.13 43.36
CA GLU A 27 -5.34 2.85 42.72
C GLU A 27 -5.38 1.73 43.76
N SER A 28 -5.61 2.07 45.03
CA SER A 28 -5.74 1.08 46.10
C SER A 28 -7.06 0.33 46.06
N TRP A 29 -7.99 0.72 45.20
CA TRP A 29 -9.25 0.00 45.06
C TRP A 29 -9.02 -1.36 44.40
N ALA A 30 -8.08 -1.43 43.47
CA ALA A 30 -7.71 -2.71 42.89
C ALA A 30 -6.70 -3.44 43.78
N GLN A 31 -6.10 -2.73 44.72
CA GLN A 31 -5.18 -3.36 45.67
C GLN A 31 -5.94 -3.97 46.84
N SER A 32 -6.98 -3.28 47.31
CA SER A 32 -7.78 -3.83 48.39
C SER A 32 -8.73 -4.91 47.89
N ARG A 33 -9.02 -4.91 46.59
CA ARG A 33 -9.81 -6.00 46.00
C ARG A 33 -9.03 -7.30 46.00
N ASP A 34 -7.72 -7.22 45.71
CA ASP A 34 -6.92 -8.43 45.61
C ASP A 34 -6.56 -8.97 46.98
N GLU A 35 -6.51 -8.11 47.99
CA GLU A 35 -6.27 -8.57 49.35
C GLU A 35 -7.52 -9.19 49.94
N GLN A 36 -8.70 -8.71 49.51
CA GLN A 36 -9.95 -9.24 50.03
C GLN A 36 -10.26 -10.60 49.42
N ASN A 37 -9.90 -10.80 48.15
CA ASN A 37 -10.12 -12.08 47.50
C ASN A 37 -9.13 -13.13 47.99
N LEU A 38 -7.97 -12.69 48.51
CA LEU A 38 -7.06 -13.63 49.14
C LEU A 38 -7.44 -13.87 50.60
N LEU A 39 -8.16 -12.92 51.20
CA LEU A 39 -8.63 -13.11 52.56
C LEU A 39 -9.77 -14.12 52.59
N GLN A 40 -10.49 -14.25 51.47
CA GLN A 40 -11.50 -15.28 51.32
C GLN A 40 -10.87 -16.67 51.34
N GLN A 41 -9.71 -16.81 50.70
CA GLN A 41 -9.09 -18.13 50.57
C GLN A 41 -8.35 -18.52 51.84
N LYS A 42 -8.12 -17.56 52.73
CA LYS A 42 -7.52 -17.90 54.03
C LYS A 42 -8.56 -18.42 54.99
N ARG A 43 -9.70 -17.75 55.09
CA ARG A 43 -10.75 -18.19 55.99
C ARG A 43 -11.48 -19.42 55.46
N ILE A 44 -11.33 -19.73 54.16
CA ILE A 44 -11.92 -20.95 53.63
C ILE A 44 -11.02 -22.14 53.95
N TRP A 45 -9.76 -21.88 54.33
CA TRP A 45 -8.82 -22.93 54.69
C TRP A 45 -8.72 -23.14 56.19
N GLU A 46 -9.20 -22.22 57.01
CA GLU A 46 -9.14 -22.36 58.46
C GLU A 46 -10.32 -23.16 58.99
N SER A 47 -11.52 -22.83 58.56
CA SER A 47 -12.71 -23.49 59.09
C SER A 47 -12.86 -24.88 58.48
N PRO A 48 -13.01 -25.92 59.31
CA PRO A 48 -13.30 -27.25 58.75
C PRO A 48 -14.68 -27.35 58.15
N LEU A 49 -15.62 -26.51 58.58
CA LEU A 49 -16.95 -26.48 57.97
C LEU A 49 -16.89 -25.94 56.55
N LEU A 50 -16.22 -24.80 56.37
CA LEU A 50 -16.24 -24.13 55.07
C LEU A 50 -15.29 -24.78 54.08
N LEU A 51 -14.23 -25.43 54.57
CA LEU A 51 -13.37 -26.20 53.67
C LEU A 51 -14.07 -27.47 53.21
N ALA A 52 -15.08 -27.91 53.95
CA ALA A 52 -15.94 -29.02 53.54
C ALA A 52 -17.13 -28.53 52.73
N ALA A 53 -16.97 -27.41 52.02
CA ALA A 53 -17.99 -26.92 51.12
C ALA A 53 -17.39 -26.57 49.76
N LYS A 54 -16.06 -26.47 49.69
CA LYS A 54 -15.40 -26.29 48.40
C LYS A 54 -15.45 -27.57 47.59
N ASP A 55 -14.82 -28.63 48.09
CA ASP A 55 -15.01 -29.99 47.57
C ASP A 55 -15.94 -30.62 48.58
N ASN A 56 -17.08 -31.13 48.10
CA ASN A 56 -18.32 -31.38 48.83
C ASN A 56 -18.17 -32.03 50.21
N ASP A 57 -17.44 -33.14 50.29
CA ASP A 57 -17.03 -33.82 51.52
C ASP A 57 -18.23 -34.15 52.40
N VAL A 58 -19.12 -34.98 51.85
CA VAL A 58 -20.38 -35.27 52.51
C VAL A 58 -20.19 -36.19 53.71
N GLN A 59 -19.04 -36.87 53.79
CA GLN A 59 -18.72 -37.68 54.95
C GLN A 59 -18.45 -36.82 56.17
N ALA A 60 -17.69 -35.74 55.98
CA ALA A 60 -17.37 -34.84 57.09
C ALA A 60 -18.39 -33.73 57.28
N LEU A 61 -19.11 -33.32 56.23
CA LEU A 61 -20.15 -32.31 56.39
C LEU A 61 -21.30 -32.85 57.21
N ASN A 62 -21.55 -34.15 57.13
CA ASN A 62 -22.45 -34.80 58.07
C ASN A 62 -21.88 -34.79 59.49
N LYS A 63 -20.57 -35.08 59.63
CA LYS A 63 -19.97 -35.21 60.95
C LYS A 63 -19.78 -33.86 61.63
N LEU A 64 -19.55 -32.80 60.86
CA LEU A 64 -19.38 -31.47 61.45
C LEU A 64 -20.73 -30.91 61.92
N LEU A 65 -21.78 -31.11 61.14
CA LEU A 65 -23.11 -30.64 61.51
C LEU A 65 -23.83 -31.58 62.47
N LYS A 66 -23.15 -32.61 62.96
CA LYS A 66 -23.65 -33.52 63.97
C LYS A 66 -23.14 -33.19 65.37
N TYR A 67 -22.03 -32.44 65.46
CA TYR A 67 -21.32 -32.24 66.72
C TYR A 67 -22.17 -31.49 67.75
N GLU A 68 -22.40 -30.19 67.53
CA GLU A 68 -23.64 -29.60 68.00
C GLU A 68 -24.32 -28.87 66.83
N ASP A 69 -23.69 -27.80 66.36
CA ASP A 69 -23.94 -27.22 65.04
C ASP A 69 -22.62 -26.77 64.42
N CYS A 70 -21.63 -26.59 65.31
CA CYS A 70 -20.37 -25.88 65.09
C CYS A 70 -20.56 -24.57 64.31
N LYS A 71 -21.40 -23.70 64.89
CA LYS A 71 -21.62 -22.33 64.43
C LYS A 71 -22.09 -22.24 62.99
N VAL A 72 -23.35 -22.63 62.72
CA VAL A 72 -23.89 -22.64 61.37
C VAL A 72 -23.94 -21.27 60.70
N HIS A 73 -23.82 -20.18 61.45
CA HIS A 73 -23.81 -18.83 60.90
C HIS A 73 -22.41 -18.21 60.86
N GLN A 74 -21.38 -18.99 60.53
CA GLN A 74 -20.03 -18.46 60.39
C GLN A 74 -19.93 -17.56 59.17
N ARG A 75 -19.63 -16.29 59.40
CA ARG A 75 -19.39 -15.33 58.34
C ARG A 75 -17.91 -15.38 57.95
N GLY A 76 -17.63 -15.55 56.67
CA GLY A 76 -16.27 -15.59 56.19
C GLY A 76 -15.64 -14.22 56.01
N ALA A 77 -14.76 -14.08 55.02
CA ALA A 77 -14.11 -12.80 54.79
C ALA A 77 -15.07 -11.82 54.14
N MET A 78 -15.99 -12.31 53.32
CA MET A 78 -17.00 -11.46 52.69
C MET A 78 -18.38 -12.02 53.00
N GLY A 79 -18.89 -11.68 54.19
CA GLY A 79 -20.28 -11.80 54.60
C GLY A 79 -21.05 -13.08 54.33
N GLU A 80 -20.36 -14.18 54.10
CA GLU A 80 -20.95 -15.35 53.47
C GLU A 80 -21.21 -16.46 54.48
N THR A 81 -22.23 -17.26 54.20
CA THR A 81 -22.56 -18.42 55.00
C THR A 81 -21.77 -19.62 54.49
N ALA A 82 -22.12 -20.82 54.96
CA ALA A 82 -21.54 -22.02 54.39
C ALA A 82 -22.30 -22.49 53.17
N LEU A 83 -23.45 -21.89 52.86
CA LEU A 83 -24.24 -22.29 51.71
C LEU A 83 -23.87 -21.50 50.47
N HIS A 84 -23.34 -20.28 50.65
CA HIS A 84 -22.79 -19.50 49.54
C HIS A 84 -21.62 -20.20 48.89
N ILE A 85 -20.79 -20.89 49.68
CA ILE A 85 -19.62 -21.57 49.15
C ILE A 85 -20.02 -22.78 48.32
N ALA A 86 -21.02 -23.55 48.80
CA ALA A 86 -21.46 -24.73 48.10
C ALA A 86 -22.21 -24.40 46.82
N ALA A 87 -22.77 -23.19 46.70
CA ALA A 87 -23.37 -22.75 45.46
C ALA A 87 -22.36 -22.12 44.51
N LEU A 88 -21.23 -21.65 45.03
CA LEU A 88 -20.23 -20.96 44.23
C LEU A 88 -19.25 -21.90 43.57
N TYR A 89 -18.85 -22.98 44.25
CA TYR A 89 -17.98 -23.98 43.65
C TYR A 89 -18.76 -25.10 42.98
N ASP A 90 -20.06 -24.90 42.77
CA ASP A 90 -20.97 -25.82 42.09
C ASP A 90 -21.00 -27.18 42.77
N ASN A 91 -21.41 -27.15 44.04
CA ASN A 91 -21.55 -28.35 44.87
C ASN A 91 -23.04 -28.54 45.15
N LEU A 92 -23.67 -29.41 44.38
CA LEU A 92 -25.10 -29.67 44.55
C LEU A 92 -25.36 -30.48 45.81
N GLU A 93 -24.59 -31.55 46.02
CA GLU A 93 -24.86 -32.48 47.12
C GLU A 93 -24.42 -31.88 48.45
N ALA A 94 -23.43 -31.00 48.44
CA ALA A 94 -23.00 -30.36 49.68
C ALA A 94 -23.98 -29.31 50.17
N ALA A 95 -24.89 -28.84 49.32
CA ALA A 95 -25.94 -27.93 49.74
C ALA A 95 -27.22 -28.65 50.12
N MET A 96 -27.48 -29.82 49.52
CA MET A 96 -28.66 -30.61 49.89
C MET A 96 -28.56 -31.12 51.33
N VAL A 97 -27.37 -31.57 51.72
CA VAL A 97 -27.14 -31.97 53.11
C VAL A 97 -27.14 -30.74 54.00
N LEU A 98 -26.72 -29.59 53.48
CA LEU A 98 -26.65 -28.40 54.31
C LEU A 98 -28.01 -27.76 54.50
N MET A 99 -28.86 -27.73 53.46
CA MET A 99 -30.18 -27.08 53.57
C MET A 99 -31.11 -27.85 54.50
N GLU A 100 -30.93 -29.17 54.61
CA GLU A 100 -31.71 -29.94 55.57
C GLU A 100 -31.27 -29.64 56.99
N ALA A 101 -30.03 -29.17 57.18
CA ALA A 101 -29.55 -28.70 58.46
C ALA A 101 -29.52 -27.18 58.55
N ALA A 102 -29.91 -26.49 57.48
CA ALA A 102 -30.00 -25.04 57.50
C ALA A 102 -31.40 -24.60 57.90
N PRO A 103 -31.54 -23.88 59.01
CA PRO A 103 -32.87 -23.39 59.39
C PRO A 103 -33.40 -22.29 58.47
N GLU A 104 -32.62 -21.25 58.19
CA GLU A 104 -33.04 -20.18 57.28
C GLU A 104 -31.91 -19.66 56.39
N LEU A 105 -30.87 -20.46 56.14
CA LEU A 105 -29.69 -19.97 55.43
C LEU A 105 -29.93 -19.68 53.95
N VAL A 106 -31.13 -19.96 53.42
CA VAL A 106 -31.46 -19.49 52.08
C VAL A 106 -31.72 -17.99 52.11
N PHE A 107 -32.11 -17.45 53.26
CA PHE A 107 -32.63 -16.08 53.33
C PHE A 107 -31.51 -15.05 53.38
N GLU A 108 -30.44 -15.35 54.13
CA GLU A 108 -29.42 -14.35 54.42
C GLU A 108 -28.59 -14.03 53.18
N PRO A 109 -28.41 -12.75 52.85
CA PRO A 109 -27.49 -12.39 51.77
C PRO A 109 -26.07 -12.24 52.28
N MET A 110 -25.15 -11.88 51.39
CA MET A 110 -23.83 -11.47 51.83
C MET A 110 -23.91 -10.06 52.40
N THR A 111 -23.14 -9.79 53.45
CA THR A 111 -23.22 -8.52 54.15
C THR A 111 -21.92 -7.75 53.99
N SER A 112 -21.39 -7.72 52.78
CA SER A 112 -20.12 -7.10 52.50
C SER A 112 -20.32 -5.66 52.03
N GLU A 113 -19.24 -5.06 51.55
CA GLU A 113 -19.30 -3.86 50.72
C GLU A 113 -19.06 -4.18 49.25
N LEU A 114 -18.17 -5.12 48.96
CA LEU A 114 -17.88 -5.52 47.60
C LEU A 114 -19.04 -6.31 47.03
N TYR A 115 -19.36 -7.45 47.63
CA TYR A 115 -20.52 -8.24 47.24
C TYR A 115 -21.60 -8.04 48.30
N GLU A 116 -22.40 -6.99 48.14
CA GLU A 116 -23.43 -6.67 49.12
C GLU A 116 -24.79 -7.11 48.60
N GLY A 117 -25.56 -7.76 49.49
CA GLY A 117 -26.92 -8.14 49.19
C GLY A 117 -27.09 -9.31 48.26
N GLN A 118 -26.01 -10.03 47.94
CA GLN A 118 -26.08 -11.16 47.01
C GLN A 118 -26.50 -12.40 47.78
N THR A 119 -27.77 -12.79 47.63
CA THR A 119 -28.25 -14.02 48.24
C THR A 119 -27.70 -15.23 47.49
N ALA A 120 -27.97 -16.42 48.02
CA ALA A 120 -27.50 -17.64 47.39
C ALA A 120 -28.29 -18.00 46.13
N LEU A 121 -29.44 -17.37 45.92
CA LEU A 121 -30.18 -17.57 44.67
C LEU A 121 -29.45 -16.97 43.49
N HIS A 122 -28.75 -15.85 43.69
CA HIS A 122 -28.00 -15.20 42.62
C HIS A 122 -26.87 -16.09 42.10
N ILE A 123 -26.18 -16.78 43.01
CA ILE A 123 -24.99 -17.53 42.62
C ILE A 123 -25.37 -18.80 41.88
N ALA A 124 -26.49 -19.42 42.28
CA ALA A 124 -26.93 -20.65 41.64
C ALA A 124 -27.50 -20.43 40.25
N VAL A 125 -27.89 -19.20 39.93
CA VAL A 125 -28.41 -18.87 38.60
C VAL A 125 -27.28 -18.66 37.59
N VAL A 126 -26.24 -17.92 38.00
CA VAL A 126 -25.16 -17.52 37.09
C VAL A 126 -24.36 -18.74 36.61
N ASN A 127 -24.20 -19.75 37.46
CA ASN A 127 -23.46 -20.95 37.10
C ASN A 127 -24.30 -21.96 36.31
N GLN A 128 -25.53 -21.60 35.90
CA GLN A 128 -26.48 -22.47 35.18
C GLN A 128 -26.77 -23.76 35.93
N ASN A 129 -26.80 -23.70 37.26
CA ASN A 129 -27.07 -24.88 38.07
C ASN A 129 -28.58 -25.01 38.16
N MET A 130 -29.14 -25.88 37.31
CA MET A 130 -30.59 -25.97 37.18
C MET A 130 -31.20 -26.74 38.34
N ASN A 131 -30.44 -27.67 38.92
CA ASN A 131 -30.97 -28.50 39.99
C ASN A 131 -30.98 -27.75 41.31
N LEU A 132 -30.11 -26.75 41.45
CA LEU A 132 -30.03 -26.03 42.72
C LEU A 132 -31.04 -24.90 42.77
N VAL A 133 -31.36 -24.30 41.61
CA VAL A 133 -32.34 -23.23 41.60
C VAL A 133 -33.74 -23.77 41.80
N ARG A 134 -33.95 -25.05 41.50
CA ARG A 134 -35.21 -25.70 41.84
C ARG A 134 -35.30 -25.94 43.34
N ALA A 135 -34.15 -26.10 43.99
CA ALA A 135 -34.14 -26.36 45.43
C ALA A 135 -34.43 -25.09 46.24
N LEU A 136 -33.74 -24.00 45.92
CA LEU A 136 -33.87 -22.78 46.73
C LEU A 136 -35.23 -22.13 46.54
N LEU A 137 -35.83 -22.29 45.36
CA LEU A 137 -37.19 -21.79 45.15
C LEU A 137 -38.20 -22.63 45.91
N ALA A 138 -37.87 -23.90 46.14
CA ALA A 138 -38.78 -24.78 46.88
C ALA A 138 -38.80 -24.43 48.36
N ARG A 139 -37.70 -23.85 48.86
CA ARG A 139 -37.66 -23.42 50.26
C ARG A 139 -37.92 -21.92 50.38
N ARG A 140 -38.68 -21.37 49.43
CA ARG A 140 -39.25 -20.02 49.47
C ARG A 140 -38.18 -18.93 49.53
N ALA A 141 -37.36 -18.88 48.48
CA ALA A 141 -36.37 -17.81 48.34
C ALA A 141 -37.00 -16.58 47.71
N SER A 142 -36.57 -15.41 48.17
CA SER A 142 -37.08 -14.16 47.63
C SER A 142 -36.40 -13.84 46.31
N VAL A 143 -37.19 -13.64 45.26
CA VAL A 143 -36.66 -13.39 43.93
C VAL A 143 -36.51 -11.91 43.63
N SER A 144 -36.78 -11.04 44.61
CA SER A 144 -36.60 -9.61 44.45
C SER A 144 -35.43 -9.10 45.27
N ALA A 145 -34.39 -9.92 45.39
CA ALA A 145 -33.24 -9.59 46.23
C ALA A 145 -32.37 -8.55 45.56
N ARG A 146 -32.38 -7.33 46.11
CA ARG A 146 -31.59 -6.22 45.59
C ARG A 146 -30.11 -6.43 45.86
N ALA A 147 -29.38 -6.96 44.88
CA ALA A 147 -27.94 -7.20 45.03
C ALA A 147 -27.14 -5.91 44.86
N THR A 148 -27.33 -4.95 45.75
CA THR A 148 -26.78 -3.61 45.60
C THR A 148 -25.33 -3.48 46.07
N GLY A 149 -24.45 -4.34 45.56
CA GLY A 149 -23.04 -4.27 45.86
C GLY A 149 -22.33 -3.27 44.98
N THR A 150 -21.00 -3.23 45.11
CA THR A 150 -20.18 -2.42 44.24
C THR A 150 -19.42 -3.24 43.21
N ALA A 151 -19.50 -4.56 43.27
CA ALA A 151 -18.96 -5.42 42.23
C ALA A 151 -19.98 -5.77 41.17
N PHE A 152 -21.17 -5.16 41.24
CA PHE A 152 -22.20 -5.36 40.23
C PHE A 152 -22.61 -4.09 39.50
N ARG A 153 -22.11 -2.93 39.91
CA ARG A 153 -22.49 -1.67 39.29
C ARG A 153 -21.79 -1.51 37.94
N ARG A 154 -22.34 -0.64 37.11
CA ARG A 154 -21.77 -0.39 35.78
C ARG A 154 -20.53 0.49 35.95
N SER A 155 -19.38 -0.08 35.65
CA SER A 155 -18.10 0.58 35.86
C SER A 155 -17.07 -0.08 34.95
N PRO A 156 -16.00 0.63 34.56
CA PRO A 156 -14.93 -0.04 33.80
C PRO A 156 -14.07 -0.95 34.67
N CYS A 157 -14.18 -0.81 35.99
CA CYS A 157 -13.46 -1.72 36.88
C CYS A 157 -14.08 -3.11 36.87
N ASN A 158 -15.41 -3.19 36.90
CA ASN A 158 -16.10 -4.48 36.90
C ASN A 158 -16.26 -4.99 35.48
N LEU A 159 -15.93 -6.26 35.27
CA LEU A 159 -16.03 -6.86 33.94
C LEU A 159 -17.43 -7.35 33.60
N ILE A 160 -18.36 -7.28 34.54
CA ILE A 160 -19.73 -7.73 34.32
C ILE A 160 -20.68 -6.62 34.72
N TYR A 161 -21.76 -6.45 33.95
CA TYR A 161 -22.90 -5.64 34.35
C TYR A 161 -24.13 -6.52 34.16
N PHE A 162 -24.50 -7.22 35.22
CA PHE A 162 -25.62 -8.15 35.19
C PHE A 162 -26.91 -7.53 35.70
N GLY A 163 -26.84 -6.62 36.67
CA GLY A 163 -28.03 -6.00 37.22
C GLY A 163 -28.09 -6.15 38.73
N GLU A 164 -29.30 -6.39 39.23
CA GLU A 164 -29.52 -6.61 40.66
C GLU A 164 -30.36 -7.85 40.97
N HIS A 165 -31.21 -8.27 40.05
CA HIS A 165 -32.22 -9.29 40.31
C HIS A 165 -31.82 -10.63 39.69
N PRO A 166 -32.33 -11.74 40.21
CA PRO A 166 -32.05 -13.04 39.57
C PRO A 166 -32.66 -13.20 38.20
N LEU A 167 -33.75 -12.50 37.90
CA LEU A 167 -34.25 -12.46 36.53
C LEU A 167 -33.30 -11.69 35.63
N SER A 168 -32.66 -10.65 36.17
CA SER A 168 -31.65 -9.93 35.42
C SER A 168 -30.37 -10.74 35.28
N PHE A 169 -30.06 -11.59 36.25
CA PHE A 169 -28.85 -12.40 36.13
C PHE A 169 -29.07 -13.54 35.15
N ALA A 170 -30.27 -14.10 35.11
CA ALA A 170 -30.56 -15.20 34.19
C ALA A 170 -30.65 -14.73 32.75
N ALA A 171 -30.97 -13.47 32.52
CA ALA A 171 -31.10 -12.97 31.15
C ALA A 171 -29.74 -12.72 30.51
N CYS A 172 -28.75 -12.32 31.29
CA CYS A 172 -27.46 -11.93 30.73
C CYS A 172 -26.59 -13.13 30.38
N VAL A 173 -26.81 -14.27 31.04
CA VAL A 173 -25.97 -15.44 30.85
C VAL A 173 -26.54 -16.33 29.76
N ASN A 174 -27.66 -15.89 29.16
CA ASN A 174 -28.44 -16.62 28.15
C ASN A 174 -28.82 -18.02 28.65
N SER A 175 -29.69 -18.04 29.64
CA SER A 175 -30.31 -19.27 30.10
C SER A 175 -31.81 -19.13 29.96
N GLU A 176 -32.39 -19.87 29.03
CA GLU A 176 -33.83 -19.84 28.77
C GLU A 176 -34.63 -20.72 29.71
N GLU A 177 -33.97 -21.39 30.66
CA GLU A 177 -34.64 -22.30 31.58
C GLU A 177 -35.04 -21.61 32.87
N ILE A 178 -34.13 -20.85 33.48
CA ILE A 178 -34.41 -20.18 34.75
C ILE A 178 -35.35 -19.01 34.54
N VAL A 179 -35.33 -18.41 33.34
CA VAL A 179 -36.20 -17.27 33.03
C VAL A 179 -37.68 -17.69 33.03
N ARG A 180 -37.99 -18.84 32.43
CA ARG A 180 -39.31 -19.42 32.63
C ARG A 180 -39.56 -19.83 34.07
N LEU A 181 -38.53 -20.28 34.78
CA LEU A 181 -38.70 -20.77 36.14
C LEU A 181 -38.96 -19.65 37.15
N LEU A 182 -38.38 -18.46 36.94
CA LEU A 182 -38.55 -17.38 37.91
C LEU A 182 -39.88 -16.64 37.73
N ILE A 183 -40.34 -16.49 36.49
CA ILE A 183 -41.61 -15.80 36.24
C ILE A 183 -42.78 -16.60 36.79
N GLU A 184 -42.69 -17.93 36.72
CA GLU A 184 -43.72 -18.79 37.33
C GLU A 184 -43.73 -18.67 38.84
N HIS A 185 -42.59 -18.38 39.45
CA HIS A 185 -42.52 -18.19 40.90
C HIS A 185 -42.60 -16.71 41.29
N GLY A 186 -43.04 -15.85 40.38
CA GLY A 186 -43.38 -14.49 40.74
C GLY A 186 -42.27 -13.47 40.62
N ALA A 187 -41.33 -13.65 39.70
CA ALA A 187 -40.30 -12.64 39.49
C ALA A 187 -40.90 -11.44 38.77
N ASP A 188 -40.55 -10.25 39.21
CA ASP A 188 -41.07 -9.03 38.59
C ASP A 188 -40.33 -8.75 37.28
N ILE A 189 -41.10 -8.58 36.21
CA ILE A 189 -40.57 -8.31 34.89
C ILE A 189 -40.23 -6.83 34.71
N ARG A 190 -40.71 -5.96 35.59
CA ARG A 190 -40.52 -4.52 35.44
C ARG A 190 -39.63 -3.93 36.53
N ALA A 191 -38.77 -4.74 37.14
CA ALA A 191 -37.91 -4.25 38.20
C ALA A 191 -36.77 -3.40 37.62
N GLN A 192 -36.28 -2.48 38.44
CA GLN A 192 -35.25 -1.54 38.02
C GLN A 192 -34.10 -1.57 39.01
N ASP A 193 -32.89 -1.34 38.51
CA ASP A 193 -31.70 -1.34 39.34
C ASP A 193 -31.42 0.09 39.83
N SER A 194 -30.21 0.33 40.34
CA SER A 194 -29.84 1.65 40.82
C SER A 194 -29.75 2.67 39.71
N LEU A 195 -29.38 2.25 38.51
CA LEU A 195 -29.31 3.14 37.36
C LEU A 195 -30.63 3.23 36.61
N GLY A 196 -31.71 2.66 37.16
CA GLY A 196 -33.02 2.74 36.56
C GLY A 196 -33.27 1.81 35.39
N ASN A 197 -32.31 0.96 35.05
CA ASN A 197 -32.43 0.09 33.88
C ASN A 197 -33.41 -1.03 34.17
N THR A 198 -34.48 -1.11 33.37
CA THR A 198 -35.31 -2.30 33.41
C THR A 198 -34.58 -3.46 32.74
N VAL A 199 -35.15 -4.65 32.88
CA VAL A 199 -34.48 -5.90 32.48
C VAL A 199 -34.25 -6.01 30.98
N LEU A 200 -34.91 -5.17 30.17
CA LEU A 200 -34.61 -5.09 28.76
C LEU A 200 -33.49 -4.12 28.43
N HIS A 201 -33.12 -3.24 29.35
CA HIS A 201 -32.01 -2.33 29.11
C HIS A 201 -30.65 -3.00 29.27
N ILE A 202 -30.54 -3.96 30.19
CA ILE A 202 -29.24 -4.58 30.43
C ILE A 202 -28.86 -5.50 29.27
N LEU A 203 -29.86 -6.10 28.60
CA LEU A 203 -29.61 -6.96 27.44
C LEU A 203 -29.00 -6.21 26.27
N ILE A 204 -29.19 -4.89 26.20
CA ILE A 204 -28.53 -4.09 25.18
C ILE A 204 -27.07 -3.82 25.55
N LEU A 205 -26.73 -3.90 26.84
CA LEU A 205 -25.37 -3.68 27.32
C LEU A 205 -24.58 -4.98 27.48
N GLN A 206 -24.83 -5.97 26.62
CA GLN A 206 -24.15 -7.25 26.70
C GLN A 206 -23.28 -7.46 25.47
N PRO A 207 -22.15 -8.17 25.59
CA PRO A 207 -21.28 -8.36 24.42
C PRO A 207 -21.81 -9.34 23.40
N ASN A 208 -22.54 -10.38 23.82
CA ASN A 208 -23.04 -11.38 22.90
C ASN A 208 -24.39 -10.90 22.38
N LYS A 209 -24.34 -10.18 21.26
CA LYS A 209 -25.50 -9.43 20.78
C LYS A 209 -26.52 -10.34 20.12
N THR A 210 -26.07 -11.46 19.56
CA THR A 210 -26.99 -12.39 18.91
C THR A 210 -27.86 -13.10 19.92
N PHE A 211 -27.26 -13.51 21.06
CA PHE A 211 -28.03 -14.20 22.09
C PHE A 211 -28.93 -13.23 22.86
N ALA A 212 -28.64 -11.93 22.78
CA ALA A 212 -29.46 -10.95 23.48
C ALA A 212 -30.72 -10.62 22.70
N CYS A 213 -30.76 -11.02 21.42
CA CYS A 213 -31.96 -10.78 20.62
C CYS A 213 -33.07 -11.76 21.00
N GLN A 214 -32.69 -13.01 21.25
CA GLN A 214 -33.68 -14.02 21.64
C GLN A 214 -34.22 -13.74 23.04
N MET A 215 -33.38 -13.19 23.91
CA MET A 215 -33.83 -12.89 25.26
C MET A 215 -34.66 -11.62 25.30
N TYR A 216 -34.53 -10.79 24.26
CA TYR A 216 -35.39 -9.62 24.16
C TYR A 216 -36.81 -10.02 23.80
N ASN A 217 -36.96 -11.07 22.98
CA ASN A 217 -38.28 -11.54 22.61
C ASN A 217 -38.94 -12.31 23.74
N LEU A 218 -38.15 -13.13 24.46
CA LEU A 218 -38.71 -14.01 25.46
C LEU A 218 -39.15 -13.25 26.70
N LEU A 219 -38.43 -12.18 27.04
CA LEU A 219 -38.79 -11.38 28.21
C LEU A 219 -39.94 -10.43 27.89
N LEU A 220 -40.05 -10.00 26.64
CA LEU A 220 -41.17 -9.15 26.25
C LEU A 220 -42.41 -9.98 25.96
N SER A 221 -42.26 -11.29 25.79
CA SER A 221 -43.42 -12.17 25.63
C SER A 221 -44.23 -12.26 26.92
N TYR A 222 -43.59 -12.06 28.06
CA TYR A 222 -44.30 -12.02 29.33
C TYR A 222 -44.74 -10.61 29.67
N ASP A 223 -45.41 -9.95 28.73
CA ASP A 223 -45.92 -8.61 28.93
C ASP A 223 -47.38 -8.61 28.49
N ARG A 224 -48.26 -8.96 29.43
CA ARG A 224 -49.70 -8.88 29.21
C ARG A 224 -50.13 -7.49 29.65
N HIS A 225 -50.49 -6.65 28.68
CA HIS A 225 -50.77 -5.25 28.94
C HIS A 225 -52.14 -5.10 29.60
N GLY A 226 -52.14 -4.84 30.90
CA GLY A 226 -53.36 -4.83 31.69
C GLY A 226 -53.74 -3.46 32.20
N ASP A 227 -53.62 -2.46 31.31
CA ASP A 227 -53.87 -1.03 31.55
C ASP A 227 -52.85 -0.49 32.55
N HIS A 228 -51.69 -1.15 32.61
CA HIS A 228 -50.49 -0.59 33.23
C HIS A 228 -49.93 0.50 32.31
N LEU A 229 -48.93 1.21 32.80
CA LEU A 229 -48.21 2.18 31.98
C LEU A 229 -47.38 1.49 30.89
N GLN A 230 -46.59 2.30 30.16
CA GLN A 230 -46.00 1.99 28.85
C GLN A 230 -45.36 0.60 28.77
N PRO A 231 -45.64 -0.16 27.69
CA PRO A 231 -45.47 -1.62 27.73
C PRO A 231 -44.05 -2.13 27.62
N LEU A 232 -43.20 -1.77 28.59
CA LEU A 232 -41.93 -2.41 28.93
C LEU A 232 -40.81 -2.17 27.91
N ASP A 233 -41.14 -1.64 26.74
CA ASP A 233 -40.12 -1.20 25.80
C ASP A 233 -40.13 0.31 25.63
N LEU A 234 -40.90 0.98 26.49
CA LEU A 234 -40.94 2.44 26.47
C LEU A 234 -40.65 3.03 27.85
N VAL A 235 -40.21 2.23 28.81
CA VAL A 235 -39.99 2.70 30.18
C VAL A 235 -38.60 3.34 30.22
N PRO A 236 -38.50 4.62 30.60
CA PRO A 236 -37.21 5.30 30.53
C PRO A 236 -36.32 5.00 31.74
N ASN A 237 -35.04 5.34 31.57
CA ASN A 237 -34.06 5.25 32.64
C ASN A 237 -34.11 6.52 33.49
N HIS A 238 -33.11 6.73 34.34
CA HIS A 238 -32.94 8.02 34.98
C HIS A 238 -32.43 9.09 34.03
N GLN A 239 -31.82 8.70 32.91
CA GLN A 239 -31.48 9.67 31.88
C GLN A 239 -32.67 9.99 31.00
N GLY A 240 -33.56 9.02 30.77
CA GLY A 240 -34.76 9.20 29.98
C GLY A 240 -34.79 8.35 28.72
N LEU A 241 -33.86 7.41 28.60
CA LEU A 241 -33.75 6.63 27.37
C LEU A 241 -34.63 5.39 27.43
N THR A 242 -35.34 5.13 26.34
CA THR A 242 -36.10 3.90 26.13
C THR A 242 -35.11 2.81 25.69
N PRO A 243 -35.49 1.53 25.66
CA PRO A 243 -34.57 0.53 25.09
C PRO A 243 -34.26 0.73 23.61
N PHE A 244 -35.15 1.36 22.86
CA PHE A 244 -34.82 1.67 21.46
C PHE A 244 -33.78 2.78 21.40
N LYS A 245 -33.93 3.81 22.23
CA LYS A 245 -32.99 4.92 22.19
C LYS A 245 -31.67 4.55 22.85
N LEU A 246 -31.68 3.57 23.76
CA LEU A 246 -30.43 3.11 24.36
C LEU A 246 -29.62 2.29 23.37
N ALA A 247 -30.29 1.60 22.46
CA ALA A 247 -29.58 0.85 21.42
C ALA A 247 -28.98 1.77 20.37
N GLY A 248 -29.43 3.01 20.30
CA GLY A 248 -28.84 3.97 19.39
C GLY A 248 -27.61 4.64 19.96
N VAL A 249 -27.65 4.98 21.25
CA VAL A 249 -26.53 5.66 21.89
C VAL A 249 -25.35 4.72 22.04
N GLU A 250 -25.60 3.49 22.45
CA GLU A 250 -24.54 2.52 22.75
C GLU A 250 -23.93 1.89 21.51
N GLY A 251 -24.35 2.28 20.31
CA GLY A 251 -23.78 1.73 19.11
C GLY A 251 -24.17 0.30 18.82
N ASN A 252 -25.27 -0.16 19.37
CA ASN A 252 -25.67 -1.56 19.26
C ASN A 252 -26.53 -1.72 18.02
N THR A 253 -25.91 -2.13 16.91
CA THR A 253 -26.61 -2.22 15.63
C THR A 253 -27.43 -3.49 15.51
N VAL A 254 -27.04 -4.56 16.19
CA VAL A 254 -27.79 -5.81 16.09
C VAL A 254 -29.10 -5.70 16.88
N MET A 255 -29.07 -4.99 18.00
CA MET A 255 -30.28 -4.68 18.75
C MET A 255 -30.98 -3.42 18.24
N PHE A 256 -30.68 -2.99 17.02
CA PHE A 256 -31.39 -1.92 16.33
C PHE A 256 -32.15 -2.41 15.12
N GLN A 257 -31.55 -3.31 14.34
CA GLN A 257 -32.27 -3.94 13.24
C GLN A 257 -33.37 -4.84 13.76
N HIS A 258 -33.15 -5.50 14.90
CA HIS A 258 -34.16 -6.39 15.45
C HIS A 258 -35.29 -5.61 16.10
N LEU A 259 -34.98 -4.46 16.71
CA LEU A 259 -36.01 -3.65 17.35
C LEU A 259 -36.76 -2.74 16.38
N MET A 260 -36.32 -2.66 15.13
CA MET A 260 -37.00 -1.79 14.18
C MET A 260 -38.18 -2.51 13.53
N GLN A 261 -38.16 -3.85 13.55
CA GLN A 261 -39.16 -4.66 12.87
C GLN A 261 -40.53 -4.59 13.53
N LYS A 262 -40.59 -4.06 14.76
CA LYS A 262 -41.87 -3.75 15.36
C LYS A 262 -42.50 -2.50 14.76
N ARG A 263 -41.70 -1.65 14.12
CA ARG A 263 -42.17 -0.32 13.73
C ARG A 263 -42.49 -0.20 12.24
N LYS A 264 -42.00 -1.09 11.40
CA LYS A 264 -42.30 -0.97 9.97
C LYS A 264 -43.61 -1.69 9.63
N HIS A 265 -44.41 -1.07 8.78
CA HIS A 265 -45.67 -1.62 8.30
C HIS A 265 -45.54 -1.81 6.80
N THR A 266 -45.34 -3.06 6.38
CA THR A 266 -45.15 -3.34 4.96
C THR A 266 -46.45 -3.24 4.20
N GLN A 267 -46.45 -2.43 3.15
CA GLN A 267 -47.56 -2.29 2.22
C GLN A 267 -47.43 -3.36 1.13
N TRP A 268 -48.07 -3.12 -0.01
CA TRP A 268 -48.04 -4.01 -1.17
C TRP A 268 -46.63 -4.44 -1.56
N THR A 269 -46.52 -5.68 -2.01
CA THR A 269 -45.34 -6.20 -2.66
C THR A 269 -45.72 -6.63 -4.08
N TYR A 270 -44.88 -6.27 -5.05
CA TYR A 270 -45.22 -6.37 -6.46
C TYR A 270 -44.04 -7.01 -7.18
N GLY A 271 -44.02 -8.34 -7.20
CA GLY A 271 -42.90 -9.08 -7.72
C GLY A 271 -41.67 -8.87 -6.87
N PRO A 272 -40.66 -8.18 -7.42
CA PRO A 272 -39.48 -7.85 -6.61
C PRO A 272 -39.63 -6.58 -5.79
N LEU A 273 -40.56 -5.69 -6.13
CA LEU A 273 -40.74 -4.46 -5.38
C LEU A 273 -41.43 -4.74 -4.05
N THR A 274 -41.09 -3.92 -3.05
CA THR A 274 -41.66 -4.06 -1.71
C THR A 274 -41.73 -2.66 -1.10
N SER A 275 -42.93 -2.14 -0.92
CA SER A 275 -43.12 -0.76 -0.47
C SER A 275 -43.31 -0.73 1.04
N THR A 276 -42.20 -0.89 1.76
CA THR A 276 -42.27 -0.85 3.21
C THR A 276 -42.44 0.58 3.71
N LEU A 277 -42.74 0.71 4.99
CA LEU A 277 -43.12 2.01 5.53
C LEU A 277 -42.76 2.07 7.01
N TYR A 278 -41.85 2.96 7.37
CA TYR A 278 -41.27 3.04 8.71
C TYR A 278 -42.03 4.03 9.57
N ASP A 279 -41.93 3.84 10.89
CA ASP A 279 -42.80 4.56 11.81
C ASP A 279 -42.32 5.98 12.07
N LEU A 280 -41.04 6.11 12.45
CA LEU A 280 -40.34 7.39 12.58
C LEU A 280 -41.00 8.30 13.62
N THR A 281 -41.02 7.81 14.86
CA THR A 281 -41.54 8.58 15.98
C THR A 281 -40.46 8.90 16.99
N GLU A 282 -39.70 7.91 17.44
CA GLU A 282 -38.60 8.13 18.35
C GLU A 282 -37.31 8.52 17.64
N ILE A 283 -37.33 8.64 16.32
CA ILE A 283 -36.16 9.04 15.57
C ILE A 283 -36.14 10.54 15.31
N ASP A 284 -37.20 11.08 14.74
CA ASP A 284 -37.28 12.48 14.37
C ASP A 284 -37.62 13.33 15.59
N SER A 285 -37.12 14.56 15.61
CA SER A 285 -37.26 15.46 16.75
C SER A 285 -38.70 15.95 16.86
N SER A 286 -39.41 15.45 17.84
CA SER A 286 -40.77 15.90 18.14
C SER A 286 -40.73 17.08 19.10
N GLY A 287 -41.87 17.38 19.73
CA GLY A 287 -41.90 18.43 20.75
C GLY A 287 -41.07 18.10 21.98
N ASP A 288 -40.80 16.81 22.19
CA ASP A 288 -39.81 16.33 23.15
C ASP A 288 -38.44 16.94 22.86
N GLU A 289 -37.66 17.18 23.91
CA GLU A 289 -36.45 17.99 23.78
C GLU A 289 -35.34 17.22 23.05
N GLN A 290 -35.37 15.89 23.11
CA GLN A 290 -34.32 15.10 22.50
C GLN A 290 -34.87 14.17 21.43
N SER A 291 -33.98 13.75 20.54
CA SER A 291 -34.32 12.83 19.47
C SER A 291 -33.25 11.76 19.42
N LEU A 292 -33.42 10.82 18.49
CA LEU A 292 -32.38 9.82 18.29
C LEU A 292 -31.18 10.43 17.59
N LEU A 293 -31.41 11.35 16.65
CA LEU A 293 -30.33 11.95 15.89
C LEU A 293 -29.48 12.90 16.73
N GLU A 294 -30.05 13.51 17.77
CA GLU A 294 -29.25 14.32 18.67
C GLU A 294 -28.39 13.49 19.61
N LEU A 295 -28.84 12.29 19.98
CA LEU A 295 -28.10 11.47 20.93
C LEU A 295 -26.95 10.74 20.25
N ILE A 296 -27.10 10.41 18.96
CA ILE A 296 -26.04 9.74 18.23
C ILE A 296 -24.86 10.69 18.01
N ILE A 297 -25.14 11.93 17.65
CA ILE A 297 -24.06 12.83 17.23
C ILE A 297 -23.36 13.49 18.42
N THR A 298 -23.98 13.51 19.59
CA THR A 298 -23.38 14.18 20.75
C THR A 298 -22.80 13.23 21.78
N THR A 299 -22.90 11.93 21.56
CA THR A 299 -22.32 10.99 22.51
C THR A 299 -20.81 10.85 22.26
N LYS A 300 -20.11 10.33 23.26
CA LYS A 300 -18.65 10.21 23.22
C LYS A 300 -18.18 8.91 22.61
N LYS A 301 -19.05 8.17 21.93
CA LYS A 301 -18.68 6.90 21.34
C LYS A 301 -18.42 7.05 19.84
N ARG A 302 -17.70 6.08 19.29
CA ARG A 302 -17.40 6.02 17.87
C ARG A 302 -18.25 5.01 17.14
N GLU A 303 -18.63 3.92 17.81
CA GLU A 303 -19.50 2.92 17.22
C GLU A 303 -20.95 3.37 17.13
N ALA A 304 -21.30 4.48 17.78
CA ALA A 304 -22.66 5.01 17.66
C ALA A 304 -22.89 5.62 16.30
N ARG A 305 -21.84 6.05 15.61
CA ARG A 305 -22.04 6.61 14.28
C ARG A 305 -22.22 5.53 13.22
N GLN A 306 -22.00 4.26 13.56
CA GLN A 306 -22.25 3.17 12.63
C GLN A 306 -23.73 2.94 12.41
N ILE A 307 -24.58 3.36 13.35
CA ILE A 307 -26.02 3.13 13.27
C ILE A 307 -26.69 4.15 12.39
N LEU A 308 -25.96 5.16 11.92
CA LEU A 308 -26.46 6.24 11.11
C LEU A 308 -26.42 5.90 9.62
N ASP A 309 -26.37 4.61 9.31
CA ASP A 309 -26.36 4.11 7.94
C ASP A 309 -27.57 3.19 7.69
N GLN A 310 -28.31 2.85 8.73
CA GLN A 310 -29.44 1.93 8.65
C GLN A 310 -30.59 2.55 7.86
N THR A 311 -31.43 1.68 7.31
CA THR A 311 -32.52 2.06 6.42
C THR A 311 -33.65 2.97 6.94
N PRO A 312 -33.93 3.13 8.26
CA PRO A 312 -34.87 4.21 8.61
C PRO A 312 -34.21 5.57 8.63
N VAL A 313 -32.92 5.61 8.96
CA VAL A 313 -32.23 6.85 9.28
C VAL A 313 -31.50 7.42 8.07
N LYS A 314 -30.86 6.57 7.27
CA LYS A 314 -30.10 7.04 6.11
C LYS A 314 -30.99 7.69 5.06
N GLU A 315 -32.20 7.19 4.89
CA GLU A 315 -33.17 7.85 4.02
C GLU A 315 -33.85 9.03 4.68
N LEU A 316 -33.59 9.29 5.96
CA LEU A 316 -34.16 10.46 6.62
C LEU A 316 -33.26 11.68 6.54
N VAL A 317 -32.00 11.54 6.95
CA VAL A 317 -31.09 12.68 6.93
C VAL A 317 -30.63 13.04 5.53
N SER A 318 -30.81 12.15 4.56
CA SER A 318 -30.57 12.49 3.17
C SER A 318 -31.83 12.96 2.46
N LEU A 319 -32.95 13.01 3.16
CA LEU A 319 -34.14 13.69 2.67
C LEU A 319 -34.38 14.99 3.41
N LYS A 320 -33.81 15.14 4.59
CA LYS A 320 -33.86 16.36 5.37
C LYS A 320 -32.78 17.34 4.94
N TRP A 321 -31.83 16.90 4.12
CA TRP A 321 -30.73 17.73 3.64
C TRP A 321 -30.84 18.15 2.19
N LYS A 322 -31.33 17.27 1.31
CA LYS A 322 -31.50 17.64 -0.10
C LYS A 322 -32.54 18.73 -0.26
N ARG A 323 -33.64 18.63 0.48
CA ARG A 323 -34.56 19.74 0.61
C ARG A 323 -34.48 20.27 2.02
N TYR A 324 -34.71 21.58 2.15
CA TYR A 324 -34.82 22.38 3.37
C TYR A 324 -33.50 22.59 4.11
N GLY A 325 -32.44 21.88 3.75
CA GLY A 325 -31.23 21.93 4.54
C GLY A 325 -30.02 22.43 3.81
N ARG A 326 -29.95 22.15 2.51
CA ARG A 326 -28.90 22.74 1.69
C ARG A 326 -29.18 24.19 1.29
N PRO A 327 -30.41 24.60 0.89
CA PRO A 327 -30.59 26.04 0.64
C PRO A 327 -30.53 26.91 1.88
N TYR A 328 -30.72 26.37 3.08
CA TYR A 328 -30.53 27.21 4.25
C TYR A 328 -29.09 27.19 4.75
N PHE A 329 -28.24 26.37 4.16
CA PHE A 329 -26.83 26.34 4.49
C PHE A 329 -25.99 27.09 3.47
N CYS A 330 -26.52 27.33 2.28
CA CYS A 330 -25.81 28.16 1.30
C CYS A 330 -26.23 29.62 1.38
N MET A 331 -27.45 29.92 1.82
CA MET A 331 -27.78 31.31 2.11
C MET A 331 -27.04 31.79 3.35
N LEU A 332 -26.79 30.90 4.31
CA LEU A 332 -25.99 31.22 5.48
C LEU A 332 -24.49 31.20 5.19
N GLY A 333 -24.09 30.83 3.99
CA GLY A 333 -22.68 30.80 3.63
C GLY A 333 -22.37 31.79 2.54
N ALA A 334 -23.39 32.50 2.06
CA ALA A 334 -23.20 33.61 1.15
C ALA A 334 -23.41 34.96 1.81
N ILE A 335 -24.13 35.02 2.92
CA ILE A 335 -24.14 36.23 3.73
C ILE A 335 -22.81 36.39 4.45
N TYR A 336 -22.25 35.28 4.94
CA TYR A 336 -20.98 35.34 5.65
C TYR A 336 -19.82 35.62 4.71
N LEU A 337 -19.91 35.19 3.47
CA LEU A 337 -18.82 35.47 2.53
C LEU A 337 -18.91 36.88 1.98
N LEU A 338 -20.09 37.50 2.01
CA LEU A 338 -20.24 38.91 1.73
C LEU A 338 -20.12 39.76 2.98
N TYR A 339 -19.87 39.13 4.13
CA TYR A 339 -19.57 39.86 5.35
C TYR A 339 -18.06 40.00 5.56
N ILE A 340 -17.31 38.94 5.29
CA ILE A 340 -15.89 38.96 5.53
C ILE A 340 -15.16 39.65 4.39
N ILE A 341 -15.83 39.89 3.26
CA ILE A 341 -15.28 40.79 2.26
C ILE A 341 -15.52 42.23 2.66
N CYS A 342 -16.66 42.50 3.31
CA CYS A 342 -16.93 43.82 3.85
C CYS A 342 -16.01 44.15 5.02
N PHE A 343 -15.47 43.13 5.70
CA PHE A 343 -14.53 43.39 6.77
C PHE A 343 -13.11 43.58 6.26
N THR A 344 -12.72 42.84 5.21
CA THR A 344 -11.40 43.03 4.62
C THR A 344 -11.32 44.38 3.91
N MET A 345 -12.43 44.83 3.33
CA MET A 345 -12.45 46.09 2.60
C MET A 345 -12.34 47.28 3.55
N CYS A 346 -12.97 47.20 4.73
CA CYS A 346 -12.91 48.28 5.69
C CYS A 346 -11.72 48.17 6.63
N CYS A 347 -10.73 47.34 6.28
CA CYS A 347 -9.57 47.15 7.12
C CYS A 347 -8.25 47.36 6.38
N ILE A 348 -8.23 47.30 5.05
CA ILE A 348 -7.06 47.73 4.29
C ILE A 348 -7.15 49.18 3.89
N TYR A 349 -8.22 49.87 4.27
CA TYR A 349 -8.35 51.32 4.12
C TYR A 349 -8.32 52.02 5.47
N ARG A 350 -7.62 51.44 6.43
CA ARG A 350 -7.54 52.01 7.76
C ARG A 350 -6.67 53.28 7.72
N PRO A 351 -6.88 54.25 8.68
CA PRO A 351 -6.56 55.67 8.41
C PRO A 351 -5.13 56.08 8.02
N LEU A 352 -4.12 55.87 8.88
CA LEU A 352 -2.70 56.01 8.51
C LEU A 352 -2.19 57.36 7.99
N LYS A 353 -2.01 58.35 8.86
CA LYS A 353 -1.43 59.65 8.56
C LYS A 353 0.06 59.49 8.25
N PRO A 354 0.76 60.54 7.68
CA PRO A 354 2.11 60.26 7.17
C PRO A 354 3.28 60.20 8.14
N ARG A 355 3.30 60.90 9.30
CA ARG A 355 4.11 60.68 10.52
C ARG A 355 3.79 61.71 11.58
N THR A 356 4.39 61.56 12.76
CA THR A 356 4.42 62.64 13.76
C THR A 356 5.85 63.11 14.01
N ASN A 357 6.71 62.20 14.44
CA ASN A 357 8.02 62.57 14.98
C ASN A 357 9.14 62.19 14.00
N ASN A 358 10.38 62.39 14.43
CA ASN A 358 11.54 62.09 13.61
C ASN A 358 11.81 60.59 13.60
N ARG A 359 12.82 60.19 12.82
CA ARG A 359 13.36 58.85 12.87
C ARG A 359 14.01 58.63 14.23
N THR A 360 13.45 57.72 15.03
CA THR A 360 13.93 57.56 16.40
C THR A 360 15.30 56.89 16.43
N SER A 361 15.92 56.89 17.61
CA SER A 361 17.33 56.61 17.92
C SER A 361 18.03 55.46 17.16
N PRO A 362 17.39 54.29 16.88
CA PRO A 362 18.12 53.28 16.08
C PRO A 362 18.38 53.71 14.65
N ARG A 363 19.65 53.66 14.23
CA ARG A 363 19.99 54.06 12.87
C ARG A 363 19.57 52.94 11.91
N ASP A 364 18.51 53.22 11.15
CA ASP A 364 17.96 52.40 10.08
C ASP A 364 17.42 51.04 10.55
N ASN A 365 17.44 50.78 11.86
CA ASN A 365 16.74 49.59 12.34
C ASN A 365 15.24 49.82 12.35
N THR A 366 14.81 51.06 12.57
CA THR A 366 13.40 51.37 12.71
C THR A 366 12.87 51.99 11.42
N LEU A 367 12.46 51.14 10.50
CA LEU A 367 11.72 51.60 9.33
C LEU A 367 10.24 51.46 9.69
N LEU A 368 9.60 52.60 9.91
CA LEU A 368 8.15 52.69 10.04
C LEU A 368 7.79 54.14 9.80
N GLN A 369 6.82 54.39 8.94
CA GLN A 369 6.61 55.75 8.46
C GLN A 369 5.14 56.07 8.28
N GLN A 370 4.24 55.50 9.10
CA GLN A 370 2.86 55.95 9.07
C GLN A 370 2.41 56.45 10.42
N LYS A 371 2.34 55.60 11.47
CA LYS A 371 1.78 55.95 12.79
C LYS A 371 0.34 56.46 12.68
N LEU A 372 -0.62 55.53 12.54
CA LEU A 372 -2.02 55.77 12.19
C LEU A 372 -2.73 56.88 12.98
N LEU A 373 -3.78 57.45 12.35
CA LEU A 373 -4.49 58.65 12.81
C LEU A 373 -5.08 58.49 14.19
N GLN A 374 -5.42 59.63 14.81
CA GLN A 374 -6.11 59.62 16.10
C GLN A 374 -7.62 59.55 15.95
N GLU A 375 -8.26 60.65 15.54
CA GLU A 375 -9.72 60.73 15.56
C GLU A 375 -10.27 61.64 14.45
N ALA A 376 -9.85 61.45 13.21
CA ALA A 376 -10.40 62.23 12.11
C ALA A 376 -11.27 61.32 11.23
N TYR A 377 -12.57 61.66 11.12
CA TYR A 377 -13.52 61.00 10.25
C TYR A 377 -14.12 61.97 9.25
N MET A 378 -13.36 62.97 8.82
CA MET A 378 -13.75 63.86 7.76
C MET A 378 -13.40 63.22 6.41
N THR A 379 -13.45 64.00 5.32
CA THR A 379 -13.07 63.58 3.96
C THR A 379 -13.93 62.42 3.49
N PRO A 380 -15.16 62.69 2.95
CA PRO A 380 -16.25 61.70 2.81
C PRO A 380 -15.96 60.27 2.34
N LYS A 381 -14.79 60.00 1.75
CA LYS A 381 -14.35 58.62 1.59
C LYS A 381 -14.17 57.88 2.92
N ASP A 382 -14.02 58.60 4.04
CA ASP A 382 -14.06 57.97 5.35
C ASP A 382 -15.47 57.76 5.86
N ASP A 383 -16.45 58.49 5.33
CA ASP A 383 -17.84 58.25 5.71
C ASP A 383 -18.43 57.05 4.98
N ILE A 384 -17.86 56.66 3.84
CA ILE A 384 -18.24 55.40 3.21
C ILE A 384 -17.69 54.24 4.02
N ARG A 385 -16.48 54.40 4.57
CA ARG A 385 -15.89 53.35 5.38
C ARG A 385 -16.63 53.18 6.71
N LEU A 386 -17.22 54.26 7.23
CA LEU A 386 -17.93 54.18 8.50
C LEU A 386 -19.18 53.31 8.38
N VAL A 387 -19.83 53.34 7.22
CA VAL A 387 -20.94 52.41 6.98
C VAL A 387 -20.40 50.99 6.84
N GLY A 388 -19.21 50.84 6.26
CA GLY A 388 -18.61 49.53 6.14
C GLY A 388 -17.99 49.01 7.42
N GLU A 389 -17.83 49.86 8.43
CA GLU A 389 -17.34 49.40 9.72
C GLU A 389 -18.46 49.07 10.69
N LEU A 390 -19.57 49.81 10.63
CA LEU A 390 -20.70 49.51 11.50
C LEU A 390 -21.40 48.21 11.11
N VAL A 391 -21.26 47.77 9.86
CA VAL A 391 -21.76 46.45 9.48
C VAL A 391 -20.90 45.36 10.11
N THR A 392 -19.59 45.58 10.20
CA THR A 392 -18.72 44.58 10.79
C THR A 392 -18.77 44.55 12.31
N VAL A 393 -19.37 45.55 12.94
CA VAL A 393 -19.54 45.53 14.39
C VAL A 393 -20.89 44.95 14.77
N ILE A 394 -21.96 45.35 14.05
CA ILE A 394 -23.27 44.73 14.21
C ILE A 394 -23.19 43.24 13.87
N GLY A 395 -22.43 42.89 12.84
CA GLY A 395 -22.23 41.50 12.49
C GLY A 395 -21.41 40.70 13.49
N ALA A 396 -20.71 41.37 14.41
CA ALA A 396 -19.93 40.69 15.43
C ALA A 396 -20.59 40.72 16.80
N ILE A 397 -21.76 41.37 16.92
CA ILE A 397 -22.57 41.24 18.12
C ILE A 397 -23.62 40.15 17.94
N ILE A 398 -24.16 40.02 16.72
CA ILE A 398 -25.11 38.95 16.39
C ILE A 398 -24.47 37.58 16.52
N ILE A 399 -23.15 37.48 16.27
CA ILE A 399 -22.44 36.24 16.58
C ILE A 399 -22.40 36.00 18.08
N LEU A 400 -22.20 37.05 18.87
CA LEU A 400 -22.18 36.88 20.32
C LEU A 400 -23.56 36.81 20.96
N LEU A 401 -24.64 36.82 20.17
CA LEU A 401 -25.98 36.63 20.70
C LEU A 401 -26.59 35.30 20.33
N VAL A 402 -25.95 34.52 19.46
CA VAL A 402 -26.46 33.21 19.09
C VAL A 402 -25.44 32.15 19.49
N GLU A 403 -24.36 32.57 20.12
CA GLU A 403 -23.32 31.66 20.59
C GLU A 403 -23.08 31.72 22.09
N VAL A 404 -23.03 32.92 22.66
CA VAL A 404 -22.78 33.09 24.09
C VAL A 404 -24.03 32.74 24.91
N PRO A 405 -25.29 33.08 24.48
CA PRO A 405 -26.42 32.43 25.17
C PRO A 405 -26.73 31.03 24.68
N ASP A 406 -25.69 30.21 24.46
CA ASP A 406 -25.83 28.79 24.24
C ASP A 406 -24.94 28.05 25.24
N ILE A 407 -23.69 28.50 25.37
CA ILE A 407 -22.76 27.84 26.28
C ILE A 407 -23.08 28.23 27.73
N PHE A 408 -23.45 29.49 27.94
CA PHE A 408 -23.78 29.99 29.28
C PHE A 408 -25.27 29.80 29.59
N ARG A 409 -25.88 28.83 28.90
CA ARG A 409 -27.28 28.48 29.11
C ARG A 409 -27.38 26.96 29.22
N MET A 410 -26.39 26.25 28.68
CA MET A 410 -26.31 24.80 28.78
C MET A 410 -25.23 24.30 29.71
N GLY A 411 -24.26 25.14 30.05
CA GLY A 411 -23.25 24.79 31.03
C GLY A 411 -22.04 24.07 30.47
N VAL A 412 -22.24 22.87 29.93
CA VAL A 412 -21.12 22.06 29.47
C VAL A 412 -20.61 22.60 28.13
N THR A 413 -19.30 22.48 27.91
CA THR A 413 -18.64 23.02 26.73
C THR A 413 -17.89 21.90 26.00
N ARG A 414 -18.57 20.76 25.90
CA ARG A 414 -18.12 19.54 25.20
C ARG A 414 -16.79 19.02 25.74
N PRO A 424 -15.31 22.35 16.64
CA PRO A 424 -14.55 23.49 17.13
C PRO A 424 -14.52 24.67 16.19
N PHE A 425 -15.55 24.85 15.36
CA PHE A 425 -15.75 26.14 14.72
C PHE A 425 -16.67 27.04 15.52
N HIS A 426 -17.11 26.60 16.70
CA HIS A 426 -17.73 27.54 17.63
C HIS A 426 -16.68 28.46 18.21
N VAL A 427 -15.48 27.93 18.48
CA VAL A 427 -14.49 28.72 19.18
C VAL A 427 -13.65 29.54 18.19
N LEU A 428 -13.75 29.26 16.89
CA LEU A 428 -13.14 30.12 15.89
C LEU A 428 -14.10 31.15 15.32
N ILE A 429 -15.35 31.18 15.78
CA ILE A 429 -16.28 32.23 15.39
C ILE A 429 -16.59 33.15 16.56
N ILE A 430 -16.33 32.73 17.79
CA ILE A 430 -16.42 33.62 18.94
C ILE A 430 -15.11 34.38 19.12
N THR A 431 -13.97 33.74 18.81
CA THR A 431 -12.68 34.41 18.85
C THR A 431 -12.60 35.50 17.78
N TYR A 432 -13.16 35.25 16.60
CA TYR A 432 -13.35 36.32 15.63
C TYR A 432 -14.26 37.41 16.18
N ALA A 433 -15.27 37.04 16.95
CA ALA A 433 -16.21 38.02 17.45
C ALA A 433 -15.64 38.86 18.57
N PHE A 434 -14.60 38.41 19.26
CA PHE A 434 -13.96 39.27 20.23
C PHE A 434 -12.97 40.22 19.58
N MET A 435 -12.22 39.75 18.57
CA MET A 435 -11.17 40.57 17.96
C MET A 435 -11.74 41.74 17.17
N VAL A 436 -12.99 41.68 16.73
CA VAL A 436 -13.62 42.87 16.20
C VAL A 436 -14.08 43.77 17.34
N LEU A 437 -14.60 43.19 18.41
CA LEU A 437 -15.03 43.97 19.57
C LEU A 437 -13.87 44.53 20.38
N VAL A 438 -12.68 43.94 20.29
CA VAL A 438 -11.52 44.56 20.91
C VAL A 438 -11.10 45.79 20.11
N THR A 439 -11.12 45.67 18.77
CA THR A 439 -10.68 46.75 17.89
C THR A 439 -11.60 47.96 17.98
N MET A 440 -12.89 47.75 18.26
CA MET A 440 -13.80 48.88 18.46
C MET A 440 -13.44 49.64 19.74
N VAL A 441 -13.17 48.92 20.82
CA VAL A 441 -12.78 49.56 22.08
C VAL A 441 -11.40 50.19 21.93
N MET A 442 -10.51 49.56 21.18
CA MET A 442 -9.15 50.05 21.00
C MET A 442 -9.08 51.26 20.07
N ARG A 443 -10.09 51.49 19.23
CA ARG A 443 -10.12 52.69 18.40
C ARG A 443 -10.82 53.86 19.06
N LEU A 444 -11.89 53.62 19.83
CA LEU A 444 -12.63 54.71 20.46
C LEU A 444 -11.80 55.40 21.54
N ILE A 445 -10.86 54.70 22.16
CA ILE A 445 -9.97 55.33 23.12
C ILE A 445 -8.64 55.75 22.51
N SER A 446 -8.49 55.58 21.19
CA SER A 446 -7.31 55.98 20.40
C SER A 446 -6.03 55.32 20.92
N ALA A 447 -6.13 54.05 21.26
CA ALA A 447 -4.94 53.29 21.62
C ALA A 447 -4.12 53.00 20.37
N SER A 448 -2.83 52.73 20.59
CA SER A 448 -1.89 52.82 19.48
C SER A 448 -1.89 51.59 18.59
N GLY A 449 -1.50 50.44 19.13
CA GLY A 449 -1.26 49.29 18.28
C GLY A 449 -2.49 48.45 18.04
N GLU A 450 -3.17 48.64 16.92
CA GLU A 450 -4.35 47.83 16.60
C GLU A 450 -4.11 46.99 15.35
N VAL A 451 -2.85 46.77 14.98
CA VAL A 451 -2.55 45.82 13.92
C VAL A 451 -2.46 44.41 14.44
N VAL A 452 -2.43 44.23 15.75
CA VAL A 452 -2.49 42.89 16.34
C VAL A 452 -3.93 42.35 16.49
N PRO A 453 -4.97 43.11 16.91
CA PRO A 453 -6.31 42.51 16.79
C PRO A 453 -6.83 42.45 15.37
N MET A 454 -6.33 43.28 14.46
CA MET A 454 -6.70 43.15 13.06
C MET A 454 -5.94 42.04 12.35
N SER A 455 -5.03 41.35 13.03
CA SER A 455 -4.34 40.22 12.44
C SER A 455 -4.75 38.90 13.02
N PHE A 456 -5.56 38.90 14.09
CA PHE A 456 -6.27 37.71 14.53
C PHE A 456 -7.70 37.70 14.04
N ALA A 457 -8.10 38.69 13.26
CA ALA A 457 -9.43 38.70 12.68
C ALA A 457 -9.42 38.59 11.17
N LEU A 458 -8.34 38.97 10.49
CA LEU A 458 -8.20 38.71 9.06
C LEU A 458 -7.78 37.29 8.76
N VAL A 459 -7.32 36.53 9.75
CA VAL A 459 -7.00 35.13 9.51
C VAL A 459 -7.96 34.18 10.22
N LEU A 460 -8.53 34.53 11.36
CA LEU A 460 -9.64 33.75 11.91
C LEU A 460 -10.93 34.03 11.19
N GLY A 461 -11.03 35.18 10.52
CA GLY A 461 -12.26 35.50 9.81
C GLY A 461 -12.35 34.85 8.46
N TRP A 462 -11.22 34.73 7.76
CA TRP A 462 -11.27 34.06 6.47
C TRP A 462 -11.27 32.56 6.60
N CYS A 463 -10.48 32.01 7.52
CA CYS A 463 -10.39 30.56 7.67
C CYS A 463 -11.61 29.93 8.37
N ASN A 464 -12.71 30.66 8.53
CA ASN A 464 -13.99 30.07 8.88
C ASN A 464 -14.90 29.91 7.68
N VAL A 465 -14.46 30.32 6.49
CA VAL A 465 -15.15 29.94 5.26
C VAL A 465 -14.80 28.51 4.88
N MET A 466 -13.79 27.92 5.54
CA MET A 466 -13.57 26.50 5.46
C MET A 466 -14.62 25.69 6.21
N TYR A 467 -15.41 26.34 7.08
CA TYR A 467 -16.53 25.65 7.71
C TYR A 467 -17.62 25.32 6.71
N PHE A 468 -17.87 26.21 5.75
CA PHE A 468 -18.95 26.01 4.81
C PHE A 468 -18.59 25.06 3.68
N ALA A 469 -17.46 24.38 3.76
CA ALA A 469 -17.14 23.30 2.85
C ALA A 469 -17.57 21.96 3.43
N ARG A 470 -18.81 21.88 3.86
CA ARG A 470 -19.42 20.62 4.25
C ARG A 470 -20.80 20.45 3.67
N GLY A 471 -21.31 21.46 2.97
CA GLY A 471 -22.46 21.27 2.11
C GLY A 471 -22.12 20.69 0.77
N PHE A 472 -20.83 20.43 0.53
CA PHE A 472 -20.33 19.82 -0.70
C PHE A 472 -19.69 18.50 -0.31
N GLN A 473 -20.01 17.43 -1.04
CA GLN A 473 -19.60 16.09 -0.60
C GLN A 473 -18.11 15.88 -0.78
N MET A 474 -17.54 16.40 -1.86
CA MET A 474 -16.14 16.13 -2.14
C MET A 474 -15.20 17.08 -1.44
N LEU A 475 -15.67 18.27 -1.05
CA LEU A 475 -14.90 19.20 -0.24
C LEU A 475 -15.14 19.00 1.25
N GLY A 476 -15.90 17.98 1.63
CA GLY A 476 -16.34 17.79 2.98
C GLY A 476 -15.27 17.42 3.98
N PRO A 477 -14.71 16.21 3.87
CA PRO A 477 -13.76 15.77 4.89
C PRO A 477 -12.33 16.27 4.69
N PHE A 478 -12.13 17.31 3.88
CA PHE A 478 -10.85 17.99 3.90
C PHE A 478 -10.69 18.79 5.19
N THR A 479 -11.80 19.18 5.81
CA THR A 479 -11.73 19.83 7.10
C THR A 479 -11.46 18.81 8.21
N ILE A 480 -11.75 17.53 7.98
CA ILE A 480 -11.41 16.50 8.96
C ILE A 480 -9.91 16.23 8.93
N MET A 481 -9.32 16.17 7.73
CA MET A 481 -7.90 15.87 7.59
C MET A 481 -7.02 16.93 8.23
N ILE A 482 -7.39 18.20 8.10
CA ILE A 482 -6.61 19.28 8.70
C ILE A 482 -6.77 19.30 10.22
N GLN A 483 -7.86 18.76 10.76
CA GLN A 483 -7.92 18.58 12.22
C GLN A 483 -7.02 17.45 12.67
N LYS A 484 -7.10 16.30 12.02
CA LYS A 484 -6.33 15.14 12.44
C LYS A 484 -4.85 15.23 12.07
N MET A 485 -4.46 16.21 11.26
CA MET A 485 -3.04 16.46 11.03
C MET A 485 -2.46 17.45 12.02
N ILE A 486 -3.27 18.28 12.66
CA ILE A 486 -2.76 19.22 13.65
C ILE A 486 -2.81 18.57 15.02
N PHE A 487 -4.00 18.19 15.47
CA PHE A 487 -4.16 17.72 16.82
C PHE A 487 -3.85 16.24 16.98
N GLY A 488 -3.42 15.56 15.93
CA GLY A 488 -3.14 14.15 16.04
C GLY A 488 -1.77 13.70 15.55
N ASP A 489 -1.14 14.49 14.69
CA ASP A 489 0.17 14.15 14.17
C ASP A 489 1.19 15.27 14.28
N LEU A 490 0.76 16.48 14.59
CA LEU A 490 1.66 17.60 14.76
C LEU A 490 1.80 18.03 16.21
N MET A 491 0.78 17.83 17.03
CA MET A 491 0.93 18.03 18.46
C MET A 491 1.64 16.87 19.14
N ARG A 492 1.86 15.76 18.44
CA ARG A 492 2.64 14.66 18.97
C ARG A 492 4.08 14.67 18.51
N PHE A 493 4.41 15.47 17.49
CA PHE A 493 5.77 15.52 16.97
C PHE A 493 6.31 16.95 16.97
N CYS A 494 5.61 17.89 17.61
CA CYS A 494 6.20 19.20 17.82
C CYS A 494 7.07 19.23 19.06
N TRP A 495 6.99 18.20 19.90
CA TRP A 495 7.81 18.14 21.09
C TRP A 495 9.15 17.47 20.84
N LEU A 496 9.29 16.74 19.73
CA LEU A 496 10.58 16.26 19.26
C LEU A 496 11.17 17.16 18.21
N MET A 497 10.47 18.21 17.78
CA MET A 497 11.03 19.23 16.92
C MET A 497 11.41 20.49 17.66
N ALA A 498 10.73 20.83 18.76
CA ALA A 498 11.11 21.99 19.54
C ALA A 498 12.29 21.71 20.46
N VAL A 499 12.82 20.50 20.43
CA VAL A 499 14.04 20.14 21.13
C VAL A 499 15.26 20.24 20.22
N VAL A 500 15.14 19.76 18.99
CA VAL A 500 16.21 19.90 18.00
C VAL A 500 16.40 21.36 17.63
N ILE A 501 15.30 22.10 17.46
CA ILE A 501 15.36 23.52 17.13
C ILE A 501 15.93 24.36 18.27
N LEU A 502 15.59 24.06 19.52
CA LEU A 502 16.29 24.69 20.63
C LEU A 502 17.72 24.19 20.80
N GLY A 503 18.05 23.02 20.28
CA GLY A 503 19.40 22.52 20.37
C GLY A 503 20.33 23.21 19.41
N PHE A 504 19.93 23.31 18.15
CA PHE A 504 20.79 23.90 17.14
C PHE A 504 20.71 25.43 17.07
N ALA A 505 19.63 26.05 17.55
CA ALA A 505 19.63 27.51 17.55
C ALA A 505 20.43 28.07 18.70
N SER A 506 20.53 27.34 19.81
CA SER A 506 21.40 27.75 20.89
C SER A 506 22.85 27.33 20.65
N ALA A 507 23.12 26.62 19.56
CA ALA A 507 24.48 26.37 19.12
C ALA A 507 24.89 27.24 17.95
N PHE A 508 23.94 27.63 17.09
CA PHE A 508 24.22 28.60 16.05
C PHE A 508 24.42 29.99 16.63
N TYR A 509 23.79 30.29 17.76
CA TYR A 509 23.94 31.62 18.35
C TYR A 509 25.32 31.80 18.96
N ILE A 510 25.86 30.75 19.58
CA ILE A 510 27.17 30.84 20.23
C ILE A 510 28.27 31.00 19.19
N ILE A 511 28.13 30.33 18.05
CA ILE A 511 29.15 30.39 17.01
C ILE A 511 29.21 31.78 16.38
N PHE A 512 28.05 32.37 16.08
CA PHE A 512 27.99 33.73 15.55
C PHE A 512 27.78 34.77 16.61
N GLN A 513 28.28 34.53 17.82
CA GLN A 513 28.23 35.55 18.85
C GLN A 513 29.44 36.46 18.81
N THR A 514 30.56 35.98 18.27
CA THR A 514 31.80 36.73 18.15
C THR A 514 32.03 37.20 16.72
N GLU A 515 30.98 37.62 16.02
CA GLU A 515 31.07 37.95 14.60
C GLU A 515 30.58 39.37 14.37
N ASP A 516 30.45 39.75 13.10
CA ASP A 516 29.94 41.06 12.74
C ASP A 516 28.59 40.87 12.06
N PRO A 517 27.47 41.18 12.72
CA PRO A 517 26.15 40.87 12.16
C PRO A 517 25.62 41.92 11.17
N GLU A 518 26.51 42.41 10.30
CA GLU A 518 26.11 43.12 9.09
C GLU A 518 26.17 42.23 7.87
N GLU A 519 27.18 41.38 7.78
CA GLU A 519 27.22 40.26 6.87
C GLU A 519 26.97 39.00 7.70
N LEU A 520 26.10 38.12 7.19
CA LEU A 520 25.60 36.91 7.86
C LEU A 520 24.94 37.29 9.19
N GLY A 521 23.84 38.03 9.12
CA GLY A 521 23.20 38.52 10.31
C GLY A 521 21.91 37.80 10.66
N HIS A 522 21.90 36.50 10.39
CA HIS A 522 20.77 35.66 10.77
C HIS A 522 20.63 35.58 12.29
N PHE A 523 21.71 35.20 12.96
CA PHE A 523 21.67 34.90 14.39
C PHE A 523 22.21 36.08 15.20
N TYR A 524 21.57 37.23 15.12
CA TYR A 524 22.14 38.39 15.79
C TYR A 524 21.69 38.54 17.23
N ASP A 525 20.48 38.09 17.57
CA ASP A 525 20.10 37.95 18.97
C ASP A 525 19.24 36.70 19.12
N TYR A 526 19.09 36.27 20.37
CA TYR A 526 18.58 34.93 20.67
C TYR A 526 17.12 34.68 20.32
N PRO A 527 16.17 35.63 20.44
CA PRO A 527 14.86 35.39 19.82
C PRO A 527 14.89 35.28 18.30
N MET A 528 15.88 35.85 17.63
CA MET A 528 15.97 35.68 16.18
C MET A 528 16.71 34.40 15.81
N ALA A 529 17.53 33.86 16.70
CA ALA A 529 18.20 32.60 16.40
C ALA A 529 17.21 31.45 16.38
N LEU A 530 16.17 31.51 17.20
CA LEU A 530 15.13 30.48 17.19
C LEU A 530 14.24 30.59 15.96
N PHE A 531 13.92 31.81 15.55
CA PHE A 531 13.03 31.96 14.40
C PHE A 531 13.75 31.68 13.10
N SER A 532 15.03 31.99 13.03
CA SER A 532 15.81 31.70 11.84
C SER A 532 16.43 30.32 11.85
N THR A 533 16.02 29.46 12.78
CA THR A 533 16.33 28.04 12.75
C THR A 533 15.07 27.21 12.57
N PHE A 534 13.94 27.71 13.08
CA PHE A 534 12.63 27.19 12.69
C PHE A 534 12.42 27.27 11.19
N GLU A 535 12.84 28.36 10.57
CA GLU A 535 12.70 28.48 9.12
C GLU A 535 13.68 27.59 8.38
N LEU A 536 14.91 27.45 8.87
CA LEU A 536 15.87 26.56 8.24
C LEU A 536 15.49 25.10 8.42
N PHE A 537 14.70 24.80 9.43
CA PHE A 537 14.19 23.44 9.64
C PHE A 537 13.24 23.05 8.52
N LEU A 538 12.24 23.87 8.28
CA LEU A 538 11.17 23.61 7.32
C LEU A 538 11.60 23.81 5.87
N THR A 539 12.81 24.31 5.64
CA THR A 539 13.35 24.65 4.32
C THR A 539 12.42 25.64 3.60
N ILE A 540 12.33 26.82 4.18
CA ILE A 540 11.65 27.94 3.54
C ILE A 540 12.61 29.09 3.25
N ILE A 541 13.50 29.40 4.18
CA ILE A 541 14.61 30.26 3.83
C ILE A 541 15.79 29.36 3.50
N ASP A 542 16.82 29.93 2.87
CA ASP A 542 17.82 29.10 2.21
C ASP A 542 18.75 28.39 3.17
N GLY A 543 19.58 29.15 3.85
CA GLY A 543 20.70 28.60 4.55
C GLY A 543 21.88 29.50 4.31
N PRO A 544 22.44 30.03 5.38
CA PRO A 544 23.27 31.22 5.24
C PRO A 544 24.68 30.94 4.78
N ALA A 545 25.23 31.88 4.01
CA ALA A 545 26.56 31.83 3.46
C ALA A 545 26.92 33.23 2.98
N ASN A 546 28.21 33.53 2.93
CA ASN A 546 28.57 34.86 2.47
C ASN A 546 29.60 34.86 1.35
N TYR A 547 30.59 33.95 1.40
CA TYR A 547 31.56 33.68 0.34
C TYR A 547 32.55 34.80 0.07
N ASN A 548 32.40 35.94 0.74
CA ASN A 548 33.36 37.01 0.70
C ASN A 548 34.12 37.15 2.01
N VAL A 549 33.73 36.41 3.03
CA VAL A 549 34.33 36.45 4.35
C VAL A 549 34.69 35.02 4.74
N ASP A 550 35.40 34.89 5.84
CA ASP A 550 35.67 33.58 6.41
C ASP A 550 34.65 33.35 7.53
N LEU A 551 33.66 32.50 7.25
CA LEU A 551 32.75 32.04 8.26
C LEU A 551 33.52 31.20 9.29
N PRO A 552 33.07 31.17 10.55
CA PRO A 552 33.79 30.39 11.55
C PRO A 552 33.71 28.90 11.27
N PHE A 553 34.74 28.20 11.73
CA PHE A 553 34.96 26.81 11.34
C PHE A 553 33.87 25.89 11.88
N MET A 554 33.38 26.18 13.07
CA MET A 554 32.40 25.32 13.70
C MET A 554 31.03 25.44 13.07
N TYR A 555 30.81 26.45 12.23
CA TYR A 555 29.53 26.56 11.54
C TYR A 555 29.40 25.51 10.44
N SER A 556 30.47 25.24 9.70
CA SER A 556 30.37 24.33 8.57
C SER A 556 30.14 22.88 8.99
N ILE A 557 30.47 22.54 10.23
CA ILE A 557 30.16 21.21 10.77
C ILE A 557 28.76 21.17 11.36
N THR A 558 28.37 22.21 12.12
CA THR A 558 27.09 22.21 12.81
C THR A 558 25.93 22.34 11.83
N TYR A 559 26.09 23.11 10.76
CA TYR A 559 25.02 23.20 9.79
C TYR A 559 24.95 21.98 8.90
N ALA A 560 26.07 21.31 8.67
CA ALA A 560 26.03 20.08 7.89
C ALA A 560 25.51 18.90 8.69
N ALA A 561 25.33 19.05 10.00
CA ALA A 561 24.62 18.08 10.81
C ALA A 561 23.19 18.50 11.09
N PHE A 562 22.84 19.76 10.85
CA PHE A 562 21.46 20.21 10.91
C PHE A 562 20.74 19.99 9.60
N ALA A 563 21.46 19.93 8.49
CA ALA A 563 20.83 19.61 7.22
C ALA A 563 20.50 18.14 7.11
N ILE A 564 21.13 17.29 7.89
CA ILE A 564 20.89 15.85 7.86
C ILE A 564 19.87 15.43 8.90
N ILE A 565 20.08 15.81 10.18
CA ILE A 565 19.20 15.36 11.25
C ILE A 565 17.87 16.07 11.26
N ALA A 566 17.74 17.19 10.55
CA ALA A 566 16.59 18.04 10.75
C ALA A 566 15.91 18.51 9.48
N THR A 567 16.51 18.33 8.32
CA THR A 567 15.89 18.73 7.05
C THR A 567 15.40 17.55 6.24
N LEU A 568 16.22 16.51 6.06
CA LEU A 568 15.77 15.36 5.28
C LEU A 568 15.32 14.18 6.12
N LEU A 569 15.58 14.17 7.41
CA LEU A 569 15.32 12.97 8.19
C LEU A 569 14.27 13.15 9.25
N MET A 570 14.06 14.36 9.75
CA MET A 570 13.02 14.60 10.73
C MET A 570 11.87 15.40 10.16
N LEU A 571 12.09 16.16 9.09
CA LEU A 571 10.98 16.77 8.38
C LEU A 571 10.27 15.75 7.50
N ASN A 572 11.02 14.90 6.80
CA ASN A 572 10.44 13.87 5.95
C ASN A 572 9.94 12.66 6.71
N LEU A 573 10.02 12.69 8.04
CA LEU A 573 9.28 11.77 8.89
C LEU A 573 7.93 12.35 9.25
N LEU A 574 7.82 13.67 9.31
CA LEU A 574 6.54 14.30 9.59
C LEU A 574 5.63 14.22 8.37
N ILE A 575 6.19 14.43 7.18
CA ILE A 575 5.41 14.41 5.96
C ILE A 575 4.92 12.99 5.65
N ALA A 576 5.64 11.98 6.11
CA ALA A 576 5.11 10.62 6.02
C ALA A 576 4.01 10.37 7.05
N MET A 577 4.07 11.01 8.21
CA MET A 577 2.98 10.89 9.18
C MET A 577 1.72 11.60 8.72
N MET A 578 1.85 12.59 7.84
CA MET A 578 0.72 13.27 7.22
C MET A 578 0.33 12.64 5.91
N GLY A 579 0.74 11.40 5.66
CA GLY A 579 0.44 10.74 4.43
C GLY A 579 -0.26 9.43 4.67
N ASP A 580 -0.38 9.04 5.94
CA ASP A 580 -1.25 7.95 6.34
C ASP A 580 -2.29 8.42 7.36
N THR A 581 -2.47 9.72 7.48
CA THR A 581 -3.65 10.33 8.08
C THR A 581 -4.58 10.85 7.00
N HIS A 582 -4.01 11.31 5.89
CA HIS A 582 -4.81 11.47 4.69
C HIS A 582 -5.35 10.14 4.19
N TRP A 583 -4.61 9.05 4.35
CA TRP A 583 -5.07 7.78 3.81
C TRP A 583 -6.21 7.20 4.63
N ARG A 584 -6.10 7.23 5.96
CA ARG A 584 -7.12 6.61 6.78
C ARG A 584 -8.34 7.50 7.00
N VAL A 585 -8.36 8.69 6.40
CA VAL A 585 -9.57 9.49 6.35
C VAL A 585 -10.23 9.44 4.97
N ALA A 586 -9.44 9.47 3.90
CA ALA A 586 -10.01 9.32 2.56
C ALA A 586 -10.52 7.92 2.29
N HIS A 587 -10.11 6.93 3.10
CA HIS A 587 -10.67 5.59 3.01
C HIS A 587 -12.11 5.53 3.50
N GLU A 588 -12.49 6.43 4.40
CA GLU A 588 -13.86 6.50 4.90
C GLU A 588 -14.41 7.90 4.67
N ARG A 589 -14.29 8.37 3.43
CA ARG A 589 -14.70 9.71 3.04
C ARG A 589 -16.20 9.92 3.20
N ASP A 590 -17.00 8.94 2.78
CA ASP A 590 -18.45 9.14 2.76
C ASP A 590 -19.08 8.99 4.13
N GLU A 591 -18.42 8.27 5.04
CA GLU A 591 -18.96 8.12 6.38
C GLU A 591 -18.72 9.36 7.23
N LEU A 592 -17.57 10.02 7.05
CA LEU A 592 -17.30 11.26 7.77
C LEU A 592 -18.11 12.42 7.25
N TRP A 593 -18.56 12.38 6.00
CA TRP A 593 -19.37 13.48 5.51
C TRP A 593 -20.80 13.39 6.04
N ARG A 594 -21.34 12.18 6.15
CA ARG A 594 -22.71 12.02 6.61
C ARG A 594 -22.85 12.36 8.08
N ALA A 595 -21.77 12.23 8.86
CA ALA A 595 -21.79 12.70 10.23
C ALA A 595 -21.64 14.22 10.34
N GLN A 596 -21.18 14.87 9.27
CA GLN A 596 -21.16 16.32 9.23
C GLN A 596 -22.48 16.92 8.79
N ILE A 597 -23.33 16.13 8.14
CA ILE A 597 -24.64 16.59 7.72
C ILE A 597 -25.67 16.47 8.84
N VAL A 598 -25.56 15.42 9.65
CA VAL A 598 -26.43 15.28 10.81
C VAL A 598 -26.11 16.34 11.84
N ALA A 599 -24.82 16.63 12.06
CA ALA A 599 -24.44 17.64 13.04
C ALA A 599 -24.77 19.05 12.58
N THR A 600 -24.89 19.27 11.26
CA THR A 600 -25.28 20.57 10.76
C THR A 600 -26.79 20.75 10.81
N THR A 601 -27.53 19.71 10.41
CA THR A 601 -28.98 19.78 10.35
C THR A 601 -29.61 19.92 11.73
N VAL A 602 -29.03 19.26 12.74
CA VAL A 602 -29.52 19.40 14.11
C VAL A 602 -29.24 20.80 14.64
N MET A 603 -28.07 21.36 14.33
CA MET A 603 -27.73 22.71 14.76
C MET A 603 -28.62 23.75 14.09
N LEU A 604 -29.06 23.47 12.87
CA LEU A 604 -29.82 24.42 12.07
C LEU A 604 -31.32 24.23 12.24
N GLU A 605 -31.74 23.26 13.04
CA GLU A 605 -33.15 22.99 13.29
C GLU A 605 -33.65 23.59 14.59
N ARG A 606 -32.81 23.63 15.63
CA ARG A 606 -33.23 24.21 16.90
C ARG A 606 -33.10 25.72 16.95
N LYS A 607 -32.24 26.30 16.11
CA LYS A 607 -32.05 27.77 16.11
C LYS A 607 -33.04 28.41 15.15
N LEU A 608 -33.06 27.93 13.92
CA LEU A 608 -33.98 28.43 12.91
C LEU A 608 -35.38 27.91 13.20
N PRO A 609 -36.37 28.78 13.39
CA PRO A 609 -37.64 28.35 14.00
C PRO A 609 -38.58 27.62 13.05
N ARG A 610 -39.75 27.26 13.57
CA ARG A 610 -40.80 26.67 12.76
C ARG A 610 -41.45 27.73 11.87
N CYS A 611 -42.32 27.26 10.97
CA CYS A 611 -42.94 27.91 9.80
C CYS A 611 -41.91 28.18 8.71
N LEU A 612 -40.65 27.83 8.92
CA LEU A 612 -39.62 27.86 7.89
C LEU A 612 -38.95 26.51 7.81
N TRP A 613 -39.28 25.59 8.71
CA TRP A 613 -38.71 24.24 8.75
C TRP A 613 -39.81 23.31 9.20
N PRO A 614 -40.60 22.77 8.26
CA PRO A 614 -41.69 21.88 8.66
C PRO A 614 -41.19 20.50 8.99
N ARG A 615 -42.10 19.69 9.56
CA ARG A 615 -41.77 18.33 9.96
C ARG A 615 -41.49 17.47 8.74
N SER A 616 -40.57 16.52 8.89
CA SER A 616 -40.22 15.65 7.80
C SER A 616 -41.08 14.40 7.80
N GLY A 617 -41.39 13.91 6.61
CA GLY A 617 -42.23 12.75 6.44
C GLY A 617 -43.67 13.13 6.13
N ILE A 618 -44.49 12.09 5.99
CA ILE A 618 -45.91 12.26 5.66
C ILE A 618 -46.71 11.89 6.89
N CYS A 619 -47.55 12.82 7.35
CA CYS A 619 -48.26 12.65 8.62
C CYS A 619 -49.33 11.57 8.51
N GLY A 620 -49.81 11.14 9.67
CA GLY A 620 -51.01 10.33 9.74
C GLY A 620 -52.23 11.23 9.77
N ARG A 621 -53.29 10.81 10.50
CA ARG A 621 -54.44 11.62 10.91
C ARG A 621 -55.35 12.02 9.73
N GLU A 622 -54.91 11.73 8.51
CA GLU A 622 -55.71 11.88 7.29
C GLU A 622 -55.71 10.62 6.47
N TYR A 623 -55.03 9.56 6.91
CA TYR A 623 -55.01 8.28 6.23
C TYR A 623 -55.33 7.14 7.18
N GLY A 624 -55.86 7.43 8.37
CA GLY A 624 -56.25 6.42 9.32
C GLY A 624 -55.08 5.74 10.00
N LEU A 625 -54.12 6.52 10.48
CA LEU A 625 -52.93 5.97 11.12
C LEU A 625 -52.60 6.62 12.45
N GLY A 626 -53.37 7.61 12.87
CA GLY A 626 -53.09 8.28 14.12
C GLY A 626 -52.25 9.52 13.92
N ASP A 627 -51.55 9.89 14.99
CA ASP A 627 -50.73 11.10 15.03
C ASP A 627 -49.25 10.78 14.86
N ARG A 628 -48.94 9.83 13.99
CA ARG A 628 -47.56 9.43 13.75
C ARG A 628 -47.11 9.90 12.37
N TRP A 629 -45.82 10.17 12.25
CA TRP A 629 -45.23 10.77 11.05
C TRP A 629 -44.36 9.74 10.34
N PHE A 630 -44.89 9.18 9.25
CA PHE A 630 -44.29 8.04 8.57
C PHE A 630 -43.42 8.48 7.41
N LEU A 631 -42.65 7.51 6.87
CA LEU A 631 -41.76 7.74 5.74
C LEU A 631 -41.64 6.42 4.99
N ARG A 632 -42.25 6.34 3.81
CA ARG A 632 -42.22 5.10 3.05
C ARG A 632 -41.04 5.09 2.07
N VAL A 633 -40.64 3.87 1.70
CA VAL A 633 -39.55 3.65 0.76
C VAL A 633 -39.71 2.27 0.15
N GLU A 634 -39.49 2.15 -1.16
CA GLU A 634 -39.54 0.86 -1.82
C GLU A 634 -38.19 0.53 -2.43
N ASP A 635 -37.85 -0.77 -2.44
CA ASP A 635 -36.56 -1.23 -2.90
C ASP A 635 -36.72 -2.57 -3.62
N ARG A 636 -36.15 -2.65 -4.82
CA ARG A 636 -36.10 -3.93 -5.54
C ARG A 636 -35.16 -4.88 -4.82
N GLN A 637 -35.69 -6.04 -4.43
CA GLN A 637 -34.94 -6.96 -3.58
C GLN A 637 -34.19 -8.02 -4.39
N ASP A 638 -34.91 -8.80 -5.17
CA ASP A 638 -34.32 -9.93 -5.87
C ASP A 638 -33.90 -9.52 -7.28
N ARG B 25 -38.75 22.57 -5.33
CA ARG B 25 -38.37 22.70 -6.72
C ARG B 25 -38.10 21.33 -7.33
N ARG B 26 -39.09 20.81 -8.06
CA ARG B 26 -39.04 19.58 -8.85
C ARG B 26 -38.67 18.40 -7.94
N GLU B 27 -39.35 18.33 -6.78
CA GLU B 27 -39.15 17.20 -5.87
C GLU B 27 -40.49 16.74 -5.32
N SER B 28 -41.59 17.41 -5.69
CA SER B 28 -42.93 17.02 -5.28
C SER B 28 -43.44 15.79 -6.01
N TRP B 29 -42.72 15.30 -7.01
CA TRP B 29 -43.13 14.07 -7.70
C TRP B 29 -42.94 12.86 -6.80
N ALA B 30 -41.91 12.87 -5.96
CA ALA B 30 -41.75 11.81 -4.98
C ALA B 30 -42.59 12.08 -3.74
N GLN B 31 -43.08 13.31 -3.59
CA GLN B 31 -43.96 13.64 -2.47
C GLN B 31 -45.40 13.28 -2.80
N SER B 32 -45.83 13.52 -4.05
CA SER B 32 -47.18 13.15 -4.44
C SER B 32 -47.30 11.66 -4.69
N ARG B 33 -46.17 10.99 -4.93
CA ARG B 33 -46.18 9.53 -5.04
C ARG B 33 -46.47 8.90 -3.68
N ASP B 34 -45.90 9.46 -2.62
CA ASP B 34 -46.05 8.85 -1.30
C ASP B 34 -47.41 9.16 -0.71
N GLU B 35 -48.01 10.28 -1.12
CA GLU B 35 -49.37 10.59 -0.67
C GLU B 35 -50.40 9.75 -1.41
N GLN B 36 -50.09 9.38 -2.65
CA GLN B 36 -51.02 8.58 -3.45
C GLN B 36 -51.00 7.13 -3.00
N ASN B 37 -49.83 6.64 -2.60
CA ASN B 37 -49.73 5.26 -2.12
C ASN B 37 -50.33 5.12 -0.73
N LEU B 38 -50.40 6.22 0.04
CA LEU B 38 -51.11 6.18 1.31
C LEU B 38 -52.60 6.43 1.11
N LEU B 39 -52.97 7.07 0.00
CA LEU B 39 -54.40 7.24 -0.28
C LEU B 39 -55.01 5.93 -0.73
N GLN B 40 -54.19 5.03 -1.28
CA GLN B 40 -54.64 3.68 -1.60
C GLN B 40 -55.00 2.91 -0.34
N GLN B 41 -54.21 3.09 0.72
CA GLN B 41 -54.41 2.31 1.94
C GLN B 41 -55.56 2.88 2.78
N LYS B 42 -55.99 4.10 2.48
CA LYS B 42 -57.14 4.66 3.17
C LYS B 42 -58.44 4.15 2.57
N ARG B 43 -58.54 4.16 1.24
CA ARG B 43 -59.75 3.68 0.58
C ARG B 43 -59.84 2.17 0.60
N ILE B 44 -58.73 1.47 0.88
CA ILE B 44 -58.80 0.03 1.01
C ILE B 44 -59.32 -0.34 2.40
N TRP B 45 -59.29 0.61 3.34
CA TRP B 45 -59.78 0.40 4.69
C TRP B 45 -61.20 0.88 4.91
N GLU B 46 -61.73 1.72 4.00
CA GLU B 46 -63.09 2.22 4.15
C GLU B 46 -64.11 1.26 3.56
N SER B 47 -63.86 0.78 2.35
CA SER B 47 -64.83 -0.08 1.68
C SER B 47 -64.79 -1.49 2.28
N PRO B 48 -65.94 -2.04 2.71
CA PRO B 48 -65.96 -3.44 3.16
C PRO B 48 -65.75 -4.43 2.03
N LEU B 49 -66.05 -4.04 0.79
CA LEU B 49 -65.78 -4.90 -0.35
C LEU B 49 -64.29 -5.03 -0.60
N LEU B 50 -63.58 -3.90 -0.62
CA LEU B 50 -62.17 -3.92 -1.00
C LEU B 50 -61.27 -4.37 0.15
N LEU B 51 -61.72 -4.17 1.40
CA LEU B 51 -60.98 -4.74 2.52
C LEU B 51 -61.16 -6.25 2.59
N ALA B 52 -62.20 -6.77 1.97
CA ALA B 52 -62.41 -8.21 1.82
C ALA B 52 -61.75 -8.73 0.54
N ALA B 53 -60.68 -8.07 0.09
CA ALA B 53 -59.91 -8.55 -1.05
C ALA B 53 -58.42 -8.55 -0.71
N LYS B 54 -58.03 -7.85 0.36
CA LYS B 54 -56.65 -7.94 0.83
C LYS B 54 -56.36 -9.29 1.44
N ASP B 55 -57.05 -9.62 2.54
CA ASP B 55 -57.09 -10.96 3.09
C ASP B 55 -58.44 -11.49 2.64
N ASN B 56 -58.42 -12.62 1.93
CA ASN B 56 -59.45 -13.11 0.99
C ASN B 56 -60.89 -12.98 1.47
N ASP B 57 -61.19 -13.47 2.68
CA ASP B 57 -62.46 -13.29 3.39
C ASP B 57 -63.65 -13.76 2.54
N VAL B 58 -63.62 -15.05 2.22
CA VAL B 58 -64.61 -15.61 1.29
C VAL B 58 -65.97 -15.73 1.94
N GLN B 59 -66.03 -15.68 3.28
CA GLN B 59 -67.30 -15.70 3.98
C GLN B 59 -68.06 -14.39 3.76
N ALA B 60 -67.35 -13.27 3.84
CA ALA B 60 -67.97 -11.96 3.65
C ALA B 60 -67.98 -11.50 2.21
N LEU B 61 -67.04 -11.95 1.37
CA LEU B 61 -67.06 -11.59 -0.03
C LEU B 61 -68.25 -12.23 -0.74
N ASN B 62 -68.68 -13.40 -0.27
CA ASN B 62 -69.96 -13.95 -0.69
C ASN B 62 -71.12 -13.07 -0.21
N LYS B 63 -71.08 -12.63 1.06
CA LYS B 63 -72.19 -11.90 1.64
C LYS B 63 -72.29 -10.48 1.11
N LEU B 64 -71.17 -9.86 0.74
CA LEU B 64 -71.22 -8.51 0.19
C LEU B 64 -71.75 -8.52 -1.25
N LEU B 65 -71.33 -9.49 -2.05
CA LEU B 65 -71.80 -9.62 -3.42
C LEU B 65 -73.16 -10.29 -3.54
N LYS B 66 -73.81 -10.56 -2.41
CA LYS B 66 -75.16 -11.10 -2.37
C LYS B 66 -76.21 -10.02 -2.09
N TYR B 67 -75.79 -8.88 -1.54
CA TYR B 67 -76.71 -7.86 -1.04
C TYR B 67 -77.57 -7.28 -2.16
N GLU B 68 -76.98 -6.45 -3.02
CA GLU B 68 -77.46 -6.40 -4.39
C GLU B 68 -76.30 -6.64 -5.36
N ASP B 69 -75.35 -5.69 -5.38
CA ASP B 69 -74.01 -5.91 -5.90
C ASP B 69 -73.00 -5.17 -5.02
N CYS B 70 -73.52 -4.19 -4.27
CA CYS B 70 -72.81 -3.13 -3.57
C CYS B 70 -71.68 -2.53 -4.41
N LYS B 71 -72.09 -2.01 -5.58
CA LYS B 71 -71.25 -1.23 -6.49
C LYS B 71 -70.00 -1.98 -6.95
N VAL B 72 -70.17 -2.99 -7.80
CA VAL B 72 -69.05 -3.81 -8.27
C VAL B 72 -67.97 -3.05 -9.03
N HIS B 73 -68.26 -1.83 -9.50
CA HIS B 73 -67.29 -1.00 -10.20
C HIS B 73 -66.72 0.12 -9.34
N GLN B 74 -66.48 -0.13 -8.05
CA GLN B 74 -65.87 0.87 -7.16
C GLN B 74 -64.42 1.11 -7.56
N ARG B 75 -64.13 2.34 -7.96
CA ARG B 75 -62.77 2.77 -8.27
C ARG B 75 -62.11 3.29 -7.00
N GLY B 76 -60.94 2.76 -6.67
CA GLY B 76 -60.23 3.18 -5.49
C GLY B 76 -59.44 4.46 -5.67
N ALA B 77 -58.30 4.58 -4.99
CA ALA B 77 -57.50 5.79 -5.11
C ALA B 77 -56.77 5.84 -6.44
N MET B 78 -56.40 4.68 -6.97
CA MET B 78 -55.75 4.61 -8.28
C MET B 78 -56.53 3.64 -9.17
N GLY B 79 -57.61 4.15 -9.77
CA GLY B 79 -58.33 3.56 -10.89
C GLY B 79 -58.69 2.09 -10.88
N GLU B 80 -58.71 1.47 -9.72
CA GLU B 80 -58.68 0.02 -9.61
C GLU B 80 -60.04 -0.56 -9.26
N THR B 81 -60.28 -1.78 -9.71
CA THR B 81 -61.49 -2.51 -9.38
C THR B 81 -61.27 -3.28 -8.07
N ALA B 82 -62.19 -4.17 -7.74
CA ALA B 82 -61.97 -5.08 -6.63
C ALA B 82 -61.18 -6.32 -7.02
N LEU B 83 -60.94 -6.51 -8.32
CA LEU B 83 -60.20 -7.67 -8.79
C LEU B 83 -58.71 -7.38 -8.90
N HIS B 84 -58.34 -6.12 -9.08
CA HIS B 84 -56.95 -5.71 -9.03
C HIS B 84 -56.34 -5.96 -7.66
N ILE B 85 -57.12 -5.78 -6.60
CA ILE B 85 -56.61 -5.96 -5.23
C ILE B 85 -56.37 -7.44 -4.96
N ALA B 86 -57.28 -8.30 -5.39
CA ALA B 86 -57.15 -9.74 -5.16
C ALA B 86 -56.03 -10.36 -5.98
N ALA B 87 -55.63 -9.72 -7.08
CA ALA B 87 -54.47 -10.17 -7.83
C ALA B 87 -53.17 -9.60 -7.30
N LEU B 88 -53.23 -8.47 -6.58
CA LEU B 88 -52.04 -7.80 -6.10
C LEU B 88 -51.55 -8.33 -4.77
N TYR B 89 -52.46 -8.70 -3.86
CA TYR B 89 -52.07 -9.32 -2.60
C TYR B 89 -52.02 -10.83 -2.68
N ASP B 90 -52.05 -11.38 -3.89
CA ASP B 90 -51.94 -12.81 -4.20
C ASP B 90 -53.04 -13.61 -3.50
N ASN B 91 -54.27 -13.25 -3.86
CA ASN B 91 -55.48 -13.90 -3.36
C ASN B 91 -56.13 -14.64 -4.52
N LEU B 92 -55.86 -15.95 -4.60
CA LEU B 92 -56.42 -16.75 -5.69
C LEU B 92 -57.91 -17.00 -5.48
N GLU B 93 -58.30 -17.39 -4.26
CA GLU B 93 -59.68 -17.77 -4.01
C GLU B 93 -60.60 -16.56 -3.94
N ALA B 94 -60.07 -15.40 -3.56
CA ALA B 94 -60.88 -14.19 -3.52
C ALA B 94 -61.18 -13.64 -4.90
N ALA B 95 -60.44 -14.06 -5.92
CA ALA B 95 -60.74 -13.68 -7.30
C ALA B 95 -61.61 -14.69 -8.00
N MET B 96 -61.53 -15.97 -7.63
CA MET B 96 -62.40 -16.99 -8.21
C MET B 96 -63.86 -16.75 -7.86
N VAL B 97 -64.12 -16.38 -6.60
CA VAL B 97 -65.47 -16.00 -6.19
C VAL B 97 -65.86 -14.68 -6.83
N LEU B 98 -64.89 -13.81 -7.07
CA LEU B 98 -65.22 -12.50 -7.64
C LEU B 98 -65.47 -12.58 -9.14
N MET B 99 -64.69 -13.38 -9.88
CA MET B 99 -64.86 -13.46 -11.33
C MET B 99 -66.17 -14.12 -11.72
N GLU B 100 -66.69 -15.02 -10.88
CA GLU B 100 -68.00 -15.59 -11.14
C GLU B 100 -69.10 -14.57 -10.91
N ALA B 101 -68.84 -13.54 -10.10
CA ALA B 101 -69.74 -12.41 -9.94
C ALA B 101 -69.29 -11.19 -10.71
N ALA B 102 -68.15 -11.28 -11.41
CA ALA B 102 -67.69 -10.18 -12.23
C ALA B 102 -68.21 -10.33 -13.66
N PRO B 103 -68.99 -9.39 -14.16
CA PRO B 103 -69.46 -9.48 -15.54
C PRO B 103 -68.36 -9.25 -16.57
N GLU B 104 -67.57 -8.19 -16.45
CA GLU B 104 -66.47 -7.94 -17.37
C GLU B 104 -65.22 -7.36 -16.69
N LEU B 105 -65.05 -7.60 -15.38
CA LEU B 105 -63.97 -6.94 -14.64
C LEU B 105 -62.58 -7.44 -14.99
N VAL B 106 -62.45 -8.43 -15.87
CA VAL B 106 -61.14 -8.79 -16.41
C VAL B 106 -60.69 -7.73 -17.42
N PHE B 107 -61.64 -7.02 -18.03
CA PHE B 107 -61.34 -6.17 -19.18
C PHE B 107 -60.79 -4.81 -18.76
N GLU B 108 -61.33 -4.23 -17.69
CA GLU B 108 -61.03 -2.85 -17.36
C GLU B 108 -59.62 -2.71 -16.81
N PRO B 109 -58.83 -1.77 -17.33
CA PRO B 109 -57.52 -1.49 -16.73
C PRO B 109 -57.62 -0.49 -15.60
N MET B 110 -56.49 -0.14 -15.01
CA MET B 110 -56.45 1.00 -14.10
C MET B 110 -56.50 2.28 -14.90
N THR B 111 -57.21 3.28 -14.38
CA THR B 111 -57.41 4.53 -15.11
C THR B 111 -56.72 5.69 -14.42
N SER B 112 -55.49 5.46 -13.98
CA SER B 112 -54.74 6.43 -13.22
C SER B 112 -53.86 7.26 -14.15
N GLU B 113 -52.97 8.05 -13.55
CA GLU B 113 -51.82 8.60 -14.22
C GLU B 113 -50.53 7.88 -13.86
N LEU B 114 -50.40 7.45 -12.61
CA LEU B 114 -49.23 6.72 -12.16
C LEU B 114 -49.24 5.32 -12.74
N TYR B 115 -50.25 4.53 -12.41
CA TYR B 115 -50.44 3.19 -12.99
C TYR B 115 -51.56 3.28 -14.01
N GLU B 116 -51.22 3.65 -15.24
CA GLU B 116 -52.23 3.81 -16.29
C GLU B 116 -52.21 2.61 -17.22
N GLY B 117 -53.41 2.10 -17.52
CA GLY B 117 -53.56 1.03 -18.49
C GLY B 117 -53.15 -0.34 -18.01
N GLN B 118 -52.88 -0.52 -16.73
CA GLN B 118 -52.44 -1.81 -16.20
C GLN B 118 -53.67 -2.66 -15.91
N THR B 119 -53.94 -3.63 -16.79
CA THR B 119 -55.02 -4.57 -16.55
C THR B 119 -54.64 -5.56 -15.45
N ALA B 120 -55.60 -6.39 -15.06
CA ALA B 120 -55.35 -7.38 -14.02
C ALA B 120 -54.50 -8.54 -14.51
N LEU B 121 -54.33 -8.70 -15.82
CA LEU B 121 -53.43 -9.71 -16.34
C LEU B 121 -51.98 -9.39 -16.04
N HIS B 122 -51.63 -8.09 -16.03
CA HIS B 122 -50.26 -7.67 -15.73
C HIS B 122 -49.86 -8.04 -14.31
N ILE B 123 -50.77 -7.87 -13.36
CA ILE B 123 -50.42 -8.05 -11.95
C ILE B 123 -50.27 -9.53 -11.62
N ALA B 124 -51.09 -10.38 -12.25
CA ALA B 124 -51.03 -11.81 -11.98
C ALA B 124 -49.80 -12.48 -12.59
N VAL B 125 -49.18 -11.84 -13.56
CA VAL B 125 -47.96 -12.37 -14.18
C VAL B 125 -46.73 -12.08 -13.34
N VAL B 126 -46.61 -10.84 -12.83
CA VAL B 126 -45.41 -10.40 -12.13
C VAL B 126 -45.22 -11.16 -10.81
N ASN B 127 -46.31 -11.52 -10.14
CA ASN B 127 -46.24 -12.26 -8.89
C ASN B 127 -46.05 -13.77 -9.07
N GLN B 128 -45.82 -14.23 -10.31
CA GLN B 128 -45.67 -15.65 -10.67
C GLN B 128 -46.87 -16.49 -10.24
N ASN B 129 -48.07 -15.91 -10.29
CA ASN B 129 -49.28 -16.62 -9.90
C ASN B 129 -49.73 -17.41 -11.12
N MET B 130 -49.37 -18.70 -11.14
CA MET B 130 -49.61 -19.52 -12.33
C MET B 130 -51.07 -19.94 -12.43
N ASN B 131 -51.75 -20.05 -11.30
CA ASN B 131 -53.13 -20.51 -11.32
C ASN B 131 -54.08 -19.39 -11.71
N LEU B 132 -53.67 -18.14 -11.49
CA LEU B 132 -54.56 -17.03 -11.80
C LEU B 132 -54.43 -16.60 -13.25
N VAL B 133 -53.24 -16.76 -13.84
CA VAL B 133 -53.06 -16.40 -15.25
C VAL B 133 -53.74 -17.41 -16.16
N ARG B 134 -53.97 -18.63 -15.66
CA ARG B 134 -54.77 -19.60 -16.40
C ARG B 134 -56.25 -19.21 -16.34
N ALA B 135 -56.64 -18.51 -15.28
CA ALA B 135 -58.04 -18.12 -15.12
C ALA B 135 -58.40 -16.94 -16.02
N LEU B 136 -57.58 -15.89 -16.01
CA LEU B 136 -57.92 -14.68 -16.75
C LEU B 136 -57.82 -14.90 -18.26
N LEU B 137 -56.93 -15.79 -18.70
CA LEU B 137 -56.86 -16.13 -20.11
C LEU B 137 -58.07 -16.96 -20.53
N ALA B 138 -58.64 -17.70 -19.59
CA ALA B 138 -59.82 -18.50 -19.90
C ALA B 138 -61.06 -17.64 -20.09
N ARG B 139 -61.08 -16.46 -19.46
CA ARG B 139 -62.18 -15.53 -19.64
C ARG B 139 -61.84 -14.44 -20.64
N ARG B 140 -60.94 -14.77 -21.58
CA ARG B 140 -60.63 -13.96 -22.77
C ARG B 140 -60.07 -12.59 -22.43
N ALA B 141 -58.92 -12.58 -21.77
CA ALA B 141 -58.21 -11.34 -21.48
C ALA B 141 -57.35 -10.94 -22.66
N SER B 142 -57.26 -9.64 -22.91
CA SER B 142 -56.45 -9.13 -24.00
C SER B 142 -54.98 -9.09 -23.59
N VAL B 143 -54.13 -9.74 -24.37
CA VAL B 143 -52.71 -9.85 -24.06
C VAL B 143 -51.89 -8.74 -24.71
N SER B 144 -52.53 -7.81 -25.39
CA SER B 144 -51.85 -6.67 -25.99
C SER B 144 -52.18 -5.38 -25.25
N ALA B 145 -52.34 -5.47 -23.93
CA ALA B 145 -52.75 -4.32 -23.12
C ALA B 145 -51.58 -3.36 -22.94
N ARG B 146 -51.67 -2.20 -23.57
CA ARG B 146 -50.62 -1.18 -23.48
C ARG B 146 -50.63 -0.53 -22.11
N ALA B 147 -49.76 -0.99 -21.21
CA ALA B 147 -49.67 -0.43 -19.87
C ALA B 147 -48.89 0.89 -19.85
N THR B 148 -49.41 1.91 -20.52
CA THR B 148 -48.68 3.14 -20.75
C THR B 148 -48.75 4.13 -19.59
N GLY B 149 -48.39 3.67 -18.39
CA GLY B 149 -48.33 4.52 -17.23
C GLY B 149 -47.03 5.28 -17.14
N THR B 150 -46.85 5.99 -16.02
CA THR B 150 -45.60 6.66 -15.75
C THR B 150 -44.78 5.96 -14.69
N ALA B 151 -45.31 4.91 -14.07
CA ALA B 151 -44.54 4.08 -13.15
C ALA B 151 -43.92 2.89 -13.85
N PHE B 152 -44.02 2.82 -15.18
CA PHE B 152 -43.39 1.76 -15.95
C PHE B 152 -42.38 2.26 -16.97
N ARG B 153 -42.24 3.57 -17.14
CA ARG B 153 -41.32 4.11 -18.13
C ARG B 153 -39.89 4.02 -17.63
N ARG B 154 -38.94 4.09 -18.56
CA ARG B 154 -37.53 4.01 -18.21
C ARG B 154 -37.10 5.34 -17.62
N SER B 155 -36.77 5.33 -16.32
CA SER B 155 -36.46 6.54 -15.58
C SER B 155 -35.63 6.15 -14.37
N PRO B 156 -34.79 7.05 -13.82
CA PRO B 156 -34.11 6.72 -12.56
C PRO B 156 -35.03 6.77 -11.35
N CYS B 157 -36.20 7.38 -11.51
CA CYS B 157 -37.18 7.38 -10.42
C CYS B 157 -37.78 6.00 -10.22
N ASN B 158 -38.13 5.31 -11.31
CA ASN B 158 -38.73 3.99 -11.23
C ASN B 158 -37.64 2.93 -11.10
N LEU B 159 -37.82 2.01 -10.15
CA LEU B 159 -36.84 0.95 -9.93
C LEU B 159 -37.01 -0.23 -10.87
N ILE B 160 -38.05 -0.25 -11.70
CA ILE B 160 -38.30 -1.34 -12.63
C ILE B 160 -38.49 -0.76 -14.03
N TYR B 161 -37.96 -1.46 -15.03
CA TYR B 161 -38.29 -1.20 -16.42
C TYR B 161 -38.68 -2.55 -17.01
N PHE B 162 -39.98 -2.83 -16.95
CA PHE B 162 -40.51 -4.10 -17.42
C PHE B 162 -41.05 -4.02 -18.85
N GLY B 163 -41.61 -2.89 -19.26
CA GLY B 163 -42.14 -2.74 -20.60
C GLY B 163 -43.58 -2.27 -20.56
N GLU B 164 -44.39 -2.83 -21.46
CA GLU B 164 -45.81 -2.52 -21.53
C GLU B 164 -46.70 -3.76 -21.59
N HIS B 165 -46.20 -4.86 -22.12
CA HIS B 165 -47.01 -6.03 -22.43
C HIS B 165 -46.82 -7.14 -21.40
N PRO B 166 -47.80 -8.04 -21.25
CA PRO B 166 -47.62 -9.17 -20.33
C PRO B 166 -46.55 -10.15 -20.77
N LEU B 167 -46.27 -10.24 -22.07
CA LEU B 167 -45.11 -11.01 -22.52
C LEU B 167 -43.83 -10.33 -22.12
N SER B 168 -43.82 -8.99 -22.12
CA SER B 168 -42.66 -8.26 -21.64
C SER B 168 -42.54 -8.34 -20.13
N PHE B 169 -43.65 -8.45 -19.41
CA PHE B 169 -43.56 -8.56 -17.95
C PHE B 169 -43.10 -9.95 -17.54
N ALA B 170 -43.53 -10.98 -18.28
CA ALA B 170 -43.13 -12.34 -17.96
C ALA B 170 -41.68 -12.61 -18.28
N ALA B 171 -41.09 -11.88 -19.22
CA ALA B 171 -39.70 -12.11 -19.59
C ALA B 171 -38.74 -11.54 -18.56
N CYS B 172 -39.09 -10.43 -17.93
CA CYS B 172 -38.15 -9.75 -17.04
C CYS B 172 -38.08 -10.41 -15.67
N VAL B 173 -39.12 -11.13 -15.26
CA VAL B 173 -39.17 -11.72 -13.93
C VAL B 173 -38.61 -13.14 -13.96
N ASN B 174 -38.16 -13.58 -15.14
CA ASN B 174 -37.65 -14.92 -15.42
C ASN B 174 -38.67 -16.00 -15.02
N SER B 175 -39.78 -16.00 -15.75
CA SER B 175 -40.76 -17.08 -15.62
C SER B 175 -40.91 -17.73 -16.98
N GLU B 176 -40.44 -18.97 -17.09
CA GLU B 176 -40.51 -19.73 -18.33
C GLU B 176 -41.85 -20.42 -18.55
N GLU B 177 -42.80 -20.25 -17.63
CA GLU B 177 -44.10 -20.88 -17.72
C GLU B 177 -45.13 -20.01 -18.42
N ILE B 178 -45.22 -18.74 -18.04
CA ILE B 178 -46.22 -17.83 -18.62
C ILE B 178 -45.82 -17.44 -20.04
N VAL B 179 -44.52 -17.46 -20.34
CA VAL B 179 -44.03 -17.12 -21.68
C VAL B 179 -44.49 -18.15 -22.72
N ARG B 180 -44.41 -19.44 -22.38
CA ARG B 180 -45.07 -20.44 -23.21
C ARG B 180 -46.59 -20.28 -23.20
N LEU B 181 -47.17 -19.85 -22.08
CA LEU B 181 -48.62 -19.75 -21.97
C LEU B 181 -49.20 -18.60 -22.77
N LEU B 182 -48.48 -17.48 -22.90
CA LEU B 182 -49.02 -16.33 -23.61
C LEU B 182 -48.89 -16.45 -25.12
N ILE B 183 -47.80 -17.06 -25.61
CA ILE B 183 -47.62 -17.23 -27.05
C ILE B 183 -48.64 -18.19 -27.62
N GLU B 184 -49.03 -19.21 -26.85
CA GLU B 184 -50.10 -20.12 -27.28
C GLU B 184 -51.44 -19.41 -27.36
N HIS B 185 -51.65 -18.39 -26.52
CA HIS B 185 -52.89 -17.61 -26.56
C HIS B 185 -52.75 -16.34 -27.39
N GLY B 186 -51.72 -16.25 -28.22
CA GLY B 186 -51.65 -15.21 -29.22
C GLY B 186 -50.95 -13.94 -28.81
N ALA B 187 -49.96 -14.01 -27.92
CA ALA B 187 -49.20 -12.81 -27.58
C ALA B 187 -48.24 -12.47 -28.71
N ASP B 188 -48.16 -11.18 -29.03
CA ASP B 188 -47.28 -10.75 -30.11
C ASP B 188 -45.84 -10.72 -29.63
N ILE B 189 -44.97 -11.39 -30.39
CA ILE B 189 -43.55 -11.46 -30.09
C ILE B 189 -42.80 -10.23 -30.57
N ARG B 190 -43.41 -9.41 -31.42
CA ARG B 190 -42.73 -8.26 -32.03
C ARG B 190 -43.33 -6.94 -31.57
N ALA B 191 -43.97 -6.91 -30.41
CA ALA B 191 -44.58 -5.68 -29.93
C ALA B 191 -43.51 -4.72 -29.40
N GLN B 192 -43.82 -3.44 -29.46
CA GLN B 192 -42.90 -2.38 -29.08
C GLN B 192 -43.56 -1.45 -28.08
N ASP B 193 -42.76 -0.91 -27.17
CA ASP B 193 -43.26 0.01 -26.15
C ASP B 193 -43.14 1.45 -26.67
N SER B 194 -43.26 2.42 -25.75
CA SER B 194 -43.17 3.83 -26.13
C SER B 194 -41.77 4.21 -26.59
N LEU B 195 -40.75 3.56 -26.05
CA LEU B 195 -39.37 3.81 -26.48
C LEU B 195 -38.95 2.95 -27.65
N GLY B 196 -39.87 2.21 -28.26
CA GLY B 196 -39.59 1.41 -29.42
C GLY B 196 -38.90 0.10 -29.15
N ASN B 197 -38.67 -0.26 -27.89
CA ASN B 197 -37.94 -1.47 -27.56
C ASN B 197 -38.81 -2.69 -27.80
N THR B 198 -38.34 -3.58 -28.67
CA THR B 198 -38.96 -4.89 -28.75
C THR B 198 -38.60 -5.72 -27.52
N VAL B 199 -39.27 -6.86 -27.39
CA VAL B 199 -39.20 -7.68 -26.17
C VAL B 199 -37.81 -8.27 -25.91
N LEU B 200 -36.93 -8.26 -26.92
CA LEU B 200 -35.54 -8.64 -26.71
C LEU B 200 -34.66 -7.49 -26.26
N HIS B 201 -35.12 -6.25 -26.41
CA HIS B 201 -34.33 -5.11 -25.94
C HIS B 201 -34.42 -4.92 -24.44
N ILE B 202 -35.57 -5.23 -23.83
CA ILE B 202 -35.72 -5.00 -22.40
C ILE B 202 -34.90 -6.01 -21.61
N LEU B 203 -34.72 -7.22 -22.14
CA LEU B 203 -33.91 -8.25 -21.49
C LEU B 203 -32.45 -7.86 -21.35
N ILE B 204 -31.96 -6.95 -22.20
CA ILE B 204 -30.61 -6.43 -22.07
C ILE B 204 -30.54 -5.38 -20.97
N LEU B 205 -31.67 -4.75 -20.63
CA LEU B 205 -31.72 -3.74 -19.58
C LEU B 205 -32.15 -4.31 -18.23
N GLN B 206 -31.78 -5.55 -17.92
CA GLN B 206 -32.14 -6.18 -16.67
C GLN B 206 -30.90 -6.44 -15.82
N PRO B 207 -31.02 -6.41 -14.49
CA PRO B 207 -29.82 -6.61 -13.66
C PRO B 207 -29.35 -8.05 -13.61
N ASN B 208 -30.25 -9.03 -13.68
CA ASN B 208 -29.86 -10.43 -13.59
C ASN B 208 -29.52 -10.91 -14.99
N LYS B 209 -28.23 -10.78 -15.33
CA LYS B 209 -27.79 -10.95 -16.71
C LYS B 209 -27.73 -12.42 -17.12
N THR B 210 -27.52 -13.31 -16.14
CA THR B 210 -27.44 -14.73 -16.44
C THR B 210 -28.80 -15.28 -16.80
N PHE B 211 -29.85 -14.85 -16.08
CA PHE B 211 -31.19 -15.32 -16.37
C PHE B 211 -31.76 -14.69 -17.63
N ALA B 212 -31.18 -13.58 -18.07
CA ALA B 212 -31.65 -12.91 -19.28
C ALA B 212 -31.09 -13.57 -20.53
N CYS B 213 -30.07 -14.43 -20.37
CA CYS B 213 -29.52 -15.14 -21.51
C CYS B 213 -30.45 -16.27 -21.94
N GLN B 214 -31.03 -16.97 -20.97
CA GLN B 214 -31.95 -18.06 -21.28
C GLN B 214 -33.25 -17.53 -21.88
N MET B 215 -33.67 -16.34 -21.44
CA MET B 215 -34.90 -15.77 -21.97
C MET B 215 -34.66 -15.17 -23.35
N TYR B 216 -33.40 -14.88 -23.68
CA TYR B 216 -33.09 -14.42 -25.02
C TYR B 216 -33.21 -15.56 -26.03
N ASN B 217 -32.87 -16.78 -25.60
CA ASN B 217 -32.98 -17.93 -26.49
C ASN B 217 -34.43 -18.38 -26.64
N LEU B 218 -35.18 -18.34 -25.55
CA LEU B 218 -36.53 -18.89 -25.55
C LEU B 218 -37.49 -17.99 -26.32
N LEU B 219 -37.27 -16.67 -26.27
CA LEU B 219 -38.14 -15.74 -26.99
C LEU B 219 -37.77 -15.68 -28.47
N LEU B 220 -36.50 -15.92 -28.79
CA LEU B 220 -36.09 -15.95 -30.19
C LEU B 220 -36.38 -17.30 -30.82
N SER B 221 -36.67 -18.32 -30.00
CA SER B 221 -37.07 -19.62 -30.53
C SER B 221 -38.45 -19.55 -31.17
N TYR B 222 -39.29 -18.61 -30.72
CA TYR B 222 -40.59 -18.40 -31.34
C TYR B 222 -40.50 -17.38 -32.45
N ASP B 223 -39.56 -17.57 -33.38
CA ASP B 223 -39.38 -16.68 -34.52
C ASP B 223 -39.31 -17.57 -35.76
N ARG B 224 -40.47 -17.87 -36.33
CA ARG B 224 -40.56 -18.58 -37.60
C ARG B 224 -40.58 -17.53 -38.69
N HIS B 225 -39.48 -17.44 -39.42
CA HIS B 225 -39.27 -16.37 -40.41
C HIS B 225 -40.12 -16.63 -41.65
N GLY B 226 -41.22 -15.90 -41.78
CA GLY B 226 -42.21 -16.16 -42.82
C GLY B 226 -42.27 -15.06 -43.85
N ASP B 227 -41.09 -14.58 -44.29
CA ASP B 227 -40.87 -13.50 -45.25
C ASP B 227 -41.38 -12.19 -44.65
N HIS B 228 -41.40 -12.11 -43.33
CA HIS B 228 -41.51 -10.86 -42.59
C HIS B 228 -40.17 -10.13 -42.68
N LEU B 229 -40.15 -8.88 -42.19
CA LEU B 229 -38.91 -8.13 -42.09
C LEU B 229 -37.98 -8.71 -41.02
N GLN B 230 -36.86 -8.02 -40.79
CA GLN B 230 -35.64 -8.52 -40.12
C GLN B 230 -35.91 -9.32 -38.84
N PRO B 231 -35.25 -10.48 -38.71
CA PRO B 231 -35.77 -11.53 -37.79
C PRO B 231 -35.53 -11.30 -36.30
N LEU B 232 -36.10 -10.21 -35.77
CA LEU B 232 -36.36 -9.96 -34.35
C LEU B 232 -35.10 -9.67 -33.53
N ASP B 233 -33.92 -9.89 -34.09
CA ASP B 233 -32.68 -9.44 -33.46
C ASP B 233 -32.02 -8.33 -34.25
N LEU B 234 -32.73 -7.83 -35.26
CA LEU B 234 -32.21 -6.73 -36.06
C LEU B 234 -33.20 -5.56 -36.11
N VAL B 235 -34.27 -5.59 -35.32
CA VAL B 235 -35.30 -4.56 -35.36
C VAL B 235 -34.81 -3.37 -34.52
N PRO B 236 -34.69 -2.19 -35.10
CA PRO B 236 -34.11 -1.07 -34.36
C PRO B 236 -35.12 -0.39 -33.44
N ASN B 237 -34.58 0.43 -32.53
CA ASN B 237 -35.38 1.26 -31.64
C ASN B 237 -35.71 2.57 -32.34
N HIS B 238 -36.19 3.56 -31.59
CA HIS B 238 -36.30 4.91 -32.13
C HIS B 238 -34.94 5.59 -32.26
N GLN B 239 -33.93 5.12 -31.55
CA GLN B 239 -32.58 5.61 -31.76
C GLN B 239 -31.92 4.94 -32.95
N GLY B 240 -32.25 3.67 -33.19
CA GLY B 240 -31.73 2.91 -34.32
C GLY B 240 -30.89 1.72 -33.90
N LEU B 241 -30.89 1.38 -32.62
CA LEU B 241 -30.02 0.33 -32.12
C LEU B 241 -30.69 -1.03 -32.22
N THR B 242 -29.94 -2.03 -32.69
CA THR B 242 -30.35 -3.42 -32.69
C THR B 242 -30.11 -3.98 -31.29
N PRO B 243 -30.60 -5.18 -30.94
CA PRO B 243 -30.23 -5.76 -29.64
C PRO B 243 -28.75 -6.06 -29.48
N PHE B 244 -28.03 -6.30 -30.58
CA PHE B 244 -26.59 -6.46 -30.47
C PHE B 244 -25.91 -5.15 -30.15
N LYS B 245 -26.34 -4.07 -30.82
CA LYS B 245 -25.72 -2.77 -30.60
C LYS B 245 -26.17 -2.16 -29.27
N LEU B 246 -27.34 -2.55 -28.77
CA LEU B 246 -27.77 -2.07 -27.46
C LEU B 246 -26.98 -2.73 -26.35
N ALA B 247 -26.53 -3.96 -26.56
CA ALA B 247 -25.70 -4.63 -25.56
C ALA B 247 -24.29 -4.06 -25.54
N GLY B 248 -23.88 -3.34 -26.57
CA GLY B 248 -22.59 -2.69 -26.58
C GLY B 248 -22.61 -1.34 -25.88
N VAL B 249 -23.67 -0.57 -26.09
CA VAL B 249 -23.77 0.75 -25.48
C VAL B 249 -23.99 0.65 -23.98
N GLU B 250 -24.85 -0.26 -23.55
CA GLU B 250 -25.23 -0.39 -22.14
C GLU B 250 -24.19 -1.10 -21.30
N GLY B 251 -23.05 -1.49 -21.86
CA GLY B 251 -22.01 -2.14 -21.09
C GLY B 251 -22.33 -3.55 -20.68
N ASN B 252 -23.24 -4.22 -21.37
CA ASN B 252 -23.71 -5.53 -20.98
C ASN B 252 -22.82 -6.57 -21.64
N THR B 253 -21.81 -7.05 -20.90
CA THR B 253 -20.83 -7.98 -21.45
C THR B 253 -21.34 -9.41 -21.49
N VAL B 254 -22.25 -9.78 -20.59
CA VAL B 254 -22.76 -11.15 -20.57
C VAL B 254 -23.73 -11.36 -21.74
N MET B 255 -24.49 -10.33 -22.09
CA MET B 255 -25.33 -10.36 -23.28
C MET B 255 -24.58 -9.93 -24.54
N PHE B 256 -23.25 -9.95 -24.51
CA PHE B 256 -22.41 -9.73 -25.67
C PHE B 256 -21.64 -10.97 -26.07
N GLN B 257 -21.11 -11.71 -25.09
CA GLN B 257 -20.48 -12.99 -25.38
C GLN B 257 -21.51 -14.01 -25.85
N HIS B 258 -22.73 -13.95 -25.31
CA HIS B 258 -23.76 -14.89 -25.70
C HIS B 258 -24.33 -14.55 -27.07
N LEU B 259 -24.42 -13.26 -27.41
CA LEU B 259 -24.95 -12.86 -28.71
C LEU B 259 -23.91 -12.90 -29.82
N MET B 260 -22.64 -13.15 -29.49
CA MET B 260 -21.63 -13.19 -30.54
C MET B 260 -21.54 -14.57 -31.16
N GLN B 261 -22.01 -15.59 -30.45
CA GLN B 261 -21.89 -16.99 -30.88
C GLN B 261 -22.77 -17.31 -32.09
N LYS B 262 -23.72 -16.42 -32.40
CA LYS B 262 -24.44 -16.54 -33.65
C LYS B 262 -23.59 -16.11 -34.85
N ARG B 263 -22.54 -15.33 -34.61
CA ARG B 263 -21.82 -14.69 -35.71
C ARG B 263 -20.50 -15.35 -36.05
N LYS B 264 -19.92 -16.16 -35.18
CA LYS B 264 -18.65 -16.80 -35.50
C LYS B 264 -18.88 -18.12 -36.23
N HIS B 265 -18.05 -18.36 -37.24
CA HIS B 265 -18.08 -19.59 -38.04
C HIS B 265 -16.76 -20.30 -37.83
N THR B 266 -16.77 -21.35 -37.01
CA THR B 266 -15.53 -22.04 -36.70
C THR B 266 -15.08 -22.91 -37.87
N GLN B 267 -13.84 -22.71 -38.29
CA GLN B 267 -13.18 -23.51 -39.32
C GLN B 267 -12.54 -24.72 -38.65
N TRP B 268 -11.53 -25.30 -39.32
CA TRP B 268 -10.79 -26.46 -38.84
C TRP B 268 -10.28 -26.28 -37.42
N THR B 269 -10.28 -27.38 -36.68
CA THR B 269 -9.61 -27.49 -35.39
C THR B 269 -8.55 -28.59 -35.51
N TYR B 270 -7.36 -28.31 -34.98
CA TYR B 270 -6.16 -29.13 -35.22
C TYR B 270 -5.48 -29.36 -33.89
N GLY B 271 -5.92 -30.39 -33.18
CA GLY B 271 -5.46 -30.65 -31.84
C GLY B 271 -5.90 -29.55 -30.89
N PRO B 272 -4.94 -28.75 -30.40
CA PRO B 272 -5.30 -27.61 -29.56
C PRO B 272 -5.65 -26.36 -30.35
N LEU B 273 -5.21 -26.25 -31.60
CA LEU B 273 -5.52 -25.07 -32.39
C LEU B 273 -6.99 -25.06 -32.84
N THR B 274 -7.54 -23.86 -32.97
CA THR B 274 -8.94 -23.68 -33.39
C THR B 274 -9.01 -22.39 -34.17
N SER B 275 -9.26 -22.47 -35.47
CA SER B 275 -9.23 -21.31 -36.35
C SER B 275 -10.64 -20.75 -36.52
N THR B 276 -11.11 -20.05 -35.48
CA THR B 276 -12.44 -19.46 -35.55
C THR B 276 -12.42 -18.23 -36.46
N LEU B 277 -13.61 -17.74 -36.78
CA LEU B 277 -13.75 -16.68 -37.77
C LEU B 277 -14.99 -15.87 -37.49
N TYR B 278 -14.81 -14.59 -37.18
CA TYR B 278 -15.88 -13.71 -36.72
C TYR B 278 -16.49 -12.94 -37.89
N ASP B 279 -17.73 -12.49 -37.69
CA ASP B 279 -18.51 -11.98 -38.81
C ASP B 279 -18.15 -10.54 -39.13
N LEU B 280 -18.16 -9.67 -38.12
CA LEU B 280 -17.69 -8.28 -38.19
C LEU B 280 -18.48 -7.47 -39.23
N THR B 281 -19.78 -7.34 -38.98
CA THR B 281 -20.64 -6.54 -39.82
C THR B 281 -21.22 -5.35 -39.07
N GLU B 282 -21.81 -5.59 -37.90
CA GLU B 282 -22.33 -4.51 -37.07
C GLU B 282 -21.26 -3.88 -36.18
N ILE B 283 -20.02 -4.36 -36.27
CA ILE B 283 -18.93 -3.79 -35.47
C ILE B 283 -18.19 -2.72 -36.25
N ASP B 284 -17.71 -3.04 -37.44
CA ASP B 284 -16.90 -2.14 -38.24
C ASP B 284 -17.79 -1.14 -38.97
N SER B 285 -17.25 0.07 -39.18
CA SER B 285 -18.03 1.16 -39.76
C SER B 285 -18.26 0.92 -41.25
N SER B 286 -19.50 0.58 -41.60
CA SER B 286 -19.91 0.40 -42.99
C SER B 286 -20.37 1.74 -43.57
N GLY B 287 -21.08 1.69 -44.69
CA GLY B 287 -21.64 2.90 -45.26
C GLY B 287 -22.70 3.55 -44.38
N ASP B 288 -23.29 2.77 -43.48
CA ASP B 288 -24.12 3.25 -42.37
C ASP B 288 -23.34 4.25 -41.52
N GLU B 289 -24.04 5.25 -40.99
CA GLU B 289 -23.37 6.40 -40.37
C GLU B 289 -22.74 6.03 -39.04
N GLN B 290 -23.26 5.02 -38.36
CA GLN B 290 -22.76 4.66 -37.06
C GLN B 290 -22.23 3.22 -37.05
N SER B 291 -21.36 2.95 -36.08
CA SER B 291 -20.78 1.63 -35.89
C SER B 291 -20.87 1.29 -34.41
N LEU B 292 -20.39 0.10 -34.06
CA LEU B 292 -20.33 -0.26 -32.66
C LEU B 292 -19.21 0.49 -31.95
N LEU B 293 -18.09 0.71 -32.64
CA LEU B 293 -16.94 1.39 -32.04
C LEU B 293 -17.20 2.87 -31.80
N GLU B 294 -18.07 3.50 -32.59
CA GLU B 294 -18.44 4.88 -32.35
C GLU B 294 -19.39 5.03 -31.18
N LEU B 295 -20.24 4.03 -30.93
CA LEU B 295 -21.23 4.13 -29.86
C LEU B 295 -20.61 3.84 -28.50
N ILE B 296 -19.59 2.98 -28.47
CA ILE B 296 -18.92 2.66 -27.21
C ILE B 296 -18.13 3.87 -26.70
N ILE B 297 -17.43 4.55 -27.59
CA ILE B 297 -16.51 5.59 -27.15
C ILE B 297 -17.20 6.93 -26.90
N THR B 298 -18.41 7.14 -27.42
CA THR B 298 -19.09 8.42 -27.25
C THR B 298 -20.23 8.37 -26.26
N THR B 299 -20.51 7.22 -25.66
CA THR B 299 -21.58 7.17 -24.67
C THR B 299 -21.07 7.67 -23.33
N LYS B 300 -22.01 8.01 -22.45
CA LYS B 300 -21.69 8.58 -21.15
C LYS B 300 -21.49 7.54 -20.06
N LYS B 301 -21.33 6.28 -20.42
CA LYS B 301 -21.14 5.23 -19.43
C LYS B 301 -19.66 4.86 -19.31
N ARG B 302 -19.34 4.22 -18.18
CA ARG B 302 -18.00 3.74 -17.90
C ARG B 302 -17.87 2.24 -18.10
N GLU B 303 -18.95 1.49 -17.86
CA GLU B 303 -18.95 0.04 -18.07
C GLU B 303 -19.03 -0.33 -19.54
N ALA B 304 -19.31 0.63 -20.43
CA ALA B 304 -19.32 0.36 -21.85
C ALA B 304 -17.91 0.16 -22.39
N ARG B 305 -16.90 0.71 -21.71
CA ARG B 305 -15.53 0.51 -22.17
C ARG B 305 -14.98 -0.85 -21.77
N GLN B 306 -15.69 -1.60 -20.92
CA GLN B 306 -15.27 -2.95 -20.57
C GLN B 306 -15.47 -3.92 -21.71
N ILE B 307 -16.37 -3.60 -22.65
CA ILE B 307 -16.69 -4.50 -23.76
C ILE B 307 -15.67 -4.40 -24.87
N LEU B 308 -14.74 -3.45 -24.76
CA LEU B 308 -13.73 -3.18 -25.77
C LEU B 308 -12.49 -4.03 -25.57
N ASP B 309 -12.63 -5.15 -24.85
CA ASP B 309 -11.57 -6.09 -24.58
C ASP B 309 -11.92 -7.48 -25.13
N GLN B 310 -13.15 -7.68 -25.58
CA GLN B 310 -13.64 -8.96 -26.05
C GLN B 310 -12.95 -9.35 -27.36
N THR B 311 -12.94 -10.66 -27.63
CA THR B 311 -12.22 -11.24 -28.76
C THR B 311 -12.63 -10.86 -30.20
N PRO B 312 -13.84 -10.32 -30.52
CA PRO B 312 -13.99 -9.79 -31.89
C PRO B 312 -13.39 -8.40 -32.03
N VAL B 313 -13.40 -7.63 -30.95
CA VAL B 313 -13.11 -6.20 -31.01
C VAL B 313 -11.65 -5.91 -30.70
N LYS B 314 -11.07 -6.60 -29.71
CA LYS B 314 -9.69 -6.34 -29.30
C LYS B 314 -8.70 -6.69 -30.40
N GLU B 315 -8.97 -7.73 -31.18
CA GLU B 315 -8.17 -8.03 -32.35
C GLU B 315 -8.51 -7.16 -33.55
N LEU B 316 -9.53 -6.30 -33.46
CA LEU B 316 -9.85 -5.41 -34.56
C LEU B 316 -9.16 -4.06 -34.42
N VAL B 317 -9.31 -3.39 -33.28
CA VAL B 317 -8.69 -2.09 -33.09
C VAL B 317 -7.20 -2.17 -32.90
N SER B 318 -6.65 -3.34 -32.60
CA SER B 318 -5.21 -3.53 -32.57
C SER B 318 -4.68 -4.06 -33.89
N LEU B 319 -5.54 -4.26 -34.88
CA LEU B 319 -5.12 -4.51 -36.24
C LEU B 319 -5.40 -3.30 -37.13
N LYS B 320 -6.30 -2.43 -36.71
CA LYS B 320 -6.59 -1.18 -37.38
C LYS B 320 -5.62 -0.08 -36.98
N TRP B 321 -4.81 -0.30 -35.95
CA TRP B 321 -3.86 0.67 -35.44
C TRP B 321 -2.41 0.34 -35.77
N LYS B 322 -2.02 -0.94 -35.73
CA LYS B 322 -0.65 -1.30 -36.07
C LYS B 322 -0.35 -1.02 -37.53
N ARG B 323 -1.29 -1.31 -38.41
CA ARG B 323 -1.23 -0.85 -39.77
C ARG B 323 -2.32 0.19 -39.98
N TYR B 324 -2.02 1.15 -40.86
CA TYR B 324 -2.89 2.22 -41.36
C TYR B 324 -3.20 3.32 -40.35
N GLY B 325 -2.89 3.12 -39.07
CA GLY B 325 -3.33 4.06 -38.07
C GLY B 325 -2.22 4.73 -37.29
N ARG B 326 -1.12 4.01 -37.10
CA ARG B 326 0.06 4.64 -36.51
C ARG B 326 0.88 5.46 -37.52
N PRO B 327 1.12 5.04 -38.76
CA PRO B 327 1.80 5.96 -39.68
C PRO B 327 0.99 7.19 -40.09
N TYR B 328 -0.34 7.17 -39.97
CA TYR B 328 -1.08 8.39 -40.23
C TYR B 328 -1.23 9.25 -38.99
N PHE B 329 -0.78 8.77 -37.85
CA PHE B 329 -0.79 9.57 -36.62
C PHE B 329 0.58 10.14 -36.30
N CYS B 330 1.64 9.58 -36.89
CA CYS B 330 2.97 10.16 -36.72
C CYS B 330 3.32 11.13 -37.83
N MET B 331 2.77 10.96 -39.03
CA MET B 331 2.90 12.01 -40.04
C MET B 331 2.10 13.25 -39.66
N LEU B 332 0.98 13.06 -38.97
CA LEU B 332 0.19 14.17 -38.45
C LEU B 332 0.77 14.75 -37.17
N GLY B 333 1.83 14.16 -36.64
CA GLY B 333 2.45 14.65 -35.43
C GLY B 333 3.86 15.13 -35.68
N ALA B 334 4.32 15.00 -36.93
CA ALA B 334 5.59 15.59 -37.35
C ALA B 334 5.40 16.81 -38.22
N ILE B 335 4.24 16.96 -38.87
CA ILE B 335 3.93 18.23 -39.50
C ILE B 335 3.61 19.28 -38.46
N TYR B 336 2.90 18.89 -37.40
CA TYR B 336 2.56 19.84 -36.35
C TYR B 336 3.76 20.21 -35.49
N LEU B 337 4.74 19.32 -35.36
CA LEU B 337 5.91 19.67 -34.59
C LEU B 337 6.89 20.50 -35.40
N LEU B 338 6.82 20.43 -36.73
CA LEU B 338 7.53 21.36 -37.60
C LEU B 338 6.71 22.58 -37.93
N TYR B 339 5.50 22.69 -37.39
CA TYR B 339 4.71 23.90 -37.50
C TYR B 339 4.90 24.80 -36.31
N ILE B 340 4.93 24.22 -35.10
CA ILE B 340 5.03 25.03 -33.91
C ILE B 340 6.47 25.43 -33.64
N ILE B 341 7.44 24.84 -34.34
CA ILE B 341 8.79 25.39 -34.34
C ILE B 341 8.87 26.56 -35.31
N CYS B 342 8.12 26.49 -36.41
CA CYS B 342 8.02 27.62 -37.34
C CYS B 342 7.27 28.79 -36.71
N PHE B 343 6.43 28.52 -35.72
CA PHE B 343 5.73 29.62 -35.05
C PHE B 343 6.58 30.23 -33.94
N THR B 344 7.36 29.41 -33.23
CA THR B 344 8.25 29.95 -32.21
C THR B 344 9.39 30.75 -32.85
N MET B 345 9.83 30.33 -34.03
CA MET B 345 10.93 31.00 -34.70
C MET B 345 10.50 32.37 -35.24
N CYS B 346 9.26 32.49 -35.72
CA CYS B 346 8.77 33.75 -36.24
C CYS B 346 8.14 34.62 -35.16
N CYS B 347 8.38 34.30 -33.89
CA CYS B 347 7.81 35.05 -32.79
C CYS B 347 8.83 35.54 -31.79
N ILE B 348 10.03 34.96 -31.74
CA ILE B 348 11.13 35.53 -30.97
C ILE B 348 11.98 36.46 -31.81
N TYR B 349 11.65 36.63 -33.08
CA TYR B 349 12.26 37.64 -33.95
C TYR B 349 11.28 38.76 -34.28
N ARG B 350 10.35 39.03 -33.38
CA ARG B 350 9.35 40.06 -33.59
C ARG B 350 10.02 41.44 -33.52
N PRO B 351 9.43 42.50 -34.21
CA PRO B 351 10.25 43.64 -34.68
C PRO B 351 11.05 44.48 -33.68
N LEU B 352 10.41 45.15 -32.70
CA LEU B 352 11.11 45.78 -31.57
C LEU B 352 12.16 46.86 -31.84
N LYS B 353 11.75 48.07 -32.21
CA LYS B 353 12.61 49.24 -32.39
C LYS B 353 13.17 49.70 -31.03
N PRO B 354 14.19 50.61 -30.99
CA PRO B 354 14.85 50.83 -29.69
C PRO B 354 14.20 51.74 -28.65
N ARG B 355 13.40 52.76 -29.01
CA ARG B 355 12.38 53.48 -28.20
C ARG B 355 11.70 54.57 -29.01
N THR B 356 10.70 55.22 -28.42
CA THR B 356 10.18 56.47 -28.94
C THR B 356 10.42 57.63 -27.98
N ASN B 357 9.90 57.51 -26.76
CA ASN B 357 9.83 58.63 -25.84
C ASN B 357 10.83 58.47 -24.69
N ASN B 358 10.77 59.40 -23.74
CA ASN B 358 11.67 59.38 -22.59
C ASN B 358 11.21 58.35 -21.57
N ARG B 359 12.01 58.19 -20.52
CA ARG B 359 11.61 57.42 -19.35
C ARG B 359 10.44 58.11 -18.68
N THR B 360 9.27 57.48 -18.67
CA THR B 360 8.07 58.13 -18.18
C THR B 360 8.11 58.28 -16.66
N SER B 361 7.17 59.07 -16.13
CA SER B 361 7.10 59.64 -14.78
C SER B 361 7.54 58.78 -13.58
N PRO B 362 7.25 57.43 -13.51
CA PRO B 362 7.79 56.67 -12.37
C PRO B 362 9.30 56.54 -12.37
N ARG B 363 9.94 56.94 -11.27
CA ARG B 363 11.39 56.84 -11.20
C ARG B 363 11.78 55.39 -10.97
N ASP B 364 12.35 54.79 -12.03
CA ASP B 364 12.92 53.44 -12.07
C ASP B 364 11.90 52.33 -11.82
N ASN B 365 10.62 52.66 -11.65
CA ASN B 365 9.61 51.61 -11.63
C ASN B 365 9.35 51.08 -13.02
N THR B 366 9.49 51.93 -14.04
CA THR B 366 9.17 51.54 -15.41
C THR B 366 10.46 51.26 -16.18
N LEU B 367 10.90 50.01 -16.10
CA LEU B 367 11.96 49.54 -16.97
C LEU B 367 11.28 48.88 -18.16
N LEU B 368 11.33 49.55 -19.30
CA LEU B 368 10.91 48.99 -20.58
C LEU B 368 11.57 49.85 -21.65
N GLN B 369 12.21 49.23 -22.61
CA GLN B 369 13.09 49.99 -23.49
C GLN B 369 13.04 49.47 -24.91
N GLN B 370 11.91 48.93 -25.38
CA GLN B 370 11.79 48.61 -26.79
C GLN B 370 10.63 49.34 -27.43
N LYS B 371 9.37 49.07 -27.04
CA LYS B 371 8.16 49.62 -27.70
C LYS B 371 8.12 49.29 -29.20
N LEU B 372 7.72 48.05 -29.52
CA LEU B 372 7.82 47.43 -30.85
C LEU B 372 7.33 48.28 -32.03
N LEU B 373 7.87 47.96 -33.22
CA LEU B 373 7.72 48.75 -34.45
C LEU B 373 6.27 48.91 -34.87
N GLN B 374 6.04 49.88 -35.75
CA GLN B 374 4.71 50.09 -36.34
C GLN B 374 4.48 49.25 -37.59
N GLU B 375 5.10 49.63 -38.71
CA GLU B 375 4.79 49.00 -39.99
C GLU B 375 6.00 49.00 -40.94
N ALA B 376 7.16 48.54 -40.48
CA ALA B 376 8.31 48.43 -41.38
C ALA B 376 8.61 46.95 -41.64
N TYR B 377 8.55 46.56 -42.91
CA TYR B 377 8.90 45.23 -43.40
C TYR B 377 10.03 45.29 -44.42
N MET B 378 10.92 46.26 -44.28
CA MET B 378 12.13 46.33 -45.09
C MET B 378 13.19 45.44 -44.46
N THR B 379 14.46 45.57 -44.92
CA THR B 379 15.64 44.87 -44.39
C THR B 379 15.47 43.36 -44.51
N PRO B 380 15.79 42.77 -45.71
CA PRO B 380 15.35 41.41 -46.11
C PRO B 380 15.33 40.25 -45.12
N LYS B 381 16.03 40.35 -43.99
CA LYS B 381 15.79 39.43 -42.88
C LYS B 381 14.36 39.50 -42.34
N ASP B 382 13.62 40.59 -42.59
CA ASP B 382 12.20 40.60 -42.27
C ASP B 382 11.35 39.97 -43.37
N ASP B 383 11.88 39.87 -44.60
CA ASP B 383 11.15 39.16 -45.64
C ASP B 383 11.26 37.65 -45.53
N ILE B 384 12.29 37.16 -44.84
CA ILE B 384 12.35 35.75 -44.51
C ILE B 384 11.33 35.43 -43.43
N ARG B 385 11.15 36.35 -42.48
CA ARG B 385 10.16 36.15 -41.43
C ARG B 385 8.74 36.21 -41.95
N LEU B 386 8.51 36.99 -43.03
CA LEU B 386 7.17 37.10 -43.59
C LEU B 386 6.70 35.79 -44.20
N VAL B 387 7.63 35.02 -44.77
CA VAL B 387 7.29 33.68 -45.23
C VAL B 387 7.03 32.77 -44.03
N GLY B 388 7.78 32.98 -42.94
CA GLY B 388 7.56 32.19 -41.74
C GLY B 388 6.34 32.61 -40.94
N GLU B 389 5.75 33.76 -41.24
CA GLU B 389 4.51 34.17 -40.58
C GLU B 389 3.28 33.77 -41.36
N LEU B 390 3.34 33.80 -42.69
CA LEU B 390 2.21 33.38 -43.49
C LEU B 390 1.96 31.88 -43.41
N VAL B 391 2.97 31.10 -43.06
CA VAL B 391 2.75 29.68 -42.81
C VAL B 391 1.99 29.50 -41.50
N THR B 392 2.27 30.32 -40.50
CA THR B 392 1.57 30.19 -39.23
C THR B 392 0.17 30.79 -39.25
N VAL B 393 -0.20 31.53 -40.29
CA VAL B 393 -1.57 32.03 -40.42
C VAL B 393 -2.41 31.09 -41.27
N ILE B 394 -1.84 30.60 -42.37
CA ILE B 394 -2.48 29.55 -43.17
C ILE B 394 -2.68 28.29 -42.34
N GLY B 395 -1.70 27.96 -41.51
CA GLY B 395 -1.82 26.83 -40.60
C GLY B 395 -2.82 27.02 -39.48
N ALA B 396 -3.28 28.24 -39.23
CA ALA B 396 -4.28 28.50 -38.21
C ALA B 396 -5.65 28.76 -38.79
N ILE B 397 -5.79 28.76 -40.11
CA ILE B 397 -7.11 28.77 -40.74
C ILE B 397 -7.56 27.35 -41.06
N ILE B 398 -6.60 26.50 -41.46
CA ILE B 398 -6.88 25.08 -41.71
C ILE B 398 -7.34 24.38 -40.45
N ILE B 399 -6.87 24.81 -39.28
CA ILE B 399 -7.41 24.31 -38.02
C ILE B 399 -8.87 24.76 -37.85
N LEU B 400 -9.17 26.00 -38.23
CA LEU B 400 -10.55 26.47 -38.11
C LEU B 400 -11.45 26.02 -39.26
N LEU B 401 -10.98 25.19 -40.18
CA LEU B 401 -11.81 24.63 -41.23
C LEU B 401 -12.07 23.14 -41.05
N VAL B 402 -11.40 22.49 -40.09
CA VAL B 402 -11.63 21.08 -39.84
C VAL B 402 -12.15 20.90 -38.42
N GLU B 403 -12.34 22.01 -37.72
CA GLU B 403 -12.86 21.97 -36.36
C GLU B 403 -14.15 22.75 -36.18
N VAL B 404 -14.25 23.95 -36.76
CA VAL B 404 -15.44 24.78 -36.62
C VAL B 404 -16.57 24.25 -37.51
N PRO B 405 -16.35 23.74 -38.76
CA PRO B 405 -17.45 22.98 -39.39
C PRO B 405 -17.55 21.54 -38.91
N ASP B 406 -17.41 21.32 -37.60
CA ASP B 406 -17.73 20.05 -36.97
C ASP B 406 -18.71 20.30 -35.84
N ILE B 407 -18.40 21.30 -34.99
CA ILE B 407 -19.25 21.62 -33.85
C ILE B 407 -20.50 22.35 -34.32
N PHE B 408 -20.35 23.23 -35.30
CA PHE B 408 -21.46 24.03 -35.84
C PHE B 408 -22.14 23.29 -37.00
N ARG B 409 -21.97 21.97 -37.02
CA ARG B 409 -22.59 21.12 -38.03
C ARG B 409 -23.25 19.93 -37.33
N MET B 410 -22.79 19.64 -36.10
CA MET B 410 -23.36 18.57 -35.29
C MET B 410 -24.15 19.09 -34.09
N GLY B 411 -23.95 20.34 -33.70
CA GLY B 411 -24.76 20.95 -32.65
C GLY B 411 -24.24 20.74 -31.24
N VAL B 412 -24.19 19.48 -30.80
CA VAL B 412 -23.81 19.19 -29.42
C VAL B 412 -22.30 19.31 -29.27
N THR B 413 -21.86 19.75 -28.10
CA THR B 413 -20.45 20.00 -27.82
C THR B 413 -20.01 19.19 -26.60
N ARG B 414 -20.45 17.93 -26.58
CA ARG B 414 -20.15 16.91 -25.56
C ARG B 414 -20.53 17.37 -24.15
N PRO B 424 -10.76 16.93 -24.67
CA PRO B 424 -10.64 18.38 -24.62
C PRO B 424 -9.36 18.92 -25.23
N PHE B 425 -8.77 18.24 -26.19
CA PHE B 425 -7.78 18.88 -27.04
C PHE B 425 -8.39 19.47 -28.29
N HIS B 426 -9.72 19.40 -28.43
CA HIS B 426 -10.37 20.22 -29.45
C HIS B 426 -10.36 21.67 -29.03
N VAL B 427 -10.53 21.95 -27.73
CA VAL B 427 -10.68 23.31 -27.29
C VAL B 427 -9.30 23.95 -27.01
N LEU B 428 -8.24 23.15 -26.96
CA LEU B 428 -6.89 23.70 -26.89
C LEU B 428 -6.23 23.80 -28.25
N ILE B 429 -6.91 23.43 -29.33
CA ILE B 429 -6.38 23.64 -30.67
C ILE B 429 -7.20 24.69 -31.42
N ILE B 430 -8.41 24.99 -30.97
CA ILE B 430 -9.17 26.12 -31.51
C ILE B 430 -8.79 27.40 -30.78
N THR B 431 -8.48 27.31 -29.48
CA THR B 431 -8.00 28.47 -28.74
C THR B 431 -6.63 28.91 -29.23
N TYR B 432 -5.76 27.97 -29.59
CA TYR B 432 -4.55 28.32 -30.31
C TYR B 432 -4.86 28.96 -31.66
N ALA B 433 -5.92 28.50 -32.32
CA ALA B 433 -6.24 29.02 -33.64
C ALA B 433 -6.85 30.41 -33.59
N PHE B 434 -7.41 30.83 -32.45
CA PHE B 434 -7.84 32.22 -32.36
C PHE B 434 -6.71 33.15 -32.01
N MET B 435 -5.79 32.73 -31.13
CA MET B 435 -4.72 33.61 -30.68
C MET B 435 -3.71 33.94 -31.76
N VAL B 436 -3.61 33.11 -32.80
CA VAL B 436 -2.85 33.52 -33.97
C VAL B 436 -3.68 34.47 -34.82
N LEU B 437 -4.97 34.21 -34.96
CA LEU B 437 -5.85 35.09 -35.74
C LEU B 437 -6.14 36.40 -35.04
N VAL B 438 -6.01 36.48 -33.72
CA VAL B 438 -6.10 37.76 -33.05
C VAL B 438 -4.84 38.59 -33.33
N THR B 439 -3.68 37.94 -33.30
CA THR B 439 -2.40 38.62 -33.49
C THR B 439 -2.27 39.17 -34.91
N MET B 440 -2.87 38.51 -35.89
CA MET B 440 -2.87 39.03 -37.25
C MET B 440 -3.68 40.32 -37.34
N VAL B 441 -4.87 40.33 -36.73
CA VAL B 441 -5.70 41.53 -36.73
C VAL B 441 -5.05 42.62 -35.89
N MET B 442 -4.38 42.23 -34.79
CA MET B 442 -3.75 43.19 -33.90
C MET B 442 -2.47 43.79 -34.48
N ARG B 443 -1.85 43.15 -35.47
CA ARG B 443 -0.68 43.72 -36.11
C ARG B 443 -1.03 44.57 -37.33
N LEU B 444 -2.04 44.18 -38.11
CA LEU B 444 -2.40 44.94 -39.30
C LEU B 444 -2.96 46.32 -38.96
N ILE B 445 -3.57 46.48 -37.78
CA ILE B 445 -4.04 47.79 -37.35
C ILE B 445 -3.03 48.49 -36.45
N SER B 446 -1.85 47.89 -36.23
CA SER B 446 -0.75 48.44 -35.44
C SER B 446 -1.17 48.76 -34.00
N ALA B 447 -1.95 47.85 -33.41
CA ALA B 447 -2.28 47.97 -32.00
C ALA B 447 -1.06 47.64 -31.16
N SER B 448 -1.07 48.12 -29.92
CA SER B 448 0.17 48.18 -29.16
C SER B 448 0.55 46.86 -28.52
N GLY B 449 -0.25 46.38 -27.59
CA GLY B 449 0.18 45.25 -26.79
C GLY B 449 -0.16 43.90 -27.39
N GLU B 450 0.77 43.27 -28.08
CA GLU B 450 0.53 41.95 -28.66
C GLU B 450 1.43 40.90 -28.03
N VAL B 451 1.97 41.18 -26.84
CA VAL B 451 2.67 40.15 -26.08
C VAL B 451 1.72 39.30 -25.27
N VAL B 452 0.47 39.72 -25.15
CA VAL B 452 -0.55 38.88 -24.50
C VAL B 452 -1.18 37.85 -25.43
N PRO B 453 -1.53 38.11 -26.71
CA PRO B 453 -1.92 36.96 -27.56
C PRO B 453 -0.76 36.08 -27.96
N MET B 454 0.47 36.59 -27.99
CA MET B 454 1.62 35.74 -28.22
C MET B 454 2.05 34.95 -27.00
N SER B 455 1.39 35.12 -25.86
CA SER B 455 1.69 34.33 -24.68
C SER B 455 0.59 33.35 -24.34
N PHE B 456 -0.55 33.40 -25.03
CA PHE B 456 -1.52 32.32 -25.01
C PHE B 456 -1.39 31.43 -26.23
N ALA B 457 -0.42 31.69 -27.09
CA ALA B 457 -0.17 30.83 -28.23
C ALA B 457 1.17 30.12 -28.18
N LEU B 458 2.15 30.65 -27.45
CA LEU B 458 3.40 29.93 -27.20
C LEU B 458 3.27 28.90 -26.09
N VAL B 459 2.20 28.92 -25.30
CA VAL B 459 2.00 27.90 -24.31
C VAL B 459 0.81 26.99 -24.61
N LEU B 460 -0.23 27.47 -25.29
CA LEU B 460 -1.24 26.56 -25.81
C LEU B 460 -0.76 25.86 -27.07
N GLY B 461 0.22 26.44 -27.77
CA GLY B 461 0.71 25.81 -28.97
C GLY B 461 1.69 24.70 -28.71
N TRP B 462 2.54 24.86 -27.70
CA TRP B 462 3.48 23.79 -27.40
C TRP B 462 2.83 22.67 -26.60
N CYS B 463 1.97 23.00 -25.65
CA CYS B 463 1.35 21.98 -24.81
C CYS B 463 0.24 21.20 -25.52
N ASN B 464 0.10 21.31 -26.83
CA ASN B 464 -0.70 20.38 -27.62
C ASN B 464 0.14 19.33 -28.31
N VAL B 465 1.46 19.37 -28.16
CA VAL B 465 2.30 18.24 -28.56
C VAL B 465 2.23 17.14 -27.51
N MET B 466 1.64 17.43 -26.34
CA MET B 466 1.27 16.38 -25.39
C MET B 466 0.07 15.57 -25.88
N TYR B 467 -0.66 16.06 -26.88
CA TYR B 467 -1.72 15.25 -27.48
C TYR B 467 -1.17 14.06 -28.23
N PHE B 468 -0.04 14.25 -28.91
CA PHE B 468 0.52 13.19 -29.74
C PHE B 468 1.30 12.16 -28.93
N ALA B 469 1.23 12.20 -27.61
CA ALA B 469 1.76 11.14 -26.77
C ALA B 469 0.67 10.13 -26.43
N ARG B 470 -0.02 9.65 -27.46
CA ARG B 470 -0.94 8.55 -27.32
C ARG B 470 -0.78 7.52 -28.41
N GLY B 471 0.10 7.77 -29.37
CA GLY B 471 0.57 6.73 -30.26
C GLY B 471 1.67 5.89 -29.66
N PHE B 472 2.08 6.20 -28.43
CA PHE B 472 3.08 5.45 -27.70
C PHE B 472 2.41 4.90 -26.45
N GLN B 473 2.64 3.62 -26.17
CA GLN B 473 1.86 2.95 -25.12
C GLN B 473 2.28 3.42 -23.74
N MET B 474 3.57 3.65 -23.53
CA MET B 474 4.03 3.99 -22.20
C MET B 474 3.93 5.47 -21.90
N LEU B 475 3.89 6.32 -22.91
CA LEU B 475 3.64 7.75 -22.74
C LEU B 475 2.15 8.09 -22.83
N GLY B 476 1.30 7.09 -22.94
CA GLY B 476 -0.10 7.29 -23.22
C GLY B 476 -0.91 7.92 -22.11
N PRO B 477 -1.11 7.20 -21.00
CA PRO B 477 -1.98 7.73 -19.95
C PRO B 477 -1.32 8.71 -19.00
N PHE B 478 -0.18 9.28 -19.37
CA PHE B 478 0.32 10.44 -18.64
C PHE B 478 -0.54 11.66 -18.92
N THR B 479 -1.21 11.69 -20.07
CA THR B 479 -2.15 12.75 -20.34
C THR B 479 -3.45 12.55 -19.57
N ILE B 480 -3.75 11.32 -19.15
CA ILE B 480 -4.93 11.08 -18.31
C ILE B 480 -4.67 11.56 -16.90
N MET B 481 -3.47 11.32 -16.37
CA MET B 481 -3.14 11.70 -15.00
C MET B 481 -3.16 13.20 -14.80
N ILE B 482 -2.69 13.96 -15.79
CA ILE B 482 -2.69 15.41 -15.68
C ILE B 482 -4.10 15.98 -15.82
N GLN B 483 -5.02 15.26 -16.47
CA GLN B 483 -6.42 15.70 -16.42
C GLN B 483 -7.03 15.44 -15.06
N LYS B 484 -6.85 14.23 -14.52
CA LYS B 484 -7.47 13.87 -13.26
C LYS B 484 -6.78 14.49 -12.05
N MET B 485 -5.61 15.11 -12.23
CA MET B 485 -5.01 15.88 -11.16
C MET B 485 -5.43 17.34 -11.17
N ILE B 486 -5.91 17.86 -12.30
CA ILE B 486 -6.38 19.23 -12.35
C ILE B 486 -7.86 19.27 -12.05
N PHE B 487 -8.66 18.59 -12.86
CA PHE B 487 -10.11 18.70 -12.74
C PHE B 487 -10.69 17.76 -11.70
N GLY B 488 -9.87 17.00 -10.98
CA GLY B 488 -10.41 16.09 -10.00
C GLY B 488 -9.82 16.19 -8.61
N ASP B 489 -8.62 16.75 -8.49
CA ASP B 489 -7.97 16.90 -7.20
C ASP B 489 -7.46 18.30 -6.92
N LEU B 490 -7.43 19.17 -7.92
CA LEU B 490 -6.99 20.53 -7.73
C LEU B 490 -8.13 21.53 -7.83
N MET B 491 -9.17 21.23 -8.59
CA MET B 491 -10.38 22.05 -8.57
C MET B 491 -11.25 21.76 -7.35
N ARG B 492 -10.94 20.71 -6.58
CA ARG B 492 -11.65 20.44 -5.34
C ARG B 492 -10.90 20.94 -4.12
N PHE B 493 -9.64 21.30 -4.26
CA PHE B 493 -8.85 21.78 -3.13
C PHE B 493 -8.23 23.14 -3.43
N CYS B 494 -8.63 23.80 -4.51
CA CYS B 494 -8.24 25.19 -4.69
C CYS B 494 -9.17 26.13 -3.96
N TRP B 495 -10.31 25.64 -3.49
CA TRP B 495 -11.25 26.47 -2.75
C TRP B 495 -10.95 26.49 -1.27
N LEU B 496 -10.17 25.54 -0.76
CA LEU B 496 -9.63 25.59 0.59
C LEU B 496 -8.22 26.13 0.61
N MET B 497 -7.63 26.44 -0.53
CA MET B 497 -6.36 27.15 -0.59
C MET B 497 -6.51 28.61 -0.93
N ALA B 498 -7.55 29.00 -1.68
CA ALA B 498 -7.78 30.41 -1.96
C ALA B 498 -8.44 31.13 -0.81
N VAL B 499 -8.73 30.44 0.28
CA VAL B 499 -9.23 31.02 1.52
C VAL B 499 -8.10 31.30 2.50
N VAL B 500 -7.16 30.36 2.65
CA VAL B 500 -5.99 30.58 3.48
C VAL B 500 -5.09 31.66 2.87
N ILE B 501 -4.92 31.63 1.54
CA ILE B 501 -4.12 32.63 0.85
C ILE B 501 -4.74 34.02 0.91
N LEU B 502 -6.05 34.14 0.78
CA LEU B 502 -6.70 35.42 1.06
C LEU B 502 -6.72 35.78 2.54
N GLY B 503 -6.57 34.81 3.42
CA GLY B 503 -6.55 35.11 4.84
C GLY B 503 -5.23 35.69 5.27
N PHE B 504 -4.13 35.06 4.86
CA PHE B 504 -2.81 35.52 5.28
C PHE B 504 -2.24 36.64 4.41
N ALA B 505 -2.69 36.81 3.18
CA ALA B 505 -2.18 37.93 2.40
C ALA B 505 -2.86 39.23 2.80
N SER B 506 -4.10 39.16 3.26
CA SER B 506 -4.75 40.34 3.81
C SER B 506 -4.37 40.59 5.26
N ALA B 507 -3.57 39.73 5.86
CA ALA B 507 -2.96 40.00 7.16
C ALA B 507 -1.50 40.39 7.03
N PHE B 508 -0.79 39.89 6.03
CA PHE B 508 0.57 40.36 5.74
C PHE B 508 0.56 41.77 5.19
N TYR B 509 -0.50 42.17 4.49
CA TYR B 509 -0.55 43.52 3.94
C TYR B 509 -0.75 44.56 5.01
N ILE B 510 -1.56 44.26 6.03
CA ILE B 510 -1.83 45.21 7.11
C ILE B 510 -0.58 45.44 7.95
N ILE B 511 0.19 44.39 8.17
CA ILE B 511 1.38 44.49 9.01
C ILE B 511 2.45 45.34 8.33
N PHE B 512 2.69 45.12 7.04
CA PHE B 512 3.63 45.93 6.27
C PHE B 512 2.96 47.08 5.55
N GLN B 513 1.89 47.63 6.11
CA GLN B 513 1.29 48.83 5.54
C GLN B 513 1.91 50.09 6.08
N THR B 514 2.47 50.02 7.30
CA THR B 514 3.14 51.15 7.96
C THR B 514 4.64 51.02 7.90
N GLU B 515 5.21 50.58 6.79
CA GLU B 515 6.62 50.30 6.68
C GLU B 515 7.22 51.08 5.51
N ASP B 516 8.48 50.79 5.21
CA ASP B 516 9.16 51.42 4.09
C ASP B 516 9.42 50.35 3.03
N PRO B 517 8.68 50.32 1.92
CA PRO B 517 8.81 49.22 0.95
C PRO B 517 9.95 49.38 -0.05
N GLU B 518 11.10 49.83 0.45
CA GLU B 518 12.37 49.70 -0.27
C GLU B 518 13.18 48.53 0.24
N GLU B 519 13.19 48.32 1.55
CA GLU B 519 13.64 47.08 2.17
C GLU B 519 12.39 46.33 2.61
N LEU B 520 12.36 45.03 2.33
CA LEU B 520 11.22 44.13 2.54
C LEU B 520 10.00 44.65 1.79
N GLY B 521 10.08 44.67 0.46
CA GLY B 521 9.03 45.24 -0.35
C GLY B 521 8.17 44.22 -1.05
N HIS B 522 7.96 43.08 -0.39
CA HIS B 522 7.07 42.04 -0.92
C HIS B 522 5.64 42.54 -0.98
N PHE B 523 5.12 43.03 0.14
CA PHE B 523 3.71 43.37 0.26
C PHE B 523 3.50 44.87 0.12
N TYR B 524 3.83 45.43 -1.04
CA TYR B 524 3.75 46.88 -1.15
C TYR B 524 2.40 47.37 -1.61
N ASP B 525 1.65 46.58 -2.40
CA ASP B 525 0.25 46.86 -2.64
C ASP B 525 -0.51 45.55 -2.72
N TYR B 526 -1.83 45.65 -2.63
CA TYR B 526 -2.68 44.49 -2.36
C TYR B 526 -2.77 43.46 -3.47
N PRO B 527 -2.75 43.80 -4.78
CA PRO B 527 -2.55 42.73 -5.77
C PRO B 527 -1.21 42.04 -5.70
N MET B 528 -0.17 42.68 -5.14
CA MET B 528 1.10 41.99 -4.99
C MET B 528 1.17 41.20 -3.70
N ALA B 529 0.35 41.54 -2.71
CA ALA B 529 0.32 40.75 -1.48
C ALA B 529 -0.27 39.37 -1.72
N LEU B 530 -1.23 39.26 -2.64
CA LEU B 530 -1.80 37.96 -2.98
C LEU B 530 -0.84 37.12 -3.80
N PHE B 531 -0.11 37.75 -4.72
CA PHE B 531 0.80 36.98 -5.55
C PHE B 531 2.04 36.56 -4.80
N SER B 532 2.50 37.38 -3.87
CA SER B 532 3.66 37.04 -3.07
C SER B 532 3.29 36.27 -1.80
N THR B 533 2.06 35.79 -1.70
CA THR B 533 1.66 34.81 -0.70
C THR B 533 1.26 33.49 -1.34
N PHE B 534 0.72 33.55 -2.56
CA PHE B 534 0.61 32.37 -3.40
C PHE B 534 1.96 31.72 -3.64
N GLU B 535 3.01 32.52 -3.84
CA GLU B 535 4.34 31.95 -4.05
C GLU B 535 4.92 31.41 -2.74
N LEU B 536 4.68 32.09 -1.62
CA LEU B 536 5.16 31.59 -0.34
C LEU B 536 4.41 30.36 0.11
N PHE B 537 3.20 30.15 -0.41
CA PHE B 537 2.43 28.95 -0.13
C PHE B 537 3.11 27.73 -0.73
N LEU B 538 3.40 27.79 -2.03
CA LEU B 538 3.95 26.69 -2.80
C LEU B 538 5.43 26.45 -2.55
N THR B 539 6.08 27.32 -1.77
CA THR B 539 7.51 27.30 -1.50
C THR B 539 8.32 27.34 -2.80
N ILE B 540 8.18 28.45 -3.51
CA ILE B 540 9.01 28.74 -4.68
C ILE B 540 9.88 29.96 -4.46
N ILE B 541 9.34 31.02 -3.87
CA ILE B 541 10.20 32.06 -3.36
C ILE B 541 10.43 31.79 -1.88
N ASP B 542 11.43 32.46 -1.31
CA ASP B 542 11.97 32.02 -0.03
C ASP B 542 11.06 32.31 1.14
N GLY B 543 10.86 33.58 1.44
CA GLY B 543 10.28 33.97 2.70
C GLY B 543 11.07 35.13 3.24
N PRO B 544 10.40 36.25 3.43
CA PRO B 544 11.13 37.51 3.52
C PRO B 544 11.76 37.78 4.88
N ALA B 545 12.90 38.45 4.84
CA ALA B 545 13.68 38.82 6.00
C ALA B 545 14.68 39.89 5.57
N ASN B 546 15.10 40.70 6.52
CA ASN B 546 16.07 41.72 6.12
C ASN B 546 17.31 41.76 7.00
N TYR B 547 17.17 41.54 8.32
CA TYR B 547 18.25 41.35 9.29
C TYR B 547 19.10 42.59 9.54
N ASN B 548 18.85 43.68 8.82
CA ASN B 548 19.48 44.96 9.07
C ASN B 548 18.50 45.96 9.65
N VAL B 549 17.22 45.61 9.71
CA VAL B 549 16.16 46.47 10.21
C VAL B 549 15.38 45.69 11.26
N ASP B 550 14.50 46.39 11.95
CA ASP B 550 13.57 45.72 12.86
C ASP B 550 12.26 45.51 12.12
N LEU B 551 12.00 44.28 11.72
CA LEU B 551 10.71 43.90 11.18
C LEU B 551 9.66 44.04 12.29
N PRO B 552 8.40 44.32 11.92
CA PRO B 552 7.37 44.46 12.94
C PRO B 552 7.09 43.14 13.65
N PHE B 553 6.65 43.28 14.91
CA PHE B 553 6.57 42.15 15.81
C PHE B 553 5.53 41.13 15.36
N MET B 554 4.43 41.61 14.81
CA MET B 554 3.34 40.73 14.43
C MET B 554 3.66 39.92 13.18
N TYR B 555 4.73 40.26 12.47
CA TYR B 555 5.12 39.45 11.32
C TYR B 555 5.72 38.11 11.75
N SER B 556 6.54 38.11 12.80
CA SER B 556 7.25 36.89 13.20
C SER B 556 6.30 35.84 13.75
N ILE B 557 5.12 36.22 14.21
CA ILE B 557 4.10 35.27 14.64
C ILE B 557 3.24 34.81 13.48
N THR B 558 2.83 35.75 12.61
CA THR B 558 1.93 35.42 11.52
C THR B 558 2.60 34.56 10.47
N TYR B 559 3.89 34.81 10.20
CA TYR B 559 4.56 33.97 9.22
C TYR B 559 4.93 32.62 9.80
N ALA B 560 5.16 32.54 11.10
CA ALA B 560 5.43 31.24 11.71
C ALA B 560 4.18 30.40 11.89
N ALA B 561 3.01 30.97 11.66
CA ALA B 561 1.77 30.21 11.57
C ALA B 561 1.35 29.97 10.14
N PHE B 562 1.93 30.70 9.17
CA PHE B 562 1.73 30.41 7.76
C PHE B 562 2.69 29.35 7.26
N ALA B 563 3.84 29.20 7.89
CA ALA B 563 4.75 28.13 7.52
C ALA B 563 4.28 26.78 8.01
N ILE B 564 3.39 26.74 9.00
CA ILE B 564 2.88 25.49 9.54
C ILE B 564 1.55 25.11 8.89
N ILE B 565 0.58 26.03 8.88
CA ILE B 565 -0.75 25.70 8.38
C ILE B 565 -0.80 25.62 6.86
N ALA B 566 0.20 26.14 6.17
CA ALA B 566 0.07 26.33 4.74
C ALA B 566 1.24 25.86 3.91
N THR B 567 2.37 25.52 4.51
CA THR B 567 3.52 25.03 3.77
C THR B 567 3.75 23.54 3.98
N LEU B 568 3.73 23.04 5.22
CA LEU B 568 3.95 21.61 5.42
C LEU B 568 2.67 20.83 5.67
N LEU B 569 1.55 21.48 5.91
CA LEU B 569 0.36 20.74 6.32
C LEU B 569 -0.77 20.81 5.32
N MET B 570 -0.85 21.86 4.52
CA MET B 570 -1.89 21.95 3.51
C MET B 570 -1.34 21.80 2.10
N LEU B 571 -0.05 22.05 1.90
CA LEU B 571 0.57 21.70 0.62
C LEU B 571 0.86 20.21 0.54
N ASN B 572 1.36 19.62 1.63
CA ASN B 572 1.66 18.19 1.67
C ASN B 572 0.42 17.33 1.88
N LEU B 573 -0.75 17.94 1.94
CA LEU B 573 -2.00 17.21 1.78
C LEU B 573 -2.44 17.18 0.34
N LEU B 574 -2.04 18.17 -0.45
CA LEU B 574 -2.37 18.16 -1.87
C LEU B 574 -1.48 17.17 -2.60
N ILE B 575 -0.21 17.12 -2.24
CA ILE B 575 0.74 16.23 -2.90
C ILE B 575 0.43 14.76 -2.58
N ALA B 576 -0.20 14.51 -1.43
CA ALA B 576 -0.70 13.17 -1.17
C ALA B 576 -1.96 12.86 -1.97
N MET B 577 -2.79 13.87 -2.26
CA MET B 577 -3.95 13.65 -3.12
C MET B 577 -3.55 13.42 -4.57
N MET B 578 -2.38 13.88 -4.97
CA MET B 578 -1.84 13.63 -6.29
C MET B 578 -0.93 12.41 -6.30
N GLY B 579 -1.06 11.55 -5.30
CA GLY B 579 -0.23 10.38 -5.22
C GLY B 579 -1.06 9.12 -5.13
N ASP B 580 -2.38 9.30 -5.02
CA ASP B 580 -3.31 8.19 -5.19
C ASP B 580 -4.30 8.48 -6.32
N THR B 581 -3.99 9.46 -7.15
CA THR B 581 -4.58 9.60 -8.47
C THR B 581 -3.62 9.14 -9.55
N HIS B 582 -2.33 9.30 -9.31
CA HIS B 582 -1.35 8.55 -10.08
C HIS B 582 -1.47 7.06 -9.85
N TRP B 583 -1.83 6.64 -8.64
CA TRP B 583 -1.88 5.20 -8.37
C TRP B 583 -3.08 4.55 -9.04
N ARG B 584 -4.25 5.16 -8.95
CA ARG B 584 -5.46 4.54 -9.50
C ARG B 584 -5.60 4.74 -10.99
N VAL B 585 -4.66 5.41 -11.65
CA VAL B 585 -4.59 5.44 -13.10
C VAL B 585 -3.49 4.52 -13.63
N ALA B 586 -2.32 4.47 -12.98
CA ALA B 586 -1.29 3.54 -13.40
C ALA B 586 -1.64 2.10 -13.09
N HIS B 587 -2.62 1.85 -12.23
CA HIS B 587 -3.14 0.51 -12.01
C HIS B 587 -3.92 -0.03 -13.19
N GLU B 588 -4.51 0.85 -13.99
CA GLU B 588 -5.24 0.47 -15.19
C GLU B 588 -4.66 1.20 -16.39
N ARG B 589 -3.34 1.11 -16.53
CA ARG B 589 -2.60 1.80 -17.59
C ARG B 589 -3.01 1.32 -18.98
N ASP B 590 -3.14 0.01 -19.16
CA ASP B 590 -3.37 -0.53 -20.49
C ASP B 590 -4.82 -0.40 -20.93
N GLU B 591 -5.74 -0.26 -20.00
CA GLU B 591 -7.14 -0.08 -20.38
C GLU B 591 -7.43 1.34 -20.81
N LEU B 592 -6.78 2.33 -20.19
CA LEU B 592 -6.95 3.71 -20.60
C LEU B 592 -6.25 4.02 -21.91
N TRP B 593 -5.21 3.26 -22.26
CA TRP B 593 -4.57 3.53 -23.53
C TRP B 593 -5.39 3.00 -24.70
N ARG B 594 -6.03 1.84 -24.52
CA ARG B 594 -6.81 1.25 -25.61
C ARG B 594 -8.07 2.06 -25.90
N ALA B 595 -8.58 2.79 -24.92
CA ALA B 595 -9.67 3.71 -25.17
C ALA B 595 -9.21 5.00 -25.83
N GLN B 596 -7.90 5.29 -25.79
CA GLN B 596 -7.36 6.41 -26.54
C GLN B 596 -7.04 6.07 -27.97
N ILE B 597 -6.91 4.79 -28.28
CA ILE B 597 -6.65 4.35 -29.64
C ILE B 597 -7.93 4.22 -30.45
N VAL B 598 -9.02 3.79 -29.80
CA VAL B 598 -10.31 3.74 -30.47
C VAL B 598 -10.82 5.14 -30.75
N ALA B 599 -10.63 6.07 -29.80
CA ALA B 599 -11.09 7.44 -30.00
C ALA B 599 -10.24 8.19 -31.02
N THR B 600 -9.00 7.77 -31.24
CA THR B 600 -8.18 8.39 -32.26
C THR B 600 -8.49 7.83 -33.63
N THR B 601 -8.65 6.50 -33.72
CA THR B 601 -8.88 5.84 -35.00
C THR B 601 -10.22 6.22 -35.60
N VAL B 602 -11.25 6.39 -34.77
CA VAL B 602 -12.56 6.83 -35.25
C VAL B 602 -12.50 8.27 -35.74
N MET B 603 -11.76 9.13 -35.04
CA MET B 603 -11.61 10.52 -35.45
C MET B 603 -10.83 10.64 -36.75
N LEU B 604 -9.91 9.71 -36.99
CA LEU B 604 -9.03 9.76 -38.14
C LEU B 604 -9.57 8.97 -39.32
N GLU B 605 -10.73 8.34 -39.16
CA GLU B 605 -11.36 7.56 -40.22
C GLU B 605 -12.45 8.33 -40.95
N ARG B 606 -13.18 9.18 -40.26
CA ARG B 606 -14.25 9.95 -40.91
C ARG B 606 -13.73 11.20 -41.59
N LYS B 607 -12.57 11.73 -41.17
CA LYS B 607 -12.03 12.96 -41.77
C LYS B 607 -11.14 12.59 -42.95
N LEU B 608 -10.20 11.70 -42.73
CA LEU B 608 -9.30 11.25 -43.77
C LEU B 608 -10.04 10.30 -44.70
N PRO B 609 -10.13 10.57 -46.00
CA PRO B 609 -11.11 9.88 -46.84
C PRO B 609 -10.70 8.48 -47.27
N ARG B 610 -11.56 7.86 -48.09
CA ARG B 610 -11.25 6.56 -48.68
C ARG B 610 -10.21 6.71 -49.78
N CYS B 611 -9.75 5.56 -50.28
CA CYS B 611 -8.59 5.30 -51.16
C CYS B 611 -7.27 5.55 -50.43
N LEU B 612 -7.32 5.95 -49.16
CA LEU B 612 -6.15 6.07 -48.31
C LEU B 612 -6.40 5.29 -47.03
N TRP B 613 -7.61 4.80 -46.82
CA TRP B 613 -7.99 4.04 -45.63
C TRP B 613 -8.96 2.95 -46.08
N PRO B 614 -8.47 1.79 -46.47
CA PRO B 614 -9.37 0.74 -46.94
C PRO B 614 -10.06 0.03 -45.78
N ARG B 615 -11.04 -0.79 -46.14
CA ARG B 615 -11.81 -1.53 -45.14
C ARG B 615 -10.95 -2.58 -44.46
N SER B 616 -11.21 -2.80 -43.18
CA SER B 616 -10.43 -3.77 -42.42
C SER B 616 -11.07 -5.15 -42.51
N GLY B 617 -10.21 -6.17 -42.52
CA GLY B 617 -10.65 -7.54 -42.63
C GLY B 617 -10.54 -8.06 -44.05
N ILE B 618 -10.94 -9.31 -44.22
CA ILE B 618 -10.91 -9.98 -45.51
C ILE B 618 -12.34 -10.15 -45.99
N CYS B 619 -12.62 -9.64 -47.19
CA CYS B 619 -13.97 -9.59 -47.71
C CYS B 619 -14.49 -10.99 -48.06
N GLY B 620 -15.80 -11.07 -48.24
CA GLY B 620 -16.41 -12.24 -48.84
C GLY B 620 -16.39 -12.12 -50.34
N ARG B 621 -17.43 -12.64 -51.02
CA ARG B 621 -17.76 -12.39 -52.42
C ARG B 621 -16.74 -12.99 -53.41
N GLU B 622 -15.64 -13.52 -52.90
CA GLU B 622 -14.66 -14.27 -53.65
C GLU B 622 -14.35 -15.61 -53.01
N TYR B 623 -14.96 -15.91 -51.87
CA TYR B 623 -14.79 -17.18 -51.19
C TYR B 623 -16.13 -17.83 -50.86
N GLY B 624 -17.22 -17.38 -51.46
CA GLY B 624 -18.53 -17.96 -51.25
C GLY B 624 -19.13 -17.66 -49.89
N LEU B 625 -19.09 -16.39 -49.48
CA LEU B 625 -19.59 -15.98 -48.18
C LEU B 625 -20.51 -14.77 -48.24
N GLY B 626 -20.72 -14.19 -49.41
CA GLY B 626 -21.56 -13.03 -49.51
C GLY B 626 -20.77 -11.74 -49.44
N ASP B 627 -21.47 -10.68 -49.03
CA ASP B 627 -20.90 -9.34 -48.98
C ASP B 627 -20.55 -8.96 -47.54
N ARG B 628 -20.00 -9.90 -46.78
CA ARG B 628 -19.63 -9.66 -45.40
C ARG B 628 -18.10 -9.64 -45.28
N TRP B 629 -17.61 -8.87 -44.31
CA TRP B 629 -16.19 -8.61 -44.13
C TRP B 629 -15.71 -9.30 -42.86
N PHE B 630 -15.02 -10.43 -43.02
CA PHE B 630 -14.67 -11.31 -41.92
C PHE B 630 -13.27 -11.02 -41.40
N LEU B 631 -12.95 -11.63 -40.26
CA LEU B 631 -11.64 -11.49 -39.61
C LEU B 631 -11.40 -12.78 -38.82
N ARG B 632 -10.48 -13.60 -39.30
CA ARG B 632 -10.21 -14.87 -38.62
C ARG B 632 -9.07 -14.73 -37.62
N VAL B 633 -9.06 -15.64 -36.65
CA VAL B 633 -8.05 -15.66 -35.60
C VAL B 633 -8.00 -17.07 -35.01
N GLU B 634 -6.80 -17.60 -34.78
CA GLU B 634 -6.66 -18.90 -34.14
C GLU B 634 -5.93 -18.76 -32.82
N ASP B 635 -6.30 -19.61 -31.86
CA ASP B 635 -5.75 -19.55 -30.51
C ASP B 635 -5.60 -20.96 -29.95
N ARG B 636 -4.41 -21.25 -29.43
CA ARG B 636 -4.18 -22.50 -28.73
C ARG B 636 -4.97 -22.50 -27.42
N GLN B 637 -5.85 -23.50 -27.27
CA GLN B 637 -6.77 -23.51 -26.14
C GLN B 637 -6.23 -24.31 -24.96
N ASP B 638 -5.95 -25.58 -25.17
CA ASP B 638 -5.58 -26.46 -24.07
C ASP B 638 -4.06 -26.53 -23.93
N ARG C 25 4.24 -3.05 -44.85
CA ARG C 25 5.64 -3.35 -44.59
C ARG C 25 5.79 -4.53 -43.64
N ARG C 26 6.05 -5.71 -44.23
CA ARG C 26 6.36 -6.96 -43.54
C ARG C 26 5.20 -7.35 -42.60
N GLU C 27 3.97 -7.24 -43.13
CA GLU C 27 2.79 -7.65 -42.36
C GLU C 27 1.84 -8.43 -43.28
N SER C 28 2.17 -8.58 -44.55
CA SER C 28 1.36 -9.35 -45.49
C SER C 28 1.49 -10.85 -45.30
N TRP C 29 2.39 -11.30 -44.42
CA TRP C 29 2.51 -12.72 -44.14
C TRP C 29 1.31 -13.22 -43.34
N ALA C 30 0.78 -12.38 -42.46
CA ALA C 30 -0.46 -12.73 -41.76
C ALA C 30 -1.68 -12.40 -42.62
N GLN C 31 -1.50 -11.61 -43.68
CA GLN C 31 -2.59 -11.32 -44.60
C GLN C 31 -2.73 -12.42 -45.63
N SER C 32 -1.61 -12.95 -46.12
CA SER C 32 -1.67 -14.04 -47.09
C SER C 32 -1.99 -15.36 -46.41
N ARG C 33 -1.75 -15.45 -45.10
CA ARG C 33 -2.16 -16.63 -44.35
C ARG C 33 -3.68 -16.70 -44.25
N ASP C 34 -4.33 -15.56 -44.06
CA ASP C 34 -5.77 -15.57 -43.85
C ASP C 34 -6.50 -15.73 -45.18
N GLU C 35 -5.87 -15.31 -46.29
CA GLU C 35 -6.47 -15.53 -47.59
C GLU C 35 -6.31 -16.98 -48.03
N GLN C 36 -5.24 -17.63 -47.59
CA GLN C 36 -4.99 -19.01 -47.98
C GLN C 36 -5.90 -19.96 -47.19
N ASN C 37 -6.19 -19.61 -45.94
CA ASN C 37 -7.08 -20.44 -45.12
C ASN C 37 -8.53 -20.27 -45.56
N LEU C 38 -8.85 -19.14 -46.19
CA LEU C 38 -10.18 -18.98 -46.77
C LEU C 38 -10.24 -19.58 -48.17
N LEU C 39 -9.10 -19.71 -48.83
CA LEU C 39 -9.08 -20.37 -50.13
C LEU C 39 -9.26 -21.87 -49.96
N GLN C 40 -8.89 -22.40 -48.79
CA GLN C 40 -9.17 -23.80 -48.48
C GLN C 40 -10.67 -24.05 -48.37
N GLN C 41 -11.40 -23.10 -47.79
CA GLN C 41 -12.82 -23.31 -47.56
C GLN C 41 -13.64 -23.07 -48.82
N LYS C 42 -13.03 -22.44 -49.83
CA LYS C 42 -13.72 -22.27 -51.10
C LYS C 42 -13.64 -23.53 -51.94
N ARG C 43 -12.43 -24.11 -52.04
CA ARG C 43 -12.27 -25.33 -52.82
C ARG C 43 -12.83 -26.55 -52.11
N ILE C 44 -13.09 -26.45 -50.80
CA ILE C 44 -13.73 -27.55 -50.10
C ILE C 44 -15.23 -27.52 -50.34
N TRP C 45 -15.76 -26.38 -50.82
CA TRP C 45 -17.17 -26.23 -51.11
C TRP C 45 -17.50 -26.44 -52.58
N GLU C 46 -16.51 -26.40 -53.46
CA GLU C 46 -16.75 -26.60 -54.89
C GLU C 46 -16.78 -28.08 -55.27
N SER C 47 -15.79 -28.83 -54.81
CA SER C 47 -15.70 -30.23 -55.18
C SER C 47 -16.71 -31.07 -54.42
N PRO C 48 -17.55 -31.86 -55.10
CA PRO C 48 -18.44 -32.78 -54.38
C PRO C 48 -17.70 -33.91 -53.69
N LEU C 49 -16.51 -34.26 -54.16
CA LEU C 49 -15.70 -35.27 -53.48
C LEU C 49 -15.20 -34.75 -52.13
N LEU C 50 -14.63 -33.56 -52.12
CA LEU C 50 -13.99 -33.06 -50.91
C LEU C 50 -15.00 -32.51 -49.92
N LEU C 51 -16.17 -32.05 -50.39
CA LEU C 51 -17.23 -31.68 -49.47
C LEU C 51 -17.86 -32.91 -48.82
N ALA C 52 -17.69 -34.07 -49.45
CA ALA C 52 -18.09 -35.35 -48.86
C ALA C 52 -16.97 -35.96 -48.04
N ALA C 53 -16.10 -35.12 -47.47
CA ALA C 53 -15.06 -35.60 -46.58
C ALA C 53 -15.04 -34.75 -45.30
N LYS C 54 -15.69 -33.59 -45.33
CA LYS C 54 -15.85 -32.80 -44.11
C LYS C 54 -16.82 -33.46 -43.15
N ASP C 55 -18.08 -33.60 -43.56
CA ASP C 55 -19.06 -34.45 -42.88
C ASP C 55 -19.12 -35.68 -43.77
N ASN C 56 -18.86 -36.84 -43.15
CA ASN C 56 -18.41 -38.09 -43.78
C ASN C 56 -19.10 -38.48 -45.08
N ASP C 57 -20.45 -38.51 -45.08
CA ASP C 57 -21.31 -38.68 -46.25
C ASP C 57 -20.95 -39.96 -47.02
N VAL C 58 -21.10 -41.09 -46.31
CA VAL C 58 -20.66 -42.37 -46.86
C VAL C 58 -21.60 -42.85 -47.97
N GLN C 59 -22.81 -42.29 -48.03
CA GLN C 59 -23.74 -42.62 -49.11
C GLN C 59 -23.25 -42.06 -50.44
N ALA C 60 -22.78 -40.81 -50.42
CA ALA C 60 -22.30 -40.16 -51.64
C ALA C 60 -20.81 -40.40 -51.89
N LEU C 61 -20.01 -40.65 -50.86
CA LEU C 61 -18.60 -40.96 -51.06
C LEU C 61 -18.43 -42.31 -51.75
N ASN C 62 -19.36 -43.24 -51.49
CA ASN C 62 -19.45 -44.44 -52.31
C ASN C 62 -19.84 -44.11 -53.75
N LYS C 63 -20.82 -43.23 -53.93
CA LYS C 63 -21.35 -42.95 -55.27
C LYS C 63 -20.39 -42.11 -56.11
N LEU C 64 -19.59 -41.25 -55.48
CA LEU C 64 -18.64 -40.45 -56.23
C LEU C 64 -17.45 -41.28 -56.67
N LEU C 65 -16.96 -42.18 -55.82
CA LEU C 65 -15.85 -43.05 -56.15
C LEU C 65 -16.27 -44.27 -56.96
N LYS C 66 -17.54 -44.35 -57.37
CA LYS C 66 -18.06 -45.38 -58.24
C LYS C 66 -18.17 -44.93 -59.70
N TYR C 67 -18.19 -43.61 -59.93
CA TYR C 67 -18.49 -43.06 -61.25
C TYR C 67 -17.44 -43.46 -62.29
N GLU C 68 -16.24 -42.89 -62.22
CA GLU C 68 -15.08 -43.65 -62.67
C GLU C 68 -14.04 -43.67 -61.56
N ASP C 69 -13.48 -42.49 -61.24
CA ASP C 69 -12.79 -42.23 -59.99
C ASP C 69 -13.12 -40.82 -59.51
N CYS C 70 -13.58 -40.01 -60.46
CA CYS C 70 -13.69 -38.54 -60.41
C CYS C 70 -12.46 -37.89 -59.77
N LYS C 71 -11.31 -38.16 -60.39
CA LYS C 71 -10.02 -37.53 -60.09
C LYS C 71 -9.60 -37.70 -58.64
N VAL C 72 -9.19 -38.92 -58.25
CA VAL C 72 -8.82 -39.22 -56.87
C VAL C 72 -7.63 -38.42 -56.36
N HIS C 73 -6.84 -37.80 -57.24
CA HIS C 73 -5.70 -36.98 -56.85
C HIS C 73 -5.98 -35.49 -56.95
N GLN C 74 -7.18 -35.04 -56.60
CA GLN C 74 -7.51 -33.61 -56.61
C GLN C 74 -6.75 -32.89 -55.50
N ARG C 75 -5.89 -31.96 -55.89
CA ARG C 75 -5.17 -31.11 -54.96
C ARG C 75 -6.02 -29.87 -54.67
N GLY C 76 -6.24 -29.60 -53.39
CA GLY C 76 -7.01 -28.44 -52.99
C GLY C 76 -6.23 -27.14 -53.00
N ALA C 77 -6.55 -26.23 -52.09
CA ALA C 77 -5.85 -24.95 -52.03
C ALA C 77 -4.47 -25.12 -51.45
N MET C 78 -4.30 -26.06 -50.52
CA MET C 78 -2.99 -26.34 -49.93
C MET C 78 -2.69 -27.82 -50.10
N GLY C 79 -2.20 -28.19 -51.30
CA GLY C 79 -1.53 -29.45 -51.61
C GLY C 79 -2.13 -30.77 -51.13
N GLU C 80 -3.42 -30.78 -50.83
CA GLU C 80 -4.00 -31.85 -50.03
C GLU C 80 -4.83 -32.80 -50.90
N THR C 81 -4.89 -34.05 -50.46
CA THR C 81 -5.71 -35.06 -51.11
C THR C 81 -7.12 -35.02 -50.52
N ALA C 82 -7.93 -36.02 -50.84
CA ALA C 82 -9.22 -36.16 -50.17
C ALA C 82 -9.11 -36.91 -48.85
N LEU C 83 -7.95 -37.49 -48.54
CA LEU C 83 -7.75 -38.23 -47.31
C LEU C 83 -7.24 -37.34 -46.19
N HIS C 84 -6.54 -36.25 -46.55
CA HIS C 84 -6.15 -35.24 -45.56
C HIS C 84 -7.35 -34.59 -44.90
N ILE C 85 -8.43 -34.38 -45.66
CA ILE C 85 -9.63 -33.73 -45.13
C ILE C 85 -10.34 -34.65 -44.15
N ALA C 86 -10.44 -35.94 -44.48
CA ALA C 86 -11.11 -36.89 -43.61
C ALA C 86 -10.34 -37.17 -42.34
N ALA C 87 -9.03 -36.95 -42.33
CA ALA C 87 -8.25 -37.06 -41.12
C ALA C 87 -8.25 -35.77 -40.30
N LEU C 88 -8.52 -34.63 -40.94
CA LEU C 88 -8.47 -33.34 -40.28
C LEU C 88 -9.77 -32.98 -39.57
N TYR C 89 -10.92 -33.33 -40.15
CA TYR C 89 -12.21 -33.10 -39.50
C TYR C 89 -12.65 -34.29 -38.65
N ASP C 90 -11.73 -35.23 -38.40
CA ASP C 90 -11.93 -36.42 -37.56
C ASP C 90 -13.08 -37.28 -38.09
N ASN C 91 -12.89 -37.74 -39.32
CA ASN C 91 -13.85 -38.61 -40.00
C ASN C 91 -13.18 -39.97 -40.17
N LEU C 92 -13.50 -40.89 -39.27
CA LEU C 92 -12.92 -42.22 -39.32
C LEU C 92 -13.51 -43.03 -40.47
N GLU C 93 -14.84 -43.02 -40.59
CA GLU C 93 -15.51 -43.88 -41.56
C GLU C 93 -15.35 -43.35 -42.98
N ALA C 94 -15.18 -42.04 -43.13
CA ALA C 94 -14.98 -41.46 -44.45
C ALA C 94 -13.58 -41.75 -45.01
N ALA C 95 -12.64 -42.13 -44.16
CA ALA C 95 -11.31 -42.54 -44.62
C ALA C 95 -11.21 -44.04 -44.84
N MET C 96 -11.99 -44.84 -44.10
CA MET C 96 -12.00 -46.28 -44.30
C MET C 96 -12.55 -46.65 -45.67
N VAL C 97 -13.62 -45.97 -46.08
CA VAL C 97 -14.17 -46.16 -47.43
C VAL C 97 -13.21 -45.57 -48.46
N LEU C 98 -12.47 -44.53 -48.09
CA LEU C 98 -11.57 -43.90 -49.05
C LEU C 98 -10.29 -44.69 -49.23
N MET C 99 -9.72 -45.25 -48.16
CA MET C 99 -8.46 -45.98 -48.26
C MET C 99 -8.62 -47.29 -49.04
N GLU C 100 -9.81 -47.88 -49.00
CA GLU C 100 -10.05 -49.06 -49.82
C GLU C 100 -10.15 -48.70 -51.30
N ALA C 101 -10.47 -47.44 -51.61
CA ALA C 101 -10.43 -46.93 -52.97
C ALA C 101 -9.20 -46.08 -53.22
N ALA C 102 -8.34 -45.88 -52.21
CA ALA C 102 -7.11 -45.15 -52.40
C ALA C 102 -5.98 -46.10 -52.76
N PRO C 103 -5.37 -45.95 -53.94
CA PRO C 103 -4.24 -46.81 -54.29
C PRO C 103 -2.98 -46.53 -53.47
N GLU C 104 -2.54 -45.27 -53.36
CA GLU C 104 -1.38 -44.93 -52.55
C GLU C 104 -1.54 -43.61 -51.78
N LEU C 105 -2.77 -43.16 -51.51
CA LEU C 105 -2.99 -41.84 -50.93
C LEU C 105 -2.53 -41.70 -49.48
N VAL C 106 -2.05 -42.79 -48.86
CA VAL C 106 -1.39 -42.65 -47.57
C VAL C 106 -0.01 -42.04 -47.74
N PHE C 107 0.58 -42.19 -48.92
CA PHE C 107 2.00 -41.86 -49.12
C PHE C 107 2.20 -40.37 -49.35
N GLU C 108 1.31 -39.73 -50.12
CA GLU C 108 1.56 -38.37 -50.58
C GLU C 108 1.42 -37.36 -49.45
N PRO C 109 2.38 -36.48 -49.27
CA PRO C 109 2.22 -35.39 -48.29
C PRO C 109 1.51 -34.20 -48.90
N MET C 110 1.34 -33.14 -48.12
CA MET C 110 0.92 -31.87 -48.67
C MET C 110 2.08 -31.22 -49.40
N THR C 111 1.79 -30.56 -50.51
CA THR C 111 2.85 -29.99 -51.34
C THR C 111 2.77 -28.48 -51.36
N SER C 112 2.56 -27.89 -50.19
CA SER C 112 2.37 -26.46 -50.06
C SER C 112 3.69 -25.78 -49.74
N GLU C 113 3.61 -24.50 -49.40
CA GLU C 113 4.68 -23.80 -48.71
C GLU C 113 4.37 -23.60 -47.23
N LEU C 114 3.11 -23.35 -46.89
CA LEU C 114 2.69 -23.18 -45.51
C LEU C 114 2.74 -24.52 -44.78
N TYR C 115 1.94 -25.48 -45.23
CA TYR C 115 1.96 -26.84 -44.69
C TYR C 115 2.69 -27.73 -45.70
N GLU C 116 4.01 -27.79 -45.61
CA GLU C 116 4.80 -28.57 -46.55
C GLU C 116 5.24 -29.88 -45.92
N GLY C 117 5.08 -30.97 -46.67
CA GLY C 117 5.56 -32.27 -46.25
C GLY C 117 4.74 -32.95 -45.18
N GLN C 118 3.57 -32.43 -44.85
CA GLN C 118 2.73 -33.01 -43.80
C GLN C 118 1.90 -34.13 -44.40
N THR C 119 2.30 -35.38 -44.12
CA THR C 119 1.53 -36.53 -44.56
C THR C 119 0.27 -36.66 -43.70
N ALA C 120 -0.60 -37.61 -44.08
CA ALA C 120 -1.82 -37.83 -43.36
C ALA C 120 -1.60 -38.54 -42.03
N LEU C 121 -0.42 -39.11 -41.81
CA LEU C 121 -0.10 -39.70 -40.51
C LEU C 121 0.05 -38.62 -39.44
N HIS C 122 0.57 -37.44 -39.82
CA HIS C 122 0.74 -36.34 -38.87
C HIS C 122 -0.59 -35.85 -38.33
N ILE C 123 -1.60 -35.76 -39.19
CA ILE C 123 -2.86 -35.16 -38.79
C ILE C 123 -3.65 -36.11 -37.89
N ALA C 124 -3.56 -37.41 -38.14
CA ALA C 124 -4.28 -38.39 -37.35
C ALA C 124 -3.69 -38.57 -35.96
N VAL C 125 -2.44 -38.18 -35.75
CA VAL C 125 -1.80 -38.27 -34.45
C VAL C 125 -2.20 -37.11 -33.54
N VAL C 126 -2.21 -35.89 -34.08
CA VAL C 126 -2.44 -34.68 -33.30
C VAL C 126 -3.86 -34.65 -32.73
N ASN C 127 -4.83 -35.17 -33.47
CA ASN C 127 -6.22 -35.20 -33.02
C ASN C 127 -6.53 -36.35 -32.07
N GLN C 128 -5.52 -37.11 -31.64
CA GLN C 128 -5.65 -38.29 -30.77
C GLN C 128 -6.59 -39.34 -31.35
N ASN C 129 -6.61 -39.48 -32.67
CA ASN C 129 -7.47 -40.45 -33.32
C ASN C 129 -6.73 -41.78 -33.30
N MET C 130 -7.07 -42.63 -32.33
CA MET C 130 -6.33 -43.86 -32.10
C MET C 130 -6.69 -44.92 -33.13
N ASN C 131 -7.92 -44.87 -33.64
CA ASN C 131 -8.37 -45.90 -34.58
C ASN C 131 -7.82 -45.64 -35.98
N LEU C 132 -7.51 -44.38 -36.28
CA LEU C 132 -7.03 -44.06 -37.62
C LEU C 132 -5.53 -44.26 -37.74
N VAL C 133 -4.79 -44.06 -36.65
CA VAL C 133 -3.33 -44.27 -36.69
C VAL C 133 -3.01 -45.76 -36.75
N ARG C 134 -3.94 -46.61 -36.29
CA ARG C 134 -3.77 -48.04 -36.49
C ARG C 134 -4.01 -48.42 -37.94
N ALA C 135 -4.82 -47.63 -38.64
CA ALA C 135 -5.14 -47.92 -40.03
C ALA C 135 -3.99 -47.56 -40.95
N LEU C 136 -3.45 -46.33 -40.81
CA LEU C 136 -2.42 -45.86 -41.74
C LEU C 136 -1.11 -46.60 -41.55
N LEU C 137 -0.82 -47.04 -40.33
CA LEU C 137 0.36 -47.86 -40.09
C LEU C 137 0.19 -49.25 -40.69
N ALA C 138 -1.05 -49.71 -40.79
CA ALA C 138 -1.30 -51.03 -41.37
C ALA C 138 -1.08 -51.01 -42.88
N ARG C 139 -1.26 -49.86 -43.51
CA ARG C 139 -1.02 -49.73 -44.94
C ARG C 139 0.35 -49.13 -45.22
N ARG C 140 1.29 -49.33 -44.29
CA ARG C 140 2.72 -49.06 -44.45
C ARG C 140 3.01 -47.58 -44.70
N ALA C 141 2.66 -46.75 -43.71
CA ALA C 141 2.98 -45.34 -43.75
C ALA C 141 4.38 -45.09 -43.22
N SER C 142 5.08 -44.14 -43.84
CA SER C 142 6.43 -43.81 -43.42
C SER C 142 6.38 -42.91 -42.19
N VAL C 143 7.07 -43.33 -41.12
CA VAL C 143 7.05 -42.62 -39.85
C VAL C 143 8.21 -41.63 -39.74
N SER C 144 9.01 -41.49 -40.79
CA SER C 144 10.10 -40.51 -40.81
C SER C 144 9.81 -39.36 -41.75
N ALA C 145 8.54 -38.97 -41.84
CA ALA C 145 8.10 -37.94 -42.78
C ALA C 145 8.52 -36.56 -42.28
N ARG C 146 9.49 -35.96 -42.97
CA ARG C 146 9.99 -34.63 -42.62
C ARG C 146 8.96 -33.56 -42.95
N ALA C 147 8.18 -33.14 -41.96
CA ALA C 147 7.16 -32.12 -42.18
C ALA C 147 7.77 -30.72 -42.20
N THR C 148 8.62 -30.45 -43.18
CA THR C 148 9.42 -29.23 -43.20
C THR C 148 8.68 -28.01 -43.77
N GLY C 149 7.51 -27.71 -43.23
CA GLY C 149 6.75 -26.54 -43.62
C GLY C 149 7.22 -25.30 -42.90
N THR C 150 6.49 -24.20 -43.12
CA THR C 150 6.75 -22.97 -42.39
C THR C 150 5.71 -22.69 -41.32
N ALA C 151 4.66 -23.50 -41.23
CA ALA C 151 3.70 -23.42 -40.13
C ALA C 151 4.07 -24.33 -38.97
N PHE C 152 5.23 -24.98 -39.03
CA PHE C 152 5.71 -25.83 -37.96
C PHE C 152 7.03 -25.36 -37.36
N ARG C 153 7.68 -24.35 -37.93
CA ARG C 153 8.96 -23.90 -37.43
C ARG C 153 8.79 -23.08 -36.15
N ARG C 154 9.87 -22.96 -35.38
CA ARG C 154 9.83 -22.20 -34.14
C ARG C 154 9.84 -20.72 -34.48
N SER C 155 8.74 -20.05 -34.18
CA SER C 155 8.53 -18.65 -34.55
C SER C 155 7.48 -18.06 -33.63
N PRO C 156 7.47 -16.74 -33.39
CA PRO C 156 6.37 -16.15 -32.62
C PRO C 156 5.08 -16.05 -33.42
N CYS C 157 5.17 -16.20 -34.74
CA CYS C 157 3.96 -16.22 -35.57
C CYS C 157 3.17 -17.50 -35.36
N ASN C 158 3.85 -18.64 -35.30
CA ASN C 158 3.19 -19.93 -35.13
C ASN C 158 2.94 -20.19 -33.65
N LEU C 159 1.72 -20.60 -33.31
CA LEU C 159 1.37 -20.87 -31.93
C LEU C 159 1.78 -22.25 -31.45
N ILE C 160 2.29 -23.10 -32.33
CA ILE C 160 2.72 -24.44 -31.97
C ILE C 160 4.14 -24.65 -32.45
N TYR C 161 4.94 -25.35 -31.64
CA TYR C 161 6.23 -25.89 -32.05
C TYR C 161 6.21 -27.37 -31.69
N PHE C 162 5.77 -28.18 -32.65
CA PHE C 162 5.65 -29.61 -32.44
C PHE C 162 6.86 -30.40 -32.94
N GLY C 163 7.50 -29.95 -34.01
CA GLY C 163 8.66 -30.63 -34.55
C GLY C 163 8.48 -30.94 -36.03
N GLU C 164 8.93 -32.12 -36.43
CA GLU C 164 8.79 -32.59 -37.80
C GLU C 164 8.23 -34.01 -37.92
N HIS C 165 8.42 -34.84 -36.91
CA HIS C 165 8.13 -36.26 -36.99
C HIS C 165 6.84 -36.60 -36.25
N PRO C 166 6.18 -37.71 -36.60
CA PRO C 166 4.99 -38.13 -35.85
C PRO C 166 5.29 -38.56 -34.43
N LEU C 167 6.49 -39.04 -34.15
CA LEU C 167 6.89 -39.27 -32.76
C LEU C 167 7.04 -37.96 -32.03
N SER C 168 7.51 -36.92 -32.71
CA SER C 168 7.58 -35.60 -32.10
C SER C 168 6.20 -34.98 -31.96
N PHE C 169 5.26 -35.31 -32.84
CA PHE C 169 3.92 -34.76 -32.71
C PHE C 169 3.17 -35.44 -31.59
N ALA C 170 3.38 -36.75 -31.42
CA ALA C 170 2.71 -37.49 -30.37
C ALA C 170 3.22 -37.15 -28.98
N ALA C 171 4.47 -36.68 -28.88
CA ALA C 171 5.02 -36.36 -27.57
C ALA C 171 4.49 -35.03 -27.03
N CYS C 172 4.22 -34.07 -27.91
CA CYS C 172 3.84 -32.74 -27.47
C CYS C 172 2.39 -32.65 -27.05
N VAL C 173 1.53 -33.54 -27.56
CA VAL C 173 0.11 -33.48 -27.30
C VAL C 173 -0.23 -34.33 -26.08
N ASN C 174 0.79 -34.93 -25.47
CA ASN C 174 0.68 -35.86 -24.33
C ASN C 174 -0.27 -37.01 -24.64
N SER C 175 0.15 -37.84 -25.59
CA SER C 175 -0.55 -39.09 -25.85
C SER C 175 0.42 -40.24 -25.64
N GLU C 176 0.20 -41.03 -24.60
CA GLU C 176 1.06 -42.15 -24.26
C GLU C 176 0.72 -43.41 -25.05
N GLU C 177 -0.26 -43.36 -25.94
CA GLU C 177 -0.68 -44.52 -26.72
C GLU C 177 0.04 -44.61 -28.06
N ILE C 178 0.11 -43.50 -28.80
CA ILE C 178 0.73 -43.51 -30.13
C ILE C 178 2.25 -43.60 -29.99
N VAL C 179 2.80 -43.11 -28.87
CA VAL C 179 4.25 -43.16 -28.64
C VAL C 179 4.74 -44.61 -28.50
N ARG C 180 4.00 -45.44 -27.76
CA ARG C 180 4.26 -46.87 -27.80
C ARG C 180 3.97 -47.48 -29.17
N LEU C 181 2.99 -46.95 -29.89
CA LEU C 181 2.60 -47.52 -31.18
C LEU C 181 3.60 -47.22 -32.29
N LEU C 182 4.27 -46.06 -32.25
CA LEU C 182 5.19 -45.71 -33.32
C LEU C 182 6.56 -46.37 -33.15
N ILE C 183 7.03 -46.52 -31.91
CA ILE C 183 8.33 -47.15 -31.66
C ILE C 183 8.29 -48.63 -32.04
N GLU C 184 7.15 -49.29 -31.83
CA GLU C 184 6.99 -50.67 -32.27
C GLU C 184 7.02 -50.79 -33.80
N HIS C 185 6.57 -49.77 -34.50
CA HIS C 185 6.59 -49.75 -35.96
C HIS C 185 7.83 -49.05 -36.51
N GLY C 186 8.84 -48.83 -35.68
CA GLY C 186 10.14 -48.39 -36.17
C GLY C 186 10.35 -46.90 -36.24
N ALA C 187 9.73 -46.12 -35.36
CA ALA C 187 10.00 -44.69 -35.33
C ALA C 187 11.36 -44.43 -34.70
N ASP C 188 12.11 -43.52 -35.30
CA ASP C 188 13.44 -43.21 -34.79
C ASP C 188 13.34 -42.30 -33.57
N ILE C 189 13.98 -42.72 -32.48
CA ILE C 189 13.99 -41.97 -31.24
C ILE C 189 15.01 -40.85 -31.24
N ARG C 190 15.95 -40.86 -32.19
CA ARG C 190 17.04 -39.89 -32.22
C ARG C 190 16.95 -38.95 -33.41
N ALA C 191 15.77 -38.76 -33.98
CA ALA C 191 15.63 -37.90 -35.13
C ALA C 191 15.71 -36.44 -34.73
N GLN C 192 16.15 -35.60 -35.67
CA GLN C 192 16.36 -34.19 -35.42
C GLN C 192 15.62 -33.37 -36.47
N ASP C 193 15.15 -32.20 -36.07
CA ASP C 193 14.44 -31.30 -36.97
C ASP C 193 15.42 -30.33 -37.63
N SER C 194 14.90 -29.26 -38.23
CA SER C 194 15.75 -28.27 -38.89
C SER C 194 16.62 -27.50 -37.89
N LEU C 195 16.13 -27.29 -36.69
CA LEU C 195 16.89 -26.62 -35.64
C LEU C 195 17.76 -27.58 -34.84
N GLY C 196 17.85 -28.84 -35.25
CA GLY C 196 18.71 -29.81 -34.59
C GLY C 196 18.16 -30.39 -33.31
N ASN C 197 16.93 -30.03 -32.93
CA ASN C 197 16.37 -30.49 -31.67
C ASN C 197 15.97 -31.95 -31.77
N THR C 198 16.56 -32.79 -30.91
CA THR C 198 16.05 -34.14 -30.75
C THR C 198 14.72 -34.11 -30.01
N VAL C 199 14.05 -35.26 -29.98
CA VAL C 199 12.67 -35.36 -29.49
C VAL C 199 12.54 -35.05 -28.00
N LEU C 200 13.64 -35.04 -27.25
CA LEU C 200 13.63 -34.59 -25.86
C LEU C 200 13.81 -33.09 -25.72
N HIS C 201 14.28 -32.40 -26.77
CA HIS C 201 14.41 -30.95 -26.68
C HIS C 201 13.09 -30.23 -26.85
N ILE C 202 12.17 -30.77 -27.66
CA ILE C 202 10.92 -30.07 -27.91
C ILE C 202 10.02 -30.14 -26.67
N LEU C 203 10.12 -31.22 -25.89
CA LEU C 203 9.35 -31.37 -24.66
C LEU C 203 9.70 -30.31 -23.61
N ILE C 204 10.88 -29.72 -23.69
CA ILE C 204 11.23 -28.62 -22.80
C ILE C 204 10.61 -27.32 -23.28
N LEU C 205 10.27 -27.23 -24.57
CA LEU C 205 9.66 -26.04 -25.16
C LEU C 205 8.14 -26.12 -25.21
N GLN C 206 7.50 -26.79 -24.24
CA GLN C 206 6.07 -26.95 -24.21
C GLN C 206 5.47 -26.21 -23.02
N PRO C 207 4.24 -25.69 -23.13
CA PRO C 207 3.67 -24.95 -22.00
C PRO C 207 3.23 -25.82 -20.84
N ASN C 208 2.76 -27.04 -21.10
CA ASN C 208 2.27 -27.90 -20.03
C ASN C 208 3.46 -28.69 -19.49
N LYS C 209 4.10 -28.12 -18.47
CA LYS C 209 5.39 -28.61 -18.02
C LYS C 209 5.26 -29.88 -17.19
N THR C 210 4.11 -30.08 -16.55
CA THR C 210 3.91 -31.27 -15.74
C THR C 210 3.75 -32.50 -16.61
N PHE C 211 3.01 -32.36 -17.71
CA PHE C 211 2.82 -33.49 -18.62
C PHE C 211 4.07 -33.78 -19.44
N ALA C 212 4.98 -32.81 -19.53
CA ALA C 212 6.22 -33.02 -20.29
C ALA C 212 7.24 -33.78 -19.46
N CYS C 213 7.03 -33.89 -18.16
CA CYS C 213 7.94 -34.65 -17.32
C CYS C 213 7.74 -36.15 -17.52
N GLN C 214 6.48 -36.58 -17.65
CA GLN C 214 6.19 -37.99 -17.86
C GLN C 214 6.64 -38.44 -19.25
N MET C 215 6.56 -37.55 -20.23
CA MET C 215 6.97 -37.89 -21.57
C MET C 215 8.49 -37.88 -21.69
N TYR C 216 9.16 -37.18 -20.77
CA TYR C 216 10.62 -37.23 -20.75
C TYR C 216 11.11 -38.59 -20.26
N ASN C 217 10.38 -39.20 -19.33
CA ASN C 217 10.76 -40.51 -18.82
C ASN C 217 10.43 -41.60 -19.82
N LEU C 218 9.28 -41.49 -20.48
CA LEU C 218 8.79 -42.55 -21.35
C LEU C 218 9.61 -42.64 -22.64
N LEU C 219 10.06 -41.48 -23.14
CA LEU C 219 10.85 -41.47 -24.37
C LEU C 219 12.30 -41.85 -24.09
N LEU C 220 12.79 -41.56 -22.88
CA LEU C 220 14.14 -41.97 -22.53
C LEU C 220 14.19 -43.42 -22.08
N SER C 221 13.02 -44.01 -21.78
CA SER C 221 12.97 -45.42 -21.44
C SER C 221 13.28 -46.29 -22.66
N TYR C 222 13.01 -45.78 -23.86
CA TYR C 222 13.37 -46.49 -25.08
C TYR C 222 14.76 -46.10 -25.55
N ASP C 223 15.74 -46.18 -24.65
CA ASP C 223 17.12 -45.87 -24.97
C ASP C 223 17.97 -47.03 -24.45
N ARG C 224 18.12 -48.06 -25.29
CA ARG C 224 19.02 -49.17 -24.99
C ARG C 224 20.37 -48.81 -25.56
N HIS C 225 21.31 -48.51 -24.67
CA HIS C 225 22.63 -47.99 -25.07
C HIS C 225 23.48 -49.11 -25.66
N GLY C 226 23.61 -49.12 -26.98
CA GLY C 226 24.26 -50.20 -27.69
C GLY C 226 25.58 -49.81 -28.33
N ASP C 227 26.39 -49.05 -27.57
CA ASP C 227 27.69 -48.49 -27.95
C ASP C 227 27.49 -47.46 -29.07
N HIS C 228 26.30 -46.88 -29.12
CA HIS C 228 26.04 -45.66 -29.87
C HIS C 228 26.67 -44.49 -29.11
N LEU C 229 26.67 -43.31 -29.74
CA LEU C 229 27.11 -42.09 -29.08
C LEU C 229 26.13 -41.67 -27.98
N GLN C 230 26.39 -40.49 -27.38
CA GLN C 230 25.88 -40.04 -26.09
C GLN C 230 24.38 -40.26 -25.88
N PRO C 231 23.99 -40.79 -24.72
CA PRO C 231 22.69 -41.48 -24.60
C PRO C 231 21.47 -40.58 -24.51
N LEU C 232 21.22 -39.79 -25.56
CA LEU C 232 19.96 -39.13 -25.91
C LEU C 232 19.59 -37.97 -24.98
N ASP C 233 20.28 -37.81 -23.87
CA ASP C 233 20.13 -36.62 -23.04
C ASP C 233 21.37 -35.76 -23.06
N LEU C 234 22.31 -36.12 -23.94
CA LEU C 234 23.54 -35.34 -24.08
C LEU C 234 23.78 -34.94 -25.52
N VAL C 235 22.82 -35.13 -26.42
CA VAL C 235 22.99 -34.83 -27.85
C VAL C 235 22.74 -33.34 -28.04
N PRO C 236 23.70 -32.59 -28.55
CA PRO C 236 23.54 -31.14 -28.65
C PRO C 236 22.73 -30.72 -29.86
N ASN C 237 22.29 -29.45 -29.82
CA ASN C 237 21.59 -28.81 -30.93
C ASN C 237 22.61 -28.24 -31.91
N HIS C 238 22.16 -27.40 -32.84
CA HIS C 238 23.10 -26.61 -33.63
C HIS C 238 23.76 -25.49 -32.83
N GLN C 239 23.16 -25.08 -31.71
CA GLN C 239 23.82 -24.14 -30.82
C GLN C 239 24.81 -24.85 -29.91
N GLY C 240 24.52 -26.09 -29.53
CA GLY C 240 25.40 -26.89 -28.70
C GLY C 240 24.80 -27.25 -27.35
N LEU C 241 23.51 -26.99 -27.17
CA LEU C 241 22.88 -27.20 -25.88
C LEU C 241 22.35 -28.62 -25.74
N THR C 242 22.60 -29.22 -24.58
CA THR C 242 22.02 -30.51 -24.20
C THR C 242 20.61 -30.25 -23.70
N PRO C 243 19.76 -31.28 -23.49
CA PRO C 243 18.45 -31.02 -22.86
C PRO C 243 18.53 -30.48 -21.44
N PHE C 244 19.60 -30.78 -20.71
CA PHE C 244 19.76 -30.17 -19.39
C PHE C 244 20.08 -28.69 -19.51
N LYS C 245 20.97 -28.34 -20.44
CA LYS C 245 21.35 -26.94 -20.59
C LYS C 245 20.26 -26.13 -21.28
N LEU C 246 19.40 -26.79 -22.07
CA LEU C 246 18.28 -26.09 -22.69
C LEU C 246 17.21 -25.76 -21.67
N ALA C 247 17.07 -26.60 -20.64
CA ALA C 247 16.12 -26.31 -19.57
C ALA C 247 16.59 -25.18 -18.67
N GLY C 248 17.88 -24.85 -18.70
CA GLY C 248 18.39 -23.73 -17.95
C GLY C 248 18.21 -22.41 -18.66
N VAL C 249 18.44 -22.40 -19.97
CA VAL C 249 18.32 -21.17 -20.75
C VAL C 249 16.87 -20.74 -20.88
N GLU C 250 15.97 -21.69 -21.13
CA GLU C 250 14.57 -21.38 -21.38
C GLU C 250 13.77 -21.09 -20.11
N GLY C 251 14.40 -21.09 -18.95
CA GLY C 251 13.70 -20.79 -17.72
C GLY C 251 12.76 -21.87 -17.25
N ASN C 252 12.97 -23.10 -17.68
CA ASN C 252 12.05 -24.19 -17.38
C ASN C 252 12.48 -24.85 -16.09
N THR C 253 11.86 -24.44 -14.97
CA THR C 253 12.25 -24.92 -13.66
C THR C 253 11.69 -26.29 -13.33
N VAL C 254 10.54 -26.64 -13.92
CA VAL C 254 9.95 -27.94 -13.64
C VAL C 254 10.72 -29.05 -14.35
N MET C 255 11.23 -28.76 -15.55
CA MET C 255 12.13 -29.66 -16.26
C MET C 255 13.59 -29.48 -15.85
N PHE C 256 13.83 -28.86 -14.70
CA PHE C 256 15.17 -28.76 -14.10
C PHE C 256 15.27 -29.53 -12.80
N GLN C 257 14.23 -29.45 -11.96
CA GLN C 257 14.19 -30.27 -10.75
C GLN C 257 14.03 -31.74 -11.09
N HIS C 258 13.29 -32.04 -12.17
CA HIS C 258 13.11 -33.43 -12.56
C HIS C 258 14.35 -34.01 -13.23
N LEU C 259 15.08 -33.19 -13.98
CA LEU C 259 16.29 -33.65 -14.64
C LEU C 259 17.51 -33.64 -13.74
N MET C 260 17.41 -33.10 -12.53
CA MET C 260 18.56 -33.07 -11.65
C MET C 260 18.68 -34.37 -10.85
N GLN C 261 17.57 -35.10 -10.72
CA GLN C 261 17.50 -36.29 -9.88
C GLN C 261 18.30 -37.46 -10.47
N LYS C 262 18.69 -37.35 -11.75
CA LYS C 262 19.64 -38.30 -12.31
C LYS C 262 21.06 -38.05 -11.81
N ARG C 263 21.35 -36.85 -11.33
CA ARG C 263 22.73 -36.45 -11.05
C ARG C 263 23.10 -36.48 -9.58
N LYS C 264 22.14 -36.48 -8.66
CA LYS C 264 22.49 -36.50 -7.25
C LYS C 264 22.65 -37.94 -6.75
N HIS C 265 23.68 -38.15 -5.92
CA HIS C 265 23.96 -39.44 -5.31
C HIS C 265 23.82 -39.28 -3.82
N THR C 266 22.70 -39.76 -3.26
CA THR C 266 22.45 -39.58 -1.85
C THR C 266 23.32 -40.54 -1.01
N GLN C 267 24.04 -39.96 -0.07
CA GLN C 267 24.84 -40.68 0.90
C GLN C 267 23.95 -41.04 2.10
N TRP C 268 24.57 -41.31 3.24
CA TRP C 268 23.90 -41.66 4.48
C TRP C 268 22.77 -40.68 4.84
N THR C 269 21.72 -41.24 5.42
CA THR C 269 20.66 -40.47 6.05
C THR C 269 20.61 -40.87 7.53
N TYR C 270 20.48 -39.88 8.40
CA TYR C 270 20.68 -40.05 9.85
C TYR C 270 19.52 -39.35 10.55
N GLY C 271 18.43 -40.08 10.73
CA GLY C 271 17.22 -39.51 11.25
C GLY C 271 16.64 -38.47 10.31
N PRO C 272 16.68 -37.20 10.71
CA PRO C 272 16.23 -36.13 9.82
C PRO C 272 17.31 -35.65 8.86
N LEU C 273 18.59 -35.87 9.16
CA LEU C 273 19.66 -35.42 8.28
C LEU C 273 19.74 -36.29 7.03
N THR C 274 20.15 -35.68 5.93
CA THR C 274 20.28 -36.38 4.65
C THR C 274 21.43 -35.72 3.90
N SER C 275 22.54 -36.45 3.73
CA SER C 275 23.75 -35.87 3.13
C SER C 275 23.79 -36.18 1.65
N THR C 276 22.99 -35.44 0.88
CA THR C 276 22.97 -35.64 -0.56
C THR C 276 24.23 -35.05 -1.19
N LEU C 277 24.43 -35.36 -2.47
CA LEU C 277 25.67 -35.01 -3.14
C LEU C 277 25.43 -34.85 -4.63
N TYR C 278 25.63 -33.64 -5.14
CA TYR C 278 25.29 -33.28 -6.50
C TYR C 278 26.47 -33.45 -7.43
N ASP C 279 26.18 -33.61 -8.72
CA ASP C 279 27.21 -34.05 -9.67
C ASP C 279 28.09 -32.89 -10.11
N LEU C 280 27.46 -31.79 -10.58
CA LEU C 280 28.11 -30.52 -10.90
C LEU C 280 29.17 -30.68 -11.99
N THR C 281 28.70 -31.11 -13.17
CA THR C 281 29.56 -31.23 -14.33
C THR C 281 29.16 -30.28 -15.44
N GLU C 282 27.88 -30.27 -15.81
CA GLU C 282 27.39 -29.33 -16.81
C GLU C 282 27.02 -27.97 -16.23
N ILE C 283 27.22 -27.78 -14.92
CA ILE C 283 26.92 -26.50 -14.29
C ILE C 283 28.17 -25.62 -14.22
N ASP C 284 29.24 -26.14 -13.65
CA ASP C 284 30.46 -25.37 -13.44
C ASP C 284 31.27 -25.32 -14.72
N SER C 285 32.01 -24.22 -14.90
CA SER C 285 32.75 -23.97 -16.13
C SER C 285 33.96 -24.88 -16.20
N SER C 286 33.90 -25.87 -17.09
CA SER C 286 35.01 -26.77 -17.35
C SER C 286 35.91 -26.19 -18.44
N GLY C 287 36.76 -27.02 -19.03
CA GLY C 287 37.58 -26.59 -20.15
C GLY C 287 36.77 -26.23 -21.38
N ASP C 288 35.54 -26.74 -21.46
CA ASP C 288 34.53 -26.31 -22.42
C ASP C 288 34.26 -24.81 -22.28
N GLU C 289 33.98 -24.15 -23.40
CA GLU C 289 33.96 -22.69 -23.43
C GLU C 289 32.75 -22.12 -22.69
N GLN C 290 31.67 -22.89 -22.60
CA GLN C 290 30.45 -22.40 -21.98
C GLN C 290 30.07 -23.25 -20.77
N SER C 291 29.28 -22.65 -19.89
CA SER C 291 28.77 -23.32 -18.70
C SER C 291 27.29 -23.04 -18.60
N LEU C 292 26.66 -23.59 -17.57
CA LEU C 292 25.27 -23.27 -17.31
C LEU C 292 25.13 -21.86 -16.75
N LEU C 293 26.07 -21.44 -15.91
CA LEU C 293 26.01 -20.11 -15.29
C LEU C 293 26.26 -18.99 -16.28
N GLU C 294 27.00 -19.23 -17.35
CA GLU C 294 27.18 -18.24 -18.39
C GLU C 294 25.96 -18.10 -19.27
N LEU C 295 25.20 -19.17 -19.47
CA LEU C 295 24.04 -19.12 -20.36
C LEU C 295 22.84 -18.50 -19.68
N ILE C 296 22.73 -18.67 -18.36
CA ILE C 296 21.62 -18.08 -17.61
C ILE C 296 21.74 -16.57 -17.58
N ILE C 297 22.95 -16.06 -17.34
CA ILE C 297 23.11 -14.64 -17.09
C ILE C 297 23.19 -13.82 -18.38
N THR C 298 23.48 -14.44 -19.53
CA THR C 298 23.62 -13.70 -20.77
C THR C 298 22.45 -13.88 -21.72
N THR C 299 21.44 -14.66 -21.35
CA THR C 299 20.29 -14.80 -22.23
C THR C 299 19.35 -13.62 -22.05
N LYS C 300 18.46 -13.45 -23.03
CA LYS C 300 17.54 -12.32 -23.06
C LYS C 300 16.23 -12.58 -22.33
N LYS C 301 16.16 -13.63 -21.53
CA LYS C 301 14.93 -13.96 -20.81
C LYS C 301 15.01 -13.50 -19.37
N ARG C 302 13.83 -13.38 -18.77
CA ARG C 302 13.70 -13.00 -17.36
C ARG C 302 13.39 -14.19 -16.47
N GLU C 303 12.67 -15.18 -16.99
CA GLU C 303 12.37 -16.40 -16.23
C GLU C 303 13.57 -17.32 -16.11
N ALA C 304 14.64 -17.07 -16.87
CA ALA C 304 15.84 -17.87 -16.73
C ALA C 304 16.58 -17.58 -15.43
N ARG C 305 16.37 -16.39 -14.84
CA ARG C 305 17.02 -16.09 -13.58
C ARG C 305 16.30 -16.72 -12.40
N GLN C 306 15.11 -17.29 -12.61
CA GLN C 306 14.40 -17.99 -11.54
C GLN C 306 15.07 -19.32 -11.21
N ILE C 307 15.83 -19.88 -12.15
CA ILE C 307 16.47 -21.19 -11.96
C ILE C 307 17.75 -21.07 -11.15
N LEU C 308 18.18 -19.86 -10.85
CA LEU C 308 19.42 -19.57 -10.14
C LEU C 308 19.20 -19.57 -8.63
N ASP C 309 18.13 -20.22 -8.17
CA ASP C 309 17.79 -20.33 -6.76
C ASP C 309 17.74 -21.79 -6.33
N GLN C 310 17.80 -22.72 -7.29
CA GLN C 310 17.68 -24.15 -7.02
C GLN C 310 18.90 -24.67 -6.25
N THR C 311 18.69 -25.78 -5.56
CA THR C 311 19.67 -26.37 -4.65
C THR C 311 21.03 -26.84 -5.20
N PRO C 312 21.24 -27.13 -6.51
CA PRO C 312 22.64 -27.34 -6.93
C PRO C 312 23.39 -26.04 -7.14
N VAL C 313 22.66 -25.01 -7.54
CA VAL C 313 23.28 -23.78 -8.05
C VAL C 313 23.42 -22.72 -6.95
N LYS C 314 22.39 -22.59 -6.10
CA LYS C 314 22.42 -21.56 -5.05
C LYS C 314 23.51 -21.81 -4.03
N GLU C 315 23.80 -23.08 -3.72
CA GLU C 315 24.94 -23.40 -2.88
C GLU C 315 26.26 -23.38 -3.64
N LEU C 316 26.26 -23.16 -4.95
CA LEU C 316 27.51 -23.06 -5.70
C LEU C 316 27.99 -21.63 -5.81
N VAL C 317 27.15 -20.72 -6.29
CA VAL C 317 27.57 -19.33 -6.45
C VAL C 317 27.69 -18.60 -5.12
N SER C 318 27.12 -19.13 -4.05
CA SER C 318 27.35 -18.59 -2.72
C SER C 318 28.49 -19.28 -1.99
N LEU C 319 29.12 -20.25 -2.63
CA LEU C 319 30.38 -20.80 -2.15
C LEU C 319 31.54 -20.35 -3.01
N LYS C 320 31.27 -19.94 -4.24
CA LYS C 320 32.26 -19.38 -5.15
C LYS C 320 32.47 -17.89 -4.90
N TRP C 321 31.63 -17.26 -4.09
CA TRP C 321 31.72 -15.84 -3.78
C TRP C 321 32.21 -15.55 -2.38
N LYS C 322 31.83 -16.34 -1.37
CA LYS C 322 32.31 -16.11 -0.02
C LYS C 322 33.80 -16.35 0.08
N ARG C 323 34.29 -17.38 -0.57
CA ARG C 323 35.72 -17.55 -0.77
C ARG C 323 36.03 -17.34 -2.24
N TYR C 324 37.23 -16.81 -2.49
CA TYR C 324 37.87 -16.60 -3.79
C TYR C 324 37.25 -15.48 -4.62
N GLY C 325 36.09 -14.96 -4.24
CA GLY C 325 35.41 -14.03 -5.12
C GLY C 325 35.18 -12.66 -4.51
N ARG C 326 34.98 -12.62 -3.20
CA ARG C 326 34.93 -11.33 -2.51
C ARG C 326 36.30 -10.71 -2.26
N PRO C 327 37.35 -11.44 -1.84
CA PRO C 327 38.65 -10.77 -1.74
C PRO C 327 39.28 -10.37 -3.08
N TYR C 328 38.87 -10.96 -4.20
CA TYR C 328 39.37 -10.47 -5.47
C TYR C 328 38.51 -9.37 -6.05
N PHE C 329 37.39 -9.05 -5.41
CA PHE C 329 36.56 -7.94 -5.83
C PHE C 329 36.75 -6.71 -4.94
N CYS C 330 37.32 -6.88 -3.76
CA CYS C 330 37.66 -5.73 -2.93
C CYS C 330 39.10 -5.27 -3.14
N MET C 331 40.01 -6.15 -3.53
CA MET C 331 41.32 -5.69 -3.98
C MET C 331 41.23 -4.94 -5.30
N LEU C 332 40.30 -5.34 -6.16
CA LEU C 332 40.03 -4.65 -7.41
C LEU C 332 39.19 -3.39 -7.21
N GLY C 333 38.72 -3.12 -6.00
CA GLY C 333 37.93 -1.95 -5.72
C GLY C 333 38.63 -1.01 -4.76
N ALA C 334 39.82 -1.41 -4.31
CA ALA C 334 40.68 -0.52 -3.55
C ALA C 334 41.86 -0.02 -4.34
N ILE C 335 42.26 -0.71 -5.41
CA ILE C 335 43.21 -0.13 -6.34
C ILE C 335 42.54 0.97 -7.16
N TYR C 336 41.30 0.75 -7.55
CA TYR C 336 40.59 1.75 -8.35
C TYR C 336 40.21 2.97 -7.52
N LEU C 337 39.99 2.80 -6.22
CA LEU C 337 39.65 3.95 -5.38
C LEU C 337 40.90 4.73 -4.99
N LEU C 338 42.07 4.10 -5.02
CA LEU C 338 43.34 4.80 -4.90
C LEU C 338 43.89 5.22 -6.24
N TYR C 339 43.17 4.96 -7.32
CA TYR C 339 43.52 5.47 -8.63
C TYR C 339 42.78 6.76 -8.95
N ILE C 340 41.49 6.81 -8.61
CA ILE C 340 40.69 7.97 -8.94
C ILE C 340 40.91 9.09 -7.92
N ILE C 341 41.56 8.80 -6.79
CA ILE C 341 42.05 9.87 -5.93
C ILE C 341 43.35 10.42 -6.49
N CYS C 342 44.18 9.55 -7.08
CA CYS C 342 45.38 10.01 -7.77
C CYS C 342 45.06 10.82 -9.01
N PHE C 343 43.87 10.62 -9.59
CA PHE C 343 43.49 11.42 -10.75
C PHE C 343 42.88 12.75 -10.34
N THR C 344 42.11 12.78 -9.24
CA THR C 344 41.56 14.04 -8.76
C THR C 344 42.66 14.93 -8.22
N MET C 345 43.69 14.33 -7.62
CA MET C 345 44.78 15.11 -7.05
C MET C 345 45.65 15.75 -8.12
N CYS C 346 45.87 15.06 -9.24
CA CYS C 346 46.67 15.60 -10.32
C CYS C 346 45.85 16.41 -11.31
N CYS C 347 44.64 16.80 -10.93
CA CYS C 347 43.75 17.55 -11.81
C CYS C 347 43.25 18.84 -11.19
N ILE C 348 43.25 18.97 -9.86
CA ILE C 348 42.98 20.26 -9.23
C ILE C 348 44.27 21.04 -8.98
N TYR C 349 45.42 20.50 -9.36
CA TYR C 349 46.69 21.22 -9.38
C TYR C 349 47.17 21.49 -10.80
N ARG C 350 46.23 21.62 -11.73
CA ARG C 350 46.57 21.86 -13.12
C ARG C 350 47.13 23.28 -13.28
N PRO C 351 48.00 23.54 -14.33
CA PRO C 351 49.00 24.62 -14.24
C PRO C 351 48.56 26.07 -13.99
N LEU C 352 47.76 26.70 -14.88
CA LEU C 352 47.08 27.98 -14.60
C LEU C 352 47.95 29.21 -14.26
N LYS C 353 48.60 29.80 -15.26
CA LYS C 353 49.37 31.05 -15.14
C LYS C 353 48.40 32.22 -14.90
N PRO C 354 48.91 33.45 -14.50
CA PRO C 354 47.95 34.46 -14.04
C PRO C 354 47.17 35.28 -15.07
N ARG C 355 47.68 35.55 -16.30
CA ARG C 355 46.96 35.96 -17.53
C ARG C 355 47.94 36.14 -18.68
N THR C 356 47.40 36.43 -19.88
CA THR C 356 48.21 36.94 -20.97
C THR C 356 47.77 38.35 -21.37
N ASN C 357 46.51 38.50 -21.75
CA ASN C 357 46.04 39.72 -22.40
C ASN C 357 45.17 40.55 -21.46
N ASN C 358 44.59 41.63 -21.98
CA ASN C 358 43.74 42.51 -21.20
C ASN C 358 42.36 41.90 -21.04
N ARG C 359 41.51 42.60 -20.29
CA ARG C 359 40.09 42.29 -20.21
C ARG C 359 39.46 42.54 -21.57
N THR C 360 38.99 41.48 -22.23
CA THR C 360 38.50 41.63 -23.60
C THR C 360 37.17 42.39 -23.63
N SER C 361 36.75 42.78 -24.85
CA SER C 361 35.70 43.74 -25.19
C SER C 361 34.42 43.76 -24.36
N PRO C 362 33.81 42.61 -23.91
CA PRO C 362 32.62 42.74 -23.04
C PRO C 362 32.92 43.36 -21.68
N ARG C 363 32.19 44.42 -21.35
CA ARG C 363 32.40 45.07 -20.06
C ARG C 363 31.78 44.22 -18.97
N ASP C 364 32.66 43.58 -18.18
CA ASP C 364 32.36 42.80 -16.98
C ASP C 364 31.52 41.54 -17.27
N ASN C 365 31.20 41.26 -18.53
CA ASN C 365 30.59 39.97 -18.84
C ASN C 365 31.63 38.87 -18.79
N THR C 366 32.88 39.18 -19.12
CA THR C 366 33.92 38.17 -19.21
C THR C 366 34.81 38.24 -17.96
N LEU C 367 34.40 37.52 -16.93
CA LEU C 367 35.26 37.30 -15.78
C LEU C 367 35.96 35.96 -16.02
N LEU C 368 37.25 36.04 -16.34
CA LEU C 368 38.14 34.88 -16.40
C LEU C 368 39.55 35.43 -16.30
N GLN C 369 40.36 34.86 -15.42
CA GLN C 369 41.62 35.51 -15.08
C GLN C 369 42.73 34.49 -14.85
N GLN C 370 42.71 33.34 -15.54
CA GLN C 370 43.86 32.46 -15.48
C GLN C 370 44.45 32.21 -16.86
N LYS C 371 43.72 31.57 -17.80
CA LYS C 371 44.25 31.16 -19.11
C LYS C 371 45.49 30.26 -18.98
N LEU C 372 45.28 28.97 -18.67
CA LEU C 372 46.29 27.98 -18.27
C LEU C 372 47.56 27.94 -19.13
N LEU C 373 48.65 27.47 -18.51
CA LEU C 373 50.01 27.50 -19.06
C LEU C 373 50.14 26.76 -20.38
N GLN C 374 51.24 27.05 -21.10
CA GLN C 374 51.54 26.34 -22.34
C GLN C 374 52.35 25.06 -22.09
N GLU C 375 53.64 25.20 -21.77
CA GLU C 375 54.52 24.04 -21.71
C GLU C 375 55.64 24.22 -20.68
N ALA C 376 55.32 24.59 -19.46
CA ALA C 376 56.34 24.69 -18.41
C ALA C 376 56.14 23.59 -17.39
N TYR C 377 57.16 22.72 -17.25
CA TYR C 377 57.21 21.65 -16.25
C TYR C 377 58.41 21.82 -15.33
N MET C 378 58.82 23.05 -15.07
CA MET C 378 59.84 23.35 -14.08
C MET C 378 59.18 23.43 -12.71
N THR C 379 59.93 23.94 -11.71
CA THR C 379 59.46 24.18 -10.33
C THR C 379 59.00 22.87 -9.68
N PRO C 380 59.97 22.07 -9.10
CA PRO C 380 59.76 20.64 -8.78
C PRO C 380 58.46 20.14 -8.17
N LYS C 381 57.61 21.01 -7.63
CA LYS C 381 56.23 20.63 -7.34
C LYS C 381 55.45 20.23 -8.59
N ASP C 382 55.89 20.62 -9.79
CA ASP C 382 55.30 20.08 -11.01
C ASP C 382 55.90 18.75 -11.41
N ASP C 383 57.09 18.41 -10.91
CA ASP C 383 57.66 17.09 -11.18
C ASP C 383 57.05 16.01 -10.28
N ILE C 384 56.47 16.40 -9.14
CA ILE C 384 55.69 15.45 -8.35
C ILE C 384 54.37 15.17 -9.05
N ARG C 385 53.78 16.19 -9.69
CA ARG C 385 52.54 16.00 -10.41
C ARG C 385 52.74 15.16 -11.66
N LEU C 386 53.92 15.21 -12.27
CA LEU C 386 54.20 14.43 -13.47
C LEU C 386 54.20 12.94 -13.19
N VAL C 387 54.65 12.54 -12.00
CA VAL C 387 54.53 11.14 -11.59
C VAL C 387 53.06 10.81 -11.33
N GLY C 388 52.30 11.77 -10.80
CA GLY C 388 50.89 11.54 -10.57
C GLY C 388 50.03 11.62 -11.82
N GLU C 389 50.58 12.13 -12.92
CA GLU C 389 49.85 12.12 -14.19
C GLU C 389 50.16 10.90 -15.04
N LEU C 390 51.39 10.41 -15.01
CA LEU C 390 51.73 9.20 -15.76
C LEU C 390 51.08 7.95 -15.19
N VAL C 391 50.71 7.97 -13.90
CA VAL C 391 49.94 6.86 -13.35
C VAL C 391 48.51 6.90 -13.91
N THR C 392 47.95 8.09 -14.09
CA THR C 392 46.60 8.18 -14.62
C THR C 392 46.52 7.95 -16.11
N VAL C 393 47.65 7.94 -16.82
CA VAL C 393 47.64 7.63 -18.24
C VAL C 393 47.90 6.14 -18.48
N ILE C 394 48.86 5.57 -17.75
CA ILE C 394 49.08 4.13 -17.75
C ILE C 394 47.85 3.40 -17.26
N GLY C 395 47.19 3.95 -16.23
CA GLY C 395 45.95 3.37 -15.75
C GLY C 395 44.77 3.51 -16.69
N ALA C 396 44.87 4.34 -17.72
CA ALA C 396 43.81 4.49 -18.71
C ALA C 396 44.12 3.80 -20.02
N ILE C 397 45.31 3.20 -20.15
CA ILE C 397 45.59 2.32 -21.28
C ILE C 397 45.29 0.87 -20.91
N ILE C 398 45.56 0.49 -19.66
CA ILE C 398 45.26 -0.84 -19.15
C ILE C 398 43.75 -1.10 -19.16
N ILE C 399 42.93 -0.04 -18.99
CA ILE C 399 41.50 -0.18 -19.19
C ILE C 399 41.18 -0.46 -20.65
N LEU C 400 41.89 0.20 -21.58
CA LEU C 400 41.65 -0.03 -22.98
C LEU C 400 42.34 -1.28 -23.53
N LEU C 401 43.00 -2.08 -22.68
CA LEU C 401 43.57 -3.33 -23.11
C LEU C 401 42.84 -4.55 -22.56
N VAL C 402 41.89 -4.34 -21.65
CA VAL C 402 41.12 -5.46 -21.10
C VAL C 402 39.65 -5.25 -21.43
N GLU C 403 39.35 -4.21 -22.19
CA GLU C 403 37.98 -3.92 -22.60
C GLU C 403 37.81 -3.85 -24.11
N VAL C 404 38.73 -3.21 -24.82
CA VAL C 404 38.64 -3.06 -26.27
C VAL C 404 39.02 -4.38 -26.96
N PRO C 405 40.03 -5.19 -26.51
CA PRO C 405 40.10 -6.55 -27.04
C PRO C 405 39.14 -7.53 -26.38
N ASP C 406 37.91 -7.10 -26.14
CA ASP C 406 36.82 -7.98 -25.75
C ASP C 406 35.66 -7.79 -26.71
N ILE C 407 35.30 -6.53 -26.96
CA ILE C 407 34.18 -6.21 -27.85
C ILE C 407 34.59 -6.42 -29.30
N PHE C 408 35.83 -6.06 -29.64
CA PHE C 408 36.35 -6.21 -31.00
C PHE C 408 37.01 -7.57 -31.20
N ARG C 409 36.60 -8.53 -30.36
CA ARG C 409 37.09 -9.89 -30.45
C ARG C 409 35.90 -10.84 -30.39
N MET C 410 34.78 -10.36 -29.84
CA MET C 410 33.54 -11.13 -29.77
C MET C 410 32.45 -10.61 -30.70
N GLY C 411 32.58 -9.37 -31.19
CA GLY C 411 31.66 -8.87 -32.18
C GLY C 411 30.41 -8.20 -31.62
N VAL C 412 29.58 -8.98 -30.93
CA VAL C 412 28.31 -8.45 -30.45
C VAL C 412 28.55 -7.58 -29.22
N THR C 413 27.72 -6.55 -29.07
CA THR C 413 27.86 -5.56 -27.99
C THR C 413 26.56 -5.49 -27.18
N ARG C 414 26.01 -6.67 -26.91
CA ARG C 414 24.79 -6.90 -26.11
C ARG C 414 23.59 -6.16 -26.67
N PRO C 424 26.03 -2.06 -18.11
CA PRO C 424 26.52 -0.85 -18.77
C PRO C 424 27.52 -0.07 -17.97
N PHE C 425 28.30 -0.72 -17.11
CA PHE C 425 29.51 -0.10 -16.60
C PHE C 425 30.73 -0.43 -17.46
N HIS C 426 30.55 -1.19 -18.54
CA HIS C 426 31.61 -1.27 -19.53
C HIS C 426 31.73 0.04 -20.28
N VAL C 427 30.61 0.70 -20.56
CA VAL C 427 30.65 1.88 -21.39
C VAL C 427 30.91 3.13 -20.57
N LEU C 428 30.82 3.05 -19.24
CA LEU C 428 31.24 4.14 -18.38
C LEU C 428 32.66 3.99 -17.87
N ILE C 429 33.37 2.92 -18.25
CA ILE C 429 34.79 2.79 -17.94
C ILE C 429 35.65 2.92 -19.17
N ILE C 430 35.08 2.75 -20.37
CA ILE C 430 35.80 3.06 -21.59
C ILE C 430 35.67 4.53 -21.95
N THR C 431 34.51 5.13 -21.63
CA THR C 431 34.34 6.57 -21.83
C THR C 431 35.24 7.37 -20.90
N TYR C 432 35.44 6.90 -19.66
CA TYR C 432 36.49 7.45 -18.81
C TYR C 432 37.86 7.25 -19.42
N ALA C 433 38.08 6.12 -20.08
CA ALA C 433 39.39 5.83 -20.63
C ALA C 433 39.70 6.65 -21.87
N PHE C 434 38.69 7.17 -22.56
CA PHE C 434 38.97 8.07 -23.67
C PHE C 434 39.24 9.49 -23.18
N MET C 435 38.49 9.96 -22.17
CA MET C 435 38.60 11.34 -21.72
C MET C 435 39.94 11.62 -21.04
N VAL C 436 40.62 10.61 -20.52
CA VAL C 436 41.99 10.81 -20.10
C VAL C 436 42.92 10.82 -21.30
N LEU C 437 42.68 9.93 -22.27
CA LEU C 437 43.49 9.88 -23.47
C LEU C 437 43.25 11.05 -24.42
N VAL C 438 42.10 11.71 -24.34
CA VAL C 438 41.91 12.96 -25.08
C VAL C 438 42.73 14.07 -24.45
N THR C 439 42.73 14.13 -23.11
CA THR C 439 43.42 15.19 -22.38
C THR C 439 44.93 15.10 -22.56
N MET C 440 45.47 13.90 -22.73
CA MET C 440 46.89 13.76 -23.02
C MET C 440 47.24 14.33 -24.38
N VAL C 441 46.43 14.02 -25.39
CA VAL C 441 46.68 14.57 -26.73
C VAL C 441 46.42 16.06 -26.74
N MET C 442 45.44 16.53 -25.97
CA MET C 442 45.08 17.94 -25.93
C MET C 442 46.10 18.78 -25.15
N ARG C 443 46.91 18.17 -24.28
CA ARG C 443 47.96 18.91 -23.59
C ARG C 443 49.28 18.91 -24.34
N LEU C 444 49.64 17.81 -25.01
CA LEU C 444 50.91 17.74 -25.72
C LEU C 444 50.96 18.68 -26.91
N ILE C 445 49.80 19.00 -27.50
CA ILE C 445 49.77 19.97 -28.59
C ILE C 445 49.40 21.37 -28.10
N SER C 446 49.26 21.54 -26.78
CA SER C 446 48.96 22.83 -26.12
C SER C 446 47.67 23.46 -26.64
N ALA C 447 46.65 22.62 -26.83
CA ALA C 447 45.34 23.14 -27.17
C ALA C 447 44.71 23.79 -25.95
N SER C 448 43.75 24.68 -26.20
CA SER C 448 43.35 25.63 -25.17
C SER C 448 42.39 25.04 -24.15
N GLY C 449 41.19 24.67 -24.58
CA GLY C 449 40.17 24.33 -23.62
C GLY C 449 40.17 22.87 -23.22
N GLU C 450 40.79 22.54 -22.09
CA GLU C 450 40.81 21.16 -21.61
C GLU C 450 40.06 21.02 -20.29
N VAL C 451 39.18 21.98 -19.96
CA VAL C 451 38.31 21.83 -18.83
C VAL C 451 37.06 21.06 -19.19
N VAL C 452 36.82 20.82 -20.47
CA VAL C 452 35.71 19.96 -20.90
C VAL C 452 36.08 18.47 -20.90
N PRO C 453 37.25 17.99 -21.34
CA PRO C 453 37.53 16.57 -21.08
C PRO C 453 37.85 16.26 -19.62
N MET C 454 38.31 17.23 -18.85
CA MET C 454 38.49 17.01 -17.42
C MET C 454 37.20 17.11 -16.64
N SER C 455 36.07 17.39 -17.28
CA SER C 455 34.79 17.41 -16.62
C SER C 455 33.90 16.25 -17.03
N PHE C 456 34.29 15.47 -18.03
CA PHE C 456 33.69 14.18 -18.30
C PHE C 456 34.52 13.05 -17.72
N ALA C 457 35.61 13.35 -17.03
CA ALA C 457 36.41 12.34 -16.38
C ALA C 457 36.40 12.44 -14.87
N LEU C 458 36.14 13.62 -14.30
CA LEU C 458 35.93 13.76 -12.88
C LEU C 458 34.54 13.36 -12.43
N VAL C 459 33.59 13.19 -13.35
CA VAL C 459 32.28 12.70 -12.98
C VAL C 459 31.99 11.30 -13.52
N LEU C 460 32.54 10.91 -14.67
CA LEU C 460 32.48 9.51 -15.04
C LEU C 460 33.49 8.67 -14.28
N GLY C 461 34.54 9.30 -13.76
CA GLY C 461 35.54 8.56 -13.01
C GLY C 461 35.13 8.26 -11.59
N TRP C 462 34.44 9.20 -10.94
CA TRP C 462 33.99 8.95 -9.58
C TRP C 462 32.75 8.09 -9.54
N CYS C 463 31.80 8.32 -10.44
CA CYS C 463 30.54 7.58 -10.44
C CYS C 463 30.67 6.16 -10.98
N ASN C 464 31.89 5.63 -11.16
CA ASN C 464 32.10 4.21 -11.36
C ASN C 464 32.56 3.50 -10.10
N VAL C 465 32.72 4.22 -8.99
CA VAL C 465 32.87 3.58 -7.70
C VAL C 465 31.51 3.12 -7.18
N MET C 466 30.42 3.55 -7.82
CA MET C 466 29.12 2.94 -7.59
C MET C 466 29.02 1.55 -8.18
N TYR C 467 29.94 1.16 -9.07
CA TYR C 467 29.97 -0.21 -9.56
C TYR C 467 30.36 -1.18 -8.46
N PHE C 468 31.30 -0.79 -7.60
CA PHE C 468 31.81 -1.68 -6.57
C PHE C 468 30.89 -1.78 -5.36
N ALA C 469 29.69 -1.24 -5.44
CA ALA C 469 28.66 -1.47 -4.43
C ALA C 469 27.77 -2.64 -4.83
N ARG C 470 28.40 -3.76 -5.17
CA ARG C 470 27.67 -5.00 -5.39
C ARG C 470 28.35 -6.17 -4.70
N GLY C 471 29.51 -5.95 -4.10
CA GLY C 471 30.06 -6.89 -3.15
C GLY C 471 29.45 -6.79 -1.77
N PHE C 472 28.53 -5.85 -1.59
CA PHE C 472 27.82 -5.64 -0.34
C PHE C 472 26.35 -5.89 -0.60
N GLN C 473 25.70 -6.66 0.26
CA GLN C 473 24.34 -7.12 -0.04
C GLN C 473 23.34 -6.00 0.07
N MET C 474 23.50 -5.11 1.04
CA MET C 474 22.50 -4.09 1.27
C MET C 474 22.72 -2.86 0.40
N LEU C 475 23.94 -2.63 -0.08
CA LEU C 475 24.22 -1.57 -1.03
C LEU C 475 24.10 -2.05 -2.48
N GLY C 476 23.66 -3.28 -2.69
CA GLY C 476 23.69 -3.90 -3.98
C GLY C 476 22.72 -3.33 -5.00
N PRO C 477 21.41 -3.54 -4.79
CA PRO C 477 20.44 -3.10 -5.80
C PRO C 477 20.06 -1.64 -5.74
N PHE C 478 20.85 -0.81 -5.07
CA PHE C 478 20.70 0.63 -5.26
C PHE C 478 21.18 1.06 -6.63
N THR C 479 22.09 0.29 -7.21
CA THR C 479 22.51 0.55 -8.58
C THR C 479 21.44 0.10 -9.58
N ILE C 480 20.57 -0.83 -9.18
CA ILE C 480 19.47 -1.23 -10.06
C ILE C 480 18.40 -0.15 -10.10
N MET C 481 18.10 0.44 -8.93
CA MET C 481 17.05 1.46 -8.84
C MET C 481 17.40 2.69 -9.65
N ILE C 482 18.66 3.11 -9.65
CA ILE C 482 19.06 4.28 -10.41
C ILE C 482 19.08 4.00 -11.90
N GLN C 483 19.22 2.74 -12.32
CA GLN C 483 19.03 2.42 -13.74
C GLN C 483 17.56 2.50 -14.11
N LYS C 484 16.69 1.86 -13.33
CA LYS C 484 15.27 1.80 -13.66
C LYS C 484 14.54 3.10 -13.39
N MET C 485 15.17 4.07 -12.72
CA MET C 485 14.59 5.39 -12.61
C MET C 485 15.01 6.32 -13.73
N ILE C 486 16.12 6.04 -14.42
CA ILE C 486 16.54 6.86 -15.54
C ILE C 486 15.96 6.31 -16.82
N PHE C 487 16.29 5.07 -17.15
CA PHE C 487 15.91 4.52 -18.44
C PHE C 487 14.50 3.93 -18.44
N GLY C 488 13.76 4.03 -17.34
CA GLY C 488 12.43 3.46 -17.32
C GLY C 488 11.33 4.39 -16.86
N ASP C 489 11.67 5.44 -16.13
CA ASP C 489 10.69 6.41 -15.65
C ASP C 489 11.03 7.85 -15.95
N LEU C 490 12.25 8.13 -16.38
CA LEU C 490 12.64 9.48 -16.72
C LEU C 490 12.84 9.66 -18.21
N MET C 491 13.20 8.62 -18.95
CA MET C 491 13.19 8.70 -20.40
C MET C 491 11.80 8.56 -20.98
N ARG C 492 10.80 8.20 -20.17
CA ARG C 492 9.42 8.17 -20.63
C ARG C 492 8.64 9.42 -20.24
N PHE C 493 9.17 10.25 -19.35
CA PHE C 493 8.48 11.45 -18.92
C PHE C 493 9.36 12.68 -19.12
N CYS C 494 10.48 12.56 -19.82
CA CYS C 494 11.21 13.76 -20.21
C CYS C 494 10.67 14.34 -21.49
N TRP C 495 9.82 13.61 -22.20
CA TRP C 495 9.23 14.12 -23.42
C TRP C 495 7.95 14.88 -23.19
N LEU C 496 7.33 14.72 -22.02
CA LEU C 496 6.24 15.56 -21.57
C LEU C 496 6.71 16.67 -20.66
N MET C 497 8.00 16.72 -20.31
CA MET C 497 8.56 17.85 -19.60
C MET C 497 9.35 18.78 -20.51
N ALA C 498 9.94 18.28 -21.59
CA ALA C 498 10.64 19.15 -22.52
C ALA C 498 9.69 19.87 -23.47
N VAL C 499 8.39 19.64 -23.34
CA VAL C 499 7.36 20.36 -24.07
C VAL C 499 6.81 21.52 -23.25
N VAL C 500 6.55 21.30 -21.96
CA VAL C 500 6.13 22.37 -21.07
C VAL C 500 7.25 23.38 -20.87
N ILE C 501 8.48 22.89 -20.72
CA ILE C 501 9.64 23.77 -20.55
C ILE C 501 9.93 24.59 -21.81
N LEU C 502 9.81 24.00 -23.00
CA LEU C 502 9.85 24.80 -24.21
C LEU C 502 8.64 25.68 -24.41
N GLY C 503 7.51 25.36 -23.78
CA GLY C 503 6.34 26.18 -23.91
C GLY C 503 6.43 27.45 -23.08
N PHE C 504 6.82 27.31 -21.82
CA PHE C 504 6.89 28.46 -20.93
C PHE C 504 8.18 29.24 -21.03
N ALA C 505 9.28 28.65 -21.52
CA ALA C 505 10.48 29.46 -21.68
C ALA C 505 10.42 30.31 -22.93
N SER C 506 9.70 29.86 -23.95
CA SER C 506 9.48 30.68 -25.12
C SER C 506 8.33 31.66 -24.92
N ALA C 507 7.65 31.61 -23.78
CA ALA C 507 6.70 32.65 -23.40
C ALA C 507 7.27 33.60 -22.36
N PHE C 508 8.16 33.13 -21.49
CA PHE C 508 8.88 34.02 -20.60
C PHE C 508 9.87 34.90 -21.33
N TYR C 509 10.41 34.41 -22.45
CA TYR C 509 11.38 35.21 -23.20
C TYR C 509 10.72 36.38 -23.91
N ILE C 510 9.52 36.17 -24.44
CA ILE C 510 8.80 37.22 -25.16
C ILE C 510 8.38 38.34 -24.22
N ILE C 511 7.98 37.97 -23.00
CA ILE C 511 7.51 38.97 -22.04
C ILE C 511 8.65 39.86 -21.58
N PHE C 512 9.81 39.27 -21.27
CA PHE C 512 10.99 40.03 -20.89
C PHE C 512 11.91 40.33 -22.06
N GLN C 513 11.36 40.47 -23.26
CA GLN C 513 12.17 40.87 -24.39
C GLN C 513 12.23 42.38 -24.53
N THR C 514 11.23 43.09 -24.01
CA THR C 514 11.16 44.54 -24.03
C THR C 514 11.50 45.16 -22.68
N GLU C 515 12.48 44.61 -21.97
CA GLU C 515 12.78 45.03 -20.62
C GLU C 515 14.25 45.43 -20.52
N ASP C 516 14.70 45.69 -19.30
CA ASP C 516 16.10 46.04 -19.06
C ASP C 516 16.74 44.90 -18.29
N PRO C 517 17.59 44.07 -18.90
CA PRO C 517 18.12 42.87 -18.23
C PRO C 517 19.33 43.14 -17.34
N GLU C 518 19.28 44.24 -16.58
CA GLU C 518 20.17 44.44 -15.44
C GLU C 518 19.48 44.13 -14.14
N GLU C 519 18.21 44.50 -14.01
CA GLU C 519 17.32 44.02 -12.98
C GLU C 519 16.38 43.03 -13.65
N LEU C 520 16.18 41.87 -12.99
CA LEU C 520 15.42 40.71 -13.49
C LEU C 520 16.04 40.23 -14.81
N GLY C 521 17.26 39.73 -14.75
CA GLY C 521 17.97 39.35 -15.95
C GLY C 521 18.06 37.86 -16.15
N HIS C 522 17.03 37.15 -15.73
CA HIS C 522 16.96 35.70 -15.95
C HIS C 522 16.87 35.37 -17.43
N PHE C 523 15.90 35.97 -18.12
CA PHE C 523 15.60 35.62 -19.50
C PHE C 523 16.21 36.62 -20.47
N TYR C 524 17.53 36.75 -20.49
CA TYR C 524 18.12 37.80 -21.31
C TYR C 524 18.42 37.34 -22.74
N ASP C 525 18.70 36.06 -22.95
CA ASP C 525 18.72 35.50 -24.29
C ASP C 525 18.17 34.08 -24.26
N TYR C 526 17.83 33.58 -25.44
CA TYR C 526 16.99 32.38 -25.56
C TYR C 526 17.64 31.08 -25.09
N PRO C 527 18.95 30.81 -25.26
CA PRO C 527 19.51 29.67 -24.54
C PRO C 527 19.51 29.81 -23.02
N MET C 528 19.45 31.02 -22.47
CA MET C 528 19.35 31.16 -21.03
C MET C 528 17.92 31.10 -20.55
N ALA C 529 16.94 31.38 -21.43
CA ALA C 529 15.55 31.25 -21.03
C ALA C 529 15.16 29.80 -20.82
N LEU C 530 15.75 28.88 -21.58
CA LEU C 530 15.49 27.46 -21.39
C LEU C 530 16.15 26.93 -20.13
N PHE C 531 17.37 27.38 -19.84
CA PHE C 531 18.07 26.87 -18.67
C PHE C 531 17.50 27.45 -17.39
N SER C 532 17.03 28.69 -17.42
CA SER C 532 16.43 29.31 -16.26
C SER C 532 14.95 29.05 -16.16
N THR C 533 14.41 28.13 -16.95
CA THR C 533 13.06 27.58 -16.78
C THR C 533 13.11 26.11 -16.44
N PHE C 534 14.13 25.40 -16.93
CA PHE C 534 14.46 24.08 -16.41
C PHE C 534 14.74 24.12 -14.91
N GLU C 535 15.43 25.15 -14.44
CA GLU C 535 15.70 25.26 -13.01
C GLU C 535 14.46 25.65 -12.24
N LEU C 536 13.62 26.54 -12.79
CA LEU C 536 12.37 26.89 -12.12
C LEU C 536 11.38 25.75 -12.11
N PHE C 537 11.52 24.80 -13.03
CA PHE C 537 10.69 23.63 -13.05
C PHE C 537 10.96 22.75 -11.84
N LEU C 538 12.22 22.40 -11.64
CA LEU C 538 12.66 21.49 -10.59
C LEU C 538 12.67 22.11 -9.20
N THR C 539 12.42 23.42 -9.10
CA THR C 539 12.47 24.20 -7.86
C THR C 539 13.84 24.07 -7.20
N ILE C 540 14.85 24.59 -7.91
CA ILE C 540 16.18 24.72 -7.36
C ILE C 540 16.60 26.19 -7.26
N ILE C 541 16.31 26.98 -8.27
CA ILE C 541 16.40 28.42 -8.08
C ILE C 541 15.01 28.92 -7.73
N ASP C 542 14.94 30.15 -7.23
CA ASP C 542 13.73 30.59 -6.53
C ASP C 542 12.56 30.86 -7.46
N GLY C 543 12.68 31.88 -8.28
CA GLY C 543 11.55 32.42 -8.98
C GLY C 543 11.64 33.92 -8.91
N PRO C 544 11.70 34.55 -10.06
CA PRO C 544 12.21 35.92 -10.11
C PRO C 544 11.21 36.98 -9.70
N ALA C 545 11.73 38.03 -9.08
CA ALA C 545 10.96 39.18 -8.60
C ALA C 545 11.94 40.30 -8.32
N ASN C 546 11.46 41.53 -8.38
CA ASN C 546 12.37 42.62 -8.08
C ASN C 546 11.86 43.60 -7.05
N TYR C 547 10.56 43.90 -7.04
CA TYR C 547 9.84 44.67 -6.01
C TYR C 547 10.22 46.14 -5.94
N ASN C 548 11.21 46.56 -6.72
CA ASN C 548 11.56 47.97 -6.86
C ASN C 548 11.16 48.52 -8.21
N VAL C 549 10.71 47.66 -9.13
CA VAL C 549 10.31 48.03 -10.47
C VAL C 549 8.92 47.48 -10.72
N ASP C 550 8.34 47.88 -11.85
CA ASP C 550 7.08 47.30 -12.28
C ASP C 550 7.39 46.21 -13.29
N LEU C 551 7.28 44.96 -12.86
CA LEU C 551 7.34 43.83 -13.77
C LEU C 551 6.17 43.89 -14.73
N PRO C 552 6.32 43.36 -15.95
CA PRO C 552 5.21 43.40 -16.91
C PRO C 552 4.05 42.54 -16.45
N PHE C 553 2.86 42.94 -16.89
CA PHE C 553 1.61 42.39 -16.36
C PHE C 553 1.44 40.94 -16.72
N MET C 554 1.88 40.55 -17.91
CA MET C 554 1.68 39.19 -18.38
C MET C 554 2.61 38.20 -17.69
N TYR C 555 3.61 38.68 -16.96
CA TYR C 555 4.46 37.77 -16.21
C TYR C 555 3.74 37.19 -14.99
N SER C 556 2.96 38.01 -14.29
CA SER C 556 2.32 37.55 -13.05
C SER C 556 1.25 36.50 -13.30
N ILE C 557 0.71 36.44 -14.51
CA ILE C 557 -0.25 35.39 -14.87
C ILE C 557 0.48 34.15 -15.37
N THR C 558 1.51 34.33 -16.22
CA THR C 558 2.19 33.20 -16.82
C THR C 558 3.00 32.41 -15.80
N TYR C 559 3.62 33.11 -14.84
CA TYR C 559 4.36 32.38 -13.82
C TYR C 559 3.44 31.74 -12.80
N ALA C 560 2.26 32.31 -12.55
CA ALA C 560 1.33 31.68 -11.65
C ALA C 560 0.60 30.51 -12.27
N ALA C 561 0.74 30.30 -13.57
CA ALA C 561 0.30 29.08 -14.23
C ALA C 561 1.44 28.11 -14.47
N PHE C 562 2.69 28.55 -14.36
CA PHE C 562 3.84 27.66 -14.38
C PHE C 562 4.13 27.08 -13.01
N ALA C 563 3.75 27.78 -11.95
CA ALA C 563 3.92 27.23 -10.62
C ALA C 563 2.91 26.14 -10.31
N ILE C 564 1.80 26.10 -11.04
CA ILE C 564 0.76 25.11 -10.82
C ILE C 564 0.92 23.92 -11.76
N ILE C 565 1.05 24.16 -13.06
CA ILE C 565 1.10 23.06 -14.03
C ILE C 565 2.44 22.36 -14.03
N ALA C 566 3.48 22.96 -13.45
CA ALA C 566 4.81 22.46 -13.69
C ALA C 566 5.66 22.30 -12.44
N THR C 567 5.24 22.82 -11.29
CA THR C 567 6.00 22.68 -10.06
C THR C 567 5.35 21.72 -9.08
N LEU C 568 4.04 21.83 -8.83
CA LEU C 568 3.39 20.91 -7.91
C LEU C 568 2.63 19.79 -8.58
N LEU C 569 2.39 19.86 -9.87
CA LEU C 569 1.51 18.88 -10.50
C LEU C 569 2.19 18.00 -11.51
N MET C 570 3.27 18.44 -12.12
CA MET C 570 4.00 17.61 -13.06
C MET C 570 5.34 17.17 -12.52
N LEU C 571 5.91 17.90 -11.55
CA LEU C 571 7.08 17.41 -10.85
C LEU C 571 6.69 16.35 -9.82
N ASN C 572 5.61 16.58 -9.08
CA ASN C 572 5.14 15.62 -8.08
C ASN C 572 4.39 14.45 -8.67
N LEU C 573 4.28 14.38 -10.00
CA LEU C 573 3.89 13.16 -10.69
C LEU C 573 5.11 12.33 -11.04
N LEU C 574 6.26 12.98 -11.23
CA LEU C 574 7.48 12.23 -11.51
C LEU C 574 8.01 11.59 -10.24
N ILE C 575 7.94 12.30 -9.12
CA ILE C 575 8.43 11.77 -7.85
C ILE C 575 7.56 10.63 -7.36
N ALA C 576 6.29 10.59 -7.76
CA ALA C 576 5.47 9.42 -7.48
C ALA C 576 5.82 8.26 -8.39
N MET C 577 6.25 8.52 -9.62
CA MET C 577 6.72 7.45 -10.50
C MET C 577 8.04 6.87 -10.05
N MET C 578 8.83 7.63 -9.30
CA MET C 578 10.06 7.14 -8.71
C MET C 578 9.84 6.62 -7.30
N GLY C 579 8.62 6.30 -6.94
CA GLY C 579 8.30 5.83 -5.62
C GLY C 579 7.60 4.49 -5.68
N ASP C 580 7.27 4.03 -6.88
CA ASP C 580 6.86 2.66 -7.11
C ASP C 580 7.75 1.95 -8.11
N THR C 581 8.94 2.52 -8.36
CA THR C 581 10.06 1.81 -8.95
C THR C 581 11.09 1.46 -7.89
N HIS C 582 11.20 2.31 -6.87
CA HIS C 582 11.85 1.88 -5.65
C HIS C 582 11.11 0.75 -4.97
N TRP C 583 9.77 0.73 -5.05
CA TRP C 583 9.02 -0.29 -4.34
C TRP C 583 9.15 -1.64 -5.03
N ARG C 584 9.02 -1.68 -6.35
CA ARG C 584 9.04 -2.97 -7.04
C ARG C 584 10.45 -3.49 -7.29
N VAL C 585 11.47 -2.79 -6.83
CA VAL C 585 12.83 -3.33 -6.79
C VAL C 585 13.23 -3.74 -5.38
N ALA C 586 12.88 -2.96 -4.36
CA ALA C 586 13.17 -3.36 -2.99
C ALA C 586 12.31 -4.53 -2.53
N HIS C 587 11.23 -4.83 -3.24
CA HIS C 587 10.44 -6.03 -2.97
C HIS C 587 11.17 -7.31 -3.37
N GLU C 588 12.07 -7.23 -4.34
CA GLU C 588 12.87 -8.37 -4.76
C GLU C 588 14.36 -8.01 -4.65
N ARG C 589 14.74 -7.50 -3.48
CA ARG C 589 16.11 -7.05 -3.22
C ARG C 589 17.11 -8.19 -3.33
N ASP C 590 16.79 -9.35 -2.74
CA ASP C 590 17.77 -10.42 -2.66
C ASP C 590 17.91 -11.19 -3.97
N GLU C 591 16.90 -11.14 -4.84
CA GLU C 591 17.00 -11.82 -6.11
C GLU C 591 17.83 -11.02 -7.11
N LEU C 592 17.74 -9.70 -7.07
CA LEU C 592 18.56 -8.86 -7.93
C LEU C 592 20.02 -8.83 -7.50
N TRP C 593 20.30 -9.07 -6.23
CA TRP C 593 21.70 -9.08 -5.82
C TRP C 593 22.39 -10.36 -6.25
N ARG C 594 21.69 -11.49 -6.20
CA ARG C 594 22.31 -12.76 -6.55
C ARG C 594 22.58 -12.85 -8.05
N ALA C 595 21.82 -12.13 -8.86
CA ALA C 595 22.14 -12.04 -10.28
C ALA C 595 23.29 -11.08 -10.55
N GLN C 596 23.64 -10.22 -9.60
CA GLN C 596 24.82 -9.38 -9.73
C GLN C 596 26.08 -10.10 -9.27
N ILE C 597 25.95 -11.16 -8.50
CA ILE C 597 27.10 -11.94 -8.05
C ILE C 597 27.50 -12.98 -9.08
N VAL C 598 26.53 -13.56 -9.78
CA VAL C 598 26.84 -14.49 -10.86
C VAL C 598 27.47 -13.74 -12.03
N ALA C 599 26.97 -12.56 -12.36
CA ALA C 599 27.53 -11.78 -13.46
C ALA C 599 28.90 -11.21 -13.14
N THR C 600 29.23 -11.04 -11.86
CA THR C 600 30.56 -10.59 -11.48
C THR C 600 31.55 -11.73 -11.45
N THR C 601 31.13 -12.88 -10.90
CA THR C 601 32.02 -14.03 -10.76
C THR C 601 32.40 -14.61 -12.11
N VAL C 602 31.49 -14.63 -13.07
CA VAL C 602 31.79 -15.11 -14.41
C VAL C 602 32.75 -14.15 -15.11
N MET C 603 32.57 -12.85 -14.94
CA MET C 603 33.46 -11.87 -15.54
C MET C 603 34.85 -11.93 -14.93
N LEU C 604 34.95 -12.32 -13.68
CA LEU C 604 36.20 -12.33 -12.94
C LEU C 604 36.89 -13.69 -13.00
N GLU C 605 36.28 -14.67 -13.66
CA GLU C 605 36.83 -16.00 -13.80
C GLU C 605 37.54 -16.22 -15.13
N ARG C 606 37.04 -15.63 -16.20
CA ARG C 606 37.67 -15.80 -17.51
C ARG C 606 38.84 -14.86 -17.73
N LYS C 607 38.89 -13.73 -17.02
CA LYS C 607 39.98 -12.76 -17.20
C LYS C 607 41.13 -13.10 -16.25
N LEU C 608 40.82 -13.26 -14.99
CA LEU C 608 41.80 -13.61 -13.98
C LEU C 608 42.15 -15.09 -14.14
N PRO C 609 43.42 -15.44 -14.35
CA PRO C 609 43.74 -16.80 -14.84
C PRO C 609 43.72 -17.87 -13.76
N ARG C 610 44.06 -19.08 -14.15
CA ARG C 610 44.23 -20.19 -13.22
C ARG C 610 45.51 -20.03 -12.42
N CYS C 611 45.68 -20.91 -11.43
CA CYS C 611 46.63 -20.92 -10.30
C CYS C 611 46.34 -19.80 -9.31
N LEU C 612 45.32 -18.99 -9.55
CA LEU C 612 44.83 -18.00 -8.61
C LEU C 612 43.34 -18.19 -8.41
N TRP C 613 42.72 -19.08 -9.19
CA TRP C 613 41.29 -19.36 -9.10
C TRP C 613 41.10 -20.84 -9.38
N PRO C 614 41.17 -21.68 -8.35
CA PRO C 614 41.04 -23.12 -8.57
C PRO C 614 39.58 -23.52 -8.78
N ARG C 615 39.41 -24.77 -9.19
CA ARG C 615 38.07 -25.31 -9.45
C ARG C 615 37.28 -25.43 -8.16
N SER C 616 35.97 -25.21 -8.26
CA SER C 616 35.12 -25.29 -7.09
C SER C 616 34.58 -26.69 -6.91
N GLY C 617 34.42 -27.08 -5.65
CA GLY C 617 33.96 -28.41 -5.30
C GLY C 617 35.09 -29.34 -4.95
N ILE C 618 34.72 -30.58 -4.64
CA ILE C 618 35.67 -31.61 -4.26
C ILE C 618 35.75 -32.62 -5.39
N CYS C 619 36.95 -32.85 -5.90
CA CYS C 619 37.15 -33.66 -7.08
C CYS C 619 36.87 -35.14 -6.79
N GLY C 620 36.73 -35.90 -7.88
CA GLY C 620 36.73 -37.35 -7.78
C GLY C 620 38.16 -37.86 -7.84
N ARG C 621 38.36 -39.04 -8.44
CA ARG C 621 39.66 -39.59 -8.87
C ARG C 621 40.57 -39.97 -7.70
N GLU C 622 40.15 -39.64 -6.48
CA GLU C 622 40.79 -40.07 -5.24
C GLU C 622 39.82 -40.69 -4.27
N TYR C 623 38.54 -40.76 -4.64
CA TYR C 623 37.51 -41.38 -3.82
C TYR C 623 36.70 -42.39 -4.62
N GLY C 624 37.17 -42.80 -5.79
CA GLY C 624 36.49 -43.80 -6.60
C GLY C 624 35.23 -43.29 -7.28
N LEU C 625 35.30 -42.12 -7.89
CA LEU C 625 34.13 -41.50 -8.52
C LEU C 625 34.41 -41.03 -9.95
N GLY C 626 35.63 -41.15 -10.44
CA GLY C 626 35.95 -40.69 -11.76
C GLY C 626 36.51 -39.29 -11.76
N ASP C 627 36.35 -38.63 -12.90
CA ASP C 627 36.89 -37.29 -13.13
C ASP C 627 35.79 -36.23 -13.01
N ARG C 628 34.89 -36.40 -12.06
CA ARG C 628 33.79 -35.47 -11.85
C ARG C 628 34.01 -34.67 -10.57
N TRP C 629 33.51 -33.44 -10.55
CA TRP C 629 33.73 -32.49 -9.48
C TRP C 629 32.45 -32.28 -8.70
N PHE C 630 32.35 -32.89 -7.52
CA PHE C 630 31.11 -32.96 -6.76
C PHE C 630 31.05 -31.87 -5.71
N LEU C 631 29.86 -31.71 -5.12
CA LEU C 631 29.61 -30.72 -4.06
C LEU C 631 28.49 -31.28 -3.18
N ARG C 632 28.84 -31.68 -1.97
CA ARG C 632 27.85 -32.26 -1.07
C ARG C 632 27.23 -31.20 -0.18
N VAL C 633 26.03 -31.50 0.32
CA VAL C 633 25.29 -30.61 1.20
C VAL C 633 24.27 -31.45 1.97
N GLU C 634 24.14 -31.20 3.27
CA GLU C 634 23.13 -31.88 4.08
C GLU C 634 22.14 -30.87 4.63
N ASP C 635 20.88 -31.32 4.77
CA ASP C 635 19.79 -30.46 5.21
C ASP C 635 18.84 -31.26 6.07
N ARG C 636 18.51 -30.70 7.24
CA ARG C 636 17.48 -31.29 8.10
C ARG C 636 16.13 -31.13 7.43
N GLN C 637 15.44 -32.26 7.22
CA GLN C 637 14.22 -32.24 6.43
C GLN C 637 12.98 -32.12 7.31
N ASP C 638 12.78 -33.06 8.22
CA ASP C 638 11.55 -33.13 9.00
C ASP C 638 11.74 -32.39 10.33
N ARG D 25 40.77 -18.75 5.02
CA ARG D 25 40.74 -18.21 6.38
C ARG D 25 39.50 -18.67 7.12
N ARG D 26 39.68 -19.70 7.95
CA ARG D 26 38.68 -20.25 8.87
C ARG D 26 37.44 -20.72 8.09
N GLU D 27 37.69 -21.44 6.99
CA GLU D 27 36.60 -22.01 6.20
C GLU D 27 36.94 -23.43 5.79
N SER D 28 38.13 -23.92 6.14
CA SER D 28 38.55 -25.28 5.86
C SER D 28 37.88 -26.32 6.75
N TRP D 29 37.12 -25.88 7.76
CA TRP D 29 36.39 -26.81 8.61
C TRP D 29 35.23 -27.44 7.84
N ALA D 30 34.60 -26.68 6.95
CA ALA D 30 33.58 -27.25 6.08
C ALA D 30 34.20 -27.92 4.87
N GLN D 31 35.49 -27.66 4.61
CA GLN D 31 36.19 -28.33 3.52
C GLN D 31 36.72 -29.67 3.97
N SER D 32 37.22 -29.76 5.20
CA SER D 32 37.72 -31.03 5.71
C SER D 32 36.57 -31.93 6.13
N ARG D 33 35.40 -31.35 6.39
CA ARG D 33 34.21 -32.16 6.66
C ARG D 33 33.76 -32.90 5.41
N ASP D 34 33.84 -32.24 4.26
CA ASP D 34 33.35 -32.84 3.03
C ASP D 34 34.33 -33.86 2.48
N GLU D 35 35.62 -33.70 2.79
CA GLU D 35 36.62 -34.69 2.39
C GLU D 35 36.54 -35.91 3.28
N GLN D 36 36.16 -35.72 4.54
CA GLN D 36 36.07 -36.85 5.48
C GLN D 36 34.84 -37.69 5.21
N ASN D 37 33.74 -37.05 4.78
CA ASN D 37 32.52 -37.79 4.45
C ASN D 37 32.66 -38.51 3.12
N LEU D 38 33.55 -38.04 2.26
CA LEU D 38 33.86 -38.79 1.04
C LEU D 38 34.90 -39.87 1.29
N LEU D 39 35.71 -39.70 2.34
CA LEU D 39 36.67 -40.72 2.69
C LEU D 39 35.97 -41.92 3.32
N GLN D 40 34.80 -41.67 3.91
CA GLN D 40 33.96 -42.76 4.41
C GLN D 40 33.45 -43.62 3.27
N GLN D 41 33.09 -43.00 2.15
CA GLN D 41 32.49 -43.73 1.05
C GLN D 41 33.54 -44.45 0.22
N LYS D 42 34.81 -44.09 0.40
CA LYS D 42 35.89 -44.81 -0.28
C LYS D 42 36.24 -46.10 0.45
N ARG D 43 36.39 -46.02 1.77
CA ARG D 43 36.71 -47.21 2.56
C ARG D 43 35.51 -48.14 2.71
N ILE D 44 34.31 -47.64 2.44
CA ILE D 44 33.14 -48.52 2.48
C ILE D 44 33.04 -49.30 1.18
N TRP D 45 33.76 -48.86 0.14
CA TRP D 45 33.78 -49.53 -1.16
C TRP D 45 34.97 -50.46 -1.33
N GLU D 46 36.00 -50.32 -0.51
CA GLU D 46 37.18 -51.18 -0.62
C GLU D 46 37.01 -52.50 0.13
N SER D 47 36.54 -52.42 1.37
CA SER D 47 36.42 -53.62 2.18
C SER D 47 35.20 -54.44 1.75
N PRO D 48 35.37 -55.74 1.46
CA PRO D 48 34.20 -56.58 1.18
C PRO D 48 33.34 -56.83 2.39
N LEU D 49 33.91 -56.72 3.60
CA LEU D 49 33.11 -56.85 4.81
C LEU D 49 32.17 -55.66 4.99
N LEU D 50 32.70 -54.44 4.84
CA LEU D 50 31.91 -53.25 5.13
C LEU D 50 30.97 -52.91 3.98
N LEU D 51 31.32 -53.29 2.75
CA LEU D 51 30.36 -53.13 1.64
C LEU D 51 29.22 -54.12 1.77
N ALA D 52 29.42 -55.21 2.50
CA ALA D 52 28.35 -56.15 2.84
C ALA D 52 27.63 -55.76 4.12
N ALA D 53 27.59 -54.47 4.43
CA ALA D 53 26.84 -53.96 5.57
C ALA D 53 25.98 -52.78 5.15
N LYS D 54 26.26 -52.20 3.98
CA LYS D 54 25.39 -51.15 3.44
C LYS D 54 24.07 -51.73 2.97
N ASP D 55 24.12 -52.61 1.96
CA ASP D 55 23.00 -53.46 1.57
C ASP D 55 23.37 -54.81 2.17
N ASN D 56 22.45 -55.34 2.99
CA ASN D 56 22.70 -56.35 4.03
C ASN D 56 23.59 -57.52 3.63
N ASP D 57 23.29 -58.18 2.50
CA ASP D 57 24.11 -59.21 1.85
C ASP D 57 24.44 -60.34 2.82
N VAL D 58 23.38 -61.01 3.28
CA VAL D 58 23.54 -62.02 4.33
C VAL D 58 24.16 -63.30 3.78
N GLN D 59 24.15 -63.47 2.45
CA GLN D 59 24.82 -64.59 1.83
C GLN D 59 26.33 -64.47 1.95
N ALA D 60 26.86 -63.27 1.70
CA ALA D 60 28.29 -63.03 1.76
C ALA D 60 28.77 -62.62 3.15
N LEU D 61 27.91 -62.00 3.97
CA LEU D 61 28.30 -61.66 5.33
C LEU D 61 28.49 -62.91 6.17
N ASN D 62 27.74 -63.97 5.86
CA ASN D 62 28.04 -65.28 6.42
C ASN D 62 29.38 -65.80 5.91
N LYS D 63 29.65 -65.67 4.60
CA LYS D 63 30.85 -66.24 4.01
C LYS D 63 32.11 -65.48 4.38
N LEU D 64 32.00 -64.17 4.61
CA LEU D 64 33.17 -63.40 5.00
C LEU D 64 33.56 -63.68 6.46
N LEU D 65 32.57 -63.78 7.34
CA LEU D 65 32.81 -64.08 8.75
C LEU D 65 33.03 -65.56 9.02
N LYS D 66 33.11 -66.38 7.97
CA LYS D 66 33.43 -67.80 8.07
C LYS D 66 34.88 -68.08 7.74
N TYR D 67 35.56 -67.17 7.03
CA TYR D 67 36.89 -67.42 6.47
C TYR D 67 37.93 -67.66 7.57
N GLU D 68 38.31 -66.63 8.30
CA GLU D 68 38.72 -66.84 9.68
C GLU D 68 37.93 -65.91 10.59
N ASP D 69 38.17 -64.60 10.45
CA ASP D 69 37.26 -63.55 10.92
C ASP D 69 37.24 -62.42 9.89
N CYS D 70 38.30 -62.39 9.07
CA CYS D 70 38.74 -61.29 8.21
C CYS D 70 38.65 -59.93 8.91
N LYS D 71 39.37 -59.85 10.04
CA LYS D 71 39.59 -58.62 10.80
C LYS D 71 38.29 -57.95 11.27
N VAL D 72 37.62 -58.56 12.25
CA VAL D 72 36.32 -58.05 12.74
C VAL D 72 36.40 -56.65 13.34
N HIS D 73 37.59 -56.15 13.68
CA HIS D 73 37.76 -54.80 14.23
C HIS D 73 38.32 -53.83 13.20
N GLN D 74 37.89 -53.90 11.94
CA GLN D 74 38.32 -52.95 10.92
C GLN D 74 37.73 -51.57 11.20
N ARG D 75 38.60 -50.60 11.44
CA ARG D 75 38.20 -49.21 11.61
C ARG D 75 38.18 -48.52 10.25
N GLY D 76 37.07 -47.89 9.92
CA GLY D 76 36.93 -47.19 8.65
C GLY D 76 37.57 -45.82 8.65
N ALA D 77 36.98 -44.89 7.89
CA ALA D 77 37.52 -43.54 7.83
C ALA D 77 37.23 -42.76 9.10
N MET D 78 36.10 -43.05 9.74
CA MET D 78 35.75 -42.41 11.00
C MET D 78 35.45 -43.49 12.03
N GLY D 79 36.52 -44.02 12.63
CA GLY D 79 36.50 -44.82 13.86
C GLY D 79 35.50 -45.93 14.04
N GLU D 80 34.93 -46.42 12.95
CA GLU D 80 33.71 -47.22 13.01
C GLU D 80 33.99 -48.70 12.80
N THR D 81 33.15 -49.53 13.41
CA THR D 81 33.19 -50.97 13.23
C THR D 81 32.37 -51.36 12.02
N ALA D 82 32.13 -52.65 11.84
CA ALA D 82 31.19 -53.10 10.83
C ALA D 82 29.75 -53.09 11.31
N LEU D 83 29.53 -52.86 12.60
CA LEU D 83 28.19 -52.84 13.17
C LEU D 83 27.59 -51.45 13.14
N HIS D 84 28.44 -50.41 13.17
CA HIS D 84 27.98 -49.04 12.98
C HIS D 84 27.34 -48.83 11.62
N ILE D 85 27.87 -49.49 10.59
CA ILE D 85 27.36 -49.34 9.23
C ILE D 85 25.98 -49.99 9.11
N ALA D 86 25.82 -51.18 9.70
CA ALA D 86 24.54 -51.88 9.62
C ALA D 86 23.46 -51.22 10.43
N ALA D 87 23.81 -50.41 11.43
CA ALA D 87 22.84 -49.63 12.16
C ALA D 87 22.54 -48.30 11.49
N LEU D 88 23.46 -47.80 10.66
CA LEU D 88 23.32 -46.50 10.03
C LEU D 88 22.51 -46.54 8.74
N TYR D 89 22.67 -47.59 7.94
CA TYR D 89 21.88 -47.76 6.73
C TYR D 89 20.60 -48.55 6.97
N ASP D 90 20.24 -48.75 8.25
CA ASP D 90 19.02 -49.42 8.70
C ASP D 90 18.94 -50.85 8.17
N ASN D 91 19.95 -51.63 8.56
CA ASN D 91 20.06 -53.04 8.20
C ASN D 91 19.89 -53.85 9.48
N LEU D 92 18.67 -54.35 9.70
CA LEU D 92 18.40 -55.14 10.89
C LEU D 92 19.02 -56.52 10.80
N GLU D 93 18.85 -57.19 9.66
CA GLU D 93 19.29 -58.58 9.53
C GLU D 93 20.80 -58.66 9.39
N ALA D 94 21.43 -57.63 8.84
CA ALA D 94 22.89 -57.63 8.71
C ALA D 94 23.59 -57.41 10.04
N ALA D 95 22.89 -56.91 11.05
CA ALA D 95 23.46 -56.79 12.39
C ALA D 95 23.16 -58.00 13.27
N MET D 96 22.04 -58.69 13.02
CA MET D 96 21.71 -59.90 13.77
C MET D 96 22.72 -61.01 13.48
N VAL D 97 23.10 -61.16 12.21
CA VAL D 97 24.14 -62.11 11.84
C VAL D 97 25.50 -61.62 12.35
N LEU D 98 25.68 -60.31 12.43
CA LEU D 98 26.97 -59.79 12.87
C LEU D 98 27.15 -59.88 14.37
N MET D 99 26.09 -59.60 15.15
CA MET D 99 26.21 -59.60 16.61
C MET D 99 26.43 -61.02 17.16
N GLU D 100 25.93 -62.04 16.45
CA GLU D 100 26.21 -63.41 16.86
C GLU D 100 27.66 -63.78 16.58
N ALA D 101 28.31 -63.08 15.65
CA ALA D 101 29.74 -63.22 15.40
C ALA D 101 30.54 -62.06 16.01
N ALA D 102 29.87 -61.10 16.64
CA ALA D 102 30.57 -60.01 17.31
C ALA D 102 30.80 -60.37 18.77
N PRO D 103 32.07 -60.43 19.20
CA PRO D 103 32.34 -60.71 20.62
C PRO D 103 31.96 -59.57 21.54
N GLU D 104 32.39 -58.33 21.26
CA GLU D 104 32.03 -57.18 22.08
C GLU D 104 31.75 -55.92 21.26
N LEU D 105 31.39 -56.05 19.98
CA LEU D 105 31.27 -54.88 19.10
C LEU D 105 30.09 -53.96 19.43
N VAL D 106 29.25 -54.32 20.40
CA VAL D 106 28.26 -53.37 20.89
C VAL D 106 28.94 -52.31 21.75
N PHE D 107 30.10 -52.63 22.34
CA PHE D 107 30.69 -51.78 23.37
C PHE D 107 31.48 -50.62 22.76
N GLU D 108 32.20 -50.86 21.67
CA GLU D 108 33.15 -49.87 21.16
C GLU D 108 32.43 -48.69 20.52
N PRO D 109 32.78 -47.47 20.88
CA PRO D 109 32.24 -46.30 20.19
C PRO D 109 33.06 -45.96 18.96
N MET D 110 32.67 -44.90 18.26
CA MET D 110 33.53 -44.34 17.22
C MET D 110 34.67 -43.57 17.88
N THR D 111 35.85 -43.65 17.29
CA THR D 111 37.04 -43.06 17.88
C THR D 111 37.56 -41.92 17.02
N SER D 112 36.65 -41.08 16.54
CA SER D 112 36.98 -40.00 15.63
C SER D 112 37.22 -38.71 16.41
N GLU D 113 37.33 -37.61 15.67
CA GLU D 113 37.18 -36.27 16.21
C GLU D 113 35.84 -35.66 15.86
N LEU D 114 35.34 -35.94 14.66
CA LEU D 114 34.05 -35.44 14.22
C LEU D 114 32.92 -36.15 14.96
N TYR D 115 32.83 -37.46 14.79
CA TYR D 115 31.88 -38.28 15.52
C TYR D 115 32.64 -39.05 16.58
N GLU D 116 32.83 -38.43 17.75
CA GLU D 116 33.59 -39.05 18.83
C GLU D 116 32.65 -39.60 19.89
N GLY D 117 32.92 -40.84 20.31
CA GLY D 117 32.20 -41.45 21.40
C GLY D 117 30.81 -41.93 21.06
N GLN D 118 30.43 -41.94 19.79
CA GLN D 118 29.08 -42.36 19.40
C GLN D 118 29.06 -43.88 19.27
N THR D 119 28.47 -44.55 20.26
CA THR D 119 28.29 -45.99 20.20
C THR D 119 27.19 -46.34 19.20
N ALA D 120 27.03 -47.64 18.96
CA ALA D 120 26.00 -48.10 18.03
C ALA D 120 24.60 -47.99 18.60
N LEU D 121 24.46 -47.79 19.90
CA LEU D 121 23.15 -47.56 20.48
C LEU D 121 22.58 -46.22 20.06
N HIS D 122 23.45 -45.20 19.88
CA HIS D 122 23.00 -43.87 19.46
C HIS D 122 22.38 -43.91 18.07
N ILE D 123 22.97 -44.68 17.16
CA ILE D 123 22.54 -44.64 15.76
C ILE D 123 21.22 -45.38 15.59
N ALA D 124 21.02 -46.46 16.36
CA ALA D 124 19.81 -47.24 16.25
C ALA D 124 18.60 -46.53 16.86
N VAL D 125 18.82 -45.55 17.73
CA VAL D 125 17.73 -44.78 18.32
C VAL D 125 17.23 -43.69 17.38
N VAL D 126 18.15 -42.96 16.72
CA VAL D 126 17.79 -41.81 15.90
C VAL D 126 16.99 -42.22 14.68
N ASN D 127 17.26 -43.39 14.12
CA ASN D 127 16.54 -43.89 12.95
C ASN D 127 15.21 -44.55 13.30
N GLN D 128 14.77 -44.48 14.57
CA GLN D 128 13.53 -45.11 15.07
C GLN D 128 13.49 -46.62 14.82
N ASN D 129 14.66 -47.27 14.86
CA ASN D 129 14.72 -48.70 14.64
C ASN D 129 14.40 -49.39 15.96
N MET D 130 13.15 -49.80 16.11
CA MET D 130 12.66 -50.31 17.39
C MET D 130 13.16 -51.74 17.63
N ASN D 131 13.38 -52.49 16.56
CA ASN D 131 13.78 -53.89 16.71
C ASN D 131 15.26 -54.00 17.03
N LEU D 132 16.04 -52.98 16.64
CA LEU D 132 17.48 -53.07 16.87
C LEU D 132 17.85 -52.57 18.26
N VAL D 133 17.09 -51.60 18.79
CA VAL D 133 17.37 -51.10 20.14
C VAL D 133 16.97 -52.12 21.19
N ARG D 134 16.06 -53.04 20.85
CA ARG D 134 15.77 -54.15 21.74
C ARG D 134 16.90 -55.16 21.72
N ALA D 135 17.65 -55.21 20.62
CA ALA D 135 18.75 -56.17 20.50
C ALA D 135 19.97 -55.71 21.28
N LEU D 136 20.38 -54.45 21.10
CA LEU D 136 21.62 -53.97 21.72
C LEU D 136 21.47 -53.84 23.23
N LEU D 137 20.27 -53.55 23.72
CA LEU D 137 20.03 -53.52 25.15
C LEU D 137 20.05 -54.93 25.74
N ALA D 138 19.71 -55.93 24.91
CA ALA D 138 19.72 -57.31 25.38
C ALA D 138 21.15 -57.82 25.55
N ARG D 139 22.10 -57.25 24.79
CA ARG D 139 23.50 -57.63 24.93
C ARG D 139 24.26 -56.62 25.79
N ARG D 140 23.54 -55.96 26.70
CA ARG D 140 24.09 -55.13 27.78
C ARG D 140 24.90 -53.94 27.24
N ALA D 141 24.21 -53.06 26.52
CA ALA D 141 24.81 -51.82 26.04
C ALA D 141 24.72 -50.75 27.13
N SER D 142 25.77 -49.92 27.22
CA SER D 142 25.79 -48.85 28.19
C SER D 142 24.97 -47.67 27.69
N VAL D 143 24.00 -47.24 28.49
CA VAL D 143 23.08 -46.17 28.11
C VAL D 143 23.58 -44.80 28.58
N SER D 144 24.76 -44.73 29.18
CA SER D 144 25.35 -43.47 29.61
C SER D 144 26.55 -43.10 28.75
N ALA D 145 26.48 -43.43 27.47
CA ALA D 145 27.61 -43.23 26.56
C ALA D 145 27.71 -41.75 26.19
N ARG D 146 28.77 -41.11 26.69
CA ARG D 146 29.02 -39.69 26.43
C ARG D 146 29.47 -39.48 25.00
N ALA D 147 28.54 -39.13 24.11
CA ALA D 147 28.88 -38.89 22.71
C ALA D 147 29.52 -37.52 22.50
N THR D 148 30.69 -37.31 23.07
CA THR D 148 31.32 -35.99 23.11
C THR D 148 32.09 -35.63 21.86
N GLY D 149 31.44 -35.73 20.70
CA GLY D 149 32.04 -35.34 19.44
C GLY D 149 31.92 -33.86 19.20
N THR D 150 32.34 -33.44 17.99
CA THR D 150 32.16 -32.06 17.58
C THR D 150 31.06 -31.89 16.55
N ALA D 151 30.45 -32.99 16.09
CA ALA D 151 29.29 -32.92 15.22
C ALA D 151 27.99 -32.99 16.02
N PHE D 152 28.08 -32.96 17.35
CA PHE D 152 26.90 -32.96 18.21
C PHE D 152 26.80 -31.73 19.10
N ARG D 153 27.82 -30.86 19.11
CA ARG D 153 27.79 -29.70 19.97
C ARG D 153 26.87 -28.62 19.40
N ARG D 154 26.45 -27.70 20.26
CA ARG D 154 25.57 -26.61 19.85
C ARG D 154 26.39 -25.59 19.07
N SER D 155 26.12 -25.47 17.78
CA SER D 155 26.89 -24.63 16.88
C SER D 155 26.03 -24.29 15.67
N PRO D 156 26.27 -23.18 14.98
CA PRO D 156 25.53 -22.92 13.73
C PRO D 156 26.02 -23.79 12.58
N CYS D 157 27.20 -24.41 12.73
CA CYS D 157 27.68 -25.33 11.71
C CYS D 157 26.87 -26.63 11.70
N ASN D 158 26.56 -27.16 12.88
CA ASN D 158 25.81 -28.40 12.98
C ASN D 158 24.32 -28.11 12.92
N LEU D 159 23.61 -28.89 12.09
CA LEU D 159 22.17 -28.68 11.94
C LEU D 159 21.35 -29.37 13.01
N ILE D 160 21.98 -30.15 13.89
CA ILE D 160 21.27 -30.85 14.95
C ILE D 160 21.94 -30.53 16.29
N TYR D 161 21.13 -30.37 17.33
CA TYR D 161 21.60 -30.34 18.71
C TYR D 161 20.76 -31.35 19.46
N PHE D 162 21.25 -32.59 19.52
CA PHE D 162 20.54 -33.67 20.16
C PHE D 162 20.98 -33.91 21.60
N GLY D 163 22.26 -33.69 21.91
CA GLY D 163 22.77 -33.90 23.25
C GLY D 163 23.97 -34.83 23.25
N GLU D 164 24.02 -35.71 24.25
CA GLU D 164 25.08 -36.71 24.37
C GLU D 164 24.58 -38.11 24.62
N HIS D 165 23.41 -38.26 25.23
CA HIS D 165 22.92 -39.54 25.72
C HIS D 165 21.84 -40.11 24.81
N PRO D 166 21.64 -41.44 24.83
CA PRO D 166 20.54 -42.02 24.03
C PRO D 166 19.16 -41.64 24.52
N LEU D 167 19.00 -41.31 25.80
CA LEU D 167 17.75 -40.74 26.26
C LEU D 167 17.56 -39.33 25.71
N SER D 168 18.66 -38.58 25.57
CA SER D 168 18.57 -37.28 24.93
C SER D 168 18.35 -37.39 23.43
N PHE D 169 18.85 -38.47 22.81
CA PHE D 169 18.62 -38.61 21.37
C PHE D 169 17.19 -39.04 21.09
N ALA D 170 16.63 -39.88 21.96
CA ALA D 170 15.26 -40.36 21.78
C ALA D 170 14.23 -39.28 22.04
N ALA D 171 14.57 -38.28 22.86
CA ALA D 171 13.61 -37.22 23.16
C ALA D 171 13.48 -36.23 22.03
N CYS D 172 14.56 -35.97 21.29
CA CYS D 172 14.53 -34.92 20.27
C CYS D 172 13.86 -35.38 18.99
N VAL D 173 13.83 -36.68 18.73
CA VAL D 173 13.29 -37.21 17.48
C VAL D 173 11.82 -37.52 17.63
N ASN D 174 11.27 -37.26 18.82
CA ASN D 174 9.89 -37.57 19.22
C ASN D 174 9.57 -39.06 19.01
N SER D 175 10.23 -39.89 19.80
CA SER D 175 9.89 -41.30 19.86
C SER D 175 9.51 -41.64 21.29
N GLU D 176 8.24 -41.94 21.51
CA GLU D 176 7.72 -42.27 22.83
C GLU D 176 7.93 -43.73 23.20
N GLU D 177 8.55 -44.51 22.32
CA GLU D 177 8.76 -45.93 22.57
C GLU D 177 10.11 -46.21 23.23
N ILE D 178 11.19 -45.63 22.71
CA ILE D 178 12.52 -45.87 23.23
C ILE D 178 12.70 -45.16 24.58
N VAL D 179 11.97 -44.07 24.80
CA VAL D 179 12.06 -43.33 26.07
C VAL D 179 11.53 -44.17 27.23
N ARG D 180 10.41 -44.86 27.03
CA ARG D 180 10.01 -45.87 28.01
C ARG D 180 10.99 -47.03 28.08
N LEU D 181 11.61 -47.39 26.96
CA LEU D 181 12.51 -48.54 26.92
C LEU D 181 13.83 -48.28 27.62
N LEU D 182 14.35 -47.06 27.57
CA LEU D 182 15.64 -46.79 28.18
C LEU D 182 15.56 -46.58 29.68
N ILE D 183 14.48 -45.97 30.18
CA ILE D 183 14.32 -45.73 31.62
C ILE D 183 14.15 -47.06 32.35
N GLU D 184 13.47 -48.03 31.72
CA GLU D 184 13.36 -49.37 32.31
C GLU D 184 14.71 -50.07 32.39
N HIS D 185 15.62 -49.77 31.46
CA HIS D 185 16.96 -50.35 31.47
C HIS D 185 17.97 -49.44 32.15
N GLY D 186 17.51 -48.44 32.90
CA GLY D 186 18.38 -47.69 33.78
C GLY D 186 19.02 -46.45 33.18
N ALA D 187 18.36 -45.78 32.24
CA ALA D 187 18.88 -44.53 31.73
C ALA D 187 18.70 -43.43 32.76
N ASP D 188 19.72 -42.60 32.93
CA ASP D 188 19.65 -41.52 33.90
C ASP D 188 18.83 -40.37 33.33
N ILE D 189 17.84 -39.94 34.11
CA ILE D 189 16.96 -38.85 33.73
C ILE D 189 17.57 -37.48 34.02
N ARG D 190 18.65 -37.43 34.82
CA ARG D 190 19.25 -36.17 35.24
C ARG D 190 20.65 -35.97 34.67
N ALA D 191 20.96 -36.63 33.56
CA ALA D 191 22.29 -36.49 32.98
C ALA D 191 22.45 -35.14 32.28
N GLN D 192 23.68 -34.67 32.22
CA GLN D 192 24.00 -33.37 31.67
C GLN D 192 25.08 -33.51 30.61
N ASP D 193 25.02 -32.65 29.60
CA ASP D 193 25.99 -32.67 28.51
C ASP D 193 27.15 -31.72 28.84
N SER D 194 27.96 -31.38 27.84
CA SER D 194 29.08 -30.47 28.05
C SER D 194 28.63 -29.06 28.39
N LEU D 195 27.50 -28.63 27.86
CA LEU D 195 26.94 -27.31 28.16
C LEU D 195 26.07 -27.32 29.40
N GLY D 196 26.03 -28.42 30.15
CA GLY D 196 25.28 -28.50 31.38
C GLY D 196 23.79 -28.69 31.22
N ASN D 197 23.30 -28.84 29.99
CA ASN D 197 21.86 -28.95 29.75
C ASN D 197 21.36 -30.32 30.19
N THR D 198 20.41 -30.33 31.12
CA THR D 198 19.70 -31.57 31.40
C THR D 198 18.73 -31.86 30.25
N VAL D 199 18.16 -33.07 30.28
CA VAL D 199 17.38 -33.60 29.16
C VAL D 199 16.09 -32.81 28.89
N LEU D 200 15.65 -31.97 29.83
CA LEU D 200 14.55 -31.06 29.59
C LEU D 200 14.98 -29.75 28.96
N HIS D 201 16.27 -29.42 29.00
CA HIS D 201 16.74 -28.19 28.36
C HIS D 201 16.84 -28.32 26.85
N ILE D 202 17.20 -29.51 26.34
CA ILE D 202 17.39 -29.68 24.90
C ILE D 202 16.04 -29.65 24.19
N LEU D 203 14.98 -30.11 24.84
CA LEU D 203 13.64 -30.09 24.26
C LEU D 203 13.12 -28.68 24.01
N ILE D 204 13.65 -27.69 24.72
CA ILE D 204 13.31 -26.30 24.45
C ILE D 204 14.06 -25.78 23.23
N LEU D 205 15.19 -26.39 22.88
CA LEU D 205 16.01 -26.00 21.74
C LEU D 205 15.69 -26.82 20.49
N GLN D 206 14.45 -27.24 20.29
CA GLN D 206 14.05 -28.03 19.16
C GLN D 206 13.09 -27.24 18.27
N PRO D 207 13.11 -27.48 16.96
CA PRO D 207 12.21 -26.70 16.08
C PRO D 207 10.75 -27.11 16.16
N ASN D 208 10.46 -28.40 16.40
CA ASN D 208 9.08 -28.86 16.43
C ASN D 208 8.58 -28.69 17.87
N LYS D 209 7.98 -27.52 18.11
CA LYS D 209 7.68 -27.09 19.47
C LYS D 209 6.45 -27.81 20.03
N THR D 210 5.55 -28.25 19.16
CA THR D 210 4.34 -28.93 19.62
C THR D 210 4.68 -30.34 20.12
N PHE D 211 5.58 -31.03 19.41
CA PHE D 211 5.97 -32.37 19.83
C PHE D 211 6.89 -32.33 21.05
N ALA D 212 7.51 -31.18 21.32
CA ALA D 212 8.39 -31.07 22.47
C ALA D 212 7.61 -30.84 23.75
N CYS D 213 6.32 -30.49 23.63
CA CYS D 213 5.49 -30.31 24.81
C CYS D 213 5.11 -31.65 25.42
N GLN D 214 4.80 -32.63 24.57
CA GLN D 214 4.45 -33.96 25.05
C GLN D 214 5.65 -34.66 25.67
N MET D 215 6.83 -34.41 25.13
CA MET D 215 8.04 -35.03 25.66
C MET D 215 8.49 -34.35 26.95
N TYR D 216 8.03 -33.11 27.16
CA TYR D 216 8.31 -32.45 28.43
C TYR D 216 7.50 -33.07 29.56
N ASN D 217 6.28 -33.51 29.26
CA ASN D 217 5.44 -34.14 30.27
C ASN D 217 5.90 -35.56 30.56
N LEU D 218 6.30 -36.29 29.51
CA LEU D 218 6.61 -37.70 29.65
C LEU D 218 7.93 -37.91 30.38
N LEU D 219 8.90 -37.01 30.16
CA LEU D 219 10.18 -37.12 30.82
C LEU D 219 10.12 -36.62 32.26
N LEU D 220 9.23 -35.66 32.53
CA LEU D 220 9.06 -35.19 33.89
C LEU D 220 8.16 -36.11 34.69
N SER D 221 7.41 -36.99 34.02
CA SER D 221 6.61 -37.99 34.71
C SER D 221 7.48 -39.01 35.42
N TYR D 222 8.70 -39.24 34.92
CA TYR D 222 9.65 -40.12 35.59
C TYR D 222 10.51 -39.36 36.57
N ASP D 223 9.88 -38.58 37.45
CA ASP D 223 10.57 -37.82 38.47
C ASP D 223 9.88 -38.10 39.80
N ARG D 224 10.32 -39.18 40.46
CA ARG D 224 9.86 -39.49 41.80
C ARG D 224 10.81 -38.80 42.77
N HIS D 225 10.31 -37.76 43.43
CA HIS D 225 11.12 -36.90 44.27
C HIS D 225 11.46 -37.60 45.57
N GLY D 226 12.70 -38.09 45.68
CA GLY D 226 13.10 -38.91 46.81
C GLY D 226 14.11 -38.24 47.72
N ASP D 227 13.86 -36.96 48.02
CA ASP D 227 14.68 -36.05 48.83
C ASP D 227 16.01 -35.81 48.13
N HIS D 228 16.00 -35.95 46.81
CA HIS D 228 17.05 -35.42 45.94
C HIS D 228 16.91 -33.90 45.87
N LEU D 229 17.89 -33.25 45.25
CA LEU D 229 17.81 -31.82 44.99
C LEU D 229 16.74 -31.50 43.94
N GLN D 230 16.67 -30.21 43.55
CA GLN D 230 15.53 -29.57 42.88
C GLN D 230 14.94 -30.38 41.73
N PRO D 231 13.60 -30.51 41.67
CA PRO D 231 12.97 -31.60 40.92
C PRO D 231 12.94 -31.44 39.41
N LEU D 232 14.12 -31.38 38.78
CA LEU D 232 14.40 -31.60 37.36
C LEU D 232 13.87 -30.50 36.44
N ASP D 233 13.06 -29.59 36.95
CA ASP D 233 12.68 -28.40 36.20
C ASP D 233 13.27 -27.15 36.82
N LEU D 234 14.15 -27.34 37.81
CA LEU D 234 14.82 -26.20 38.45
C LEU D 234 16.33 -26.37 38.43
N VAL D 235 16.87 -27.34 37.70
CA VAL D 235 18.30 -27.61 37.69
C VAL D 235 18.95 -26.66 36.70
N PRO D 236 19.89 -25.82 37.12
CA PRO D 236 20.44 -24.81 36.22
C PRO D 236 21.52 -25.37 35.30
N ASN D 237 21.83 -24.57 34.28
CA ASN D 237 22.91 -24.85 33.34
C ASN D 237 24.22 -24.33 33.91
N HIS D 238 25.26 -24.27 33.08
CA HIS D 238 26.46 -23.53 33.46
C HIS D 238 26.27 -22.03 33.44
N GLN D 239 25.26 -21.54 32.72
CA GLN D 239 24.92 -20.12 32.80
C GLN D 239 24.06 -19.82 34.02
N GLY D 240 23.21 -20.77 34.42
CA GLY D 240 22.37 -20.63 35.59
C GLY D 240 20.88 -20.65 35.27
N LEU D 241 20.53 -20.99 34.04
CA LEU D 241 19.14 -20.92 33.61
C LEU D 241 18.41 -22.22 33.90
N THR D 242 17.20 -22.10 34.43
CA THR D 242 16.28 -23.20 34.63
C THR D 242 15.60 -23.48 33.28
N PRO D 243 14.88 -24.59 33.10
CA PRO D 243 14.11 -24.76 31.85
C PRO D 243 13.02 -23.72 31.63
N PHE D 244 12.47 -23.14 32.70
CA PHE D 244 11.51 -22.06 32.54
C PHE D 244 12.20 -20.80 32.04
N LYS D 245 13.37 -20.48 32.60
CA LYS D 245 14.07 -19.27 32.19
C LYS D 245 14.75 -19.45 30.84
N LEU D 246 15.06 -20.69 30.46
CA LEU D 246 15.62 -20.92 29.13
C LEU D 246 14.56 -20.76 28.05
N ALA D 247 13.31 -21.06 28.37
CA ALA D 247 12.23 -20.85 27.41
C ALA D 247 11.91 -19.38 27.23
N GLY D 248 12.32 -18.52 28.15
CA GLY D 248 12.14 -17.10 28.01
C GLY D 248 13.21 -16.45 27.17
N VAL D 249 14.46 -16.87 27.35
CA VAL D 249 15.57 -16.29 26.61
C VAL D 249 15.51 -16.69 25.14
N GLU D 250 15.22 -17.96 24.87
CA GLU D 250 15.25 -18.49 23.51
C GLU D 250 14.03 -18.13 22.69
N GLY D 251 13.09 -17.34 23.23
CA GLY D 251 11.93 -16.94 22.48
C GLY D 251 10.92 -18.03 22.24
N ASN D 252 10.93 -19.07 23.06
CA ASN D 252 10.08 -20.24 22.85
C ASN D 252 8.76 -20.01 23.57
N THR D 253 7.76 -19.53 22.83
CA THR D 253 6.48 -19.18 23.42
C THR D 253 5.58 -20.39 23.65
N VAL D 254 5.73 -21.44 22.86
CA VAL D 254 4.91 -22.63 23.02
C VAL D 254 5.34 -23.40 24.27
N MET D 255 6.64 -23.43 24.55
CA MET D 255 7.17 -24.00 25.77
C MET D 255 7.17 -23.00 26.93
N PHE D 256 6.40 -21.93 26.82
CA PHE D 256 6.18 -20.97 27.90
C PHE D 256 4.75 -20.98 28.40
N GLN D 257 3.78 -21.07 27.48
CA GLN D 257 2.38 -21.23 27.87
C GLN D 257 2.16 -22.60 28.50
N HIS D 258 2.86 -23.63 28.04
CA HIS D 258 2.70 -24.95 28.60
C HIS D 258 3.38 -25.08 29.95
N LEU D 259 4.51 -24.40 30.15
CA LEU D 259 5.22 -24.46 31.42
C LEU D 259 4.66 -23.51 32.46
N MET D 260 3.72 -22.63 32.09
CA MET D 260 3.18 -21.70 33.07
C MET D 260 2.03 -22.33 33.85
N GLN D 261 1.41 -23.36 33.28
CA GLN D 261 0.23 -24.00 33.86
C GLN D 261 0.54 -24.76 35.14
N LYS D 262 1.81 -25.02 35.42
CA LYS D 262 2.21 -25.54 36.72
C LYS D 262 2.14 -24.46 37.80
N ARG D 263 2.19 -23.19 37.42
CA ARG D 263 2.37 -22.11 38.39
C ARG D 263 1.10 -21.35 38.73
N LYS D 264 0.06 -21.43 37.90
CA LYS D 264 -1.17 -20.70 38.23
C LYS D 264 -2.08 -21.54 39.12
N HIS D 265 -2.68 -20.88 40.11
CA HIS D 265 -3.63 -21.50 41.03
C HIS D 265 -4.97 -20.83 40.83
N THR D 266 -5.89 -21.51 40.13
CA THR D 266 -7.18 -20.91 39.83
C THR D 266 -8.07 -20.89 41.06
N GLN D 267 -8.58 -19.72 41.39
CA GLN D 267 -9.54 -19.50 42.46
C GLN D 267 -10.95 -19.72 41.89
N TRP D 268 -11.95 -19.15 42.57
CA TRP D 268 -13.36 -19.24 42.18
C TRP D 268 -13.59 -18.87 40.71
N THR D 269 -14.53 -19.57 40.10
CA THR D 269 -15.08 -19.22 38.80
C THR D 269 -16.57 -18.95 38.98
N TYR D 270 -17.04 -17.87 38.35
CA TYR D 270 -18.38 -17.32 38.61
C TYR D 270 -19.04 -17.03 37.28
N GLY D 271 -19.68 -18.05 36.71
CA GLY D 271 -20.24 -17.97 35.39
C GLY D 271 -19.14 -17.82 34.36
N PRO D 272 -19.06 -16.65 33.71
CA PRO D 272 -17.96 -16.39 32.78
C PRO D 272 -16.68 -15.89 33.44
N LEU D 273 -16.76 -15.33 34.64
CA LEU D 273 -15.57 -14.84 35.31
C LEU D 273 -14.71 -15.99 35.84
N THR D 274 -13.41 -15.77 35.87
CA THR D 274 -12.45 -16.78 36.33
C THR D 274 -11.29 -16.03 36.97
N SER D 275 -11.14 -16.14 38.29
CA SER D 275 -10.14 -15.36 39.02
C SER D 275 -8.88 -16.19 39.21
N THR D 276 -8.11 -16.32 38.14
CA THR D 276 -6.86 -17.07 38.22
C THR D 276 -5.80 -16.26 38.97
N LEU D 277 -4.71 -16.94 39.30
CA LEU D 277 -3.70 -16.34 40.18
C LEU D 277 -2.34 -16.95 39.88
N TYR D 278 -1.41 -16.13 39.42
CA TYR D 278 -0.11 -16.57 38.93
C TYR D 278 0.94 -16.51 40.03
N ASP D 279 1.99 -17.30 39.87
CA ASP D 279 2.92 -17.53 40.96
C ASP D 279 3.92 -16.40 41.09
N LEU D 280 4.59 -16.05 39.99
CA LEU D 280 5.47 -14.87 39.88
C LEU D 280 6.64 -14.95 40.86
N THR D 281 7.46 -15.98 40.67
CA THR D 281 8.67 -16.15 41.47
C THR D 281 9.92 -16.05 40.62
N GLU D 282 9.99 -16.80 39.53
CA GLU D 282 11.12 -16.72 38.62
C GLU D 282 10.98 -15.59 37.60
N ILE D 283 9.90 -14.82 37.66
CA ILE D 283 9.70 -13.70 36.75
C ILE D 283 10.21 -12.39 37.35
N ASP D 284 9.74 -12.06 38.54
CA ASP D 284 10.08 -10.80 39.18
C ASP D 284 11.45 -10.88 39.85
N SER D 285 12.15 -9.76 39.89
CA SER D 285 13.52 -9.72 40.39
C SER D 285 13.54 -9.88 41.90
N SER D 286 13.99 -11.05 42.36
CA SER D 286 14.15 -11.33 43.77
C SER D 286 15.54 -10.89 44.23
N GLY D 287 15.98 -11.38 45.40
CA GLY D 287 17.34 -11.10 45.85
C GLY D 287 18.41 -11.72 44.97
N ASP D 288 18.04 -12.74 44.19
CA ASP D 288 18.84 -13.27 43.10
C ASP D 288 19.17 -12.18 42.09
N GLU D 289 20.36 -12.26 41.49
CA GLU D 289 20.89 -11.15 40.71
C GLU D 289 20.15 -10.97 39.39
N GLN D 290 19.56 -12.04 38.87
CA GLN D 290 18.90 -11.98 37.58
C GLN D 290 17.43 -12.33 37.70
N SER D 291 16.65 -11.88 36.72
CA SER D 291 15.24 -12.16 36.64
C SER D 291 14.91 -12.60 35.23
N LEU D 292 13.63 -12.90 35.00
CA LEU D 292 13.21 -13.21 33.63
C LEU D 292 13.17 -11.95 32.79
N LEU D 293 12.75 -10.82 33.38
CA LEU D 293 12.63 -9.58 32.62
C LEU D 293 13.98 -8.99 32.25
N GLU D 294 15.03 -9.26 33.02
CA GLU D 294 16.36 -8.82 32.63
C GLU D 294 16.95 -9.65 31.51
N LEU D 295 16.60 -10.93 31.43
CA LEU D 295 17.18 -11.81 30.42
C LEU D 295 16.50 -11.62 29.06
N ILE D 296 15.22 -11.26 29.06
CA ILE D 296 14.50 -11.03 27.81
C ILE D 296 15.02 -9.78 27.13
N ILE D 297 15.24 -8.71 27.89
CA ILE D 297 15.55 -7.43 27.28
C ILE D 297 17.03 -7.28 26.92
N THR D 298 17.91 -8.09 27.49
CA THR D 298 19.34 -7.97 27.21
C THR D 298 19.89 -9.04 26.31
N THR D 299 19.06 -9.99 25.85
CA THR D 299 19.56 -11.00 24.94
C THR D 299 19.60 -10.46 23.52
N LYS D 300 20.36 -11.14 22.67
CA LYS D 300 20.58 -10.71 21.30
C LYS D 300 19.54 -11.25 20.32
N LYS D 301 18.42 -11.76 20.82
CA LYS D 301 17.40 -12.31 19.94
C LYS D 301 16.25 -11.32 19.77
N ARG D 302 15.49 -11.53 18.70
CA ARG D 302 14.31 -10.74 18.40
C ARG D 302 13.01 -11.44 18.77
N GLU D 303 12.99 -12.76 18.67
CA GLU D 303 11.81 -13.54 19.05
C GLU D 303 11.64 -13.65 20.56
N ALA D 304 12.64 -13.25 21.34
CA ALA D 304 12.51 -13.24 22.79
C ALA D 304 11.59 -12.13 23.25
N ARG D 305 11.42 -11.08 22.46
CA ARG D 305 10.51 -10.01 22.87
C ARG D 305 9.05 -10.36 22.59
N GLN D 306 8.79 -11.46 21.87
CA GLN D 306 7.42 -11.89 21.65
C GLN D 306 6.80 -12.48 22.90
N ILE D 307 7.63 -12.94 23.85
CA ILE D 307 7.15 -13.57 25.06
C ILE D 307 6.73 -12.55 26.11
N LEU D 308 6.96 -11.28 25.84
CA LEU D 308 6.69 -10.17 26.75
C LEU D 308 5.26 -9.65 26.57
N ASP D 309 4.39 -10.48 25.99
CA ASP D 309 2.98 -10.15 25.77
C ASP D 309 2.08 -11.15 26.49
N GLN D 310 2.64 -12.22 27.03
CA GLN D 310 1.88 -13.28 27.68
C GLN D 310 1.26 -12.79 28.98
N THR D 311 0.20 -13.47 29.39
CA THR D 311 -0.62 -13.08 30.54
C THR D 311 0.00 -13.04 31.94
N PRO D 312 1.15 -13.70 32.27
CA PRO D 312 1.76 -13.38 33.58
C PRO D 312 2.57 -12.10 33.53
N VAL D 313 3.14 -11.79 32.37
CA VAL D 313 4.15 -10.75 32.25
C VAL D 313 3.56 -9.42 31.82
N LYS D 314 2.61 -9.44 30.88
CA LYS D 314 2.01 -8.21 30.36
C LYS D 314 1.22 -7.46 31.44
N GLU D 315 0.57 -8.18 32.34
CA GLU D 315 -0.06 -7.55 33.49
C GLU D 315 0.93 -7.22 34.61
N LEU D 316 2.20 -7.59 34.48
CA LEU D 316 3.18 -7.22 35.48
C LEU D 316 3.89 -5.92 35.16
N VAL D 317 4.46 -5.81 33.95
CA VAL D 317 5.18 -4.59 33.59
C VAL D 317 4.25 -3.42 33.31
N SER D 318 2.96 -3.66 33.12
CA SER D 318 1.99 -2.59 33.03
C SER D 318 1.34 -2.29 34.37
N LEU D 319 1.71 -3.00 35.41
CA LEU D 319 1.36 -2.64 36.77
C LEU D 319 2.56 -2.09 37.53
N LYS D 320 3.76 -2.41 37.07
CA LYS D 320 4.99 -1.87 37.62
C LYS D 320 5.33 -0.50 37.04
N TRP D 321 4.63 -0.09 35.98
CA TRP D 321 4.86 1.19 35.32
C TRP D 321 3.79 2.23 35.59
N LYS D 322 2.52 1.84 35.68
CA LYS D 322 1.46 2.81 35.97
C LYS D 322 1.61 3.37 37.37
N ARG D 323 1.95 2.53 38.33
CA ARG D 323 2.39 3.00 39.63
C ARG D 323 3.88 2.70 39.78
N TYR D 324 4.55 3.58 40.53
CA TYR D 324 5.95 3.51 40.96
C TYR D 324 6.96 3.75 39.84
N GLY D 325 6.54 3.75 38.59
CA GLY D 325 7.51 3.81 37.51
C GLY D 325 7.39 5.00 36.60
N ARG D 326 6.16 5.49 36.42
CA ARG D 326 5.97 6.74 35.70
C ARG D 326 6.25 7.99 36.54
N PRO D 327 5.84 8.08 37.82
CA PRO D 327 6.27 9.27 38.58
C PRO D 327 7.76 9.32 38.90
N TYR D 328 8.49 8.21 38.86
CA TYR D 328 9.93 8.31 39.03
C TYR D 328 10.66 8.53 37.71
N PHE D 329 9.94 8.50 36.60
CA PHE D 329 10.52 8.80 35.30
C PHE D 329 10.20 10.21 34.84
N CYS D 330 9.18 10.83 35.42
CA CYS D 330 8.89 12.22 35.11
C CYS D 330 9.56 13.18 36.07
N MET D 331 9.81 12.77 37.32
CA MET D 331 10.66 13.58 38.19
C MET D 331 12.10 13.56 37.72
N LEU D 332 12.54 12.46 37.13
CA LEU D 332 13.87 12.37 36.53
C LEU D 332 13.94 13.02 35.16
N GLY D 333 12.83 13.51 34.64
CA GLY D 333 12.81 14.16 33.35
C GLY D 333 12.41 15.61 33.46
N ALA D 334 12.12 16.06 34.68
CA ALA D 334 11.92 17.47 34.95
C ALA D 334 13.08 18.10 35.70
N ILE D 335 13.90 17.31 36.39
CA ILE D 335 15.16 17.82 36.89
C ILE D 335 16.14 18.04 35.74
N TYR D 336 16.15 17.11 34.78
CA TYR D 336 17.07 17.22 33.65
C TYR D 336 16.65 18.34 32.70
N LEU D 337 15.36 18.63 32.61
CA LEU D 337 14.93 19.71 31.73
C LEU D 337 15.12 21.06 32.39
N LEU D 338 15.18 21.12 33.72
CA LEU D 338 15.59 22.31 34.43
C LEU D 338 17.08 22.36 34.68
N TYR D 339 17.81 21.37 34.19
CA TYR D 339 19.26 21.39 34.22
C TYR D 339 19.83 21.92 32.92
N ILE D 340 19.27 21.49 31.78
CA ILE D 340 19.80 21.88 30.50
C ILE D 340 19.30 23.26 30.11
N ILE D 341 18.31 23.81 30.81
CA ILE D 341 18.01 25.23 30.67
C ILE D 341 18.98 26.05 31.50
N CYS D 342 19.41 25.52 32.64
CA CYS D 342 20.45 26.17 33.44
C CYS D 342 21.80 26.13 32.73
N PHE D 343 22.00 25.18 31.82
CA PHE D 343 23.25 25.14 31.08
C PHE D 343 23.21 26.05 29.86
N THR D 344 22.06 26.16 29.19
CA THR D 344 21.93 27.09 28.07
C THR D 344 21.98 28.52 28.54
N MET D 345 21.46 28.80 29.74
CA MET D 345 21.44 30.15 30.27
C MET D 345 22.83 30.62 30.67
N CYS D 346 23.66 29.72 31.21
CA CYS D 346 25.01 30.08 31.61
C CYS D 346 26.01 29.92 30.48
N CYS D 347 25.53 29.80 29.24
CA CYS D 347 26.41 29.61 28.10
C CYS D 347 26.17 30.62 26.98
N ILE D 348 25.01 31.28 26.93
CA ILE D 348 24.83 32.41 26.03
C ILE D 348 25.15 33.73 26.71
N TYR D 349 25.57 33.69 27.98
CA TYR D 349 26.10 34.85 28.69
C TYR D 349 27.60 34.71 28.95
N ARG D 350 28.29 33.99 28.08
CA ARG D 350 29.71 33.76 28.23
C ARG D 350 30.47 35.08 27.97
N PRO D 351 31.71 35.26 28.57
CA PRO D 351 32.22 36.62 28.85
C PRO D 351 32.40 37.63 27.72
N LEU D 352 33.25 37.38 26.71
CA LEU D 352 33.30 38.17 25.47
C LEU D 352 33.61 39.67 25.56
N LYS D 353 34.87 40.04 25.81
CA LYS D 353 35.36 41.41 25.80
C LYS D 353 35.34 41.98 24.38
N PRO D 354 35.51 43.34 24.17
CA PRO D 354 35.24 43.85 22.82
C PRO D 354 36.30 43.70 21.72
N ARG D 355 37.60 43.64 22.00
CA ARG D 355 38.72 43.12 21.18
C ARG D 355 40.05 43.25 21.91
N THR D 356 41.12 42.73 21.29
CA THR D 356 42.48 43.06 21.71
C THR D 356 43.23 43.79 20.61
N ASN D 357 43.35 43.15 19.45
CA ASN D 357 44.27 43.62 18.41
C ASN D 357 43.50 44.22 17.23
N ASN D 358 44.24 44.59 16.18
CA ASN D 358 43.64 45.19 15.00
C ASN D 358 42.99 44.12 14.13
N ARG D 359 42.34 44.58 13.05
CA ARG D 359 41.86 43.69 12.00
C ARG D 359 43.05 43.03 11.33
N THR D 360 43.19 41.71 11.47
CA THR D 360 44.39 41.03 10.97
C THR D 360 44.39 40.97 9.45
N SER D 361 45.53 40.58 8.88
CA SER D 361 45.96 40.69 7.48
C SER D 361 44.93 40.43 6.37
N PRO D 362 43.98 39.43 6.47
CA PRO D 362 42.99 39.32 5.39
C PRO D 362 42.02 40.50 5.32
N ARG D 363 41.92 41.12 4.15
CA ARG D 363 41.02 42.26 3.99
C ARG D 363 39.59 41.75 3.91
N ASP D 364 38.84 42.00 4.99
CA ASP D 364 37.41 41.73 5.15
C ASP D 364 37.06 40.24 5.10
N ASN D 365 38.04 39.35 4.97
CA ASN D 365 37.74 37.93 5.12
C ASN D 365 37.54 37.58 6.58
N THR D 366 38.22 38.28 7.48
CA THR D 366 38.17 37.95 8.90
C THR D 366 37.26 38.94 9.63
N LEU D 367 35.98 38.61 9.65
CA LEU D 367 35.04 39.32 10.51
C LEU D 367 34.96 38.52 11.80
N LEU D 368 35.55 39.06 12.87
CA LEU D 368 35.39 38.56 14.23
C LEU D 368 35.80 39.69 15.14
N GLN D 369 34.98 39.99 16.14
CA GLN D 369 35.17 41.22 16.87
C GLN D 369 34.86 41.07 18.34
N GLN D 370 35.07 39.88 18.93
CA GLN D 370 34.96 39.77 20.37
C GLN D 370 36.26 39.28 20.99
N LYS D 371 36.73 38.05 20.71
CA LYS D 371 37.89 37.45 21.37
C LYS D 371 37.74 37.39 22.90
N LEU D 372 36.97 36.41 23.39
CA LEU D 372 36.48 36.29 24.77
C LEU D 372 37.53 36.50 25.87
N LEU D 373 37.02 36.90 27.05
CA LEU D 373 37.84 37.35 28.19
C LEU D 373 38.81 36.29 28.68
N GLN D 374 39.81 36.75 29.46
CA GLN D 374 40.76 35.83 30.09
C GLN D 374 40.26 35.32 31.44
N GLU D 375 40.30 36.18 32.47
CA GLU D 375 40.03 35.72 33.83
C GLU D 375 39.40 36.81 34.70
N ALA D 376 38.35 37.45 34.24
CA ALA D 376 37.66 38.45 35.07
C ALA D 376 36.28 37.90 35.47
N TYR D 377 36.08 37.77 36.79
CA TYR D 377 34.81 37.38 37.40
C TYR D 377 34.29 38.46 38.33
N MET D 378 34.57 39.72 38.04
CA MET D 378 34.00 40.83 38.77
C MET D 378 32.63 41.15 38.17
N THR D 379 32.06 42.32 38.54
CA THR D 379 30.78 42.84 38.02
C THR D 379 29.64 41.87 38.32
N PRO D 380 29.03 41.94 39.55
CA PRO D 380 28.21 40.87 40.14
C PRO D 380 27.19 40.10 39.30
N LYS D 381 26.82 40.60 38.11
CA LYS D 381 26.13 39.77 37.14
C LYS D 381 26.96 38.57 36.67
N ASP D 382 28.27 38.59 36.84
CA ASP D 382 29.08 37.39 36.61
C ASP D 382 29.10 36.47 37.82
N ASP D 383 28.80 36.98 39.01
CA ASP D 383 28.69 36.11 40.19
C ASP D 383 27.38 35.35 40.23
N ILE D 384 26.34 35.85 39.54
CA ILE D 384 25.12 35.06 39.38
C ILE D 384 25.37 33.93 38.40
N ARG D 385 26.18 34.19 37.36
CA ARG D 385 26.52 33.15 36.39
C ARG D 385 27.40 32.06 36.99
N LEU D 386 28.24 32.43 37.98
CA LEU D 386 29.12 31.45 38.62
C LEU D 386 28.33 30.41 39.39
N VAL D 387 27.21 30.81 39.99
CA VAL D 387 26.33 29.83 40.62
C VAL D 387 25.65 28.98 39.55
N GLY D 388 25.34 29.59 38.40
CA GLY D 388 24.74 28.83 37.31
C GLY D 388 25.72 27.97 36.54
N GLU D 389 27.02 28.16 36.73
CA GLU D 389 28.02 27.30 36.11
C GLU D 389 28.43 26.14 37.01
N LEU D 390 28.50 26.36 38.32
CA LEU D 390 28.84 25.28 39.23
C LEU D 390 27.75 24.24 39.34
N VAL D 391 26.51 24.60 39.02
CA VAL D 391 25.45 23.60 38.93
C VAL D 391 25.66 22.71 37.71
N THR D 392 26.12 23.29 36.60
CA THR D 392 26.33 22.51 35.39
C THR D 392 27.61 21.68 35.45
N VAL D 393 28.49 21.92 36.40
CA VAL D 393 29.67 21.08 36.56
C VAL D 393 29.42 19.96 37.55
N ILE D 394 28.78 20.28 38.68
CA ILE D 394 28.33 19.26 39.62
C ILE D 394 27.35 18.30 38.95
N GLY D 395 26.47 18.84 38.10
CA GLY D 395 25.55 18.00 37.35
C GLY D 395 26.21 17.16 36.27
N ALA D 396 27.45 17.43 35.92
CA ALA D 396 28.18 16.64 34.93
C ALA D 396 29.20 15.71 35.56
N ILE D 397 29.36 15.75 36.87
CA ILE D 397 30.15 14.74 37.58
C ILE D 397 29.24 13.62 38.08
N ILE D 398 28.04 13.97 38.52
CA ILE D 398 27.04 12.99 38.94
C ILE D 398 26.64 12.07 37.79
N ILE D 399 26.67 12.58 36.55
CA ILE D 399 26.48 11.71 35.40
C ILE D 399 27.65 10.74 35.27
N LEU D 400 28.88 11.21 35.52
CA LEU D 400 30.04 10.34 35.44
C LEU D 400 30.24 9.47 36.67
N LEU D 401 29.35 9.51 37.65
CA LEU D 401 29.43 8.62 38.80
C LEU D 401 28.34 7.56 38.81
N VAL D 402 27.36 7.64 37.90
CA VAL D 402 26.31 6.64 37.83
C VAL D 402 26.38 5.96 36.46
N GLU D 403 27.35 6.33 35.66
CA GLU D 403 27.53 5.74 34.34
C GLU D 403 28.89 5.08 34.15
N VAL D 404 29.96 5.73 34.60
CA VAL D 404 31.32 5.20 34.44
C VAL D 404 31.58 4.07 35.43
N PRO D 405 31.10 4.11 36.73
CA PRO D 405 31.14 2.86 37.50
C PRO D 405 29.98 1.92 37.19
N ASP D 406 29.64 1.77 35.92
CA ASP D 406 28.74 0.72 35.45
C ASP D 406 29.43 -0.08 34.36
N ILE D 407 30.02 0.63 33.39
CA ILE D 407 30.69 -0.02 32.27
C ILE D 407 32.03 -0.58 32.73
N PHE D 408 32.73 0.15 33.59
CA PHE D 408 34.05 -0.27 34.10
C PHE D 408 33.90 -1.11 35.38
N ARG D 409 32.72 -1.69 35.53
CA ARG D 409 32.43 -2.57 36.67
C ARG D 409 31.78 -3.85 36.15
N MET D 410 31.20 -3.78 34.94
CA MET D 410 30.60 -4.93 34.29
C MET D 410 31.40 -5.42 33.09
N GLY D 411 32.30 -4.61 32.55
CA GLY D 411 33.18 -5.06 31.49
C GLY D 411 32.63 -4.90 30.09
N VAL D 412 31.55 -5.62 29.78
CA VAL D 412 31.02 -5.62 28.42
C VAL D 412 30.24 -4.32 28.17
N THR D 413 30.28 -3.84 26.94
CA THR D 413 29.68 -2.58 26.54
C THR D 413 28.68 -2.80 25.40
N ARG D 414 27.90 -3.87 25.55
CA ARG D 414 26.82 -4.30 24.63
C ARG D 414 27.34 -4.53 23.21
N PRO D 424 21.48 3.33 23.19
CA PRO D 424 22.61 4.24 22.97
C PRO D 424 22.37 5.65 23.43
N PHE D 425 21.53 5.87 24.43
CA PHE D 425 21.55 7.13 25.15
C PHE D 425 22.46 7.10 26.36
N HIS D 426 23.16 5.99 26.59
CA HIS D 426 24.27 6.03 27.54
C HIS D 426 25.44 6.80 26.95
N VAL D 427 25.67 6.66 25.66
CA VAL D 427 26.85 7.26 25.06
C VAL D 427 26.59 8.69 24.63
N LEU D 428 25.34 9.13 24.61
CA LEU D 428 25.01 10.53 24.40
C LEU D 428 24.81 11.30 25.70
N ILE D 429 24.94 10.64 26.84
CA ILE D 429 24.91 11.34 28.13
C ILE D 429 26.27 11.34 28.80
N ILE D 430 27.18 10.45 28.39
CA ILE D 430 28.56 10.53 28.84
C ILE D 430 29.36 11.47 27.95
N THR D 431 29.04 11.52 26.66
CA THR D 431 29.67 12.48 25.76
C THR D 431 29.30 13.92 26.11
N TYR D 432 28.05 14.14 26.53
CA TYR D 432 27.70 15.43 27.13
C TYR D 432 28.48 15.67 28.41
N ALA D 433 28.74 14.62 29.19
CA ALA D 433 29.43 14.80 30.45
C ALA D 433 30.92 15.07 30.28
N PHE D 434 31.50 14.71 29.13
CA PHE D 434 32.89 15.10 28.92
C PHE D 434 33.00 16.53 28.40
N MET D 435 32.08 16.95 27.52
CA MET D 435 32.17 18.26 26.90
C MET D 435 31.94 19.40 27.89
N VAL D 436 31.26 19.14 29.00
CA VAL D 436 31.23 20.12 30.07
C VAL D 436 32.54 20.07 30.85
N LEU D 437 33.07 18.87 31.10
CA LEU D 437 34.32 18.73 31.81
C LEU D 437 35.53 19.14 31.00
N VAL D 438 35.44 19.14 29.67
CA VAL D 438 36.51 19.71 28.86
C VAL D 438 36.50 21.23 28.98
N THR D 439 35.31 21.82 28.95
CA THR D 439 35.15 23.27 28.99
C THR D 439 35.63 23.86 30.32
N MET D 440 35.48 23.10 31.41
CA MET D 440 35.99 23.55 32.70
C MET D 440 37.51 23.60 32.69
N VAL D 441 38.16 22.57 32.16
CA VAL D 441 39.61 22.56 32.07
C VAL D 441 40.09 23.60 31.06
N MET D 442 39.33 23.81 29.99
CA MET D 442 39.72 24.76 28.95
C MET D 442 39.51 26.21 29.39
N ARG D 443 38.69 26.47 30.40
CA ARG D 443 38.54 27.83 30.91
C ARG D 443 39.51 28.16 32.04
N LEU D 444 39.81 27.19 32.91
CA LEU D 444 40.71 27.46 34.03
C LEU D 444 42.15 27.72 33.57
N ILE D 445 42.54 27.18 32.42
CA ILE D 445 43.86 27.47 31.87
C ILE D 445 43.82 28.58 30.84
N SER D 446 42.65 29.19 30.62
CA SER D 446 42.42 30.32 29.71
C SER D 446 42.84 29.98 28.27
N ALA D 447 42.50 28.78 27.84
CA ALA D 447 42.69 28.41 26.45
C ALA D 447 41.68 29.13 25.58
N SER D 448 42.01 29.26 24.29
CA SER D 448 41.32 30.23 23.46
C SER D 448 39.97 29.73 22.95
N GLY D 449 39.98 28.70 22.13
CA GLY D 449 38.75 28.34 21.44
C GLY D 449 37.87 27.37 22.21
N GLU D 450 36.87 27.87 22.91
CA GLU D 450 35.96 27.01 23.64
C GLU D 450 34.54 27.08 23.08
N VAL D 451 34.39 27.54 21.85
CA VAL D 451 33.11 27.47 21.18
C VAL D 451 32.90 26.13 20.52
N VAL D 452 33.93 25.30 20.43
CA VAL D 452 33.79 23.94 19.93
C VAL D 452 33.35 22.95 21.02
N PRO D 453 33.83 22.95 22.27
CA PRO D 453 33.17 22.08 23.26
C PRO D 453 31.80 22.60 23.69
N MET D 454 31.54 23.89 23.59
CA MET D 454 30.19 24.39 23.86
C MET D 454 29.23 24.17 22.70
N SER D 455 29.68 23.59 21.60
CA SER D 455 28.79 23.27 20.50
C SER D 455 28.57 21.77 20.34
N PHE D 456 29.30 20.94 21.08
CA PHE D 456 28.97 19.54 21.24
C PHE D 456 28.23 19.29 22.55
N ALA D 457 27.94 20.33 23.31
CA ALA D 457 27.16 20.19 24.53
C ALA D 457 25.82 20.89 24.47
N LEU D 458 25.65 21.91 23.63
CA LEU D 458 24.36 22.50 23.39
C LEU D 458 23.51 21.71 22.42
N VAL D 459 24.08 20.76 21.71
CA VAL D 459 23.29 19.90 20.83
C VAL D 459 23.23 18.46 21.32
N LEU D 460 24.26 17.94 21.99
CA LEU D 460 24.11 16.66 22.67
C LEU D 460 23.33 16.81 23.97
N GLY D 461 23.31 18.02 24.54
CA GLY D 461 22.59 18.21 25.78
C GLY D 461 21.11 18.37 25.59
N TRP D 462 20.68 19.04 24.51
CA TRP D 462 19.26 19.19 24.27
C TRP D 462 18.66 17.94 23.66
N CYS D 463 19.36 17.30 22.72
CA CYS D 463 18.82 16.13 22.04
C CYS D 463 18.85 14.86 22.90
N ASN D 464 19.09 14.95 24.20
CA ASN D 464 18.83 13.87 25.13
C ASN D 464 17.53 14.05 25.89
N VAL D 465 16.81 15.14 25.65
CA VAL D 465 15.43 15.25 26.12
C VAL D 465 14.50 14.46 25.21
N MET D 466 15.00 14.01 24.05
CA MET D 466 14.30 13.02 23.27
C MET D 466 14.33 11.63 23.91
N TYR D 467 15.21 11.41 24.90
CA TYR D 467 15.18 10.15 25.63
C TYR D 467 13.93 10.04 26.49
N PHE D 468 13.49 11.14 27.07
CA PHE D 468 12.34 11.11 27.97
C PHE D 468 11.01 11.09 27.26
N ALA D 469 11.01 10.91 25.94
CA ALA D 469 9.78 10.65 25.20
C ALA D 469 9.55 9.16 25.04
N ARG D 470 9.61 8.45 26.16
CA ARG D 470 9.21 7.05 26.18
C ARG D 470 8.33 6.74 27.38
N GLY D 471 8.10 7.71 28.26
CA GLY D 471 7.03 7.62 29.22
C GLY D 471 5.68 7.99 28.66
N PHE D 472 5.63 8.36 27.39
CA PHE D 472 4.41 8.68 26.68
C PHE D 472 4.25 7.69 25.55
N GLN D 473 3.05 7.12 25.40
CA GLN D 473 2.88 6.00 24.49
C GLN D 473 2.94 6.45 23.03
N MET D 474 2.39 7.62 22.73
CA MET D 474 2.33 8.04 21.34
C MET D 474 3.60 8.74 20.88
N LEU D 475 4.38 9.30 21.79
CA LEU D 475 5.69 9.86 21.48
C LEU D 475 6.81 8.84 21.62
N GLY D 476 6.48 7.59 21.88
CA GLY D 476 7.45 6.58 22.23
C GLY D 476 8.36 6.14 21.10
N PRO D 477 7.81 5.45 20.10
CA PRO D 477 8.67 4.91 19.04
C PRO D 477 9.05 5.90 17.94
N PHE D 478 8.90 7.20 18.18
CA PHE D 478 9.52 8.16 17.31
C PHE D 478 11.03 8.16 17.49
N THR D 479 11.50 7.76 18.66
CA THR D 479 12.93 7.61 18.87
C THR D 479 13.45 6.34 18.20
N ILE D 480 12.58 5.36 17.94
CA ILE D 480 12.99 4.17 17.21
C ILE D 480 13.17 4.49 15.74
N MET D 481 12.25 5.27 15.17
CA MET D 481 12.29 5.61 13.75
C MET D 481 13.54 6.40 13.38
N ILE D 482 13.95 7.33 14.24
CA ILE D 482 15.14 8.12 13.97
C ILE D 482 16.42 7.29 14.13
N GLN D 483 16.38 6.21 14.91
CA GLN D 483 17.51 5.29 14.90
C GLN D 483 17.57 4.50 13.62
N LYS D 484 16.44 3.91 13.21
CA LYS D 484 16.43 3.06 12.03
C LYS D 484 16.47 3.84 10.73
N MET D 485 16.34 5.16 10.76
CA MET D 485 16.57 5.96 9.57
C MET D 485 18.00 6.43 9.44
N ILE D 486 18.76 6.45 10.53
CA ILE D 486 20.17 6.83 10.46
C ILE D 486 21.02 5.59 10.24
N PHE D 487 20.96 4.66 11.18
CA PHE D 487 21.85 3.51 11.13
C PHE D 487 21.34 2.39 10.24
N GLY D 488 20.22 2.56 9.56
CA GLY D 488 19.71 1.50 8.72
C GLY D 488 19.39 1.89 7.30
N ASP D 489 19.15 3.17 7.04
CA ASP D 489 18.83 3.64 5.70
C ASP D 489 19.68 4.81 5.25
N LEU D 490 20.43 5.44 6.13
CA LEU D 490 21.31 6.53 5.76
C LEU D 490 22.77 6.16 5.82
N MET D 491 23.16 5.22 6.67
CA MET D 491 24.51 4.68 6.62
C MET D 491 24.69 3.67 5.50
N ARG D 492 23.61 3.25 4.85
CA ARG D 492 23.71 2.37 3.68
C ARG D 492 23.63 3.14 2.37
N PHE D 493 23.22 4.40 2.39
CA PHE D 493 23.09 5.18 1.17
C PHE D 493 23.89 6.48 1.28
N CYS D 494 24.73 6.64 2.30
CA CYS D 494 25.67 7.75 2.29
C CYS D 494 26.92 7.42 1.52
N TRP D 495 27.13 6.16 1.17
CA TRP D 495 28.29 5.77 0.40
C TRP D 495 28.06 5.86 -1.09
N LEU D 496 26.80 5.92 -1.53
CA LEU D 496 26.45 6.24 -2.91
C LEU D 496 26.10 7.70 -3.08
N MET D 497 26.09 8.48 -2.00
CA MET D 497 25.96 9.92 -2.10
C MET D 497 27.27 10.66 -1.93
N ALA D 498 28.22 10.10 -1.17
CA ALA D 498 29.52 10.72 -1.03
C ALA D 498 30.42 10.45 -2.22
N VAL D 499 29.94 9.71 -3.20
CA VAL D 499 30.64 9.49 -4.46
C VAL D 499 30.18 10.46 -5.54
N VAL D 500 28.86 10.69 -5.63
CA VAL D 500 28.34 11.69 -6.55
C VAL D 500 28.74 13.09 -6.12
N ILE D 501 28.71 13.36 -4.82
CA ILE D 501 29.12 14.66 -4.28
C ILE D 501 30.60 14.91 -4.47
N LEU D 502 31.46 13.92 -4.27
CA LEU D 502 32.87 14.06 -4.66
C LEU D 502 33.08 14.09 -6.16
N GLY D 503 32.15 13.56 -6.94
CA GLY D 503 32.29 13.59 -8.38
C GLY D 503 32.00 14.96 -8.95
N PHE D 504 30.88 15.56 -8.54
CA PHE D 504 30.49 16.85 -9.09
C PHE D 504 31.13 18.03 -8.39
N ALA D 505 31.61 17.90 -7.15
CA ALA D 505 32.30 19.03 -6.55
C ALA D 505 33.73 19.15 -7.05
N SER D 506 34.34 18.03 -7.43
CA SER D 506 35.64 18.09 -8.06
C SER D 506 35.55 18.38 -9.55
N ALA D 507 34.36 18.50 -10.10
CA ALA D 507 34.15 19.00 -11.45
C ALA D 507 33.66 20.44 -11.46
N PHE D 508 32.90 20.85 -10.44
CA PHE D 508 32.54 22.27 -10.29
C PHE D 508 33.75 23.11 -9.90
N TYR D 509 34.71 22.54 -9.20
CA TYR D 509 35.87 23.31 -8.80
C TYR D 509 36.78 23.61 -9.97
N ILE D 510 36.94 22.66 -10.89
CA ILE D 510 37.81 22.83 -12.05
C ILE D 510 37.24 23.89 -12.99
N ILE D 511 35.92 23.93 -13.14
CA ILE D 511 35.28 24.87 -14.05
C ILE D 511 35.42 26.30 -13.54
N PHE D 512 35.19 26.52 -12.25
CA PHE D 512 35.37 27.83 -11.64
C PHE D 512 36.74 28.00 -11.01
N GLN D 513 37.75 27.37 -11.56
CA GLN D 513 39.11 27.60 -11.09
C GLN D 513 39.77 28.75 -11.82
N THR D 514 39.32 29.04 -13.05
CA THR D 514 39.85 30.13 -13.86
C THR D 514 38.89 31.31 -13.89
N GLU D 515 38.28 31.65 -12.77
CA GLU D 515 37.24 32.68 -12.72
C GLU D 515 37.62 33.72 -11.68
N ASP D 516 36.69 34.65 -11.42
CA ASP D 516 36.89 35.68 -10.41
C ASP D 516 35.93 35.41 -9.26
N PRO D 517 36.39 34.91 -8.11
CA PRO D 517 35.48 34.51 -7.03
C PRO D 517 35.03 35.66 -6.13
N GLU D 518 34.70 36.80 -6.74
CA GLU D 518 33.93 37.85 -6.09
C GLU D 518 32.48 37.82 -6.50
N GLU D 519 32.22 37.56 -7.78
CA GLU D 519 30.91 37.18 -8.29
C GLU D 519 30.97 35.69 -8.57
N LEU D 520 29.93 34.96 -8.14
CA LEU D 520 29.83 33.50 -8.18
C LEU D 520 30.99 32.87 -7.41
N GLY D 521 31.04 33.09 -6.11
CA GLY D 521 32.15 32.63 -5.30
C GLY D 521 31.83 31.44 -4.44
N HIS D 522 30.97 30.55 -4.95
CA HIS D 522 30.65 29.32 -4.26
C HIS D 522 31.88 28.41 -4.17
N PHE D 523 32.50 28.13 -5.31
CA PHE D 523 33.57 27.14 -5.39
C PHE D 523 34.94 27.82 -5.40
N TYR D 524 35.29 28.54 -4.34
CA TYR D 524 36.53 29.30 -4.39
C TYR D 524 37.72 28.50 -3.90
N ASP D 525 37.54 27.55 -3.00
CA ASP D 525 38.58 26.57 -2.69
C ASP D 525 37.94 25.23 -2.42
N TYR D 526 38.76 24.19 -2.45
CA TYR D 526 38.27 22.81 -2.54
C TYR D 526 37.53 22.28 -1.31
N PRO D 527 37.87 22.63 -0.06
CA PRO D 527 36.95 22.31 1.04
C PRO D 527 35.62 23.04 0.97
N MET D 528 35.52 24.17 0.29
CA MET D 528 34.23 24.83 0.14
C MET D 528 33.46 24.30 -1.06
N ALA D 529 34.14 23.69 -2.04
CA ALA D 529 33.43 23.10 -3.16
C ALA D 529 32.65 21.87 -2.73
N LEU D 530 33.16 21.12 -1.76
CA LEU D 530 32.43 19.97 -1.23
C LEU D 530 31.24 20.38 -0.38
N PHE D 531 31.40 21.43 0.42
CA PHE D 531 30.30 21.85 1.28
C PHE D 531 29.21 22.55 0.50
N SER D 532 29.58 23.28 -0.54
CA SER D 532 28.60 23.95 -1.36
C SER D 532 28.09 23.09 -2.50
N THR D 533 28.38 21.79 -2.48
CA THR D 533 27.74 20.80 -3.33
C THR D 533 26.93 19.82 -2.53
N PHE D 534 27.35 19.54 -1.30
CA PHE D 534 26.49 18.89 -0.32
C PHE D 534 25.21 19.66 -0.09
N GLU D 535 25.28 21.00 -0.04
CA GLU D 535 24.08 21.78 0.15
C GLU D 535 23.23 21.82 -1.12
N LEU D 536 23.86 21.89 -2.30
CA LEU D 536 23.10 21.85 -3.54
C LEU D 536 22.48 20.49 -3.81
N PHE D 537 23.02 19.45 -3.19
CA PHE D 537 22.45 18.11 -3.29
C PHE D 537 21.10 18.06 -2.59
N LEU D 538 21.07 18.49 -1.33
CA LEU D 538 19.89 18.41 -0.48
C LEU D 538 18.85 19.46 -0.78
N THR D 539 19.14 20.40 -1.68
CA THR D 539 18.30 21.54 -2.04
C THR D 539 17.97 22.37 -0.80
N ILE D 540 19.00 22.95 -0.22
CA ILE D 540 18.83 23.92 0.85
C ILE D 540 19.34 25.30 0.45
N ILE D 541 20.48 25.36 -0.22
CA ILE D 541 20.82 26.60 -0.90
C ILE D 541 20.38 26.49 -2.35
N ASP D 542 20.33 27.62 -3.04
CA ASP D 542 19.59 27.67 -4.30
C ASP D 542 20.27 26.94 -5.44
N GLY D 543 21.41 27.45 -5.87
CA GLY D 543 21.98 27.05 -7.13
C GLY D 543 22.46 28.28 -7.83
N PRO D 544 23.75 28.34 -8.12
CA PRO D 544 24.37 29.62 -8.40
C PRO D 544 24.15 30.13 -9.81
N ALA D 545 24.06 31.46 -9.91
CA ALA D 545 23.86 32.19 -11.16
C ALA D 545 24.19 33.64 -10.91
N ASN D 546 24.57 34.34 -11.96
CA ASN D 546 24.89 35.75 -11.75
C ASN D 546 24.17 36.69 -12.69
N TYR D 547 23.99 36.30 -13.96
CA TYR D 547 23.15 36.98 -14.97
C TYR D 547 23.69 38.34 -15.41
N ASN D 548 24.76 38.82 -14.80
CA ASN D 548 25.45 40.02 -15.23
C ASN D 548 26.79 39.70 -15.87
N VAL D 549 27.23 38.44 -15.80
CA VAL D 549 28.50 38.01 -16.34
C VAL D 549 28.23 36.81 -17.25
N ASP D 550 29.27 36.38 -17.95
CA ASP D 550 29.19 35.15 -18.74
C ASP D 550 29.80 34.04 -17.89
N LEU D 551 28.94 33.19 -17.34
CA LEU D 551 29.40 31.97 -16.69
C LEU D 551 30.04 31.05 -17.74
N PRO D 552 31.00 30.22 -17.33
CA PRO D 552 31.64 29.33 -18.31
C PRO D 552 30.67 28.29 -18.84
N PHE D 553 30.95 27.86 -20.07
CA PHE D 553 30.02 27.07 -20.85
C PHE D 553 29.80 25.70 -20.22
N MET D 554 30.84 25.12 -19.65
CA MET D 554 30.75 23.78 -19.11
C MET D 554 29.97 23.73 -17.81
N TYR D 555 29.70 24.88 -17.20
CA TYR D 555 28.88 24.88 -15.99
C TYR D 555 27.42 24.59 -16.30
N SER D 556 26.89 25.14 -17.39
CA SER D 556 25.47 24.99 -17.69
C SER D 556 25.09 23.56 -18.07
N ILE D 557 26.05 22.76 -18.50
CA ILE D 557 25.81 21.35 -18.76
C ILE D 557 26.01 20.51 -17.49
N THR D 558 27.05 20.80 -16.71
CA THR D 558 27.36 19.98 -15.54
C THR D 558 26.33 20.19 -14.44
N TYR D 559 25.83 21.40 -14.28
CA TYR D 559 24.82 21.61 -13.26
C TYR D 559 23.45 21.11 -13.70
N ALA D 560 23.18 21.09 -15.00
CA ALA D 560 21.93 20.53 -15.46
C ALA D 560 21.93 19.00 -15.48
N ALA D 561 23.08 18.38 -15.25
CA ALA D 561 23.15 16.96 -14.99
C ALA D 561 23.29 16.64 -13.52
N PHE D 562 23.61 17.62 -12.69
CA PHE D 562 23.57 17.46 -11.24
C PHE D 562 22.19 17.72 -10.68
N ALA D 563 21.37 18.51 -11.36
CA ALA D 563 20.01 18.71 -10.93
C ALA D 563 19.13 17.51 -11.22
N ILE D 564 19.54 16.65 -12.15
CA ILE D 564 18.77 15.47 -12.50
C ILE D 564 19.25 14.23 -11.75
N ILE D 565 20.55 13.95 -11.77
CA ILE D 565 21.05 12.72 -11.17
C ILE D 565 21.10 12.82 -9.66
N ALA D 566 21.03 14.01 -9.08
CA ALA D 566 21.34 14.16 -7.68
C ALA D 566 20.34 14.95 -6.87
N THR D 567 19.39 15.64 -7.50
CA THR D 567 18.38 16.38 -6.77
C THR D 567 17.01 15.72 -6.83
N LEU D 568 16.53 15.30 -8.00
CA LEU D 568 15.23 14.66 -8.05
C LEU D 568 15.28 13.14 -8.12
N LEU D 569 16.43 12.55 -8.37
CA LEU D 569 16.47 11.11 -8.62
C LEU D 569 17.24 10.33 -7.58
N MET D 570 18.19 10.94 -6.90
CA MET D 570 18.91 10.25 -5.84
C MET D 570 18.55 10.78 -4.47
N LEU D 571 18.05 12.00 -4.36
CA LEU D 571 17.49 12.46 -3.10
C LEU D 571 16.10 11.89 -2.88
N ASN D 572 15.27 11.86 -3.91
CA ASN D 572 13.92 11.29 -3.80
C ASN D 572 13.90 9.77 -3.84
N LEU D 573 15.06 9.13 -3.90
CA LEU D 573 15.18 7.72 -3.60
C LEU D 573 15.48 7.51 -2.12
N LEU D 574 16.13 8.47 -1.48
CA LEU D 574 16.39 8.36 -0.05
C LEU D 574 15.11 8.62 0.74
N ILE D 575 14.32 9.60 0.30
CA ILE D 575 13.10 9.96 1.01
C ILE D 575 12.05 8.85 0.86
N ALA D 576 12.13 8.06 -0.21
CA ALA D 576 11.29 6.88 -0.28
C ALA D 576 11.80 5.75 0.62
N MET D 577 13.11 5.67 0.85
CA MET D 577 13.64 4.69 1.79
C MET D 577 13.31 5.04 3.23
N MET D 578 13.06 6.32 3.51
CA MET D 578 12.62 6.77 4.82
C MET D 578 11.11 6.84 4.91
N GLY D 579 10.41 6.15 4.02
CA GLY D 579 8.97 6.18 4.02
C GLY D 579 8.41 4.78 4.13
N ASP D 580 9.27 3.77 4.08
CA ASP D 580 8.91 2.41 4.43
C ASP D 580 9.77 1.88 5.56
N THR D 581 10.45 2.78 6.27
CA THR D 581 11.00 2.52 7.60
C THR D 581 10.12 3.17 8.66
N HIS D 582 9.52 4.30 8.33
CA HIS D 582 8.40 4.79 9.11
C HIS D 582 7.22 3.82 9.07
N TRP D 583 7.00 3.15 7.94
CA TRP D 583 5.83 2.29 7.84
C TRP D 583 6.02 1.00 8.64
N ARG D 584 7.18 0.36 8.55
CA ARG D 584 7.38 -0.90 9.24
C ARG D 584 7.72 -0.75 10.71
N VAL D 585 7.77 0.49 11.22
CA VAL D 585 7.83 0.72 12.66
C VAL D 585 6.50 1.17 13.22
N ALA D 586 5.76 2.03 12.52
CA ALA D 586 4.43 2.41 12.98
C ALA D 586 3.42 1.28 12.86
N HIS D 587 3.73 0.24 12.09
CA HIS D 587 2.90 -0.96 12.05
C HIS D 587 2.98 -1.76 13.33
N GLU D 588 4.09 -1.67 14.05
CA GLU D 588 4.25 -2.35 15.33
C GLU D 588 4.60 -1.33 16.42
N ARG D 589 3.79 -0.27 16.48
CA ARG D 589 4.00 0.83 17.41
C ARG D 589 3.92 0.39 18.86
N ASP D 590 2.92 -0.43 19.20
CA ASP D 590 2.68 -0.76 20.59
C ASP D 590 3.64 -1.83 21.10
N GLU D 591 4.22 -2.63 20.22
CA GLU D 591 5.18 -3.64 20.66
C GLU D 591 6.55 -3.03 20.94
N LEU D 592 6.95 -2.02 20.17
CA LEU D 592 8.21 -1.34 20.43
C LEU D 592 8.14 -0.45 21.66
N TRP D 593 6.96 0.03 22.03
CA TRP D 593 6.89 0.85 23.23
C TRP D 593 6.98 0.01 24.49
N ARG D 594 6.39 -1.18 24.48
CA ARG D 594 6.41 -2.03 25.67
C ARG D 594 7.80 -2.58 25.95
N ALA D 595 8.63 -2.71 24.92
CA ALA D 595 10.02 -3.07 25.13
C ALA D 595 10.86 -1.89 25.61
N GLN D 596 10.36 -0.67 25.46
CA GLN D 596 11.03 0.50 26.04
C GLN D 596 10.65 0.73 27.48
N ILE D 597 9.54 0.15 27.94
CA ILE D 597 9.11 0.28 29.32
C ILE D 597 9.78 -0.76 30.21
N VAL D 598 10.00 -1.97 29.67
CA VAL D 598 10.73 -2.98 30.42
C VAL D 598 12.18 -2.58 30.57
N ALA D 599 12.79 -2.03 29.51
CA ALA D 599 14.19 -1.62 29.58
C ALA D 599 14.38 -0.39 30.45
N THR D 600 13.35 0.42 30.65
CA THR D 600 13.46 1.57 31.54
C THR D 600 13.25 1.15 32.98
N THR D 601 12.26 0.29 33.23
CA THR D 601 11.92 -0.12 34.59
C THR D 601 13.04 -0.95 35.23
N VAL D 602 13.71 -1.79 34.44
CA VAL D 602 14.83 -2.57 34.94
C VAL D 602 16.01 -1.66 35.26
N MET D 603 16.26 -0.66 34.42
CA MET D 603 17.35 0.28 34.66
C MET D 603 17.08 1.14 35.89
N LEU D 604 15.81 1.41 36.18
CA LEU D 604 15.42 2.29 37.26
C LEU D 604 15.15 1.54 38.55
N GLU D 605 15.27 0.22 38.54
CA GLU D 605 15.05 -0.61 39.72
C GLU D 605 16.34 -1.00 40.42
N ARG D 606 17.43 -1.21 39.68
CA ARG D 606 18.69 -1.58 40.30
C ARG D 606 19.48 -0.38 40.81
N LYS D 607 19.24 0.81 40.27
CA LYS D 607 19.97 2.01 40.69
C LYS D 607 19.24 2.67 41.84
N LEU D 608 17.96 2.93 41.68
CA LEU D 608 17.13 3.53 42.70
C LEU D 608 16.84 2.49 43.77
N PRO D 609 17.19 2.73 45.03
CA PRO D 609 17.22 1.62 46.01
C PRO D 609 15.88 1.22 46.57
N ARG D 610 15.88 0.27 47.49
CA ARG D 610 14.68 -0.14 48.21
C ARG D 610 14.29 0.94 49.23
N CYS D 611 13.11 0.73 49.82
CA CYS D 611 12.30 1.64 50.66
C CYS D 611 11.72 2.79 49.83
N LEU D 612 11.99 2.83 48.53
CA LEU D 612 11.37 3.75 47.61
C LEU D 612 10.80 2.98 46.43
N TRP D 613 11.07 1.68 46.36
CA TRP D 613 10.58 0.81 45.29
C TRP D 613 10.27 -0.54 45.90
N PRO D 614 9.05 -0.75 46.40
CA PRO D 614 8.73 -2.01 47.04
C PRO D 614 8.46 -3.10 46.01
N ARG D 615 8.36 -4.34 46.51
CA ARG D 615 8.13 -5.49 45.66
C ARG D 615 6.74 -5.44 45.05
N SER D 616 6.62 -5.92 43.81
CA SER D 616 5.34 -5.90 43.13
C SER D 616 4.56 -7.18 43.41
N GLY D 617 3.25 -7.05 43.49
CA GLY D 617 2.37 -8.16 43.78
C GLY D 617 1.97 -8.21 45.23
N ILE D 618 1.18 -9.21 45.57
CA ILE D 618 0.67 -9.40 46.92
C ILE D 618 1.38 -10.62 47.51
N CYS D 619 2.02 -10.43 48.66
CA CYS D 619 2.86 -11.47 49.24
C CYS D 619 2.03 -12.62 49.77
N GLY D 620 2.72 -13.74 50.04
CA GLY D 620 2.13 -14.82 50.80
C GLY D 620 2.32 -14.57 52.28
N ARG D 621 2.50 -15.63 53.07
CA ARG D 621 2.98 -15.61 54.47
C ARG D 621 1.98 -15.00 55.45
N GLU D 622 0.88 -14.44 54.93
CA GLU D 622 -0.25 -13.97 55.71
C GLU D 622 -1.56 -14.51 55.20
N TYR D 623 -1.53 -15.33 54.14
CA TYR D 623 -2.71 -15.97 53.60
C TYR D 623 -2.52 -17.47 53.43
N GLY D 624 -1.48 -18.04 54.03
CA GLY D 624 -1.24 -19.46 53.98
C GLY D 624 -0.72 -19.95 52.64
N LEU D 625 0.26 -19.25 52.07
CA LEU D 625 0.80 -19.60 50.77
C LEU D 625 2.32 -19.68 50.74
N GLY D 626 2.99 -19.40 51.85
CA GLY D 626 4.43 -19.42 51.87
C GLY D 626 5.04 -18.06 51.62
N ASP D 627 6.28 -18.09 51.13
CA ASP D 627 7.06 -16.89 50.88
C ASP D 627 7.09 -16.54 49.40
N ARG D 628 5.96 -16.71 48.72
CA ARG D 628 5.86 -16.42 47.30
C ARG D 628 5.01 -15.17 47.09
N TRP D 629 5.31 -14.45 46.00
CA TRP D 629 4.71 -13.15 45.71
C TRP D 629 3.80 -13.28 44.50
N PHE D 630 2.49 -13.32 44.75
CA PHE D 630 1.50 -13.65 43.73
C PHE D 630 0.90 -12.40 43.11
N LEU D 631 0.16 -12.61 42.02
CA LEU D 631 -0.51 -11.52 41.29
C LEU D 631 -1.75 -12.12 40.63
N ARG D 632 -2.93 -11.77 41.15
CA ARG D 632 -4.16 -12.33 40.61
C ARG D 632 -4.74 -11.43 39.54
N VAL D 633 -5.55 -12.03 38.67
CA VAL D 633 -6.21 -11.33 37.58
C VAL D 633 -7.43 -12.14 37.15
N GLU D 634 -8.56 -11.48 36.91
CA GLU D 634 -9.74 -12.16 36.41
C GLU D 634 -10.12 -11.62 35.04
N ASP D 635 -10.67 -12.51 34.21
CA ASP D 635 -11.02 -12.18 32.83
C ASP D 635 -12.29 -12.90 32.43
N ARG D 636 -13.23 -12.14 31.87
CA ARG D 636 -14.43 -12.73 31.30
C ARG D 636 -14.08 -13.53 30.05
N GLN D 637 -14.42 -14.81 30.06
CA GLN D 637 -13.97 -15.72 29.01
C GLN D 637 -14.99 -15.86 27.89
N ASP D 638 -16.19 -16.31 28.23
CA ASP D 638 -17.19 -16.61 27.22
C ASP D 638 -18.11 -15.41 26.99
CAA Y01 E . -23.81 41.49 8.11
CBA Y01 E . -25.01 41.66 9.02
CAB Y01 E . -24.92 42.99 9.76
CAN Y01 E . -25.10 40.49 10.00
CAJ Y01 E . -24.03 39.45 9.83
CAO Y01 E . -24.37 38.15 10.51
CBB Y01 E . -23.62 36.93 9.98
CAC Y01 E . -22.38 37.36 9.20
CBE Y01 E . -23.29 35.96 11.14
CAP Y01 E . -24.18 36.26 12.38
CAQ Y01 E . -24.43 34.92 13.10
CBG Y01 E . -23.46 33.97 12.40
CBI Y01 E . -23.47 34.43 10.94
CAE Y01 E . -24.81 34.18 10.25
CAU Y01 E . -22.34 33.70 10.21
CAS Y01 E . -22.39 32.18 10.41
CBF Y01 E . -22.46 31.76 11.89
CBD Y01 E . -23.62 32.47 12.60
CAK Y01 E . -23.59 32.13 14.09
CAI Y01 E . -23.51 30.65 14.31
CAZ Y01 E . -22.99 29.81 13.43
CAV Y01 E . -22.85 28.34 13.78
CBH Y01 E . -22.47 30.21 12.06
CAD Y01 E . -23.35 29.53 10.98
CAT Y01 E . -21.02 29.70 11.95
CAR Y01 E . -20.84 28.23 12.32
CBC Y01 E . -21.41 27.88 13.68
OAW Y01 E . -21.42 26.43 13.80
CAY Y01 E . -20.40 25.86 14.41
OAG Y01 E . -19.64 26.47 15.10
CAM Y01 E . -20.29 24.39 14.13
CAL Y01 E . -21.56 23.57 14.21
CAX Y01 E . -21.59 22.38 13.27
OAH Y01 E . -20.54 21.72 13.12
OAF Y01 E . -22.66 22.11 12.68
CAA Y01 F . -1.32 33.39 14.91
CBA Y01 F . -1.55 33.88 13.50
CAB Y01 F . -1.99 35.34 13.51
CAN Y01 F . -2.54 33.00 12.76
CAJ Y01 F . -3.39 32.10 13.61
CAO Y01 F . -4.04 30.98 12.83
CBB Y01 F . -4.70 29.88 13.68
CAC Y01 F . -5.15 30.46 15.01
CBE Y01 F . -5.84 29.20 12.89
CAP Y01 F . -5.68 29.40 11.36
CAQ Y01 F . -6.28 28.17 10.67
CBG Y01 F . -6.97 27.42 11.80
CBI Y01 F . -6.07 27.67 13.02
CAE Y01 F . -4.72 26.92 12.91
CAU Y01 F . -6.84 27.21 14.26
CAS Y01 F . -7.34 25.75 14.12
CBF Y01 F . -8.17 25.50 12.85
CBD Y01 F . -7.41 25.98 11.60
CAK Y01 F . -8.32 25.87 10.37
CAI Y01 F . -9.06 24.57 10.33
CAZ Y01 F . -9.21 23.74 11.35
CAV Y01 F . -9.95 22.43 11.19
CBH Y01 F . -8.65 24.03 12.74
CAD Y01 F . -7.51 23.04 13.03
CAT Y01 F . -9.79 23.81 13.76
CAR Y01 F . -10.48 22.45 13.60
CBC Y01 F . -11.04 22.28 12.22
OAW Y01 F . -11.58 20.94 12.08
CAY Y01 F . -12.86 20.74 12.33
OAG Y01 F . -13.56 21.53 12.88
CAM Y01 F . -13.34 19.39 11.86
CAL Y01 F . -14.50 18.83 12.63
CAX Y01 F . -15.87 19.22 12.08
OAH Y01 F . -16.48 20.15 12.64
OAF Y01 F . -16.30 18.59 11.10
C1 PCW G . 18.20 36.86 26.50
C2 PCW G . 16.96 35.94 26.63
C3 PCW G . 15.89 36.51 25.69
C4 PCW G . 21.93 38.71 24.91
C5 PCW G . 22.93 38.76 26.12
C6 PCW G . 24.42 40.26 24.84
C7 PCW G . 25.11 39.32 26.91
C8 PCW G . 24.75 37.91 24.83
C11 PCW G . 13.57 35.88 25.44
C12 PCW G . 12.68 36.94 24.72
C13 PCW G . 11.19 36.88 25.16
C14 PCW G . 10.21 36.62 23.97
C15 PCW G . 10.74 35.50 23.02
C16 PCW G . 10.28 34.06 23.43
C17 PCW G . 11.42 33.02 23.18
C18 PCW G . 11.03 31.57 23.63
C19 PCW G . 9.59 31.20 23.18
C20 PCW G . 9.29 29.93 22.85
C21 PCW G . 10.36 28.81 22.91
C22 PCW G . 10.41 27.96 21.60
C23 PCW G . 10.05 26.48 21.86
C24 PCW G . 8.67 26.36 22.59
C25 PCW G . 7.98 24.99 22.33
C26 PCW G . 6.47 25.02 22.65
C27 PCW G . 5.63 24.41 21.49
C28 PCW G . 6.17 23.03 21.05
C31 PCW G . 16.65 33.56 26.81
C32 PCW G . 17.40 32.24 27.13
C33 PCW G . 16.37 31.11 27.34
C34 PCW G . 16.98 29.69 27.30
C35 PCW G . 16.00 28.65 26.68
C36 PCW G . 14.52 28.90 27.11
C37 PCW G . 13.51 28.15 26.20
C38 PCW G . 12.29 27.65 27.00
C39 PCW G . 12.22 26.11 27.00
C40 PCW G . 11.13 25.50 26.53
C41 PCW G . 11.04 23.96 26.52
C42 PCW G . 9.91 23.49 25.60
C43 PCW G . 10.21 22.12 24.94
C44 PCW G . 10.65 21.08 25.96
C45 PCW G . 10.28 19.65 25.52
N PCW G . 24.33 39.04 25.68
O2 PCW G . 17.34 34.65 26.22
O3 PCW G . 14.61 36.30 26.32
O11 PCW G . 13.37 34.71 25.27
O31 PCW G . 15.49 33.62 27.06
O1P PCW G . 18.38 39.34 24.31
O2P PCW G . 19.90 37.82 23.10
O3P PCW G . 18.55 36.86 25.12
O4P PCW G . 20.61 38.63 25.45
P PCW G . 19.35 38.19 24.45
C11 PCW H . -10.16 18.45 19.44
C12 PCW H . -9.98 19.96 19.05
C13 PCW H . -10.47 20.94 20.18
C14 PCW H . -9.50 22.15 20.37
C15 PCW H . -10.23 23.52 20.35
C16 PCW H . -9.89 24.36 19.08
C17 PCW H . -9.15 25.70 19.40
C18 PCW H . -8.22 26.10 18.23
C19 PCW H . -7.76 27.37 18.09
C20 PCW H . -8.15 28.49 19.10
C21 PCW H . -7.85 29.89 18.52
C22 PCW H . -7.06 30.80 19.52
C23 PCW H . -5.89 31.56 18.85
C24 PCW H . -5.83 33.05 19.28
C25 PCW H . -5.97 33.23 20.81
C26 PCW H . -5.55 34.64 21.29
C15 PCW I . -0.46 10.91 23.96
C16 PCW I . -0.25 12.33 23.33
C17 PCW I . 0.72 13.20 24.20
C18 PCW I . 0.87 14.66 23.65
C19 PCW I . 1.32 15.62 24.78
C20 PCW I . 2.50 15.42 25.38
C21 PCW I . 2.96 16.38 26.51
C22 PCW I . 4.49 16.65 26.52
C23 PCW I . 4.91 17.34 27.85
C24 PCW I . 6.00 18.42 27.64
C25 PCW I . 5.84 19.59 28.65
C26 PCW I . 7.17 20.34 28.93
C27 PCW I . 6.94 21.79 29.42
C12 PCW J . 1.80 47.75 21.19
C13 PCW J . 1.12 46.58 21.96
C14 PCW J . -0.43 46.54 21.72
C15 PCW J . -1.15 45.59 22.73
C16 PCW J . -2.43 44.94 22.10
C17 PCW J . -3.37 44.34 23.18
C18 PCW J . -3.60 42.81 22.97
C19 PCW J . -5.11 42.45 22.91
C20 PCW J . -5.50 41.25 22.44
C21 PCW J . -4.45 40.20 21.97
C22 PCW J . -4.95 38.75 22.09
C12 PCW K . -3.81 50.28 26.42
C13 PCW K . -4.35 48.92 25.87
C14 PCW K . -5.77 48.57 26.43
C15 PCW K . -6.16 47.08 26.16
C16 PCW K . -7.59 46.95 25.56
C17 PCW K . -8.29 45.61 25.98
C18 PCW K . -9.83 45.77 26.12
C19 PCW K . -10.54 44.44 26.51
C12 PCW L . 10.43 37.52 29.19
C13 PCW L . 10.58 36.00 28.86
C14 PCW L . 9.22 35.25 28.78
C15 PCW L . 9.38 33.71 29.01
C16 PCW L . 8.71 32.86 27.89
C17 PCW L . 8.54 31.35 28.30
C18 PCW L . 7.26 30.71 27.68
C19 PCW L . 7.48 29.22 27.29
C11 PCW M . -16.59 61.54 16.51
C12 PCW M . -17.10 60.68 15.32
C13 PCW M . -16.84 59.15 15.53
C14 PCW M . -18.13 58.29 15.38
C15 PCW M . -17.82 56.81 14.96
C16 PCW M . -16.84 56.11 15.95
C17 PCW M . -16.26 54.78 15.36
C18 PCW M . -17.27 53.62 15.49
C19 PCW M . -16.92 52.36 15.19
C20 PCW M . -15.49 52.01 14.71
C21 PCW M . -15.05 50.60 15.19
C22 PCW M . -14.28 49.81 14.10
C23 PCW M . -14.11 48.31 14.51
C24 PCW M . -13.99 47.39 13.27
C25 PCW M . -12.53 47.31 12.74
C26 PCW M . -12.49 47.22 11.19
C12 PCW N . -34.65 34.56 11.21
C13 PCW N . -33.23 34.06 11.61
C14 PCW N . -32.99 34.11 13.16
C15 PCW N . -31.60 33.56 13.63
C16 PCW N . -30.61 33.18 12.47
C17 PCW N . -29.31 32.50 13.01
C18 PCW N . -28.82 31.35 12.07
C19 PCW N . -28.27 30.13 12.86
C1 PCW O . -24.78 23.77 -4.66
C2 PCW O . -24.87 25.27 -5.00
C3 PCW O . -26.17 25.83 -4.40
C4 PCW O . -22.96 19.43 -6.03
C5 PCW O . -22.78 18.87 -4.58
C6 PCW O . -21.48 16.80 -4.78
C7 PCW O . -23.78 16.76 -5.37
C8 PCW O . -23.00 17.12 -2.99
C11 PCW O . -28.53 25.32 -4.25
C12 PCW O . -28.75 26.49 -3.26
C13 PCW O . -29.65 27.62 -3.85
C14 PCW O . -29.83 28.80 -2.84
C15 PCW O . -30.14 30.15 -3.56
C16 PCW O . -28.85 30.86 -4.07
C17 PCW O . -27.69 30.83 -3.03
C18 PCW O . -27.47 32.25 -2.39
C19 PCW O . -27.60 33.37 -3.43
C20 PCW O . -27.80 34.65 -3.05
C21 PCW O . -27.93 35.04 -1.56
C22 PCW O . -27.82 36.59 -1.35
C23 PCW O . -27.99 37.00 0.13
C31 PCW O . -23.47 27.22 -4.88
C32 PCW O . -22.55 28.12 -4.03
C33 PCW O . -23.31 29.26 -3.33
C34 PCW O . -22.43 30.01 -2.29
C35 PCW O . -21.68 29.03 -1.35
C36 PCW O . -20.75 29.79 -0.37
C37 PCW O . -19.82 28.84 0.42
C38 PCW O . -18.32 29.18 0.20
C39 PCW O . -17.49 27.92 -0.11
C40 PCW O . -16.30 27.75 0.46
C41 PCW O . -15.48 26.48 0.15
C42 PCW O . -14.22 26.40 1.04
N PCW O . -22.80 17.37 -4.44
O2 PCW O . -23.77 25.90 -4.42
O3 PCW O . -27.21 24.85 -4.58
O11 PCW O . -29.47 24.79 -4.76
O31 PCW O . -23.90 27.62 -5.91
O1P PCW O . -25.78 20.64 -6.63
O2P PCW O . -25.24 20.99 -4.24
O3P PCW O . -24.94 22.98 -5.85
O4P PCW O . -23.27 20.82 -5.94
P PCW O . -24.84 21.32 -5.66
C12 PCW P . -11.85 49.67 -5.06
C13 PCW P . -12.96 48.67 -4.59
C14 PCW P . -12.82 47.27 -5.25
C15 PCW P . -14.12 46.40 -5.07
C16 PCW P . -13.81 44.88 -4.93
C17 PCW P . -15.10 44.05 -4.62
C18 PCW P . -15.04 42.60 -5.18
C19 PCW P . -16.31 41.78 -4.84
C20 PCW P . -16.40 40.48 -5.19
C21 PCW P . -17.67 39.66 -4.83
C22 PCW P . -17.40 38.13 -4.78
C11 PCW Q . -13.37 53.67 -0.52
C12 PCW Q . -13.44 52.87 0.81
C13 PCW Q . -14.35 51.61 0.68
C14 PCW Q . -14.47 50.80 2.02
C15 PCW Q . -15.95 50.61 2.47
C16 PCW Q . -16.31 49.10 2.72
C17 PCW Q . -17.68 48.69 2.10
C18 PCW Q . -18.81 49.67 2.50
C19 PCW Q . -20.10 49.30 2.54
C20 PCW Q . -20.57 47.86 2.16
C21 PCW Q . -22.11 47.80 1.98
C22 PCW Q . -22.82 46.88 3.04
C23 PCW Q . -22.35 45.40 2.93
C24 PCW Q . -23.25 44.43 3.74
C25 PCW Q . -22.95 42.94 3.41
C26 PCW Q . -23.99 41.97 4.01
CAA Y01 R . 24.16 13.50 1.92
CBA Y01 R . 23.74 12.44 2.92
CAB Y01 R . 22.56 12.91 3.74
CAN Y01 R . 24.92 12.01 3.80
CAJ Y01 R . 26.24 11.90 3.09
CAO Y01 R . 27.41 12.26 3.96
CBB Y01 R . 28.46 13.15 3.29
CAC Y01 R . 28.20 13.21 1.78
CBE Y01 R . 28.48 14.54 3.95
CAP Y01 R . 27.96 14.48 5.41
CAQ Y01 R . 28.91 15.32 6.28
CBG Y01 R . 29.60 16.22 5.26
CBI Y01 R . 29.84 15.30 4.05
CAE Y01 R . 30.98 14.30 4.30
CAU Y01 R . 30.19 16.23 2.89
CAS Y01 R . 31.39 17.13 3.20
CBF Y01 R . 31.28 17.91 4.52
CBD Y01 R . 30.83 17.00 5.69
CAK Y01 R . 30.55 17.83 6.94
CAI Y01 R . 31.50 18.96 7.11
CAZ Y01 R . 32.45 19.31 6.25
CAV Y01 R . 33.46 20.37 6.60
CBH Y01 R . 32.58 18.67 4.87
CAD Y01 R . 33.80 17.73 4.89
CAT Y01 R . 32.79 19.79 3.81
CAR Y01 R . 33.84 20.83 4.21
CBC Y01 R . 33.50 21.45 5.53
OAW Y01 R . 34.53 22.45 5.84
CAY Y01 R . 35.22 22.41 6.98
OAG Y01 R . 34.78 22.79 8.04
CAM Y01 R . 36.63 21.91 6.78
CAL Y01 R . 37.55 22.86 6.05
CAX Y01 R . 38.71 23.39 6.87
OAH Y01 R . 39.66 22.62 7.11
OAF Y01 R . 38.67 24.57 7.26
C11 PCW S . 41.35 25.67 11.62
C12 PCW S . 41.54 24.71 10.41
C13 PCW S . 41.88 23.24 10.86
C14 PCW S . 40.62 22.33 10.95
C15 PCW S . 40.91 20.82 10.71
C16 PCW S . 39.76 20.10 9.94
C17 PCW S . 38.97 19.07 10.83
C18 PCW S . 37.74 18.49 10.09
C19 PCW S . 37.75 17.20 9.68
C20 PCW S . 36.53 16.61 8.93
C21 PCW S . 35.29 16.35 9.85
C22 PCW S . 34.13 15.63 9.09
C23 PCW S . 34.63 14.41 8.26
C24 PCW S . 33.48 13.63 7.58
C25 PCW S . 32.42 13.12 8.60
C26 PCW S . 31.38 12.19 7.96
C11 PCW T . 39.20 25.03 14.95
C12 PCW T . 38.83 23.57 15.39
C13 PCW T . 40.08 22.66 15.56
C14 PCW T . 39.82 21.19 15.06
C15 PCW T . 39.52 20.19 16.22
C16 PCW T . 37.99 20.12 16.54
C17 PCW T . 37.34 18.82 15.94
C18 PCW T . 36.41 19.16 14.75
C19 PCW T . 35.48 18.28 14.34
C20 PCW T . 35.29 16.91 15.03
C21 PCW T . 33.83 16.38 14.91
C22 PCW T . 33.60 15.56 13.62
C23 PCW T . 32.13 15.63 13.13
C24 PCW T . 31.12 15.22 14.25
C25 PCW T . 31.12 13.69 14.51
C26 PCW T . 29.71 13.06 14.30
CA CA U . 16.51 31.22 -2.26
CAA Y01 V . 8.19 22.81 13.57
CBA Y01 V . 6.82 22.19 13.77
CAB Y01 V . 5.98 22.33 12.52
CAN Y01 V . 6.13 22.80 15.00
CAJ Y01 V . 7.02 23.03 16.18
CAO Y01 V . 6.61 24.23 16.99
CBB Y01 V . 7.76 25.15 17.42
CAC Y01 V . 9.10 24.47 17.16
CBE Y01 V . 7.65 26.52 16.71
CAP Y01 V . 6.17 26.82 16.31
CAQ Y01 V . 5.88 28.28 16.67
CBG Y01 V . 7.27 28.89 16.80
CBI Y01 V . 8.11 27.79 17.47
CAE Y01 V . 7.78 27.65 18.97
CAU Y01 V . 9.58 28.21 17.27
CAS Y01 V . 9.86 29.61 17.84
CBF Y01 V . 8.90 30.70 17.34
CBD Y01 V . 7.42 30.26 17.43
CAK Y01 V . 6.52 31.28 16.76
CAI Y01 V . 6.95 32.69 16.98
CAZ Y01 V . 8.06 33.05 17.61
CAV Y01 V . 8.33 34.51 17.90
CBH Y01 V . 9.13 32.05 18.05
CAD Y01 V . 9.05 31.91 19.58
CAT Y01 V . 10.53 32.59 17.64
CAR Y01 V . 10.75 34.06 17.99
CBC Y01 V . 9.69 34.93 17.38
OAW Y01 V . 9.98 36.32 17.74
CAY Y01 V . 9.07 37.07 18.34
OAG Y01 V . 8.15 37.61 17.78
CAM Y01 V . 9.39 37.28 19.81
CAL Y01 V . 10.58 38.16 20.09
CAX Y01 V . 10.27 39.46 20.81
OAH Y01 V . 9.99 39.40 22.03
OAF Y01 V . 10.31 40.52 20.16
C11 PCW W . 7.31 44.46 21.84
C12 PCW W . 8.13 43.32 22.53
C13 PCW W . 7.28 42.50 23.56
C14 PCW W . 6.65 41.22 22.95
C15 PCW W . 6.35 40.09 24.00
C16 PCW W . 6.57 38.65 23.42
C17 PCW W . 5.25 37.82 23.30
C18 PCW W . 5.46 36.48 22.56
C19 PCW W . 5.36 35.33 23.24
C20 PCW W . 5.58 33.96 22.51
C21 PCW W . 4.39 33.55 21.58
C22 PCW W . 4.58 32.14 20.96
C23 PCW W . 5.02 31.08 22.01
C24 PCW W . 5.11 29.64 21.43
C25 PCW W . 3.77 29.17 20.81
C26 PCW W . 3.81 27.67 20.40
C11 PCW X . 3.57 44.25 20.34
C12 PCW X . 2.59 43.12 20.82
C13 PCW X . 2.41 43.08 22.37
C14 PCW X . 2.30 41.62 22.92
C15 PCW X . 0.82 41.19 23.20
C16 PCW X . 0.17 40.52 21.95
C17 PCW X . 0.14 38.96 22.06
C18 PCW X . 1.13 38.31 21.06
C19 PCW X . 1.01 37.01 20.71
C20 PCW X . -0.11 36.13 21.31
C21 PCW X . -0.52 34.98 20.34
C22 PCW X . 0.31 33.68 20.57
C23 PCW X . 0.45 32.85 19.26
C24 PCW X . -0.93 32.50 18.63
C25 PCW X . -1.71 31.42 19.43
C26 PCW X . -2.02 30.18 18.56
CAA Y01 Y . 1.84 24.29 -41.94
CBA Y01 Y . 0.80 24.22 -43.04
CAB Y01 Y . 0.60 25.60 -43.66
CAN Y01 Y . -0.51 23.66 -42.50
CAJ Y01 Y . -0.50 23.29 -41.04
CAO Y01 Y . -1.63 22.39 -40.66
CBB Y01 Y . -1.42 21.58 -39.37
CAC Y01 Y . -0.29 22.20 -38.55
CBE Y01 Y . -2.74 21.47 -38.60
CAP Y01 Y . -3.96 21.80 -39.50
CAQ Y01 Y . -5.13 20.92 -39.00
CBG Y01 Y . -4.62 20.36 -37.69
CBI Y01 Y . -3.12 20.11 -37.94
CAE Y01 Y . -2.88 19.00 -38.96
CAU Y01 Y . -2.47 19.79 -36.59
CAS Y01 Y . -3.18 18.66 -35.84
CBF Y01 Y . -4.70 18.90 -35.68
CBD Y01 Y . -5.36 19.20 -37.04
CAK Y01 Y . -6.82 19.55 -36.83
CAI Y01 Y . -7.51 18.53 -35.98
CAZ Y01 Y . -6.90 17.75 -35.10
CAV Y01 Y . -7.69 16.83 -34.21
CBH Y01 Y . -5.40 17.76 -34.88
CAD Y01 Y . -4.84 16.38 -35.28
CAT Y01 Y . -5.16 18.01 -33.37
CAR Y01 Y . -5.97 17.10 -32.45
CBC Y01 Y . -7.44 17.11 -32.75
OAW Y01 Y . -8.06 16.02 -32.00
CAY Y01 Y . -8.60 16.32 -30.83
OAG Y01 Y . -8.86 17.44 -30.50
CAM Y01 Y . -8.83 15.11 -29.97
CAL Y01 Y . -9.46 13.90 -30.62
CAX Y01 Y . -9.04 12.58 -30.03
OAH Y01 Y . -8.90 12.50 -28.79
OAF Y01 Y . -8.82 11.62 -30.80
CAA Y01 Z . -2.28 31.45 -18.50
CBA Y01 Z . -0.86 31.15 -18.96
CAB Y01 Z . -0.47 32.07 -20.09
CAN Y01 Z . -0.71 29.68 -19.35
CAJ Y01 Z . -1.99 28.93 -19.59
CAO Y01 Z . -1.81 27.43 -19.57
CBB Y01 Z . -3.11 26.61 -19.55
CAC Y01 Z . -4.23 27.39 -20.23
CBE Y01 Z . -2.87 25.22 -20.17
CAP Y01 Z . -1.37 24.83 -20.15
CAQ Y01 Z . -1.30 23.29 -20.02
CBG Y01 Z . -2.75 22.86 -20.21
CBI Y01 Z . -3.57 23.97 -19.57
CAE Y01 Z . -3.44 23.99 -18.03
CAU Y01 Z . -5.04 23.74 -19.97
CAS Y01 Z . -5.53 22.33 -19.64
CBF Y01 Z . -4.63 21.22 -20.21
CBD Y01 Z . -3.15 21.43 -19.84
CAK Y01 Z . -2.27 20.41 -20.55
CAI Y01 Z . -2.85 19.03 -20.51
CAZ Y01 Z . -4.10 18.74 -20.19
CAV Y01 Z . -4.57 17.31 -20.14
CBH Y01 Z . -5.15 19.80 -19.86
CAD Y01 Z . -5.52 19.68 -18.38
CAT Y01 Z . -6.41 19.49 -20.72
CAR Y01 Z . -6.88 18.04 -20.60
CBC Y01 Z . -5.80 17.08 -21.00
OAW Y01 Z . -6.26 15.72 -20.74
CAY Y01 Z . -6.85 15.06 -21.73
OAG Y01 Z . -7.22 15.57 -22.74
CAM Y01 Z . -6.99 13.60 -21.43
CAL Y01 Z . -8.14 12.93 -22.13
CAX Y01 Z . -7.80 12.35 -23.50
OAH Y01 Z . -8.11 13.01 -24.51
OAF Y01 Z . -7.22 11.25 -23.55
CAA Y01 AA . -2.65 27.20 -4.86
CBA Y01 AA . -3.35 26.15 -5.71
CAB Y01 AA . -2.35 25.34 -6.51
CAN Y01 AA . -4.42 26.78 -6.60
CAJ Y01 AA . -5.21 27.88 -5.97
CAO Y01 AA . -5.62 28.95 -6.94
CBB Y01 AA . -5.45 30.39 -6.43
CAC Y01 AA . -5.15 30.38 -4.94
CBE Y01 AA . -4.36 31.10 -7.25
CAP Y01 AA . -4.20 30.47 -8.66
CAQ Y01 AA . -4.08 31.62 -9.68
CBG Y01 AA . -3.69 32.81 -8.81
CBI Y01 AA . -4.50 32.63 -7.52
CAE Y01 AA . -5.98 32.98 -7.73
CAU Y01 AA . -3.86 33.57 -6.49
CAS Y01 AA . -3.81 35.02 -6.98
CBF Y01 AA . -3.19 35.21 -8.38
CBD Y01 AA . -3.76 34.21 -9.40
CAK Y01 AA . -2.99 34.30 -10.71
CAI Y01 AA . -2.61 35.69 -11.07
CAZ Y01 AA . -2.80 36.76 -10.31
CAV Y01 AA . -2.51 38.14 -10.84
CBH Y01 AA . -3.32 36.67 -8.88
CAD Y01 AA . -4.78 37.15 -8.86
CAT Y01 AA . -2.46 37.58 -7.98
CAR Y01 AA . -2.22 38.98 -8.55
CBC Y01 AA . -1.59 38.90 -9.91
OAW Y01 AA . -1.37 40.27 -10.38
CAY Y01 AA . -1.86 40.68 -11.55
OAG Y01 AA . -1.36 40.42 -12.61
CAM Y01 AA . -3.05 41.58 -11.38
CAL Y01 AA . -2.74 42.96 -10.82
CAX Y01 AA . -3.02 44.11 -11.76
OAH Y01 AA . -4.20 44.44 -11.97
OAF Y01 AA . -2.04 44.69 -12.28
C1 PCW BA . -7.39 48.19 -3.64
C2 PCW BA . -8.10 46.95 -4.21
C3 PCW BA . -7.28 46.49 -5.43
C4 PCW BA . -4.48 50.77 -1.46
C5 PCW BA . -5.33 51.78 -0.64
C6 PCW BA . -3.33 53.14 -0.15
C7 PCW BA . -5.38 53.59 0.94
C8 PCW BA . -4.06 51.47 1.37
C11 PCW BA . -7.79 44.80 -7.08
C12 PCW BA . -6.97 44.90 -8.39
C13 PCW BA . -7.71 44.31 -9.63
C14 PCW BA . -6.92 43.16 -10.33
C15 PCW BA . -6.32 42.15 -9.30
C16 PCW BA . -7.30 40.99 -8.93
C17 PCW BA . -7.19 40.63 -7.42
C18 PCW BA . -8.18 39.51 -6.99
C19 PCW BA . -8.22 38.34 -8.02
C20 PCW BA . -8.41 37.06 -7.62
C21 PCW BA . -8.61 36.72 -6.12
C22 PCW BA . -7.72 35.55 -5.64
C23 PCW BA . -8.57 34.33 -5.18
C24 PCW BA . -9.57 33.90 -6.30
C25 PCW BA . -9.98 32.41 -6.17
C26 PCW BA . -10.55 31.83 -7.50
C27 PCW BA . -9.88 30.49 -7.88
C28 PCW BA . -9.87 29.49 -6.70
C31 PCW BA . -9.18 45.04 -3.23
C32 PCW BA . -9.74 44.49 -1.91
C33 PCW BA . -10.55 43.19 -2.20
C34 PCW BA . -10.90 42.37 -0.95
C35 PCW BA . -10.89 40.85 -1.24
C36 PCW BA . -11.52 40.51 -2.62
C37 PCW BA . -11.17 39.08 -3.10
C38 PCW BA . -12.34 38.43 -3.87
C39 PCW BA . -12.89 37.20 -3.12
C40 PCW BA . -12.91 36.01 -3.74
C41 PCW BA . -13.45 34.77 -3.00
C42 PCW BA . -13.03 33.48 -3.72
C43 PCW BA . -12.83 32.29 -2.76
C44 PCW BA . -14.03 32.11 -1.80
C45 PCW BA . -14.21 30.64 -1.42
N PCW BA . -4.53 52.49 0.42
O2 PCW BA . -8.10 45.97 -3.23
O3 PCW BA . -8.20 46.00 -6.41
O11 PCW BA . -8.09 43.74 -6.64
O31 PCW BA . -9.65 44.65 -4.25
O1P PCW BA . -4.47 49.31 -4.80
O2P PCW BA . -3.59 48.36 -2.70
O3P PCW BA . -6.04 47.80 -3.37
O4P PCW BA . -5.30 50.30 -2.53
P PCW BA . -4.81 48.94 -3.37
C11 PCW CA . -13.53 17.49 -18.21
C12 PCW CA . -12.61 18.58 -18.85
C13 PCW CA . -13.40 19.58 -19.76
C14 PCW CA . -12.93 21.06 -19.58
C15 PCW CA . -12.62 21.78 -20.92
C16 PCW CA . -11.10 22.07 -21.10
C17 PCW CA . -10.76 23.59 -21.15
C18 PCW CA . -9.36 23.87 -20.57
C19 PCW CA . -8.70 25.02 -20.84
C20 PCW CA . -9.30 26.12 -21.75
C21 PCW CA . -8.20 27.11 -22.22
C22 PCW CA . -8.63 28.60 -22.05
C23 PCW CA . -7.50 29.47 -21.44
C24 PCW CA . -7.36 30.85 -22.15
C25 PCW CA . -8.73 31.54 -22.37
C26 PCW CA . -8.59 33.04 -22.74
C15 PCW DA . -18.19 18.10 -6.01
C16 PCW DA . -17.05 19.04 -6.53
C17 PCW DA . -17.34 20.53 -6.18
C18 PCW DA . -16.30 21.50 -6.81
C19 PCW DA . -16.88 22.93 -6.92
C20 PCW DA . -17.25 23.60 -5.81
C21 PCW DA . -17.84 25.02 -5.93
C22 PCW DA . -17.40 25.96 -4.78
C23 PCW DA . -18.29 27.24 -4.75
C24 PCW DA . -17.50 28.53 -4.38
C25 PCW DA . -18.05 29.77 -5.14
C26 PCW DA . -17.76 31.10 -4.40
C27 PCW DA . -17.76 32.31 -5.35
C12 PCW EA . -2.34 46.69 -23.33
C13 PCW EA . -3.61 45.80 -23.31
C14 PCW EA . -3.74 44.92 -24.61
C15 PCW EA . -5.15 44.28 -24.77
C16 PCW EA . -5.08 42.87 -25.43
C17 PCW EA . -6.46 42.40 -25.98
C18 PCW EA . -6.90 41.04 -25.37
C19 PCW EA . -7.24 39.99 -26.47
C20 PCW EA . -7.32 38.68 -26.15
C21 PCW EA . -7.05 38.20 -24.70
C22 PCW EA . -7.72 36.84 -24.39
C12 PCW FA . -7.45 48.15 -29.43
C13 PCW FA . -7.53 46.60 -29.17
C14 PCW FA . -8.47 45.89 -30.19
C15 PCW FA . -8.83 44.43 -29.74
C16 PCW FA . -8.65 43.40 -30.91
C17 PCW FA . -9.66 42.20 -30.80
C18 PCW FA . -10.06 41.64 -32.20
C19 PCW FA . -11.02 40.44 -32.09
C12 PCW GA . -11.31 46.11 -10.60
C13 PCW GA . -11.51 44.87 -9.67
C14 PCW GA . -12.00 43.60 -10.44
C15 PCW GA . -12.70 42.57 -9.51
C16 PCW GA . -12.12 41.12 -9.64
C17 PCW GA . -13.05 40.06 -8.98
C18 PCW GA . -13.00 38.68 -9.74
C19 PCW GA . -13.10 37.48 -8.77
C11 PCW HA . 2.73 46.75 -46.26
C12 PCW HA . 3.40 45.34 -46.23
C13 PCW HA . 2.71 44.38 -45.21
C14 PCW HA . 2.30 43.02 -45.87
C15 PCW HA . 2.26 41.86 -44.82
C16 PCW HA . 1.29 42.16 -43.63
C17 PCW HA . 1.48 41.17 -42.44
C18 PCW HA . 0.73 39.84 -42.69
C19 PCW HA . 0.64 38.89 -41.72
C20 PCW HA . 1.29 39.11 -40.34
C21 PCW HA . 0.45 38.44 -39.21
C22 PCW HA . 1.34 37.73 -38.16
C23 PCW HA . 0.49 36.83 -37.22
C24 PCW HA . 1.32 35.65 -36.63
C25 PCW HA . 2.10 36.05 -35.36
C26 PCW HA . 3.49 35.38 -35.31
C12 PCW IA . -5.77 15.00 -47.54
C13 PCW IA . -6.00 15.45 -46.06
C14 PCW IA . -7.35 16.24 -45.88
C15 PCW IA . -7.66 16.66 -44.40
C16 PCW IA . -6.53 16.36 -43.37
C17 PCW IA . -6.96 16.67 -41.90
C18 PCW IA . -6.39 15.62 -40.88
C19 PCW IA . -7.42 15.25 -39.78
C1 PCW JA . 7.11 4.77 -33.57
C2 PCW JA . 7.92 5.77 -34.42
C3 PCW JA . 7.29 5.83 -35.82
C4 PCW JA . 7.26 1.71 -29.74
C5 PCW JA . 5.78 1.97 -29.28
C6 PCW JA . 5.50 0.89 -27.08
C7 PCW JA . 5.56 -0.48 -29.03
C8 PCW JA . 3.67 1.15 -28.56
C11 PCW JA . 6.46 4.37 -37.57
C12 PCW JA . 5.91 5.59 -38.36
C13 PCW JA . 6.65 5.80 -39.72
C14 PCW JA . 6.10 7.05 -40.49
C15 PCW JA . 7.16 7.66 -41.46
C16 PCW JA . 8.16 8.61 -40.74
C17 PCW JA . 7.45 9.57 -39.73
C18 PCW JA . 7.40 11.03 -40.27
C19 PCW JA . 8.71 11.42 -40.98
C20 PCW JA . 8.77 12.48 -41.83
C21 PCW JA . 7.51 13.33 -42.12
C22 PCW JA . 7.89 14.67 -42.84
C23 PCW JA . 6.64 15.53 -43.19
C31 PCW JA . 8.79 7.99 -34.24
C32 PCW JA . 8.52 9.49 -33.92
C33 PCW JA . 8.13 10.31 -35.17
C34 PCW JA . 7.63 11.73 -34.80
C35 PCW JA . 6.59 11.72 -33.65
C36 PCW JA . 6.16 13.16 -33.26
C37 PCW JA . 5.32 13.18 -31.95
C38 PCW JA . 5.97 14.06 -30.86
C39 PCW JA . 5.99 13.35 -29.50
C40 PCW JA . 5.67 14.01 -28.39
C41 PCW JA . 5.69 13.30 -27.03
C42 PCW JA . 5.12 14.20 -25.91
N PCW JA . 5.12 0.84 -28.51
O2 PCW JA . 7.85 7.02 -33.81
O3 PCW JA . 6.88 4.51 -36.21
O11 PCW JA . 6.53 3.31 -38.10
O31 PCW JA . 9.78 7.69 -34.82
O1P PCW JA . 7.60 1.07 -32.77
O2P PCW JA . 5.66 2.58 -32.48
O3P PCW JA . 7.88 3.61 -33.29
O4P PCW JA . 7.59 2.68 -30.72
P PCW JA . 7.16 2.44 -32.32
C12 PCW KA . 19.29 30.93 -36.11
C13 PCW KA . 18.27 29.82 -36.53
C14 PCW KA . 18.42 28.52 -35.67
C15 PCW KA . 17.67 27.30 -36.32
C16 PCW KA . 17.09 26.32 -35.26
C17 PCW KA . 16.23 25.19 -35.92
C18 PCW KA . 16.25 23.86 -35.11
C19 PCW KA . 15.37 22.75 -35.77
C20 PCW KA . 15.22 21.56 -35.17
C21 PCW KA . 14.34 20.46 -35.83
C22 PCW KA . 13.82 19.42 -34.79
C11 PCW LA . 16.22 35.18 -39.47
C12 PCW LA . 14.70 35.07 -39.11
C13 PCW LA . 14.18 33.59 -39.19
C14 PCW LA . 12.65 33.47 -38.89
C15 PCW LA . 11.87 32.78 -40.06
C16 PCW LA . 11.01 31.57 -39.56
C17 PCW LA . 11.11 30.32 -40.50
C18 PCW LA . 10.89 30.71 -41.99
C19 PCW LA . 10.47 29.83 -42.91
C20 PCW LA . 10.16 28.35 -42.56
C21 PCW LA . 9.96 27.49 -43.84
C22 PCW LA . 8.54 26.87 -43.95
C23 PCW LA . 8.23 25.90 -42.77
C24 PCW LA . 6.96 25.03 -43.01
C25 PCW LA . 6.88 23.83 -42.03
C26 PCW LA . 5.69 22.90 -42.31
C11 PCW MA . -2.89 47.00 -16.90
C12 PCW MA . -3.72 46.78 -15.59
C13 PCW MA . -5.15 46.20 -15.89
C14 PCW MA . -5.19 44.64 -15.81
C15 PCW MA . -6.59 44.06 -15.42
C16 PCW MA . -6.50 42.81 -14.49
C17 PCW MA . -6.95 41.49 -15.19
C18 PCW MA . -6.70 40.24 -14.29
C19 PCW MA . -7.75 39.54 -13.82
C20 PCW MA . -7.52 38.30 -12.92
C21 PCW MA . -7.06 37.04 -13.70
C22 PCW MA . -6.94 35.77 -12.79
C23 PCW MA . -8.18 35.59 -11.87
C24 PCW MA . -8.14 34.28 -11.04
C25 PCW MA . -8.04 33.02 -11.94
C26 PCW MA . -8.17 31.70 -11.13
C11 PCW NA . -2.41 44.49 -19.99
C12 PCW NA . -3.44 43.34 -20.24
C13 PCW NA . -4.91 43.84 -20.39
C14 PCW NA . -5.94 42.88 -19.71
C15 PCW NA . -6.66 41.95 -20.73
C16 PCW NA . -5.88 40.61 -20.94
C17 PCW NA . -6.54 39.42 -20.16
C18 PCW NA . -5.67 38.98 -18.96
C19 PCW NA . -5.82 37.77 -18.40
C20 PCW NA . -6.90 36.78 -18.92
C21 PCW NA . -6.49 35.29 -18.65
C22 PCW NA . -6.98 34.77 -17.27
C23 PCW NA . -6.05 33.66 -16.71
C24 PCW NA . -5.89 32.47 -17.70
C25 PCW NA . -7.16 31.59 -17.80
C26 PCW NA . -6.89 30.12 -17.42
CAA Y01 OA . 47.09 2.57 -11.30
CBA Y01 OA . 47.85 1.57 -12.15
CAB Y01 OA . 48.85 2.30 -13.04
CAN Y01 OA . 46.87 0.74 -12.99
CAJ Y01 OA . 45.42 1.05 -12.76
CAO Y01 OA . 44.50 -0.03 -13.27
CBB Y01 OA . 43.10 -0.03 -12.65
CAC Y01 OA . 42.81 1.32 -12.00
CBE Y01 OA . 42.07 -0.42 -13.72
CAP Y01 OA . 42.73 -1.12 -14.92
CAQ Y01 OA . 41.72 -2.16 -15.46
CBG Y01 OA . 40.44 -1.81 -14.73
CBI Y01 OA . 40.91 -1.39 -13.33
CAE Y01 OA . 41.51 -2.57 -12.54
CAU Y01 OA . 39.71 -0.79 -12.59
CAS Y01 OA . 38.48 -1.70 -12.61
CBF Y01 OA . 38.09 -2.17 -14.02
CBD Y01 OA . 39.28 -2.80 -14.74
CAK Y01 OA . 38.90 -3.14 -16.18
CAI Y01 OA . 37.62 -3.91 -16.23
CAZ Y01 OA . 36.68 -3.87 -15.30
CAV Y01 OA . 35.37 -4.59 -15.49
CBH Y01 OA . 36.80 -3.06 -14.01
CAD Y01 OA . 36.81 -4.03 -12.82
CAT Y01 OA . 35.57 -2.13 -13.93
CAR Y01 OA . 34.24 -2.84 -14.15
CBC Y01 OA . 34.19 -3.66 -15.41
OAW Y01 OA . 32.99 -4.49 -15.37
CAY Y01 OA . 31.92 -4.04 -15.97
OAG Y01 OA . 31.95 -3.16 -16.79
CAM Y01 OA . 30.66 -4.74 -15.54
CAL Y01 OA . 30.69 -6.24 -15.45
CAX Y01 OA . 29.79 -6.83 -14.38
OAH Y01 OA . 28.67 -6.31 -14.22
OAF Y01 OA . 30.21 -7.79 -13.70
CAA Y01 PA . 27.30 15.80 -18.46
CBA Y01 PA . 27.92 16.05 -17.11
CAB Y01 PA . 29.37 16.49 -17.25
CAN Y01 PA . 27.80 14.82 -16.20
CAJ Y01 PA . 27.49 13.52 -16.90
CAO Y01 PA . 26.99 12.45 -15.96
CBB Y01 PA . 26.40 11.21 -16.63
CAC Y01 PA . 27.05 11.00 -18.00
CBE Y01 PA . 26.54 9.99 -15.71
CAP Y01 PA . 26.71 10.40 -14.22
CAQ Y01 PA . 26.07 9.29 -13.37
CBG Y01 PA . 25.78 8.18 -14.37
CBI Y01 PA . 25.40 8.93 -15.66
CAE Y01 PA . 24.03 9.63 -15.54
CAU Y01 PA . 25.37 7.89 -16.79
CAS Y01 PA . 24.47 6.69 -16.46
CBF Y01 PA . 24.80 6.02 -15.11
CBD Y01 PA . 24.85 7.04 -13.97
CAK Y01 PA . 25.34 6.37 -12.69
CAI Y01 PA . 24.69 5.04 -12.46
CAZ Y01 PA . 24.04 4.35 -13.37
CAV Y01 PA . 23.39 3.03 -13.01
CBH Y01 PA . 23.87 4.81 -14.82
CAD Y01 PA . 22.40 5.15 -15.06
CAT Y01 PA . 24.27 3.62 -15.73
CAR Y01 PA . 23.56 2.31 -15.38
CBC Y01 PA . 23.82 1.92 -13.95
OAW Y01 PA . 23.01 0.74 -13.63
CAY Y01 PA . 23.56 -0.45 -13.78
OAG Y01 PA . 24.58 -0.65 -14.38
CAM Y01 PA . 22.75 -1.53 -13.14
CAL Y01 PA . 22.91 -2.89 -13.77
CAX Y01 PA . 24.02 -3.74 -13.19
OAH Y01 PA . 25.11 -3.79 -13.81
OAF Y01 PA . 23.81 -4.34 -12.12
CAA Y01 QA . 13.31 17.90 -16.49
CBA Y01 QA . 13.56 16.41 -16.54
CAB Y01 QA . 14.23 15.93 -15.27
CAN Y01 QA . 14.37 16.03 -17.78
CAJ Y01 QA . 14.00 16.77 -19.04
CAO Y01 QA . 15.16 17.00 -19.96
CBB Y01 QA . 15.24 18.41 -20.55
CAC Y01 QA . 13.94 19.15 -20.30
CBE Y01 QA . 16.47 19.15 -20.00
CAP Y01 QA . 17.57 18.16 -19.54
CAQ Y01 QA . 18.92 18.69 -20.06
CBG Y01 QA . 18.63 20.16 -20.33
CBI Y01 QA . 17.22 20.16 -20.92
CAE Y01 QA . 17.20 19.64 -22.38
CAU Y01 QA . 16.75 21.62 -20.86
CAS Y01 QA . 17.70 22.57 -21.59
CBF Y01 QA . 19.18 22.44 -21.17
CBD Y01 QA . 19.64 20.97 -21.13
CAK Y01 QA . 21.03 20.87 -20.52
CAI Y01 QA . 21.93 21.99 -20.93
CAZ Y01 QA . 21.56 23.04 -21.65
CAV Y01 QA . 22.59 24.03 -22.13
CBH Y01 QA . 20.11 23.31 -22.04
CAD Y01 QA . 19.95 22.99 -23.54
CAT Y01 QA . 19.80 24.80 -21.78
CAR Y01 QA . 20.86 25.76 -22.31
CBC Y01 QA . 22.21 25.44 -21.74
OAW Y01 QA . 23.16 26.42 -22.27
CAY Y01 QA . 24.27 26.03 -22.91
OAG Y01 QA . 25.25 25.62 -22.34
CAM Y01 QA . 24.17 26.23 -24.39
CAL Y01 QA . 24.20 27.68 -24.84
CAX Y01 QA . 25.39 28.06 -25.69
OAH Y01 QA . 25.44 27.67 -26.87
OAF Y01 QA . 26.29 28.76 -25.17
C1 PCW RA . 18.45 32.48 -31.53
C2 PCW RA . 18.37 30.93 -31.48
C3 PCW RA . 19.51 30.47 -30.55
C4 PCW RA . 18.00 36.75 -30.39
C5 PCW RA . 17.41 37.47 -31.65
C6 PCW RA . 17.90 39.68 -30.68
C7 PCW RA . 16.60 39.49 -32.65
C8 PCW RA . 15.76 38.68 -30.38
C11 PCW RA . 20.31 28.24 -30.10
C12 PCW RA . 21.74 28.19 -29.45
C13 PCW RA . 22.49 26.87 -29.79
C14 PCW RA . 22.91 26.06 -28.51
C15 PCW RA . 21.75 25.98 -27.47
C16 PCW RA . 20.79 24.76 -27.69
C17 PCW RA . 19.31 25.15 -27.40
C18 PCW RA . 18.32 23.96 -27.66
C19 PCW RA . 18.85 22.62 -27.08
C20 PCW RA . 18.00 21.71 -26.57
C21 PCW RA . 16.46 21.96 -26.57
C22 PCW RA . 15.81 21.67 -25.19
C23 PCW RA . 14.79 20.51 -25.28
C24 PCW RA . 15.44 19.23 -25.90
C25 PCW RA . 14.71 17.94 -25.47
C26 PCW RA . 15.60 16.68 -25.66
C27 PCW RA . 15.63 15.80 -24.38
C28 PCW RA . 14.21 15.50 -23.86
C31 PCW RA . 16.58 29.34 -31.37
C32 PCW RA . 15.07 29.19 -31.58
C33 PCW RA . 14.70 27.68 -31.60
C34 PCW RA . 13.19 27.38 -31.44
C35 PCW RA . 12.95 26.08 -30.63
C36 PCW RA . 13.95 24.96 -31.00
C37 PCW RA . 13.97 23.81 -29.96
C38 PCW RA . 14.19 22.44 -30.62
C39 PCW RA . 12.96 21.51 -30.45
C40 PCW RA . 13.10 20.34 -29.85
C41 PCW RA . 11.89 19.42 -29.66
C42 PCW RA . 12.19 18.30 -28.63
C43 PCW RA . 10.94 17.89 -27.82
C44 PCW RA . 9.74 17.60 -28.73
C45 PCW RA . 8.84 16.51 -28.13
N PCW RA . 16.88 38.84 -31.34
O2 PCW RA . 17.13 30.57 -30.95
O3 PCW RA . 20.02 29.24 -31.09
O11 PCW RA . 19.48 27.46 -29.79
O31 PCW RA . 17.27 28.38 -31.55
O1P PCW RA . 20.54 34.24 -29.63
O2P PCW RA . 18.50 34.80 -28.37
O3P PCW RA . 18.34 32.93 -30.18
O4P PCW RA . 18.63 35.56 -30.84
P PCW RA . 19.03 34.39 -29.72
C11 PCW SA . 19.74 -0.30 -20.74
C12 PCW SA . 20.90 0.73 -20.53
C13 PCW SA . 21.91 0.75 -21.73
C14 PCW SA . 22.35 2.20 -22.10
C15 PCW SA . 23.90 2.36 -22.21
C16 PCW SA . 24.49 3.24 -21.07
C17 PCW SA . 25.14 4.56 -21.59
C18 PCW SA . 25.01 5.69 -20.54
C19 PCW SA . 25.81 6.78 -20.56
C20 PCW SA . 26.89 6.98 -21.66
C21 PCW SA . 27.90 8.08 -21.25
C22 PCW SA . 28.16 9.11 -22.39
C23 PCW SA . 28.16 10.57 -21.88
C24 PCW SA . 29.32 11.41 -22.49
C25 PCW SA . 29.46 11.21 -24.03
C26 PCW SA . 30.35 12.29 -24.69
C15 PCW TA . 7.81 2.95 -24.99
C16 PCW TA . 8.84 4.02 -24.50
C17 PCW TA . 8.99 5.19 -25.52
C18 PCW TA . 10.13 6.18 -25.15
C19 PCW TA . 10.61 6.97 -26.39
C20 PCW TA . 9.74 7.75 -27.05
C21 PCW TA . 10.22 8.54 -28.29
C22 PCW TA . 9.58 9.96 -28.42
C23 PCW TA . 9.80 10.53 -29.84
C24 PCW TA . 10.09 12.07 -29.84
C25 PCW TA . 11.09 12.46 -30.96
C26 PCW TA . 10.94 13.95 -31.40
C27 PCW TA . 12.24 14.49 -32.05
C12 PCW UA . 36.99 25.64 -26.51
C13 PCW UA . 36.39 24.34 -27.15
C14 PCW UA . 37.23 23.08 -26.77
C15 PCW UA . 36.86 21.84 -27.65
C16 PCW UA . 36.95 20.50 -26.85
C17 PCW UA . 37.01 19.25 -27.79
C18 PCW UA . 35.89 18.23 -27.46
C19 PCW UA . 36.45 16.81 -27.20
C20 PCW UA . 35.70 15.89 -26.56
C21 PCW UA . 34.27 16.24 -26.09
C22 PCW UA . 33.36 14.98 -25.95
C12 PCW VA . 41.95 21.85 -31.65
C13 PCW VA . 41.16 20.71 -30.91
C14 PCW VA . 41.63 19.29 -31.34
C15 PCW VA . 40.64 18.17 -30.89
C16 PCW VA . 41.38 16.97 -30.19
C17 PCW VA . 40.65 15.61 -30.42
C18 PCW VA . 41.64 14.41 -30.48
C19 PCW VA . 40.91 13.06 -30.68
C12 PCW WA . 23.23 26.15 -33.79
C13 PCW WA . 21.90 25.46 -33.31
C14 PCW WA . 22.06 23.93 -33.07
C15 PCW WA . 20.70 23.18 -33.13
C16 PCW WA . 20.44 22.27 -31.88
C17 PCW WA . 19.27 21.27 -32.10
C18 PCW WA . 19.49 19.91 -31.34
C19 PCW WA . 18.16 19.32 -30.79
C11 PCW XA . 59.05 18.67 -22.32
C12 PCW XA . 58.66 17.95 -20.99
C13 PCW XA . 57.24 17.29 -21.06
C14 PCW XA . 57.28 15.77 -20.73
C15 PCW XA . 55.91 15.26 -20.16
C16 PCW XA . 54.73 15.51 -21.14
C17 PCW XA . 53.33 15.32 -20.45
C18 PCW XA . 52.93 13.83 -20.39
C19 PCW XA . 51.71 13.45 -19.96
C20 PCW XA . 50.66 14.50 -19.53
C21 PCW XA . 49.22 14.04 -19.88
C22 PCW XA . 48.20 14.34 -18.74
C23 PCW XA . 46.85 13.62 -18.99
C24 PCW XA . 46.08 13.35 -17.67
C25 PCW XA . 45.23 14.56 -17.21
C26 PCW XA . 45.25 14.71 -15.68
C12 PCW YA . 47.32 -10.57 -12.94
C13 PCW YA . 46.07 -9.73 -13.37
C14 PCW YA . 45.89 -9.68 -14.93
C15 PCW YA . 44.62 -8.89 -15.41
C16 PCW YA . 43.82 -8.16 -14.28
C17 PCW YA . 42.49 -7.53 -14.81
C18 PCW YA . 41.32 -7.65 -13.78
C19 PCW YA . 39.96 -7.98 -14.45
C1 PCW ZA . 33.82 -6.67 3.44
C2 PCW ZA . 35.12 -5.86 3.60
C3 PCW ZA . 36.28 -6.69 3.03
C4 PCW ZA . 29.30 -7.41 5.18
C5 PCW ZA . 28.65 -7.73 3.80
C6 PCW ZA . 26.21 -7.79 4.14
C7 PCW ZA . 27.52 -9.63 4.88
C8 PCW ZA . 27.25 -9.07 2.42
C11 PCW ZA . 37.19 -8.93 3.08
C12 PCW ZA . 38.22 -8.56 1.96
C13 PCW ZA . 39.69 -8.61 2.49
C14 PCW ZA . 40.70 -8.22 1.36
C15 PCW ZA . 42.03 -7.64 1.95
C16 PCW ZA . 41.92 -6.12 2.29
C17 PCW ZA . 41.18 -5.30 1.19
C18 PCW ZA . 42.17 -4.40 0.38
C19 PCW ZA . 43.24 -3.77 1.30
C20 PCW ZA . 44.39 -3.27 0.79
C21 PCW ZA . 44.69 -3.33 -0.74
C22 PCW ZA . 45.89 -2.40 -1.11
C23 PCW ZA . 46.23 -2.47 -2.63
C31 PCW ZA . 35.92 -3.64 3.18
C32 PCW ZA . 36.09 -2.47 2.18
C33 PCW ZA . 37.43 -2.54 1.41
C34 PCW ZA . 37.48 -1.51 0.24
C35 PCW ZA . 36.20 -1.55 -0.64
C36 PCW ZA . 36.25 -0.49 -1.77
C37 PCW ZA . 34.89 -0.32 -2.48
C38 PCW ZA . 34.34 1.12 -2.38
C39 PCW ZA . 32.85 1.14 -1.98
C40 PCW ZA . 32.01 1.96 -2.60
C41 PCW ZA . 30.52 1.97 -2.20
C42 PCW ZA . 29.69 2.86 -3.16
N PCW ZA . 27.41 -8.60 3.82
O2 PCW ZA . 34.99 -4.66 2.90
O3 PCW ZA . 36.09 -8.07 3.38
O11 PCW ZA . 37.32 -9.94 3.69
O31 PCW ZA . 36.56 -3.64 4.19
O1P PCW ZA . 31.91 -8.99 5.80
O2P PCW ZA . 31.76 -8.62 3.36
O3P PCW ZA . 33.33 -7.09 4.70
O4P PCW ZA . 30.61 -6.90 4.96
P PCW ZA . 31.88 -7.94 4.71
C12 PCW AB . 47.88 18.44 0.12
C13 PCW AB . 47.66 16.91 -0.17
C14 PCW AB . 46.45 16.33 0.63
C15 PCW AB . 46.46 14.76 0.64
C16 PCW AB . 45.01 14.14 0.65
C17 PCW AB . 45.06 12.59 0.51
C18 PCW AB . 43.86 11.90 1.23
C19 PCW AB . 43.88 10.35 1.05
C20 PCW AB . 42.88 9.60 1.55
C21 PCW AB . 42.90 8.06 1.38
C22 PCW AB . 41.48 7.42 1.49
C11 PCW BB . 51.75 18.90 -4.74
C12 PCW BB . 51.06 18.24 -5.98
C13 PCW BB . 50.51 16.81 -5.64
C14 PCW BB . 49.86 16.12 -6.88
C15 PCW BB . 50.50 14.73 -7.18
C16 PCW BB . 49.45 13.58 -7.27
C17 PCW BB . 49.90 12.27 -6.55
C18 PCW BB . 51.34 11.86 -6.95
C19 PCW BB . 51.78 10.59 -6.86
C20 PCW BB . 50.88 9.44 -6.33
C21 PCW BB . 51.72 8.16 -6.07
C22 PCW BB . 51.28 6.94 -6.95
C23 PCW BB . 49.80 6.54 -6.69
C24 PCW BB . 49.43 5.16 -7.32
C25 PCW BB . 48.11 4.60 -6.75
C26 PCW BB . 47.77 3.18 -7.29
C1 PCW CB . 1.92 12.33 32.33
C2 PCW CB . 2.34 13.65 33.03
C3 PCW CB . 2.83 13.31 34.44
C4 PCW CB . -0.91 10.30 28.89
C5 PCW CB . 0.09 9.18 28.52
C6 PCW CB . -0.79 8.15 26.47
C7 PCW CB . -1.80 7.61 28.55
C8 PCW CB . 0.57 6.91 27.96
C11 PCW CB . 2.19 12.02 36.39
C12 PCW CB . 3.56 12.34 37.08
C13 PCW CB . 3.39 13.22 38.36
C14 PCW CB . 4.77 13.54 39.01
C15 PCW CB . 4.73 14.86 39.85
C16 PCW CB . 4.91 16.14 38.96
C17 PCW CB . 6.04 15.97 37.89
C18 PCW CB . 7.31 16.81 38.26
C19 PCW CB . 6.92 18.20 38.85
C20 PCW CB . 7.81 18.92 39.57
C21 PCW CB . 9.25 18.40 39.84
C22 PCW CB . 10.18 19.53 40.38
C23 PCW CB . 11.61 19.02 40.69
C31 PCW CB . 3.66 15.59 32.55
C32 PCW CB . 5.01 16.18 32.09
C33 PCW CB . 5.99 16.43 33.26
C34 PCW CB . 7.42 16.77 32.77
C35 PCW CB . 7.93 15.78 31.69
C36 PCW CB . 9.33 16.17 31.15
C37 PCW CB . 9.75 15.35 29.91
C38 PCW CB . 10.06 16.24 28.69
C39 PCW CB . 9.37 15.72 27.41
C40 PCW CB . 10.03 15.69 26.26
C41 PCW CB . 9.33 15.16 24.99
C42 PCW CB . 10.32 15.06 23.81
N PCW CB . -0.51 7.93 27.90
O2 PCW CB . 3.37 14.23 32.29
O3 PCW CB . 1.99 12.30 35.00
O11 PCW CB . 1.31 11.54 37.03
O31 PCW CB . 2.88 16.29 33.11
O1P PCW CB . -1.46 10.59 31.95
O2P PCW CB . 0.85 9.79 31.62
O3P PCW CB . 0.51 12.29 32.16
O4P PCW CB . -0.24 11.24 29.74
P PCW CB . -0.11 10.93 31.38
C12 PCW DB . 16.73 37.20 31.17
C13 PCW DB . 16.42 35.78 31.78
C14 PCW DB . 15.22 35.09 31.06
C15 PCW DB . 14.67 33.87 31.89
C16 PCW DB . 14.15 32.71 30.98
C17 PCW DB . 13.73 31.46 31.83
C18 PCW DB . 12.57 30.65 31.17
C19 PCW DB . 12.19 29.39 32.00
C20 PCW DB . 11.26 28.53 31.54
C21 PCW DB . 10.89 27.27 32.38
C22 PCW DB . 10.27 26.14 31.50
C11 PCW EB . 22.17 37.41 34.20
C12 PCW EB . 22.91 36.05 33.95
C13 PCW EB . 21.99 34.82 34.26
C14 PCW EB . 22.72 33.46 34.04
C15 PCW EB . 22.68 32.57 35.32
C16 PCW EB . 22.13 31.13 35.03
C17 PCW EB . 21.12 30.63 36.10
C18 PCW EB . 21.66 30.81 37.53
C19 PCW EB . 21.23 30.07 38.57
C20 PCW EB . 20.13 28.99 38.40
C21 PCW EB . 19.62 28.50 39.79
C22 PCW EB . 19.91 26.99 40.06
C23 PCW EB . 19.21 26.06 39.02
C24 PCW EB . 19.25 24.56 39.43
C25 PCW EB . 18.30 23.70 38.55
C26 PCW EB . 18.15 22.25 39.08
C11 PCW FB . 31.10 28.27 -27.11
C12 PCW FB . 29.65 28.22 -27.69
C13 PCW FB . 29.40 26.98 -28.61
C14 PCW FB . 28.80 25.76 -27.83
C15 PCW FB . 27.93 24.82 -28.72
C16 PCW FB . 26.68 24.28 -27.97
C17 PCW FB . 26.75 22.74 -27.68
C18 PCW FB . 25.55 22.25 -26.81
C19 PCW FB . 24.65 21.40 -27.34
C20 PCW FB . 23.45 20.91 -26.49
C21 PCW FB . 23.83 19.84 -25.43
C22 PCW FB . 22.59 19.29 -24.67
C23 PCW FB . 21.41 18.94 -25.63
C24 PCW FB . 20.20 18.27 -24.90
C25 PCW FB . 20.62 16.97 -24.16
C26 PCW FB . 19.40 16.22 -23.57
C11 PCW GB . 33.16 25.29 -25.44
C12 PCW GB . 32.75 23.80 -25.69
C13 PCW GB . 32.77 23.41 -27.21
C14 PCW GB . 31.58 22.45 -27.57
C15 PCW GB . 32.02 20.97 -27.70
C16 PCW GB . 31.92 20.21 -26.33
C17 PCW GB . 30.66 19.29 -26.26
C18 PCW GB . 29.61 19.85 -25.29
C19 PCW GB . 28.63 19.06 -24.80
C20 PCW GB . 28.54 17.57 -25.18
C21 PCW GB . 27.85 16.72 -24.07
C22 PCW GB . 26.32 16.66 -24.21
C23 PCW GB . 25.61 16.45 -22.83
C24 PCW GB . 26.14 15.21 -22.08
C25 PCW GB . 25.64 13.87 -22.70
C26 PCW GB . 24.86 13.01 -21.68
CAA Y01 HB . 21.45 19.78 38.74
CBA Y01 HB . 22.06 19.02 39.91
CAB Y01 HB . 23.33 19.69 40.38
CAN Y01 HB . 22.31 17.56 39.52
CAJ Y01 HB . 21.90 17.20 38.12
CAO Y01 HB . 21.79 15.73 37.90
CBB Y01 HB . 20.91 15.31 36.70
CAC Y01 HB . 20.73 16.49 35.76
CBE Y01 HB . 21.53 14.07 36.02
CAP Y01 HB . 22.53 13.35 36.95
CAQ Y01 HB . 22.44 11.84 36.64
CBG Y01 HB . 21.61 11.80 35.36
CBI Y01 HB . 20.58 12.93 35.56
CAE Y01 HB . 19.58 12.62 36.67
CAU Y01 HB . 19.86 13.13 34.21
CAS Y01 HB . 19.30 11.82 33.65
CBF Y01 HB . 20.33 10.69 33.55
CBD Y01 HB . 21.03 10.47 34.89
CAK Y01 HB . 22.14 9.43 34.73
CAI Y01 HB . 21.65 8.21 34.06
CAZ Y01 HB . 20.61 8.18 33.24
CAV Y01 HB . 20.24 6.91 32.50
CBH Y01 HB . 19.74 9.39 32.92
CAD Y01 HB . 18.32 9.13 33.45
CAT Y01 HB . 19.72 9.56 31.39
CAR Y01 HB . 19.38 8.28 30.62
CBC Y01 HB . 20.24 7.11 31.01
OAW Y01 HB . 19.64 5.91 30.43
CAY Y01 HB . 20.12 5.50 29.26
OAG Y01 HB . 21.17 5.87 28.82
CAM Y01 HB . 19.21 4.54 28.55
CAL Y01 HB . 18.61 3.42 29.38
CAX Y01 HB . 17.23 2.97 28.91
OAH Y01 HB . 17.02 2.90 27.69
OAF Y01 HB . 16.37 2.70 29.78
CAA Y01 IB . 28.27 17.72 14.93
CBA Y01 IB . 27.27 18.77 15.34
CAB Y01 IB . 27.86 19.74 16.34
CAN Y01 IB . 25.98 18.13 15.88
CAJ Y01 IB . 26.10 16.68 16.29
CAO Y01 IB . 24.76 15.99 16.42
CBB Y01 IB . 24.82 14.46 16.58
CAC Y01 IB . 26.13 14.05 17.24
CBE Y01 IB . 23.58 13.96 17.33
CAP Y01 IB . 22.40 14.97 17.27
CAQ Y01 IB . 21.10 14.16 17.30
CBG Y01 IB . 21.56 12.75 17.65
CBI Y01 IB . 22.92 12.61 16.92
CAE Y01 IB . 22.76 12.56 15.39
CAU Y01 IB . 23.58 11.33 17.44
CAS Y01 IB . 22.66 10.10 17.30
CBF Y01 IB . 21.28 10.29 17.94
CBD Y01 IB . 20.60 11.57 17.45
CAK Y01 IB . 19.31 11.81 18.22
CAI Y01 IB . 18.49 10.57 18.37
CAZ Y01 IB . 18.94 9.34 18.16
CAV Y01 IB . 18.02 8.15 18.31
CBH Y01 IB . 20.39 9.03 17.79
CAD Y01 IB . 20.40 8.49 16.34
CAT Y01 IB . 20.90 7.92 18.74
CAR Y01 IB . 19.96 6.71 18.81
CBC Y01 IB . 18.58 7.11 19.25
OAW Y01 IB . 17.70 5.95 19.19
CAY Y01 IB . 17.55 5.21 20.28
OAG Y01 IB . 18.25 5.30 21.24
CAM Y01 IB . 16.41 4.25 20.15
CAL Y01 IB . 16.54 3.01 21.00
CAX Y01 IB . 15.97 3.12 22.39
OAH Y01 IB . 16.75 3.34 23.33
OAF Y01 IB . 14.73 2.99 22.53
C1 PCW JB . 44.05 21.12 -1.40
C2 PCW JB . 43.46 19.91 -0.64
C3 PCW JB . 42.71 20.46 0.57
C4 PCW JB . 44.41 24.71 -4.01
C5 PCW JB . 45.67 24.47 -4.89
C6 PCW JB . 45.68 26.83 -5.62
C7 PCW JB . 47.11 25.23 -6.64
C8 PCW JB . 44.59 25.16 -6.92
C11 PCW JB . 41.69 19.29 2.42
C12 PCW JB . 41.40 20.20 3.67
C13 PCW JB . 41.40 19.39 5.00
C14 PCW JB . 40.05 19.48 5.78
C15 PCW JB . 38.81 19.30 4.83
C16 PCW JB . 38.39 17.81 4.67
C17 PCW JB . 37.93 17.52 3.20
C18 PCW JB . 37.54 16.02 2.97
C19 PCW JB . 36.66 15.47 4.12
C20 PCW JB . 35.71 14.55 3.87
C21 PCW JB . 35.46 14.03 2.44
C22 PCW JB . 33.95 14.06 2.05
C23 PCW JB . 33.41 12.63 1.78
C24 PCW JB . 33.67 11.69 2.99
C25 PCW JB . 32.67 10.50 3.07
C26 PCW JB . 32.58 9.88 4.48
C27 PCW JB . 31.13 9.73 4.97
C28 PCW JB . 30.24 9.04 3.92
C31 PCW JB . 42.41 17.86 -1.33
C32 PCW JB . 42.21 16.93 -2.55
C33 PCW JB . 41.62 15.58 -2.07
C34 PCW JB . 41.06 14.70 -3.20
C35 PCW JB . 39.82 13.89 -2.72
C36 PCW JB . 39.98 13.35 -1.28
C37 PCW JB . 38.64 12.88 -0.67
C38 PCW JB . 38.82 11.65 0.24
C39 PCW JB . 38.07 10.43 -0.33
C40 PCW JB . 37.15 9.82 0.42
C41 PCW JB . 36.39 8.60 -0.14
C42 PCW JB . 35.14 8.30 0.71
C43 PCW JB . 33.98 7.73 -0.13
C44 PCW JB . 34.44 6.55 -1.02
C45 PCW JB . 33.32 5.52 -1.20
N PCW JB . 45.76 25.41 -6.05
O2 PCW JB . 42.59 19.26 -1.51
O3 PCW JB . 42.87 19.53 1.64
O11 PCW JB . 40.95 18.42 2.12
O31 PCW JB . 42.40 17.37 -0.25
O1P PCW JB . 43.40 24.26 -0.54
O2P PCW JB . 41.99 24.25 -2.55
O3P PCW JB . 42.96 21.97 -1.71
O4P PCW JB . 44.54 23.89 -2.85
P PCW JB . 43.19 23.63 -1.89
C11 PCW KB . 23.11 0.66 16.90
C12 PCW KB . 23.53 2.09 17.36
C13 PCW KB . 24.85 2.09 18.21
C14 PCW KB . 25.79 3.29 17.82
C15 PCW KB . 26.30 4.10 19.06
C16 PCW KB . 25.68 5.54 19.11
C17 PCW KB . 26.75 6.66 18.96
C18 PCW KB . 26.15 7.92 18.27
C19 PCW KB . 26.73 9.12 18.37
C20 PCW KB . 28.04 9.34 19.18
C21 PCW KB . 28.27 10.85 19.48
C22 PCW KB . 29.72 11.29 19.16
C23 PCW KB . 29.76 12.66 18.39
C24 PCW KB . 30.86 13.61 18.94
C25 PCW KB . 32.22 12.88 19.16
C26 PCW KB . 33.40 13.89 19.35
C15 PCW LB . 25.51 -4.23 5.02
C16 PCW LB . 25.67 -2.71 5.36
C17 PCW LB . 27.03 -2.16 4.85
C18 PCW LB . 27.29 -0.68 5.31
C19 PCW LB . 28.80 -0.36 5.31
C20 PCW LB . 29.49 -0.42 4.14
C21 PCW LB . 31.00 -0.09 4.14
C22 PCW LB . 31.47 0.66 2.86
C23 PCW LB . 33.01 0.62 2.74
C24 PCW LB . 33.61 1.95 2.17
C25 PCW LB . 34.98 2.28 2.83
C26 PCW LB . 35.86 3.17 1.92
C27 PCW LB . 36.93 3.96 2.73
C12 PCW MB . 41.14 26.69 18.00
C13 PCW MB . 41.13 25.13 18.17
C14 PCW MB . 40.55 24.70 19.55
C15 PCW MB . 40.84 23.19 19.88
C16 PCW MB . 39.68 22.53 20.68
C17 PCW MB . 40.11 21.21 21.37
C18 PCW MB . 39.20 20.00 20.95
C19 PCW MB . 38.59 19.28 22.17
C20 PCW MB . 37.53 18.46 22.01
C21 PCW MB . 36.90 18.25 20.61
C22 PCW MB . 36.14 16.89 20.49
C12 PCW NB . 45.60 23.99 24.19
C13 PCW NB . 44.35 23.03 24.12
C14 PCW NB . 44.36 21.97 25.27
C15 PCW NB . 43.34 20.82 25.01
C16 PCW NB . 42.45 20.52 26.27
C17 PCW NB . 42.02 19.02 26.35
C18 PCW NB . 41.87 18.53 27.83
C19 PCW NB . 41.43 17.05 27.92
C12 PCW OB . 44.96 17.54 5.99
C13 PCW OB . 44.01 16.57 5.22
C14 PCW OB . 43.28 15.55 6.16
C15 PCW OB . 42.77 14.29 5.38
C16 PCW OB . 41.26 13.98 5.64
C17 PCW OB . 40.87 12.55 5.17
C18 PCW OB . 39.75 11.91 6.08
C19 PCW OB . 38.75 11.05 5.26
C11 PCW PB . 39.71 33.49 40.46
C12 PCW PB . 38.17 33.26 40.53
C13 PCW PB . 37.71 32.03 39.67
C14 PCW PB . 36.85 31.01 40.50
C15 PCW PB . 35.86 30.21 39.60
C16 PCW PB . 36.60 29.45 38.45
C17 PCW PB . 35.60 28.92 37.36
C18 PCW PB . 34.93 27.59 37.80
C19 PCW PB . 34.15 26.89 36.96
C20 PCW PB . 33.88 27.39 35.52
C21 PCW PB . 33.74 26.20 34.53
C22 PCW PB . 32.58 26.41 33.51
C23 PCW PB . 32.27 25.10 32.74
C24 PCW PB . 30.81 25.06 32.22
C25 PCW PB . 30.64 25.84 30.89
C26 PCW PB . 29.27 26.54 30.81
C12 PCW QB . 18.44 8.98 45.82
C13 PCW QB . 18.85 8.88 44.32
C14 PCW QB . 20.25 8.19 44.12
C15 PCW QB . 20.69 8.00 42.63
C16 PCW QB . 19.74 8.65 41.57
C17 PCW QB . 20.15 8.29 40.10
C18 PCW QB . 18.91 8.07 39.18
C19 PCW QB . 19.11 6.89 38.19
#